data_7SVU
#
_entry.id   7SVU
#
loop_
_entity.id
_entity.type
_entity.pdbx_description
1 polymer 'DNA (28-MER)'
2 polymer 'DNA (29-MER)'
3 polymer TnsC
4 polymer TnsB-CTD
5 polymer TniQ
6 non-polymer 'MAGNESIUM ION'
7 non-polymer "ADENOSINE-5'-TRIPHOSPHATE"
#
loop_
_entity_poly.entity_id
_entity_poly.type
_entity_poly.pdbx_seq_one_letter_code
_entity_poly.pdbx_strand_id
1 'polydeoxyribonucleotide'
;(DT)(DT)(DT)(DT)(DT)(DT)(DT)(DT)(DT)(DT)(DT)(DT)(DT)(DT)(DT)(DT)(DT)(DT)(DT)(DT)
(DT)(DT)(DT)(DT)(DT)(DT)(DT)(DT)
;
1
2 'polydeoxyribonucleotide'
;(DA)(DA)(DA)(DA)(DA)(DA)(DA)(DA)(DA)(DA)(DA)(DA)(DA)(DA)(DA)(DA)(DA)(DA)(DA)(DA)
(DA)(DA)(DA)(DA)(DA)(DA)(DA)(DA)(DA)
;
2
3 'polypeptide(L)'
;MTEAQAIAKQLGGVKPDDEWLQAEIARLKGKSIVPLQQVKTLHDWLDGKRKARKSCRVVGESRTGKTVACDAYRYRHKPQ
QEAGRPPTVPVVYIRPHQKCGPKDLFKKITEYLKYRVTKGTVSDFRDRTIEVLKGCGVEMLIIDEADRLKPETFADVRDI
AEDLGIAVVLVGTDRLDAVIKRDEQVLERFRAHLRFGKLSGEDFKNTVEMWEQMVLKLPVSSNLKSKEMLRILTSATEGY
IGRLDEILREAAIRSLSRGLKKIDKAVLQEVAKEYK
;
A,B,C,D,E,F,G,H,I,J,K
4 'polypeptide(L)' IEVWDYEQLREEYGF a,b,c,d,e,f,h,j,k
5 'polypeptide(L)'
;MIEAPDVKPWLFLIKPYEGESLSHFLGRFRRANHLSASGLGTLAGIGAIVARWERFHFNPRPSQQELEAIASVVEVDAQR
LAQMLPPAGVGMQHEPIRLCGACYAESPCHRIEWQYKSVWKCDRHQLKILAKCPNCQAPFKMPALWEDGCCHRCRMPFAE
MAKLQKV
;
X,Y
#
loop_
_chem_comp.id
_chem_comp.type
_chem_comp.name
_chem_comp.formula
ATP non-polymer ADENOSINE-5'-TRIPHOSPHATE 'C10 H16 N5 O13 P3'
DA DNA linking 2'-DEOXYADENOSINE-5'-MONOPHOSPHATE 'C10 H14 N5 O6 P'
DT DNA linking THYMIDINE-5'-MONOPHOSPHATE 'C10 H15 N2 O8 P'
MG non-polymer 'MAGNESIUM ION' 'Mg 2'
#
# COMPACT_ATOMS: atom_id res chain seq x y z
N GLU C 19 49.23 32.69 -44.40
CA GLU C 19 49.95 31.88 -45.37
C GLU C 19 49.01 31.33 -46.42
N TRP C 20 49.27 31.67 -47.68
CA TRP C 20 48.45 31.23 -48.81
C TRP C 20 48.29 29.74 -48.83
N LEU C 21 49.37 29.00 -48.62
CA LEU C 21 49.30 27.57 -48.66
C LEU C 21 48.38 27.05 -47.59
N GLN C 22 48.44 27.56 -46.36
CA GLN C 22 47.54 27.08 -45.31
C GLN C 22 46.06 27.26 -45.64
N ALA C 23 45.71 28.35 -46.31
CA ALA C 23 44.32 28.60 -46.65
C ALA C 23 43.77 27.50 -47.51
N GLU C 24 44.60 27.10 -48.48
CA GLU C 24 44.37 26.04 -49.45
C GLU C 24 44.36 24.68 -48.92
N ILE C 25 45.23 24.38 -47.98
CA ILE C 25 45.14 23.08 -47.37
C ILE C 25 43.83 22.87 -46.62
N ALA C 26 43.40 23.85 -45.85
CA ALA C 26 42.15 23.78 -45.11
C ALA C 26 40.97 23.59 -46.05
N ARG C 27 40.97 24.22 -47.21
CA ARG C 27 39.89 24.05 -48.15
C ARG C 27 39.78 22.63 -48.64
N LEU C 28 40.90 22.07 -49.00
CA LEU C 28 40.95 20.77 -49.63
C LEU C 28 40.61 19.77 -48.58
N LYS C 29 40.86 20.08 -47.33
CA LYS C 29 40.63 19.09 -46.31
C LYS C 29 39.12 18.91 -46.11
N GLY C 30 38.30 19.81 -46.62
CA GLY C 30 36.86 19.79 -46.34
C GLY C 30 35.90 19.01 -47.20
N LYS C 31 34.61 19.34 -47.17
CA LYS C 31 33.63 18.58 -47.94
C LYS C 31 32.71 19.46 -48.75
N SER C 32 32.24 18.93 -49.88
CA SER C 32 31.31 19.67 -50.73
C SER C 32 30.41 18.75 -51.52
N ILE C 33 29.33 19.29 -52.08
CA ILE C 33 28.42 18.51 -52.91
C ILE C 33 28.40 19.02 -54.34
N VAL C 34 28.74 18.17 -55.28
CA VAL C 34 28.76 18.54 -56.68
C VAL C 34 27.56 17.99 -57.40
N PRO C 35 26.80 18.84 -58.10
CA PRO C 35 25.68 18.31 -58.87
C PRO C 35 26.19 17.28 -59.85
N LEU C 36 25.56 16.12 -59.88
CA LEU C 36 25.92 15.07 -60.81
C LEU C 36 24.65 14.43 -61.31
N GLN C 37 24.74 13.68 -62.39
CA GLN C 37 23.56 13.07 -62.97
C GLN C 37 22.83 12.10 -62.05
N GLN C 38 23.57 11.40 -61.22
CA GLN C 38 23.02 10.40 -60.36
C GLN C 38 22.22 11.12 -59.40
N VAL C 39 22.72 12.25 -58.95
CA VAL C 39 22.07 13.01 -57.90
C VAL C 39 20.82 13.65 -58.39
N LYS C 40 20.87 14.31 -59.53
CA LYS C 40 19.65 14.87 -60.09
C LYS C 40 18.60 13.83 -60.33
N THR C 41 18.97 12.67 -60.86
CA THR C 41 17.99 11.63 -61.15
C THR C 41 17.19 11.28 -59.92
N LEU C 42 17.87 11.07 -58.81
CA LEU C 42 17.20 10.71 -57.58
C LEU C 42 16.27 11.79 -57.14
N HIS C 43 16.70 13.05 -57.20
CA HIS C 43 15.86 14.11 -56.67
C HIS C 43 14.53 14.16 -57.38
N ASP C 44 14.53 13.99 -58.69
CA ASP C 44 13.27 13.94 -59.42
C ASP C 44 12.43 12.70 -59.14
N TRP C 45 13.08 11.56 -59.01
CA TRP C 45 12.39 10.33 -58.67
C TRP C 45 11.69 10.39 -57.33
N LEU C 46 12.36 10.90 -56.31
CA LEU C 46 11.78 11.01 -55.02
C LEU C 46 10.65 11.95 -55.10
N ASP C 47 10.71 13.01 -55.87
CA ASP C 47 9.60 13.94 -55.90
C ASP C 47 8.40 13.33 -56.44
N GLY C 48 8.55 12.43 -57.38
CA GLY C 48 7.42 11.76 -57.94
C GLY C 48 6.82 11.04 -56.74
N LYS C 49 7.62 10.27 -56.05
CA LYS C 49 7.15 9.52 -54.97
C LYS C 49 6.61 10.33 -53.89
N ARG C 50 7.12 11.49 -53.63
CA ARG C 50 6.53 12.29 -52.61
C ARG C 50 5.16 12.74 -52.81
N LYS C 51 4.78 13.17 -53.99
CA LYS C 51 3.43 13.64 -54.23
C LYS C 51 2.49 12.50 -54.37
N ALA C 52 2.99 11.37 -54.81
CA ALA C 52 2.18 10.23 -55.10
C ALA C 52 1.95 9.59 -53.77
N ARG C 53 2.70 9.99 -52.78
CA ARG C 53 2.73 9.37 -51.49
C ARG C 53 3.02 7.91 -51.53
N LYS C 54 4.03 7.44 -52.25
CA LYS C 54 4.28 6.02 -52.29
C LYS C 54 5.63 5.66 -51.70
N SER C 55 5.81 4.55 -50.98
CA SER C 55 7.05 4.10 -50.38
C SER C 55 7.89 3.40 -51.45
N CYS C 56 9.19 3.33 -51.22
CA CYS C 56 10.13 2.76 -52.17
C CYS C 56 11.45 2.54 -51.50
N ARG C 57 12.43 1.98 -52.20
CA ARG C 57 13.75 1.91 -51.63
C ARG C 57 14.84 2.31 -52.59
N VAL C 58 16.00 2.69 -52.08
CA VAL C 58 17.13 3.04 -52.94
C VAL C 58 18.27 2.09 -52.68
N VAL C 59 18.82 1.47 -53.70
CA VAL C 59 19.83 0.45 -53.50
C VAL C 59 21.05 0.80 -54.31
N GLY C 60 22.19 0.27 -53.92
CA GLY C 60 23.40 0.39 -54.71
C GLY C 60 24.60 0.07 -53.86
N GLU C 61 25.78 0.01 -54.48
CA GLU C 61 27.01 -0.38 -53.81
C GLU C 61 27.46 0.68 -52.80
N SER C 62 28.26 0.27 -51.82
CA SER C 62 28.58 1.17 -50.73
C SER C 62 29.33 2.47 -50.96
N ARG C 63 30.01 2.63 -52.08
CA ARG C 63 30.65 3.91 -52.36
C ARG C 63 30.06 4.76 -53.46
N THR C 64 28.81 4.51 -53.83
CA THR C 64 28.15 5.30 -54.83
C THR C 64 27.60 6.64 -54.41
N GLY C 65 27.54 6.91 -53.11
CA GLY C 65 27.26 8.27 -52.66
C GLY C 65 25.79 8.49 -52.38
N LYS C 66 25.10 7.40 -52.10
CA LYS C 66 23.69 7.36 -51.72
C LYS C 66 23.37 8.28 -50.58
N THR C 67 24.10 8.20 -49.48
CA THR C 67 23.82 9.02 -48.31
C THR C 67 23.87 10.51 -48.62
N VAL C 68 24.87 10.94 -49.35
CA VAL C 68 25.02 12.31 -49.79
C VAL C 68 23.92 12.87 -50.69
N ALA C 69 23.48 12.10 -51.68
CA ALA C 69 22.36 12.54 -52.51
C ALA C 69 21.08 12.82 -51.73
N CYS C 70 20.84 12.01 -50.72
CA CYS C 70 19.70 12.05 -49.76
C CYS C 70 19.75 13.33 -48.91
N ASP C 71 20.94 13.69 -48.42
CA ASP C 71 21.12 14.97 -47.68
C ASP C 71 20.93 16.15 -48.63
N ALA C 72 21.45 16.04 -49.84
CA ALA C 72 21.34 17.11 -50.80
C ALA C 72 19.87 17.31 -50.99
N TYR C 73 19.11 16.23 -51.04
CA TYR C 73 17.67 16.39 -51.16
C TYR C 73 17.02 17.03 -49.95
N ARG C 74 17.34 16.56 -48.76
CA ARG C 74 16.71 17.09 -47.57
C ARG C 74 16.82 18.60 -47.55
N TYR C 75 18.00 19.11 -47.86
CA TYR C 75 18.30 20.52 -47.75
C TYR C 75 17.58 21.40 -48.74
N ARG C 76 16.92 20.85 -49.72
CA ARG C 76 16.26 21.71 -50.68
C ARG C 76 14.87 22.02 -50.19
N HIS C 77 14.46 21.47 -49.05
CA HIS C 77 13.09 21.64 -48.55
C HIS C 77 13.09 22.03 -47.08
N LYS C 78 13.36 23.30 -46.82
CA LYS C 78 13.56 23.73 -45.45
C LYS C 78 12.26 23.76 -44.67
N PRO C 79 12.31 23.32 -43.42
CA PRO C 79 11.15 23.30 -42.53
C PRO C 79 10.53 24.68 -42.49
N GLN C 80 9.23 24.84 -42.38
CA GLN C 80 8.71 26.19 -42.24
C GLN C 80 8.16 26.52 -40.87
N GLN C 81 8.18 27.79 -40.49
CA GLN C 81 7.73 28.16 -39.14
C GLN C 81 6.90 29.42 -38.98
N GLU C 82 5.76 29.23 -38.32
CA GLU C 82 4.80 30.28 -38.01
C GLU C 82 5.06 30.78 -36.60
N ALA C 83 4.31 31.76 -36.14
CA ALA C 83 4.51 32.20 -34.77
C ALA C 83 4.16 31.20 -33.67
N GLY C 84 3.16 30.36 -33.86
CA GLY C 84 2.76 29.49 -32.79
C GLY C 84 3.06 28.00 -32.86
N ARG C 85 2.40 27.33 -33.79
CA ARG C 85 2.49 25.89 -33.96
C ARG C 85 3.84 25.36 -34.39
N PRO C 86 4.08 24.07 -34.18
CA PRO C 86 5.27 23.29 -34.55
C PRO C 86 5.63 23.51 -36.00
N PRO C 87 6.91 23.32 -36.36
CA PRO C 87 7.49 23.43 -37.66
C PRO C 87 6.75 22.58 -38.61
N THR C 88 6.62 22.96 -39.86
CA THR C 88 6.03 22.08 -40.82
C THR C 88 7.22 21.42 -41.41
N VAL C 89 7.25 20.10 -41.48
CA VAL C 89 8.47 19.39 -41.89
C VAL C 89 8.17 18.33 -42.94
N PRO C 90 8.10 18.73 -44.20
CA PRO C 90 7.84 17.81 -45.30
C PRO C 90 8.72 16.57 -45.34
N VAL C 91 10.02 16.65 -45.08
CA VAL C 91 10.88 15.47 -45.14
C VAL C 91 11.63 15.17 -43.85
N VAL C 92 11.53 13.95 -43.33
CA VAL C 92 12.29 13.58 -42.14
C VAL C 92 13.38 12.57 -42.47
N TYR C 93 14.62 12.82 -42.08
CA TYR C 93 15.71 11.92 -42.41
C TYR C 93 16.35 11.41 -41.14
N ILE C 94 16.42 10.10 -40.96
CA ILE C 94 17.02 9.52 -39.76
C ILE C 94 18.05 8.44 -40.07
N ARG C 95 18.96 8.14 -39.15
CA ARG C 95 19.84 7.01 -39.35
C ARG C 95 19.86 6.21 -38.05
N PRO C 96 19.43 4.95 -38.09
CA PRO C 96 19.34 4.11 -36.90
C PRO C 96 20.68 3.63 -36.38
N HIS C 97 20.75 3.29 -35.10
CA HIS C 97 21.93 2.61 -34.48
C HIS C 97 21.81 1.11 -34.73
N GLN C 98 22.84 0.35 -34.35
CA GLN C 98 22.84 -1.12 -34.60
C GLN C 98 21.85 -1.83 -33.70
N LYS C 99 21.19 -2.87 -34.23
CA LYS C 99 20.14 -3.62 -33.51
C LYS C 99 19.12 -2.62 -32.97
N CYS C 100 18.60 -1.79 -33.87
CA CYS C 100 17.60 -0.73 -33.56
C CYS C 100 16.26 -1.37 -33.13
N GLY C 101 15.72 -1.05 -31.98
CA GLY C 101 14.45 -1.66 -31.62
C GLY C 101 13.34 -0.70 -31.87
N PRO C 102 12.11 -1.09 -31.53
CA PRO C 102 10.91 -0.29 -31.69
C PRO C 102 10.96 0.94 -30.90
N LYS C 103 11.69 1.04 -29.82
CA LYS C 103 11.67 2.28 -29.10
C LYS C 103 12.64 3.25 -29.62
N ASP C 104 13.65 2.73 -30.31
CA ASP C 104 14.76 3.50 -30.88
C ASP C 104 14.51 4.27 -32.11
N LEU C 105 13.67 3.68 -32.94
CA LEU C 105 12.97 4.30 -34.04
C LEU C 105 12.02 5.38 -33.72
N PHE C 106 11.18 5.23 -32.72
CA PHE C 106 10.30 6.31 -32.37
C PHE C 106 11.08 7.39 -31.72
N LYS C 107 12.03 7.06 -30.85
CA LYS C 107 12.78 8.05 -30.14
C LYS C 107 13.41 8.94 -31.19
N LYS C 108 14.08 8.39 -32.23
CA LYS C 108 14.80 9.29 -33.17
C LYS C 108 13.81 10.14 -33.96
N ILE C 109 12.66 9.59 -34.35
CA ILE C 109 11.65 10.37 -35.14
C ILE C 109 11.20 11.59 -34.33
N THR C 110 10.93 11.34 -33.05
CA THR C 110 10.46 12.37 -32.08
C THR C 110 11.53 13.45 -31.87
N GLU C 111 12.80 13.06 -31.74
CA GLU C 111 13.89 14.05 -31.53
C GLU C 111 14.11 14.88 -32.81
N TYR C 112 14.01 14.19 -33.91
CA TYR C 112 14.22 14.84 -35.14
C TYR C 112 13.27 16.00 -35.21
N LEU C 113 12.02 15.82 -34.85
CA LEU C 113 11.12 16.95 -34.92
C LEU C 113 11.15 17.92 -33.77
N LYS C 114 12.19 17.77 -32.95
CA LYS C 114 12.45 18.56 -31.76
C LYS C 114 11.50 18.50 -30.62
N TYR C 115 11.01 17.31 -30.30
CA TYR C 115 10.27 17.11 -29.07
C TYR C 115 11.18 16.36 -28.11
N ARG C 116 11.04 16.58 -26.81
CA ARG C 116 11.79 15.77 -25.87
C ARG C 116 11.11 14.49 -25.47
N VAL C 117 11.85 13.39 -25.51
CA VAL C 117 11.32 12.11 -25.10
C VAL C 117 11.48 11.83 -23.63
N THR C 118 10.42 11.40 -22.96
CA THR C 118 10.50 11.16 -21.53
C THR C 118 10.22 9.68 -21.24
N LYS C 119 10.43 9.25 -20.00
CA LYS C 119 10.14 7.88 -19.61
C LYS C 119 8.69 7.43 -19.75
N GLY C 120 8.50 6.24 -20.33
CA GLY C 120 7.19 5.63 -20.54
C GLY C 120 7.36 4.21 -21.06
N THR C 121 6.32 3.60 -21.63
CA THR C 121 6.47 2.23 -22.16
C THR C 121 6.31 2.25 -23.70
N VAL C 122 6.35 1.09 -24.38
CA VAL C 122 6.27 1.06 -25.84
C VAL C 122 5.06 1.65 -26.41
N SER C 123 3.91 1.39 -25.84
CA SER C 123 2.74 1.98 -26.38
C SER C 123 2.78 3.45 -26.26
N ASP C 124 3.55 4.00 -25.34
CA ASP C 124 3.52 5.44 -25.28
C ASP C 124 4.38 6.03 -26.34
N PHE C 125 5.54 5.44 -26.62
CA PHE C 125 6.31 6.07 -27.68
C PHE C 125 5.52 6.06 -29.00
N ARG C 126 4.81 4.97 -29.25
CA ARG C 126 4.00 4.82 -30.45
C ARG C 126 2.88 5.81 -30.53
N ASP C 127 2.12 6.02 -29.50
CA ASP C 127 0.99 6.91 -29.57
C ASP C 127 1.51 8.31 -29.79
N ARG C 128 2.60 8.68 -29.12
CA ARG C 128 3.26 10.00 -29.23
C ARG C 128 3.89 10.27 -30.55
N THR C 129 4.49 9.25 -31.16
CA THR C 129 5.01 9.36 -32.53
C THR C 129 3.93 9.64 -33.49
N ILE C 130 2.81 8.95 -33.48
CA ILE C 130 1.76 9.28 -34.36
C ILE C 130 1.24 10.71 -34.08
N GLU C 131 1.04 11.17 -32.85
CA GLU C 131 0.70 12.58 -32.70
C GLU C 131 1.73 13.59 -33.28
N VAL C 132 3.05 13.37 -33.20
CA VAL C 132 3.89 14.45 -33.72
C VAL C 132 4.00 14.36 -35.25
N LEU C 133 3.79 13.16 -35.81
CA LEU C 133 3.75 12.96 -37.26
C LEU C 133 2.50 13.65 -37.84
N LYS C 134 1.40 13.67 -37.07
CA LYS C 134 0.22 14.45 -37.41
C LYS C 134 0.47 15.92 -37.02
N GLY C 135 -0.33 16.80 -37.60
CA GLY C 135 -0.34 18.20 -37.24
C GLY C 135 0.83 18.82 -37.96
N CYS C 136 2.01 18.34 -37.61
CA CYS C 136 3.20 18.73 -38.31
C CYS C 136 3.10 18.09 -39.67
N GLY C 137 3.12 18.85 -40.77
CA GLY C 137 2.95 18.21 -42.05
C GLY C 137 4.21 17.38 -42.20
N VAL C 138 4.04 16.10 -42.50
CA VAL C 138 5.16 15.24 -42.85
C VAL C 138 4.64 14.50 -44.06
N GLU C 139 5.48 14.48 -45.09
CA GLU C 139 5.18 13.80 -46.34
C GLU C 139 6.09 12.60 -46.58
N MET C 140 7.37 12.70 -46.22
CA MET C 140 8.29 11.60 -46.47
C MET C 140 9.24 11.30 -45.32
N LEU C 141 9.48 10.01 -45.06
CA LEU C 141 10.43 9.57 -44.06
C LEU C 141 11.56 8.81 -44.78
N ILE C 142 12.83 9.19 -44.59
CA ILE C 142 13.91 8.46 -45.22
C ILE C 142 14.75 7.70 -44.22
N ILE C 143 14.90 6.40 -44.37
CA ILE C 143 15.67 5.64 -43.41
C ILE C 143 16.95 5.17 -44.02
N ASP C 144 18.08 5.68 -43.57
CA ASP C 144 19.38 5.28 -44.07
C ASP C 144 19.81 4.01 -43.41
N GLU C 145 20.75 3.29 -44.01
CA GLU C 145 21.21 2.00 -43.51
C GLU C 145 20.06 1.19 -42.97
N ALA C 146 19.03 0.96 -43.77
CA ALA C 146 17.80 0.37 -43.25
C ALA C 146 18.01 -0.96 -42.58
N ASP C 147 19.00 -1.72 -43.02
CA ASP C 147 19.28 -3.01 -42.43
C ASP C 147 19.84 -3.02 -40.99
N ARG C 148 19.96 -1.87 -40.32
CA ARG C 148 20.20 -1.93 -38.93
C ARG C 148 18.95 -2.22 -38.13
N LEU C 149 17.79 -2.15 -38.77
CA LEU C 149 16.52 -2.38 -38.08
C LEU C 149 16.42 -3.84 -37.69
N LYS C 150 15.92 -4.09 -36.50
CA LYS C 150 15.61 -5.41 -36.03
C LYS C 150 14.42 -5.84 -36.79
N PRO C 151 14.27 -7.13 -37.10
CA PRO C 151 13.15 -7.61 -37.87
C PRO C 151 11.79 -7.24 -37.42
N GLU C 152 11.51 -7.11 -36.15
CA GLU C 152 10.17 -6.75 -35.76
C GLU C 152 9.83 -5.32 -36.04
N THR C 153 10.80 -4.43 -36.22
CA THR C 153 10.46 -3.02 -36.27
C THR C 153 9.81 -2.67 -37.53
N PHE C 154 9.94 -3.56 -38.50
CA PHE C 154 9.34 -3.30 -39.79
C PHE C 154 7.84 -3.27 -39.66
N ALA C 155 7.30 -3.88 -38.61
CA ALA C 155 5.88 -3.82 -38.40
C ALA C 155 5.47 -2.39 -38.16
N ASP C 156 6.30 -1.63 -37.46
CA ASP C 156 5.98 -0.24 -37.14
C ASP C 156 6.24 0.69 -38.32
N VAL C 157 7.25 0.37 -39.13
CA VAL C 157 7.47 1.08 -40.38
C VAL C 157 6.34 0.91 -41.38
N ARG C 158 5.83 -0.31 -41.57
CA ARG C 158 4.69 -0.51 -42.45
C ARG C 158 3.46 0.18 -41.92
N ASP C 159 3.23 0.07 -40.62
CA ASP C 159 2.05 0.62 -39.98
C ASP C 159 1.90 2.09 -40.26
N ILE C 160 2.97 2.84 -40.08
CA ILE C 160 2.99 4.28 -40.35
C ILE C 160 2.71 4.54 -41.81
N ALA C 161 3.39 3.83 -42.70
CA ALA C 161 3.28 4.07 -44.10
C ALA C 161 1.85 3.83 -44.48
N GLU C 162 1.17 2.85 -43.90
CA GLU C 162 -0.20 2.56 -44.40
C GLU C 162 -1.23 3.51 -43.74
N ASP C 163 -1.02 3.83 -42.45
CA ASP C 163 -1.99 4.59 -41.62
C ASP C 163 -1.96 6.08 -41.98
N LEU C 164 -0.76 6.64 -42.18
CA LEU C 164 -0.58 8.08 -42.45
C LEU C 164 -0.14 8.27 -43.91
N GLY C 165 -0.50 9.38 -44.54
CA GLY C 165 -0.10 9.56 -45.93
C GLY C 165 1.35 9.95 -45.97
N ILE C 166 2.21 9.06 -45.53
CA ILE C 166 3.63 9.31 -45.48
C ILE C 166 4.38 8.30 -46.32
N ALA C 167 5.22 8.76 -47.23
CA ALA C 167 6.00 7.86 -48.05
C ALA C 167 7.18 7.50 -47.20
N VAL C 168 7.59 6.25 -47.20
CA VAL C 168 8.78 5.84 -46.49
C VAL C 168 9.77 5.35 -47.50
N VAL C 169 11.00 5.81 -47.43
CA VAL C 169 12.05 5.39 -48.34
C VAL C 169 13.13 4.63 -47.58
N LEU C 170 13.44 3.41 -47.99
CA LEU C 170 14.52 2.65 -47.38
C LEU C 170 15.77 2.72 -48.23
N VAL C 171 16.90 3.13 -47.65
CA VAL C 171 18.14 3.27 -48.40
C VAL C 171 19.14 2.22 -47.97
N GLY C 172 19.79 1.53 -48.89
CA GLY C 172 20.84 0.59 -48.48
C GLY C 172 21.62 -0.19 -49.53
N THR C 173 22.53 -1.07 -49.11
CA THR C 173 23.33 -1.95 -49.95
C THR C 173 22.57 -3.25 -50.31
N ASP C 174 23.14 -4.09 -51.19
CA ASP C 174 22.54 -5.37 -51.58
C ASP C 174 22.20 -6.28 -50.40
N ARG C 175 22.87 -6.12 -49.29
CA ARG C 175 22.50 -6.88 -48.17
C ARG C 175 21.13 -6.54 -47.73
N LEU C 176 20.65 -5.33 -47.95
CA LEU C 176 19.33 -4.95 -47.46
C LEU C 176 18.35 -5.86 -48.10
N ASP C 177 18.44 -6.07 -49.39
CA ASP C 177 17.51 -6.96 -50.02
C ASP C 177 17.61 -8.36 -49.53
N ALA C 178 18.78 -8.84 -49.20
CA ALA C 178 18.84 -10.13 -48.59
C ALA C 178 18.06 -10.14 -47.30
N VAL C 179 18.05 -9.07 -46.51
CA VAL C 179 17.21 -9.11 -45.35
C VAL C 179 15.75 -9.02 -45.70
N ILE C 180 15.40 -8.13 -46.60
CA ILE C 180 14.00 -7.93 -46.95
C ILE C 180 13.33 -9.17 -47.50
N LYS C 181 14.03 -9.95 -48.33
CA LYS C 181 13.42 -11.14 -48.91
C LYS C 181 13.04 -12.20 -47.91
N ARG C 182 13.39 -11.98 -46.66
CA ARG C 182 13.01 -12.90 -45.60
C ARG C 182 11.59 -12.68 -45.19
N ASP C 183 10.95 -11.60 -45.65
CA ASP C 183 9.56 -11.35 -45.25
C ASP C 183 8.72 -10.84 -46.37
N GLU C 184 7.80 -11.62 -46.84
CA GLU C 184 6.90 -11.13 -47.83
C GLU C 184 6.20 -9.89 -47.49
N GLN C 185 5.80 -9.67 -46.25
CA GLN C 185 4.96 -8.52 -45.98
C GLN C 185 5.64 -7.26 -46.25
N VAL C 186 6.92 -7.18 -46.01
CA VAL C 186 7.72 -6.00 -46.29
C VAL C 186 8.15 -5.89 -47.69
N LEU C 187 8.61 -6.96 -48.28
CA LEU C 187 9.10 -6.88 -49.62
C LEU C 187 8.13 -6.24 -50.50
N GLU C 188 6.85 -6.59 -50.42
CA GLU C 188 5.77 -6.04 -51.19
C GLU C 188 5.37 -4.62 -50.99
N ARG C 189 5.52 -4.04 -49.81
CA ARG C 189 5.17 -2.64 -49.70
C ARG C 189 6.29 -1.86 -50.38
N PHE C 190 7.51 -2.37 -50.32
CA PHE C 190 8.68 -1.64 -50.77
C PHE C 190 9.30 -2.17 -52.04
N ARG C 191 8.49 -2.82 -52.86
CA ARG C 191 8.95 -3.39 -54.13
C ARG C 191 9.60 -2.49 -55.17
N ALA C 192 9.10 -1.28 -55.37
CA ALA C 192 9.73 -0.32 -56.28
C ALA C 192 11.05 0.19 -55.80
N HIS C 193 12.00 0.42 -56.70
CA HIS C 193 13.33 0.83 -56.26
C HIS C 193 14.04 1.62 -57.31
N LEU C 194 15.03 2.39 -56.91
CA LEU C 194 15.95 3.03 -57.86
C LEU C 194 17.34 2.52 -57.54
N ARG C 195 18.15 2.24 -58.55
CA ARG C 195 19.52 1.78 -58.33
C ARG C 195 20.63 2.72 -58.75
N PHE C 196 21.58 2.96 -57.86
CA PHE C 196 22.80 3.70 -58.15
C PHE C 196 23.82 2.78 -58.78
N GLY C 197 24.54 3.24 -59.79
CA GLY C 197 25.60 2.44 -60.36
C GLY C 197 26.97 3.04 -60.28
N LYS C 198 27.89 2.48 -61.05
CA LYS C 198 29.25 2.98 -61.11
C LYS C 198 29.52 3.80 -62.35
N LEU C 199 30.57 4.63 -62.30
CA LEU C 199 30.99 5.46 -63.43
C LEU C 199 31.76 4.70 -64.50
N SER C 200 31.55 5.07 -65.75
CA SER C 200 32.33 4.49 -66.81
C SER C 200 32.42 5.34 -68.05
N GLY C 201 33.29 4.94 -68.97
CA GLY C 201 33.38 5.58 -70.26
C GLY C 201 33.44 7.07 -70.22
N GLU C 202 32.58 7.73 -71.01
CA GLU C 202 32.51 9.18 -71.02
C GLU C 202 32.08 9.80 -69.72
N ASP C 203 31.30 9.08 -68.94
CA ASP C 203 30.80 9.60 -67.69
C ASP C 203 31.83 9.68 -66.62
N PHE C 204 32.66 8.66 -66.50
CA PHE C 204 33.80 8.74 -65.66
C PHE C 204 34.77 9.82 -66.10
N LYS C 205 35.15 9.85 -67.37
CA LYS C 205 35.94 10.96 -67.87
C LYS C 205 35.46 12.39 -67.70
N ASN C 206 34.22 12.65 -67.96
CA ASN C 206 33.59 14.00 -67.76
C ASN C 206 33.62 14.36 -66.26
N THR C 207 33.39 13.37 -65.39
CA THR C 207 33.37 13.60 -63.92
C THR C 207 34.75 14.09 -63.43
N VAL C 208 35.76 13.41 -63.96
CA VAL C 208 37.10 13.62 -63.57
C VAL C 208 37.33 15.04 -63.94
N GLU C 209 36.99 15.41 -65.16
CA GLU C 209 37.21 16.78 -65.59
C GLU C 209 36.40 17.74 -64.74
N MET C 210 35.17 17.41 -64.39
CA MET C 210 34.43 18.33 -63.55
C MET C 210 35.20 18.54 -62.27
N TRP C 211 35.76 17.49 -61.69
CA TRP C 211 36.35 17.55 -60.39
C TRP C 211 37.58 18.34 -60.39
N GLU C 212 38.25 18.33 -61.51
CA GLU C 212 39.43 19.12 -61.64
C GLU C 212 39.14 20.61 -61.67
N GLN C 213 38.11 21.01 -62.40
CA GLN C 213 37.82 22.43 -62.57
C GLN C 213 36.95 22.92 -61.48
N MET C 214 36.07 22.07 -60.96
CA MET C 214 35.14 22.52 -59.93
C MET C 214 35.63 22.28 -58.48
N VAL C 215 36.43 21.25 -58.23
CA VAL C 215 36.92 20.99 -56.88
C VAL C 215 38.40 21.25 -56.58
N LEU C 216 39.30 20.79 -57.44
CA LEU C 216 40.74 20.97 -57.17
C LEU C 216 41.29 22.37 -57.41
N LYS C 217 41.06 22.91 -58.59
CA LYS C 217 41.47 24.26 -58.95
C LYS C 217 42.94 24.64 -58.75
N LEU C 218 43.85 23.81 -59.17
CA LEU C 218 45.21 24.20 -59.03
C LEU C 218 45.54 25.07 -60.24
N PRO C 219 46.48 25.98 -60.09
CA PRO C 219 46.72 26.92 -61.19
C PRO C 219 47.16 26.27 -62.49
N VAL C 220 47.99 25.27 -62.32
CA VAL C 220 48.62 24.62 -63.42
C VAL C 220 47.75 23.94 -64.44
N SER C 221 46.63 23.35 -64.02
CA SER C 221 45.68 22.54 -64.85
C SER C 221 46.35 21.23 -65.20
N SER C 222 45.96 20.20 -64.49
CA SER C 222 46.63 18.93 -64.63
C SER C 222 46.23 17.97 -65.74
N ASN C 223 45.25 18.31 -66.55
CA ASN C 223 44.87 17.48 -67.70
C ASN C 223 44.60 16.02 -67.44
N LEU C 224 43.91 15.77 -66.35
CA LEU C 224 43.62 14.42 -65.99
C LEU C 224 42.87 13.69 -67.07
N LYS C 225 42.10 14.38 -67.88
CA LYS C 225 41.30 13.62 -68.83
C LYS C 225 42.15 13.02 -69.91
N SER C 226 43.45 13.26 -69.84
CA SER C 226 44.39 12.68 -70.78
C SER C 226 44.54 11.22 -70.57
N LYS C 227 44.86 10.48 -71.61
CA LYS C 227 44.86 9.04 -71.50
C LYS C 227 45.82 8.52 -70.45
N GLU C 228 46.99 9.12 -70.36
CA GLU C 228 48.00 8.70 -69.42
C GLU C 228 47.63 8.82 -67.95
N MET C 229 46.68 9.71 -67.67
CA MET C 229 46.21 9.89 -66.30
C MET C 229 44.95 9.12 -66.05
N LEU C 230 44.10 8.98 -67.04
CA LEU C 230 42.89 8.25 -66.79
C LEU C 230 43.21 6.82 -66.52
N ARG C 231 44.24 6.25 -67.14
CA ARG C 231 44.59 4.89 -66.77
C ARG C 231 44.93 4.75 -65.33
N ILE C 232 45.58 5.76 -64.76
CA ILE C 232 45.94 5.66 -63.37
C ILE C 232 44.72 5.69 -62.52
N LEU C 233 43.83 6.66 -62.73
CA LEU C 233 42.60 6.80 -61.99
C LEU C 233 41.62 5.69 -62.17
N THR C 234 41.51 5.16 -63.38
CA THR C 234 40.57 4.09 -63.60
C THR C 234 40.93 2.89 -62.79
N SER C 235 42.19 2.50 -62.84
CA SER C 235 42.61 1.36 -62.05
C SER C 235 42.47 1.65 -60.57
N ALA C 236 42.87 2.85 -60.16
CA ALA C 236 42.74 3.23 -58.77
C ALA C 236 41.33 3.32 -58.21
N THR C 237 40.37 3.78 -59.00
CA THR C 237 39.03 4.06 -58.49
C THR C 237 37.90 3.10 -58.83
N GLU C 238 38.06 2.33 -59.91
CA GLU C 238 37.08 1.36 -60.40
C GLU C 238 35.67 1.93 -60.55
N GLY C 239 35.57 3.21 -60.88
CA GLY C 239 34.29 3.89 -61.03
C GLY C 239 33.49 4.33 -59.81
N TYR C 240 34.07 4.31 -58.63
CA TYR C 240 33.27 4.68 -57.48
C TYR C 240 33.53 6.15 -57.29
N ILE C 241 32.50 6.96 -57.08
CA ILE C 241 32.71 8.36 -56.86
C ILE C 241 33.46 8.59 -55.59
N GLY C 242 33.26 7.77 -54.60
CA GLY C 242 33.98 7.82 -53.31
C GLY C 242 35.49 7.75 -53.49
N ARG C 243 35.98 6.75 -54.16
CA ARG C 243 37.39 6.68 -54.32
C ARG C 243 37.89 7.80 -55.13
N LEU C 244 37.21 8.19 -56.19
CA LEU C 244 37.71 9.27 -56.99
C LEU C 244 37.90 10.50 -56.21
N ASP C 245 36.98 10.88 -55.36
CA ASP C 245 37.21 12.04 -54.56
C ASP C 245 38.33 11.87 -53.62
N GLU C 246 38.43 10.78 -52.90
CA GLU C 246 39.51 10.65 -51.93
C GLU C 246 40.82 10.71 -52.55
N ILE C 247 40.98 9.99 -53.63
CA ILE C 247 42.24 9.99 -54.30
C ILE C 247 42.66 11.31 -54.85
N LEU C 248 41.84 12.08 -55.52
CA LEU C 248 42.33 13.34 -56.04
C LEU C 248 42.57 14.34 -54.96
N ARG C 249 41.82 14.33 -53.89
CA ARG C 249 42.14 15.23 -52.81
C ARG C 249 43.42 14.87 -52.11
N GLU C 250 43.71 13.60 -51.89
CA GLU C 250 44.96 13.21 -51.21
C GLU C 250 46.09 13.62 -52.14
N ALA C 251 45.98 13.39 -53.44
CA ALA C 251 46.96 13.83 -54.42
C ALA C 251 47.17 15.32 -54.52
N ALA C 252 46.16 16.17 -54.61
CA ALA C 252 46.46 17.61 -54.55
C ALA C 252 47.04 18.05 -53.21
N ILE C 253 46.58 17.55 -52.08
CA ILE C 253 47.15 18.04 -50.82
C ILE C 253 48.62 17.66 -50.74
N ARG C 254 48.98 16.42 -51.05
CA ARG C 254 50.37 15.99 -50.86
C ARG C 254 51.20 16.82 -51.76
N SER C 255 50.72 16.97 -52.96
CA SER C 255 51.43 17.70 -54.04
C SER C 255 51.68 19.16 -53.64
N LEU C 256 50.70 19.84 -53.10
CA LEU C 256 50.99 21.21 -52.67
C LEU C 256 52.01 21.34 -51.58
N SER C 257 52.07 20.37 -50.71
CA SER C 257 52.93 20.54 -49.57
C SER C 257 54.39 20.57 -50.05
N ARG C 258 54.59 20.06 -51.27
CA ARG C 258 55.90 19.94 -51.92
C ARG C 258 56.14 21.04 -52.94
N GLY C 259 55.24 22.01 -53.01
CA GLY C 259 55.45 23.19 -53.82
C GLY C 259 55.11 23.04 -55.29
N LEU C 260 54.31 22.05 -55.64
CA LEU C 260 53.93 21.86 -57.04
C LEU C 260 52.54 22.43 -57.27
N LYS C 261 52.30 22.92 -58.48
CA LYS C 261 51.01 23.50 -58.85
C LYS C 261 50.16 22.66 -59.78
N LYS C 262 50.56 21.40 -60.01
CA LYS C 262 49.73 20.48 -60.78
C LYS C 262 49.92 19.04 -60.31
N ILE C 263 48.98 18.17 -60.65
CA ILE C 263 49.12 16.73 -60.37
C ILE C 263 49.78 16.01 -61.55
N ASP C 264 50.99 15.49 -61.33
CA ASP C 264 51.71 14.75 -62.35
C ASP C 264 51.44 13.27 -62.23
N LYS C 265 51.94 12.50 -63.20
CA LYS C 265 52.01 11.05 -63.13
C LYS C 265 52.63 10.36 -61.92
N ALA C 266 53.84 10.68 -61.51
CA ALA C 266 54.40 9.95 -60.40
C ALA C 266 53.70 10.21 -59.07
N VAL C 267 53.28 11.44 -58.79
CA VAL C 267 52.74 11.73 -57.43
C VAL C 267 51.39 11.04 -57.28
N LEU C 268 50.63 10.96 -58.37
CA LEU C 268 49.28 10.32 -58.37
C LEU C 268 49.48 8.81 -58.18
N GLN C 269 50.49 8.24 -58.84
CA GLN C 269 50.80 6.79 -58.70
C GLN C 269 51.27 6.50 -57.26
N GLU C 270 52.05 7.42 -56.69
CA GLU C 270 52.51 7.32 -55.28
C GLU C 270 51.27 7.17 -54.38
N VAL C 271 50.24 7.97 -54.59
CA VAL C 271 48.99 7.87 -53.77
C VAL C 271 48.23 6.58 -54.15
N ALA C 272 48.02 6.34 -55.44
CA ALA C 272 47.18 5.20 -55.87
C ALA C 272 47.76 3.89 -55.33
N LYS C 273 49.09 3.77 -55.29
CA LYS C 273 49.77 2.53 -54.84
C LYS C 273 49.36 2.17 -53.40
N GLU C 274 48.91 3.18 -52.62
CA GLU C 274 48.60 2.96 -51.18
C GLU C 274 47.18 2.39 -51.03
N TYR C 275 46.46 2.26 -52.14
CA TYR C 275 45.05 1.79 -52.11
C TYR C 275 44.93 0.47 -52.87
N ILE D 1 28.77 25.98 -62.64
CA ILE D 1 27.54 25.68 -61.94
C ILE D 1 27.81 25.90 -60.45
N GLU D 2 26.76 26.06 -59.68
CA GLU D 2 26.95 26.16 -58.27
C GLU D 2 27.33 24.85 -57.67
N VAL D 3 28.29 24.87 -56.77
CA VAL D 3 28.72 23.70 -56.07
C VAL D 3 28.58 24.13 -54.63
N TRP D 4 28.11 23.30 -53.70
CA TRP D 4 27.95 23.82 -52.34
C TRP D 4 28.94 23.38 -51.33
N ASP D 5 29.34 24.28 -50.47
CA ASP D 5 30.08 23.85 -49.32
C ASP D 5 29.16 23.10 -48.40
N TYR D 6 29.63 21.96 -47.95
CA TYR D 6 28.92 21.12 -47.04
C TYR D 6 28.66 21.63 -45.67
N GLU D 7 29.45 22.52 -45.18
CA GLU D 7 29.19 23.02 -43.84
C GLU D 7 28.27 24.22 -43.94
N GLN D 8 28.35 24.94 -45.04
CA GLN D 8 27.40 26.00 -45.31
C GLN D 8 25.95 25.56 -45.42
N LEU D 9 25.72 24.40 -46.02
CA LEU D 9 24.35 23.92 -46.18
C LEU D 9 23.79 23.69 -44.78
N ARG D 10 24.69 23.26 -43.92
CA ARG D 10 24.34 22.95 -42.56
C ARG D 10 23.96 24.22 -41.85
N GLU D 11 24.80 25.23 -41.93
CA GLU D 11 24.55 26.53 -41.29
C GLU D 11 23.29 27.21 -41.74
N GLU D 12 22.96 27.08 -43.02
CA GLU D 12 21.73 27.64 -43.54
C GLU D 12 20.48 26.79 -43.24
N TYR D 13 20.63 25.66 -42.57
CA TYR D 13 19.44 24.83 -42.29
C TYR D 13 18.40 25.32 -41.30
N GLY D 14 17.15 24.93 -41.58
CA GLY D 14 16.00 25.31 -40.79
C GLY D 14 16.18 24.78 -39.38
N GLU E 19 -8.74 23.93 -62.28
CA GLU E 19 -8.02 23.24 -63.34
C GLU E 19 -8.51 21.81 -63.49
N TRP E 20 -9.00 21.47 -64.67
CA TRP E 20 -9.52 20.13 -64.97
C TRP E 20 -8.53 19.06 -64.62
N LEU E 21 -7.27 19.24 -65.01
CA LEU E 21 -6.28 18.25 -64.76
C LEU E 21 -6.11 18.04 -63.27
N GLN E 22 -6.06 19.08 -62.44
CA GLN E 22 -5.90 18.87 -61.01
C GLN E 22 -7.03 18.06 -60.38
N ALA E 23 -8.25 18.22 -60.86
CA ALA E 23 -9.37 17.47 -60.32
C ALA E 23 -9.16 15.99 -60.45
N GLU E 24 -8.68 15.62 -61.64
CA GLU E 24 -8.35 14.28 -62.07
C GLU E 24 -7.18 13.68 -61.42
N ILE E 25 -6.15 14.45 -61.18
CA ILE E 25 -5.05 13.88 -60.44
C ILE E 25 -5.44 13.50 -59.02
N ALA E 26 -6.17 14.33 -58.33
CA ALA E 26 -6.64 14.05 -56.98
C ALA E 26 -7.50 12.81 -56.94
N ARG E 27 -8.33 12.58 -57.95
CA ARG E 27 -9.15 11.39 -57.98
C ARG E 27 -8.33 10.13 -58.05
N LEU E 28 -7.35 10.14 -58.92
CA LEU E 28 -6.56 8.97 -59.21
C LEU E 28 -5.70 8.72 -58.03
N LYS E 29 -5.38 9.74 -57.28
CA LYS E 29 -4.48 9.55 -56.18
C LYS E 29 -5.18 8.76 -55.06
N GLY E 30 -6.50 8.64 -55.11
CA GLY E 30 -7.25 8.05 -54.00
C GLY E 30 -7.53 6.56 -53.94
N LYS E 31 -8.54 6.14 -53.18
CA LYS E 31 -8.80 4.70 -53.05
C LYS E 31 -10.25 4.35 -53.25
N SER E 32 -10.51 3.15 -53.75
CA SER E 32 -11.87 2.69 -53.95
C SER E 32 -11.98 1.17 -53.86
N ILE E 33 -13.20 0.67 -53.71
CA ILE E 33 -13.43 -0.76 -53.66
C ILE E 33 -14.27 -1.23 -54.83
N VAL E 34 -13.74 -2.15 -55.63
CA VAL E 34 -14.44 -2.66 -56.78
C VAL E 34 -14.98 -4.04 -56.51
N PRO E 35 -16.28 -4.25 -56.72
CA PRO E 35 -16.81 -5.60 -56.53
C PRO E 35 -16.06 -6.56 -57.43
N LEU E 36 -15.59 -7.66 -56.88
CA LEU E 36 -14.89 -8.68 -57.64
C LEU E 36 -15.34 -10.04 -57.13
N GLN E 37 -15.08 -11.08 -57.89
CA GLN E 37 -15.51 -12.40 -57.51
C GLN E 37 -14.95 -12.90 -56.18
N GLN E 38 -13.72 -12.52 -55.87
CA GLN E 38 -13.05 -12.98 -54.71
C GLN E 38 -13.76 -12.39 -53.60
N VAL E 39 -14.15 -11.14 -53.76
CA VAL E 39 -14.76 -10.40 -52.67
C VAL E 39 -16.14 -10.90 -52.38
N LYS E 40 -16.95 -11.08 -53.40
CA LYS E 40 -18.27 -11.63 -53.18
C LYS E 40 -18.21 -13.00 -52.56
N THR E 41 -17.29 -13.85 -52.99
CA THR E 41 -17.21 -15.20 -52.43
C THR E 41 -17.04 -15.16 -50.94
N LEU E 42 -16.13 -14.33 -50.46
CA LEU E 42 -15.88 -14.23 -49.04
C LEU E 42 -17.10 -13.75 -48.31
N HIS E 43 -17.78 -12.75 -48.84
CA HIS E 43 -18.89 -12.19 -48.10
C HIS E 43 -19.95 -13.22 -47.83
N ASP E 44 -20.25 -14.06 -48.80
CA ASP E 44 -21.19 -15.16 -48.59
C ASP E 44 -20.69 -16.24 -47.66
N TRP E 45 -19.42 -16.58 -47.76
CA TRP E 45 -18.82 -17.57 -46.86
C TRP E 45 -18.87 -17.14 -45.41
N LEU E 46 -18.51 -15.89 -45.12
CA LEU E 46 -18.54 -15.41 -43.79
C LEU E 46 -19.93 -15.43 -43.31
N ASP E 47 -20.91 -15.11 -44.14
CA ASP E 47 -22.27 -15.09 -43.63
C ASP E 47 -22.72 -16.42 -43.20
N GLY E 48 -22.26 -17.44 -43.87
CA GLY E 48 -22.61 -18.77 -43.49
C GLY E 48 -22.07 -18.89 -42.08
N LYS E 49 -20.80 -18.60 -41.90
CA LYS E 49 -20.20 -18.73 -40.65
C LYS E 49 -20.77 -17.88 -39.63
N ARG E 50 -21.24 -16.72 -39.93
CA ARG E 50 -21.86 -15.94 -38.92
C ARG E 50 -23.07 -16.44 -38.31
N LYS E 51 -23.99 -17.01 -39.05
CA LYS E 51 -25.23 -17.53 -38.49
C LYS E 51 -24.98 -18.84 -37.83
N ALA E 52 -23.99 -19.57 -38.29
CA ALA E 52 -23.73 -20.90 -37.81
C ALA E 52 -22.98 -20.70 -36.55
N ARG E 53 -22.51 -19.50 -36.31
CA ARG E 53 -21.63 -19.17 -35.23
C ARG E 53 -20.38 -20.01 -35.20
N LYS E 54 -19.68 -20.20 -36.28
CA LYS E 54 -18.48 -21.03 -36.23
C LYS E 54 -17.22 -20.23 -36.54
N SER E 55 -16.07 -20.47 -35.92
CA SER E 55 -14.80 -19.79 -36.15
C SER E 55 -14.14 -20.41 -37.37
N CYS E 56 -13.23 -19.66 -37.97
CA CYS E 56 -12.55 -20.08 -39.18
C CYS E 56 -11.38 -19.17 -39.45
N ARG E 57 -10.61 -19.42 -40.50
CA ARG E 57 -9.58 -18.48 -40.85
C ARG E 57 -9.53 -18.19 -42.32
N VAL E 58 -8.95 -17.06 -42.71
CA VAL E 58 -8.81 -16.72 -44.12
C VAL E 58 -7.34 -16.61 -44.47
N VAL E 59 -6.88 -17.30 -45.50
CA VAL E 59 -5.46 -17.35 -45.79
C VAL E 59 -5.24 -16.94 -47.22
N GLY E 60 -4.05 -16.49 -47.53
CA GLY E 60 -3.67 -16.21 -48.90
C GLY E 60 -2.44 -15.33 -48.92
N GLU E 61 -1.89 -15.12 -50.12
CA GLU E 61 -0.64 -14.37 -50.29
C GLU E 61 -0.84 -12.88 -49.97
N SER E 62 0.24 -12.20 -49.64
CA SER E 62 0.12 -10.84 -49.14
C SER E 62 -0.46 -9.73 -50.00
N ARG E 63 -0.53 -9.89 -51.32
CA ARG E 63 -1.17 -8.88 -52.14
C ARG E 63 -2.49 -9.25 -52.77
N THR E 64 -3.18 -10.25 -52.24
CA THR E 64 -4.47 -10.63 -52.75
C THR E 64 -5.66 -9.79 -52.31
N GLY E 65 -5.49 -8.94 -51.31
CA GLY E 65 -6.51 -7.94 -51.02
C GLY E 65 -7.47 -8.39 -49.95
N LYS E 66 -6.98 -9.32 -49.12
CA LYS E 66 -7.68 -9.84 -47.96
C LYS E 66 -8.19 -8.78 -47.03
N THR E 67 -7.34 -7.85 -46.62
CA THR E 67 -7.75 -6.81 -45.69
C THR E 67 -8.90 -5.97 -46.20
N VAL E 68 -8.86 -5.59 -47.46
CA VAL E 68 -9.92 -4.85 -48.12
C VAL E 68 -11.26 -5.55 -48.24
N ALA E 69 -11.28 -6.83 -48.60
CA ALA E 69 -12.54 -7.57 -48.62
C ALA E 69 -13.27 -7.62 -47.28
N CYS E 70 -12.49 -7.71 -46.20
CA CYS E 70 -12.91 -7.74 -44.78
C CYS E 70 -13.55 -6.41 -44.37
N ASP E 71 -12.94 -5.29 -44.78
CA ASP E 71 -13.54 -3.94 -44.55
C ASP E 71 -14.83 -3.80 -45.36
N ALA E 72 -14.82 -4.27 -46.59
CA ALA E 72 -15.96 -4.16 -47.44
C ALA E 72 -17.06 -4.89 -46.72
N TYR E 73 -16.74 -6.02 -46.11
CA TYR E 73 -17.75 -6.72 -45.34
C TYR E 73 -18.23 -5.97 -44.13
N ARG E 74 -17.32 -5.45 -43.32
CA ARG E 74 -17.71 -4.75 -42.11
C ARG E 74 -18.76 -3.70 -42.42
N TYR E 75 -18.51 -2.94 -43.47
CA TYR E 75 -19.34 -1.80 -43.80
C TYR E 75 -20.73 -2.13 -44.28
N ARG E 76 -21.03 -3.38 -44.52
CA ARG E 76 -22.35 -3.69 -45.01
C ARG E 76 -23.28 -3.93 -43.82
N HIS E 77 -22.74 -3.88 -42.61
CA HIS E 77 -23.53 -4.19 -41.41
C HIS E 77 -23.37 -3.12 -40.34
N LYS E 78 -24.04 -2.00 -40.52
CA LYS E 78 -23.82 -0.86 -39.66
C LYS E 78 -24.37 -1.08 -38.27
N PRO E 79 -23.62 -0.65 -37.26
CA PRO E 79 -24.02 -0.76 -35.86
C PRO E 79 -25.38 -0.15 -35.68
N GLN E 80 -26.25 -0.67 -34.83
CA GLN E 80 -27.51 0.04 -34.62
C GLN E 80 -27.65 0.74 -33.28
N GLN E 81 -28.46 1.78 -33.21
CA GLN E 81 -28.58 2.54 -31.97
C GLN E 81 -29.94 3.02 -31.55
N GLU E 82 -30.28 2.69 -30.31
CA GLU E 82 -31.53 3.06 -29.66
C GLU E 82 -31.29 4.29 -28.81
N ALA E 83 -32.32 4.80 -28.15
CA ALA E 83 -32.09 5.95 -27.30
C ALA E 83 -31.21 5.72 -26.06
N GLY E 84 -31.26 4.54 -25.46
CA GLY E 84 -30.51 4.38 -24.24
C GLY E 84 -29.27 3.52 -24.23
N ARG E 85 -29.45 2.23 -24.43
CA ARG E 85 -28.40 1.22 -24.37
C ARG E 85 -27.33 1.34 -25.44
N PRO E 86 -26.17 0.74 -25.21
CA PRO E 86 -25.01 0.64 -26.09
C PRO E 86 -25.41 0.16 -27.47
N PRO E 87 -24.61 0.49 -28.50
CA PRO E 87 -24.77 0.14 -29.87
C PRO E 87 -24.88 -1.32 -30.01
N THR E 88 -25.64 -1.84 -30.96
CA THR E 88 -25.64 -3.24 -31.18
C THR E 88 -24.62 -3.38 -32.25
N VAL E 89 -23.65 -4.28 -32.11
CA VAL E 89 -22.54 -4.35 -33.06
C VAL E 89 -22.28 -5.77 -33.50
N PRO E 90 -23.01 -6.24 -34.50
CA PRO E 90 -22.83 -7.59 -35.03
C PRO E 90 -21.40 -7.98 -35.39
N VAL E 91 -20.60 -7.11 -36.00
CA VAL E 91 -19.23 -7.48 -36.38
C VAL E 91 -18.16 -6.57 -35.80
N VAL E 92 -17.15 -7.13 -35.13
CA VAL E 92 -16.05 -6.33 -34.61
C VAL E 92 -14.77 -6.61 -35.36
N TYR E 93 -14.08 -5.60 -35.87
CA TYR E 93 -12.87 -5.81 -36.64
C TYR E 93 -11.72 -5.11 -35.97
N ILE E 94 -10.65 -5.84 -35.65
CA ILE E 94 -9.48 -5.24 -35.00
C ILE E 94 -8.17 -5.59 -35.68
N ARG E 95 -7.12 -4.81 -35.49
CA ARG E 95 -5.81 -5.20 -35.99
C ARG E 95 -4.82 -5.00 -34.87
N PRO E 96 -4.14 -6.07 -34.43
CA PRO E 96 -3.21 -6.01 -33.31
C PRO E 96 -1.89 -5.34 -33.67
N HIS E 97 -1.19 -4.82 -32.65
CA HIS E 97 0.21 -4.32 -32.79
C HIS E 97 1.17 -5.50 -32.66
N GLN E 98 2.47 -5.26 -32.86
CA GLN E 98 3.46 -6.36 -32.81
C GLN E 98 3.68 -6.83 -31.38
N LYS E 99 3.88 -8.15 -31.21
CA LYS E 99 4.04 -8.78 -29.88
C LYS E 99 2.86 -8.35 -29.01
N CYS E 100 1.65 -8.57 -29.52
CA CYS E 100 0.37 -8.22 -28.84
C CYS E 100 0.17 -9.09 -27.58
N GLY E 101 -0.02 -8.53 -26.42
CA GLY E 101 -0.22 -9.37 -25.27
C GLY E 101 -1.67 -9.46 -24.93
N PRO E 102 -2.02 -10.16 -23.86
CA PRO E 102 -3.36 -10.33 -23.37
C PRO E 102 -4.00 -9.07 -23.00
N LYS E 103 -3.28 -8.03 -22.64
CA LYS E 103 -3.99 -6.83 -22.27
C LYS E 103 -4.28 -5.98 -23.44
N ASP E 104 -3.51 -6.19 -24.51
CA ASP E 104 -3.60 -5.42 -25.76
C ASP E 104 -4.70 -5.74 -26.68
N LEU E 105 -5.03 -7.00 -26.70
CA LEU E 105 -6.25 -7.57 -27.23
C LEU E 105 -7.52 -7.17 -26.57
N PHE E 106 -7.59 -7.15 -25.26
CA PHE E 106 -8.80 -6.70 -24.63
C PHE E 106 -8.93 -5.23 -24.80
N LYS E 107 -7.84 -4.47 -24.66
CA LYS E 107 -7.91 -3.06 -24.74
C LYS E 107 -8.51 -2.73 -26.08
N LYS E 108 -8.03 -3.32 -27.20
CA LYS E 108 -8.55 -2.88 -28.51
C LYS E 108 -10.03 -3.27 -28.66
N ILE E 109 -10.44 -4.45 -28.16
CA ILE E 109 -11.86 -4.88 -28.29
C ILE E 109 -12.77 -3.87 -27.59
N THR E 110 -12.35 -3.45 -26.40
CA THR E 110 -13.07 -2.49 -25.53
C THR E 110 -13.17 -1.12 -26.21
N GLU E 111 -12.08 -0.64 -26.84
CA GLU E 111 -12.09 0.68 -27.50
C GLU E 111 -12.98 0.62 -28.76
N TYR E 112 -12.87 -0.49 -29.43
CA TYR E 112 -13.62 -0.63 -30.62
C TYR E 112 -15.05 -0.40 -30.28
N LEU E 113 -15.55 -0.95 -29.21
CA LEU E 113 -16.95 -0.73 -28.90
C LEU E 113 -17.27 0.56 -28.20
N LYS E 114 -16.30 1.44 -28.18
CA LYS E 114 -16.34 2.77 -27.56
C LYS E 114 -16.51 2.88 -26.09
N TYR E 115 -15.82 2.03 -25.34
CA TYR E 115 -15.73 2.18 -23.90
C TYR E 115 -14.33 2.69 -23.59
N ARG E 116 -14.16 3.48 -22.54
CA ARG E 116 -12.83 3.86 -22.14
C ARG E 116 -12.16 2.89 -21.19
N VAL E 117 -10.93 2.53 -21.49
CA VAL E 117 -10.17 1.65 -20.65
C VAL E 117 -9.40 2.36 -19.56
N THR E 118 -9.51 1.90 -18.33
CA THR E 118 -8.83 2.58 -17.23
C THR E 118 -7.81 1.63 -16.59
N LYS E 119 -6.98 2.14 -15.69
CA LYS E 119 -6.02 1.32 -14.97
C LYS E 119 -6.61 0.19 -14.11
N GLY E 120 -6.02 -1.01 -14.24
CA GLY E 120 -6.43 -2.20 -13.49
C GLY E 120 -5.44 -3.32 -13.75
N THR E 121 -5.79 -4.58 -13.45
CA THR E 121 -4.87 -5.70 -13.72
C THR E 121 -5.46 -6.61 -14.82
N VAL E 122 -4.80 -7.73 -15.17
CA VAL E 122 -5.29 -8.60 -16.24
C VAL E 122 -6.62 -9.15 -16.03
N SER E 123 -6.94 -9.59 -14.85
CA SER E 123 -8.25 -10.10 -14.64
C SER E 123 -9.27 -9.06 -14.83
N ASP E 124 -8.93 -7.80 -14.69
CA ASP E 124 -9.98 -6.83 -14.86
C ASP E 124 -10.23 -6.58 -16.30
N PHE E 125 -9.20 -6.54 -17.14
CA PHE E 125 -9.54 -6.31 -18.54
C PHE E 125 -10.42 -7.45 -19.05
N ARG E 126 -10.12 -8.68 -18.63
CA ARG E 126 -10.88 -9.85 -19.04
C ARG E 126 -12.30 -9.83 -18.57
N ASP E 127 -12.57 -9.51 -17.34
CA ASP E 127 -13.93 -9.54 -16.86
C ASP E 127 -14.73 -8.48 -17.58
N ARG E 128 -14.13 -7.30 -17.80
CA ARG E 128 -14.74 -6.17 -18.51
C ARG E 128 -14.99 -6.40 -19.96
N THR E 129 -14.06 -7.09 -20.63
CA THR E 129 -14.25 -7.51 -22.02
C THR E 129 -15.42 -8.41 -22.16
N ILE E 130 -15.59 -9.44 -21.34
CA ILE E 130 -16.73 -10.25 -21.42
C ILE E 130 -18.00 -9.43 -21.13
N GLU E 131 -18.08 -8.55 -20.14
CA GLU E 131 -19.27 -7.71 -20.05
C GLU E 131 -19.57 -6.84 -21.30
N VAL E 132 -18.60 -6.26 -22.01
CA VAL E 132 -19.06 -5.41 -23.12
C VAL E 132 -19.41 -6.27 -24.34
N LEU E 133 -18.83 -7.46 -24.44
CA LEU E 133 -19.17 -8.41 -25.49
C LEU E 133 -20.60 -8.93 -25.30
N LYS E 134 -21.03 -9.06 -24.03
CA LYS E 134 -22.42 -9.34 -23.70
C LYS E 134 -23.23 -8.03 -23.80
N GLY E 135 -24.55 -8.19 -23.89
CA GLY E 135 -25.47 -7.08 -23.86
C GLY E 135 -25.45 -6.47 -25.23
N CYS E 136 -24.28 -5.99 -25.61
CA CYS E 136 -24.07 -5.50 -26.95
C CYS E 136 -24.09 -6.73 -27.84
N GLY E 137 -24.98 -6.82 -28.81
CA GLY E 137 -25.02 -8.04 -29.59
C GLY E 137 -23.71 -8.03 -30.33
N VAL E 138 -22.96 -9.11 -30.24
CA VAL E 138 -21.77 -9.30 -31.06
C VAL E 138 -21.91 -10.72 -31.54
N GLU E 139 -21.73 -10.87 -32.85
CA GLU E 139 -21.79 -12.16 -33.51
C GLU E 139 -20.45 -12.61 -34.07
N MET E 140 -19.64 -11.69 -34.59
CA MET E 140 -18.35 -12.08 -35.16
C MET E 140 -17.20 -11.15 -34.81
N LEU E 141 -16.03 -11.73 -34.53
CA LEU E 141 -14.81 -10.97 -34.28
C LEU E 141 -13.81 -11.29 -35.40
N ILE E 142 -13.28 -10.28 -36.09
CA ILE E 142 -12.29 -10.56 -37.12
C ILE E 142 -10.92 -10.06 -36.74
N ILE E 143 -9.91 -10.93 -36.73
CA ILE E 143 -8.58 -10.49 -36.33
C ILE E 143 -7.66 -10.49 -37.52
N ASP E 144 -7.22 -9.31 -37.94
CA ASP E 144 -6.31 -9.19 -39.05
C ASP E 144 -4.91 -9.43 -38.59
N GLU E 145 -4.01 -9.77 -39.52
CA GLU E 145 -2.62 -10.09 -39.19
C GLU E 145 -2.54 -10.91 -37.94
N ALA E 146 -3.23 -12.04 -37.88
CA ALA E 146 -3.37 -12.76 -36.63
C ALA E 146 -2.06 -13.16 -36.02
N ASP E 147 -1.05 -13.39 -36.84
CA ASP E 147 0.26 -13.76 -36.32
C ASP E 147 1.05 -12.68 -35.57
N ARG E 148 0.49 -11.50 -35.31
CA ARG E 148 1.11 -10.66 -34.38
C ARG E 148 0.83 -11.03 -32.95
N LEU E 149 -0.11 -11.94 -32.74
CA LEU E 149 -0.48 -12.37 -31.39
C LEU E 149 0.65 -13.16 -30.78
N LYS E 150 0.91 -12.91 -29.51
CA LYS E 150 1.85 -13.67 -28.73
C LYS E 150 1.20 -14.99 -28.53
N PRO E 151 1.97 -16.08 -28.45
CA PRO E 151 1.42 -17.41 -28.28
C PRO E 151 0.47 -17.61 -27.14
N GLU E 152 0.61 -16.96 -26.02
CA GLU E 152 -0.34 -17.21 -24.97
C GLU E 152 -1.68 -16.59 -25.21
N THR E 153 -1.81 -15.61 -26.10
CA THR E 153 -3.08 -14.89 -26.17
C THR E 153 -4.11 -15.70 -26.79
N PHE E 154 -3.70 -16.75 -27.47
CA PHE E 154 -4.63 -17.60 -28.14
C PHE E 154 -5.53 -18.28 -27.12
N ALA E 155 -5.06 -18.38 -25.89
CA ALA E 155 -5.89 -18.94 -24.85
C ALA E 155 -7.12 -18.09 -24.66
N ASP E 156 -6.95 -16.78 -24.76
CA ASP E 156 -8.08 -15.86 -24.56
C ASP E 156 -8.98 -15.77 -25.78
N VAL E 157 -8.39 -15.90 -26.96
CA VAL E 157 -9.17 -16.02 -28.18
C VAL E 157 -10.04 -17.27 -28.24
N ARG E 158 -9.51 -18.43 -27.86
CA ARG E 158 -10.32 -19.65 -27.80
C ARG E 158 -11.40 -19.53 -26.75
N ASP E 159 -11.04 -18.99 -25.59
CA ASP E 159 -11.95 -18.88 -24.46
C ASP E 159 -13.21 -18.15 -24.83
N ILE E 160 -13.07 -17.00 -25.48
CA ILE E 160 -14.20 -16.21 -25.94
C ILE E 160 -15.02 -16.99 -26.95
N ALA E 161 -14.38 -17.60 -27.93
CA ALA E 161 -15.06 -18.28 -28.98
C ALA E 161 -15.85 -19.38 -28.35
N GLU E 162 -15.36 -20.04 -27.33
CA GLU E 162 -16.13 -21.20 -26.81
C GLU E 162 -17.23 -20.75 -25.84
N ASP E 163 -16.93 -19.73 -25.02
CA ASP E 163 -17.82 -19.27 -23.91
C ASP E 163 -19.01 -18.47 -24.46
N LEU E 164 -18.77 -17.60 -25.45
CA LEU E 164 -19.81 -16.72 -26.01
C LEU E 164 -20.15 -17.16 -27.44
N GLY E 165 -21.36 -16.99 -27.90
CA GLY E 165 -21.70 -17.43 -29.24
C GLY E 165 -21.14 -16.45 -30.23
N ILE E 166 -19.83 -16.35 -30.27
CA ILE E 166 -19.15 -15.42 -31.14
C ILE E 166 -18.22 -16.16 -32.08
N ALA E 167 -18.34 -15.93 -33.37
CA ALA E 167 -17.47 -16.57 -34.33
C ALA E 167 -16.23 -15.73 -34.34
N VAL E 168 -15.07 -16.34 -34.39
CA VAL E 168 -13.83 -15.60 -34.50
C VAL E 168 -13.19 -15.99 -35.80
N VAL E 169 -12.77 -15.01 -36.58
CA VAL E 169 -12.12 -15.24 -37.86
C VAL E 169 -10.69 -14.77 -37.81
N LEU E 170 -9.72 -15.63 -38.11
CA LEU E 170 -8.33 -15.24 -38.18
C LEU E 170 -7.89 -15.01 -39.61
N VAL E 171 -7.34 -13.86 -39.92
CA VAL E 171 -6.94 -13.54 -41.29
C VAL E 171 -5.43 -13.48 -41.40
N GLY E 172 -4.83 -14.11 -42.39
CA GLY E 172 -3.38 -13.95 -42.56
C GLY E 172 -2.67 -14.66 -43.72
N THR E 173 -1.34 -14.52 -43.80
CA THR E 173 -0.49 -15.15 -44.80
C THR E 173 -0.09 -16.59 -44.39
N ASP E 174 0.60 -17.33 -45.26
CA ASP E 174 1.05 -18.69 -44.99
C ASP E 174 1.89 -18.82 -43.71
N ARG E 175 2.52 -17.76 -43.30
CA ARG E 175 3.22 -17.82 -42.08
C ARG E 175 2.29 -18.07 -40.95
N LEU E 176 1.04 -17.63 -41.04
CA LEU E 176 0.12 -17.80 -39.91
C LEU E 176 0.01 -19.25 -39.64
N ASP E 177 -0.20 -20.05 -40.66
CA ASP E 177 -0.29 -21.46 -40.43
C ASP E 177 0.95 -22.07 -39.88
N ALA E 178 2.11 -21.58 -40.26
CA ALA E 178 3.28 -22.06 -39.60
C ALA E 178 3.23 -21.75 -38.13
N VAL E 179 2.69 -20.63 -37.70
CA VAL E 179 2.58 -20.43 -36.27
C VAL E 179 1.53 -21.32 -35.67
N ILE E 180 0.38 -21.42 -36.29
CA ILE E 180 -0.71 -22.21 -35.73
C ILE E 180 -0.37 -23.66 -35.55
N LYS E 181 0.36 -24.27 -36.47
CA LYS E 181 0.69 -25.69 -36.34
C LYS E 181 1.56 -26.03 -35.16
N ARG E 182 2.00 -25.01 -34.45
CA ARG E 182 2.79 -25.23 -33.26
C ARG E 182 1.89 -25.57 -32.10
N ASP E 183 0.58 -25.46 -32.25
CA ASP E 183 -0.30 -25.79 -31.13
C ASP E 183 -1.54 -26.49 -31.56
N GLU E 184 -1.66 -27.75 -31.22
CA GLU E 184 -2.88 -28.44 -31.52
C GLU E 184 -4.10 -27.79 -31.02
N GLN E 185 -4.12 -27.17 -29.87
CA GLN E 185 -5.37 -26.70 -29.33
C GLN E 185 -5.99 -25.67 -30.17
N VAL E 186 -5.20 -24.83 -30.80
CA VAL E 186 -5.68 -23.81 -31.69
C VAL E 186 -5.93 -24.28 -33.05
N LEU E 187 -5.07 -25.06 -33.61
CA LEU E 187 -5.26 -25.51 -34.96
C LEU E 187 -6.59 -26.08 -35.15
N GLU E 188 -7.07 -26.92 -34.25
CA GLU E 188 -8.37 -27.54 -34.27
C GLU E 188 -9.59 -26.71 -34.11
N ARG E 189 -9.55 -25.60 -33.38
CA ARG E 189 -10.75 -24.80 -33.33
C ARG E 189 -10.88 -24.10 -34.66
N PHE E 190 -9.75 -23.75 -35.28
CA PHE E 190 -9.74 -22.94 -36.48
C PHE E 190 -9.36 -23.66 -37.75
N ARG E 191 -9.63 -24.96 -37.77
CA ARG E 191 -9.34 -25.79 -38.92
C ARG E 191 -9.94 -25.46 -40.29
N ALA E 192 -11.20 -25.03 -40.34
CA ALA E 192 -11.81 -24.57 -41.59
C ALA E 192 -11.25 -23.30 -42.12
N HIS E 193 -11.14 -23.16 -43.43
CA HIS E 193 -10.51 -21.97 -43.98
C HIS E 193 -10.99 -21.66 -45.36
N LEU E 194 -10.84 -20.42 -45.80
CA LEU E 194 -11.05 -20.07 -47.20
C LEU E 194 -9.75 -19.50 -47.72
N ARG E 195 -9.38 -19.83 -48.94
CA ARG E 195 -8.15 -19.31 -49.54
C ARG E 195 -8.31 -18.35 -50.71
N PHE E 196 -7.63 -17.21 -50.64
CA PHE E 196 -7.54 -16.27 -51.74
C PHE E 196 -6.45 -16.70 -52.70
N GLY E 197 -6.69 -16.57 -53.99
CA GLY E 197 -5.65 -16.88 -54.95
C GLY E 197 -5.23 -15.72 -55.83
N LYS E 198 -4.52 -16.05 -56.91
CA LYS E 198 -4.09 -15.05 -57.87
C LYS E 198 -4.93 -15.06 -59.12
N LEU E 199 -4.89 -13.96 -59.88
CA LEU E 199 -5.61 -13.82 -61.15
C LEU E 199 -4.92 -14.52 -62.31
N SER E 200 -5.72 -15.08 -63.21
CA SER E 200 -5.17 -15.65 -64.41
C SER E 200 -6.13 -15.74 -65.56
N GLY E 201 -5.60 -16.04 -66.74
CA GLY E 201 -6.43 -16.30 -67.89
C GLY E 201 -7.48 -15.27 -68.16
N GLU E 202 -8.72 -15.71 -68.34
CA GLU E 202 -9.84 -14.81 -68.55
C GLU E 202 -10.14 -13.90 -67.39
N ASP E 203 -9.84 -14.34 -66.19
CA ASP E 203 -10.12 -13.56 -65.01
C ASP E 203 -9.22 -12.39 -64.82
N PHE E 204 -7.95 -12.57 -65.07
CA PHE E 204 -7.05 -11.47 -65.14
C PHE E 204 -7.41 -10.50 -66.26
N LYS E 205 -7.60 -11.00 -67.47
CA LYS E 205 -8.11 -10.13 -68.54
C LYS E 205 -9.38 -9.35 -68.35
N ASN E 206 -10.41 -9.96 -67.84
CA ASN E 206 -11.71 -9.29 -67.52
C ASN E 206 -11.48 -8.22 -66.45
N THR E 207 -10.61 -8.49 -65.47
CA THR E 207 -10.34 -7.54 -64.36
C THR E 207 -9.72 -6.24 -64.91
N VAL E 208 -8.78 -6.46 -65.82
CA VAL E 208 -8.00 -5.42 -66.39
C VAL E 208 -9.05 -4.57 -67.05
N GLU E 209 -9.90 -5.18 -67.85
CA GLU E 209 -10.90 -4.41 -68.54
C GLU E 209 -11.82 -3.72 -67.55
N MET E 210 -12.22 -4.37 -66.46
CA MET E 210 -13.07 -3.69 -65.52
C MET E 210 -12.37 -2.45 -65.04
N TRP E 211 -11.07 -2.53 -64.77
CA TRP E 211 -10.34 -1.47 -64.13
C TRP E 211 -10.19 -0.32 -65.02
N GLU E 212 -10.14 -0.60 -66.30
CA GLU E 212 -10.05 0.45 -67.26
C GLU E 212 -11.33 1.27 -67.36
N GLN E 213 -12.48 0.59 -67.36
CA GLN E 213 -13.75 1.28 -67.54
C GLN E 213 -14.29 1.77 -66.24
N MET E 214 -14.02 1.04 -65.17
CA MET E 214 -14.58 1.42 -63.87
C MET E 214 -13.67 2.32 -63.02
N VAL E 215 -12.34 2.19 -63.15
CA VAL E 215 -11.43 3.03 -62.37
C VAL E 215 -10.64 4.12 -63.07
N LEU E 216 -10.03 3.81 -64.23
CA LEU E 216 -9.22 4.81 -64.93
C LEU E 216 -10.00 5.89 -65.68
N LYS E 217 -10.91 5.47 -66.54
CA LYS E 217 -11.77 6.37 -67.30
C LYS E 217 -11.11 7.48 -68.13
N LEU E 218 -10.08 7.17 -68.87
CA LEU E 218 -9.52 8.20 -69.67
C LEU E 218 -10.34 8.27 -70.93
N PRO E 219 -10.39 9.43 -71.56
CA PRO E 219 -11.29 9.56 -72.71
C PRO E 219 -10.97 8.64 -73.87
N VAL E 220 -9.68 8.51 -74.08
CA VAL E 220 -9.17 7.79 -75.20
C VAL E 220 -9.51 6.34 -75.35
N SER E 221 -9.62 5.60 -74.24
CA SER E 221 -9.84 4.14 -74.14
C SER E 221 -8.60 3.42 -74.61
N SER E 222 -7.83 2.95 -73.65
CA SER E 222 -6.55 2.37 -73.96
C SER E 222 -6.43 0.92 -74.39
N ASN E 223 -7.53 0.20 -74.48
CA ASN E 223 -7.50 -1.18 -74.99
C ASN E 223 -6.51 -2.12 -74.37
N LEU E 224 -6.40 -2.05 -73.07
CA LEU E 224 -5.46 -2.88 -72.40
C LEU E 224 -5.71 -4.34 -72.64
N LYS E 225 -6.94 -4.74 -72.90
CA LYS E 225 -7.16 -6.17 -73.02
C LYS E 225 -6.56 -6.72 -74.28
N SER E 226 -5.92 -5.86 -75.06
CA SER E 226 -5.23 -6.28 -76.26
C SER E 226 -4.01 -7.05 -75.94
N LYS E 227 -3.59 -7.93 -76.82
CA LYS E 227 -2.49 -8.82 -76.49
C LYS E 227 -1.21 -8.09 -76.18
N GLU E 228 -0.93 -7.04 -76.94
CA GLU E 228 0.30 -6.27 -76.75
C GLU E 228 0.44 -5.57 -75.42
N MET E 229 -0.69 -5.31 -74.77
CA MET E 229 -0.67 -4.70 -73.46
C MET E 229 -0.78 -5.70 -72.36
N LEU E 230 -1.49 -6.77 -72.57
CA LEU E 230 -1.60 -7.74 -71.52
C LEU E 230 -0.26 -8.36 -71.26
N ARG E 231 0.56 -8.56 -72.27
CA ARG E 231 1.89 -9.06 -71.98
C ARG E 231 2.65 -8.17 -71.05
N ILE E 232 2.47 -6.87 -71.18
CA ILE E 232 3.20 -5.99 -70.32
C ILE E 232 2.72 -6.12 -68.92
N LEU E 233 1.41 -6.05 -68.70
CA LEU E 233 0.81 -6.18 -67.39
C LEU E 233 0.98 -7.52 -66.74
N THR E 234 0.92 -8.58 -67.51
CA THR E 234 1.07 -9.89 -66.93
C THR E 234 2.43 -10.05 -66.33
N SER E 235 3.47 -9.68 -67.07
CA SER E 235 4.80 -9.78 -66.53
C SER E 235 4.97 -8.83 -65.35
N ALA E 236 4.46 -7.62 -65.48
CA ALA E 236 4.54 -6.66 -64.40
C ALA E 236 3.81 -7.03 -63.11
N THR E 237 2.64 -7.64 -63.22
CA THR E 237 1.80 -7.88 -62.04
C THR E 237 1.71 -9.27 -61.44
N GLU E 238 2.03 -10.28 -62.24
CA GLU E 238 2.00 -11.70 -61.86
C GLU E 238 0.69 -12.13 -61.20
N GLY E 239 -0.41 -11.53 -61.61
CA GLY E 239 -1.72 -11.83 -61.05
C GLY E 239 -2.14 -11.28 -59.70
N TYR E 240 -1.41 -10.33 -59.14
CA TYR E 240 -1.80 -9.86 -57.83
C TYR E 240 -2.66 -8.66 -58.09
N ILE E 241 -3.80 -8.55 -57.44
CA ILE E 241 -4.64 -7.40 -57.63
C ILE E 241 -3.97 -6.17 -57.15
N GLY E 242 -3.16 -6.25 -56.12
CA GLY E 242 -2.36 -5.13 -55.59
C GLY E 242 -1.46 -4.51 -56.63
N ARG E 243 -0.65 -5.28 -57.29
CA ARG E 243 0.20 -4.69 -58.27
C ARG E 243 -0.58 -4.15 -59.39
N LEU E 244 -1.61 -4.83 -59.84
CA LEU E 244 -2.37 -4.31 -60.95
C LEU E 244 -2.91 -2.98 -60.68
N ASP E 245 -3.47 -2.72 -59.53
CA ASP E 245 -3.94 -1.41 -59.23
C ASP E 245 -2.84 -0.42 -59.18
N GLU E 246 -1.74 -0.68 -58.50
CA GLU E 246 -0.71 0.33 -58.39
C GLU E 246 -0.15 0.70 -59.69
N ILE E 247 0.12 -0.30 -60.50
CA ILE E 247 0.67 -0.02 -61.79
C ILE E 247 -0.23 0.75 -62.68
N LEU E 248 -1.50 0.46 -62.83
CA LEU E 248 -2.29 1.27 -63.75
C LEU E 248 -2.54 2.64 -63.23
N ARG E 249 -2.65 2.83 -61.95
CA ARG E 249 -2.79 4.19 -61.46
C ARG E 249 -1.53 5.01 -61.65
N GLU E 250 -0.34 4.44 -61.45
CA GLU E 250 0.90 5.20 -61.61
C GLU E 250 0.97 5.53 -63.11
N ALA E 251 0.67 4.60 -64.00
CA ALA E 251 0.63 4.87 -65.42
C ALA E 251 -0.39 5.88 -65.89
N ALA E 252 -1.64 5.87 -65.49
CA ALA E 252 -2.49 7.00 -65.86
C ALA E 252 -2.05 8.33 -65.26
N ILE E 253 -1.60 8.40 -64.02
CA ILE E 253 -1.23 9.71 -63.49
C ILE E 253 -0.04 10.26 -64.25
N ARG E 254 0.99 9.46 -64.51
CA ARG E 254 2.20 10.00 -65.15
C ARG E 254 1.81 10.47 -66.49
N SER E 255 1.03 9.66 -67.14
CA SER E 255 0.57 9.91 -68.53
C SER E 255 -0.24 11.21 -68.63
N LEU E 256 -1.14 11.45 -67.73
CA LEU E 256 -1.83 12.73 -67.81
C LEU E 256 -0.99 13.94 -67.62
N SER E 257 0.04 13.82 -66.82
CA SER E 257 0.80 15.00 -66.50
C SER E 257 1.49 15.51 -67.78
N ARG E 258 1.60 14.61 -68.74
CA ARG E 258 2.26 14.84 -70.03
C ARG E 258 1.27 15.13 -71.15
N GLY E 259 0.00 15.25 -70.82
CA GLY E 259 -0.99 15.68 -71.77
C GLY E 259 -1.56 14.60 -72.67
N LEU E 260 -1.41 13.35 -72.27
CA LEU E 260 -1.94 12.25 -73.08
C LEU E 260 -3.27 11.78 -72.50
N LYS E 261 -4.15 11.31 -73.37
CA LYS E 261 -5.47 10.82 -72.96
C LYS E 261 -5.65 9.31 -73.01
N LYS E 262 -4.57 8.57 -73.23
CA LYS E 262 -4.62 7.11 -73.15
C LYS E 262 -3.30 6.53 -72.66
N ILE E 263 -3.33 5.28 -72.20
CA ILE E 263 -2.10 4.57 -71.83
C ILE E 263 -1.54 3.79 -73.02
N ASP E 264 -0.38 4.20 -73.51
CA ASP E 264 0.28 3.52 -74.61
C ASP E 264 1.25 2.47 -74.11
N LYS E 265 1.81 1.69 -75.03
CA LYS E 265 2.94 0.81 -74.78
C LYS E 265 4.20 1.34 -74.10
N ALA E 266 4.81 2.41 -74.59
CA ALA E 266 6.04 2.83 -73.96
C ALA E 266 5.85 3.38 -72.54
N VAL E 267 4.79 4.11 -72.28
CA VAL E 267 4.68 4.78 -70.95
C VAL E 267 4.43 3.72 -69.88
N LEU E 268 3.67 2.67 -70.25
CA LEU E 268 3.35 1.56 -69.31
C LEU E 268 4.65 0.78 -69.02
N GLN E 269 5.46 0.56 -70.05
CA GLN E 269 6.76 -0.15 -69.89
C GLN E 269 7.70 0.70 -69.02
N GLU E 270 7.67 2.02 -69.22
CA GLU E 270 8.46 2.97 -68.41
C GLU E 270 8.14 2.73 -66.92
N VAL E 271 6.85 2.61 -66.58
CA VAL E 271 6.44 2.35 -65.17
C VAL E 271 6.81 0.92 -64.77
N ALA E 272 6.45 -0.07 -65.60
CA ALA E 272 6.65 -1.49 -65.22
C ALA E 272 8.14 -1.74 -64.94
N LYS E 273 9.03 -1.12 -65.71
CA LYS E 273 10.49 -1.34 -65.57
C LYS E 273 10.97 -0.98 -64.15
N GLU E 274 10.21 -0.13 -63.45
CA GLU E 274 10.63 0.38 -62.11
C GLU E 274 10.24 -0.64 -61.03
N TYR E 275 9.57 -1.73 -61.42
CA TYR E 275 9.08 -2.73 -60.44
C TYR E 275 9.74 -4.08 -60.72
N ILE F 1 -21.80 -1.08 -62.63
CA ILE F 1 -22.09 -1.52 -61.29
C ILE F 1 -21.63 -0.42 -60.34
N GLU F 2 -22.13 -0.42 -59.13
CA GLU F 2 -21.64 0.51 -58.19
C GLU F 2 -20.26 0.19 -57.73
N VAL F 3 -19.42 1.19 -57.63
CA VAL F 3 -18.08 1.04 -57.15
C VAL F 3 -18.02 2.04 -56.03
N TRP F 4 -17.40 1.76 -54.89
CA TRP F 4 -17.45 2.78 -53.83
C TRP F 4 -16.21 3.56 -53.59
N ASP F 5 -16.36 4.83 -53.32
CA ASP F 5 -15.24 5.57 -52.81
C ASP F 5 -14.95 5.12 -51.40
N TYR F 6 -13.69 4.86 -51.16
CA TYR F 6 -13.20 4.45 -49.88
C TYR F 6 -13.30 5.40 -48.76
N GLU F 7 -13.33 6.67 -49.02
CA GLU F 7 -13.42 7.61 -47.90
C GLU F 7 -14.90 7.86 -47.61
N GLN F 8 -15.72 7.77 -48.64
CA GLN F 8 -17.16 7.82 -48.44
C GLN F 8 -17.73 6.72 -47.56
N LEU F 9 -17.21 5.51 -47.69
CA LEU F 9 -17.73 4.41 -46.89
C LEU F 9 -17.45 4.75 -45.43
N ARG F 10 -16.31 5.40 -45.24
CA ARG F 10 -15.88 5.78 -43.93
C ARG F 10 -16.81 6.80 -43.36
N GLU F 11 -17.08 7.84 -44.12
CA GLU F 11 -17.98 8.93 -43.69
C GLU F 11 -19.39 8.47 -43.37
N GLU F 12 -19.89 7.51 -44.12
CA GLU F 12 -21.20 6.96 -43.86
C GLU F 12 -21.23 5.93 -42.73
N TYR F 13 -20.09 5.64 -42.11
CA TYR F 13 -20.11 4.65 -41.04
C TYR F 13 -20.78 4.97 -39.70
N GLY F 14 -21.32 3.92 -39.09
CA GLY F 14 -22.04 4.01 -37.83
C GLY F 14 -21.10 4.54 -36.77
N GLU G 19 -42.51 -21.64 -38.98
CA GLU G 19 -41.91 -22.30 -40.10
C GLU G 19 -41.19 -23.56 -39.66
N TRP G 20 -41.60 -24.70 -40.22
CA TRP G 20 -41.02 -26.02 -39.89
C TRP G 20 -39.53 -26.01 -40.05
N LEU G 21 -39.05 -25.47 -41.15
CA LEU G 21 -37.63 -25.47 -41.40
C LEU G 21 -36.91 -24.69 -40.34
N GLN G 22 -37.38 -23.52 -39.92
CA GLN G 22 -36.68 -22.77 -38.87
C GLN G 22 -36.55 -23.52 -37.54
N ALA G 23 -37.56 -24.30 -37.19
CA ALA G 23 -37.51 -25.07 -35.96
C ALA G 23 -36.33 -26.01 -35.93
N GLU G 24 -36.15 -26.66 -37.08
CA GLU G 24 -35.09 -27.61 -37.37
C GLU G 24 -33.76 -27.05 -37.50
N ILE G 25 -33.63 -25.89 -38.09
CA ILE G 25 -32.31 -25.28 -38.10
C ILE G 25 -31.81 -24.94 -36.71
N ALA G 26 -32.65 -24.37 -35.86
CA ALA G 26 -32.30 -24.04 -34.50
C ALA G 26 -31.88 -25.27 -33.72
N ARG G 27 -32.52 -26.41 -33.93
CA ARG G 27 -32.16 -27.62 -33.24
C ARG G 27 -30.76 -28.06 -33.59
N LEU G 28 -30.46 -28.04 -34.87
CA LEU G 28 -29.21 -28.58 -35.37
C LEU G 28 -28.14 -27.63 -34.95
N LYS G 29 -28.47 -26.38 -34.76
CA LYS G 29 -27.43 -25.43 -34.44
C LYS G 29 -26.92 -25.68 -33.02
N GLY G 30 -27.63 -26.46 -32.21
CA GLY G 30 -27.29 -26.61 -30.79
C GLY G 30 -26.35 -27.69 -30.32
N LYS G 31 -26.40 -28.05 -29.04
CA LYS G 31 -25.45 -29.05 -28.53
C LYS G 31 -26.14 -30.13 -27.72
N SER G 32 -25.56 -31.33 -27.73
CA SER G 32 -26.09 -32.44 -26.97
C SER G 32 -25.02 -33.43 -26.56
N ILE G 33 -25.32 -34.31 -25.61
CA ILE G 33 -24.39 -35.33 -25.18
C ILE G 33 -24.92 -36.72 -25.47
N VAL G 34 -24.17 -37.49 -26.25
CA VAL G 34 -24.59 -38.84 -26.61
C VAL G 34 -23.80 -39.86 -25.84
N PRO G 35 -24.49 -40.77 -25.15
CA PRO G 35 -23.75 -41.83 -24.46
C PRO G 35 -22.89 -42.57 -25.43
N LEU G 36 -21.61 -42.74 -25.11
CA LEU G 36 -20.68 -43.47 -25.95
C LEU G 36 -19.80 -44.30 -25.06
N GLN G 37 -19.11 -45.28 -25.62
CA GLN G 37 -18.27 -46.15 -24.83
C GLN G 37 -17.15 -45.45 -24.08
N GLN G 38 -16.60 -44.40 -24.67
CA GLN G 38 -15.49 -43.71 -24.11
C GLN G 38 -15.99 -43.06 -22.91
N VAL G 39 -17.21 -42.54 -23.02
CA VAL G 39 -17.78 -41.76 -21.93
C VAL G 39 -18.14 -42.61 -20.77
N LYS G 40 -18.81 -43.72 -21.02
CA LYS G 40 -19.13 -44.64 -19.94
C LYS G 40 -17.88 -45.14 -19.25
N THR G 41 -16.84 -45.48 -20.01
CA THR G 41 -15.62 -46.00 -19.40
C THR G 41 -15.08 -45.06 -18.37
N LEU G 42 -15.00 -43.79 -18.70
CA LEU G 42 -14.47 -42.79 -17.79
C LEU G 42 -15.32 -42.70 -16.57
N HIS G 43 -16.64 -42.68 -16.72
CA HIS G 43 -17.47 -42.47 -15.55
C HIS G 43 -17.26 -43.54 -14.52
N ASP G 44 -17.13 -44.78 -14.93
CA ASP G 44 -16.83 -45.87 -14.01
C ASP G 44 -15.43 -45.79 -13.41
N TRP G 45 -14.44 -45.42 -14.21
CA TRP G 45 -13.08 -45.25 -13.73
C TRP G 45 -12.97 -44.19 -12.66
N LEU G 46 -13.58 -43.03 -12.87
CA LEU G 46 -13.53 -41.99 -11.93
C LEU G 46 -14.20 -42.44 -10.70
N ASP G 47 -15.28 -43.19 -10.76
CA ASP G 47 -15.94 -43.58 -9.54
C ASP G 47 -15.10 -44.44 -8.71
N GLY G 48 -14.29 -45.25 -9.33
CA GLY G 48 -13.39 -46.09 -8.59
C GLY G 48 -12.54 -45.11 -7.81
N LYS G 49 -11.94 -44.16 -8.53
CA LYS G 49 -11.09 -43.25 -7.92
C LYS G 49 -11.73 -42.41 -6.92
N ARG G 50 -12.97 -42.06 -7.07
CA ARG G 50 -13.59 -41.29 -6.04
C ARG G 50 -13.74 -41.91 -4.73
N LYS G 51 -14.11 -43.16 -4.64
CA LYS G 51 -14.28 -43.82 -3.36
C LYS G 51 -12.97 -44.18 -2.77
N ALA G 52 -11.98 -44.41 -3.61
CA ALA G 52 -10.70 -44.87 -3.18
C ALA G 52 -10.00 -43.66 -2.71
N ARG G 53 -10.53 -42.49 -3.02
CA ARG G 53 -9.90 -41.23 -2.79
C ARG G 53 -8.53 -41.12 -3.40
N LYS G 54 -8.31 -41.50 -4.64
CA LYS G 54 -6.97 -41.40 -5.20
C LYS G 54 -6.91 -40.41 -6.35
N SER G 55 -5.84 -39.62 -6.54
CA SER G 55 -5.65 -38.67 -7.62
C SER G 55 -5.18 -39.42 -8.86
N CYS G 56 -5.38 -38.81 -10.02
CA CYS G 56 -5.06 -39.41 -11.29
C CYS G 56 -5.11 -38.37 -12.38
N ARG G 57 -4.79 -38.72 -13.60
CA ARG G 57 -4.98 -37.77 -14.68
C ARG G 57 -5.64 -38.39 -15.89
N VAL G 58 -6.25 -37.57 -16.74
CA VAL G 58 -6.86 -38.06 -17.97
C VAL G 58 -6.16 -37.44 -19.16
N VAL G 59 -5.71 -38.24 -20.12
CA VAL G 59 -4.92 -37.70 -21.21
C VAL G 59 -5.55 -38.13 -22.50
N GLY G 60 -5.27 -37.39 -23.57
CA GLY G 60 -5.67 -37.78 -24.90
C GLY G 60 -5.59 -36.61 -25.83
N GLU G 61 -5.79 -36.84 -27.12
CA GLU G 61 -5.67 -35.82 -28.16
C GLU G 61 -6.78 -34.77 -28.04
N SER G 62 -6.52 -33.58 -28.58
CA SER G 62 -7.45 -32.48 -28.36
C SER G 62 -8.87 -32.53 -28.85
N ARG G 63 -9.21 -33.41 -29.79
CA ARG G 63 -10.60 -33.53 -30.20
C ARG G 63 -11.32 -34.81 -29.80
N THR G 64 -10.83 -35.50 -28.80
CA THR G 64 -11.47 -36.71 -28.31
C THR G 64 -12.66 -36.52 -27.39
N GLY G 65 -12.88 -35.32 -26.89
CA GLY G 65 -14.13 -35.01 -26.20
C GLY G 65 -14.03 -35.19 -24.71
N LYS G 66 -12.81 -35.09 -24.21
CA LYS G 66 -12.46 -35.15 -22.80
C LYS G 66 -13.26 -34.19 -21.95
N THR G 67 -13.31 -32.92 -22.32
CA THR G 67 -14.03 -31.92 -21.54
C THR G 67 -15.49 -32.25 -21.36
N VAL G 68 -16.14 -32.68 -22.42
CA VAL G 68 -17.53 -33.11 -22.41
C VAL G 68 -17.86 -34.32 -21.54
N ALA G 69 -17.04 -35.36 -21.57
CA ALA G 69 -17.25 -36.51 -20.69
C ALA G 69 -17.23 -36.15 -19.21
N CYS G 70 -16.36 -35.22 -18.85
CA CYS G 70 -16.13 -34.66 -17.50
C CYS G 70 -17.36 -33.88 -17.02
N ASP G 71 -17.96 -33.07 -17.90
CA ASP G 71 -19.24 -32.37 -17.58
C ASP G 71 -20.37 -33.39 -17.43
N ALA G 72 -20.40 -34.38 -18.31
CA ALA G 72 -21.44 -35.37 -18.26
C ALA G 72 -21.33 -35.99 -16.91
N TYR G 73 -20.11 -36.23 -16.45
CA TYR G 73 -19.95 -36.77 -15.10
C TYR G 73 -20.42 -35.84 -14.01
N ARG G 74 -20.00 -34.59 -14.04
CA ARG G 74 -20.35 -33.66 -12.99
C ARG G 74 -21.85 -33.67 -12.76
N TYR G 75 -22.60 -33.65 -13.85
CA TYR G 75 -24.05 -33.51 -13.79
C TYR G 75 -24.78 -34.70 -13.24
N ARG G 76 -24.11 -35.81 -13.03
CA ARG G 76 -24.83 -36.95 -12.53
C ARG G 76 -24.83 -36.92 -11.00
N HIS G 77 -24.16 -35.92 -10.41
CA HIS G 77 -24.02 -35.86 -8.95
C HIS G 77 -24.38 -34.48 -8.42
N LYS G 78 -25.68 -34.19 -8.32
CA LYS G 78 -26.11 -32.85 -8.01
C LYS G 78 -25.82 -32.50 -6.57
N PRO G 79 -25.38 -31.27 -6.33
CA PRO G 79 -25.09 -30.77 -4.99
C PRO G 79 -26.30 -30.96 -4.11
N GLN G 80 -26.17 -31.26 -2.83
CA GLN G 80 -27.38 -31.33 -2.02
C GLN G 80 -27.55 -30.20 -1.03
N GLN G 81 -28.78 -29.89 -0.65
CA GLN G 81 -29.02 -28.75 0.24
C GLN G 81 -30.05 -28.90 1.32
N GLU G 82 -29.62 -28.60 2.53
CA GLU G 82 -30.44 -28.64 3.75
C GLU G 82 -30.93 -27.23 4.04
N ALA G 83 -31.72 -27.06 5.09
CA ALA G 83 -32.17 -25.71 5.40
C ALA G 83 -31.07 -24.72 5.84
N GLY G 84 -30.05 -25.17 6.54
CA GLY G 84 -29.08 -24.23 7.04
C GLY G 84 -27.71 -24.14 6.42
N ARG G 85 -26.93 -25.20 6.62
CA ARG G 85 -25.53 -25.27 6.18
C ARG G 85 -25.33 -25.27 4.68
N PRO G 86 -24.12 -24.93 4.24
CA PRO G 86 -23.62 -24.90 2.86
C PRO G 86 -23.95 -26.19 2.14
N PRO G 87 -24.05 -26.14 0.80
CA PRO G 87 -24.32 -27.22 -0.10
C PRO G 87 -23.35 -28.30 0.12
N THR G 88 -23.72 -29.55 -0.04
CA THR G 88 -22.75 -30.60 0.03
C THR G 88 -22.39 -30.77 -1.40
N VAL G 89 -21.09 -30.78 -1.74
CA VAL G 89 -20.68 -30.80 -3.14
C VAL G 89 -19.61 -31.84 -3.40
N PRO G 90 -20.02 -33.07 -3.62
CA PRO G 90 -19.09 -34.16 -3.91
C PRO G 90 -18.07 -33.89 -5.01
N VAL G 91 -18.42 -33.26 -6.11
CA VAL G 91 -17.44 -33.01 -7.18
C VAL G 91 -17.29 -31.55 -7.56
N VAL G 92 -16.07 -31.02 -7.57
CA VAL G 92 -15.84 -29.65 -8.00
C VAL G 92 -15.09 -29.60 -9.33
N TYR G 93 -15.60 -28.87 -10.31
CA TYR G 93 -14.96 -28.82 -11.62
C TYR G 93 -14.57 -27.40 -11.93
N ILE G 94 -13.30 -27.16 -12.23
CA ILE G 94 -12.83 -25.80 -12.56
C ILE G 94 -12.01 -25.75 -13.82
N ARG G 95 -11.90 -24.59 -14.46
CA ARG G 95 -10.98 -24.46 -15.59
C ARG G 95 -10.18 -23.19 -15.38
N PRO G 96 -8.85 -23.30 -15.28
CA PRO G 96 -7.99 -22.16 -15.00
C PRO G 96 -7.80 -21.25 -16.20
N HIS G 97 -7.44 -19.98 -15.96
CA HIS G 97 -7.02 -19.02 -17.01
C HIS G 97 -5.53 -19.23 -17.30
N GLN G 98 -5.00 -18.52 -18.30
CA GLN G 98 -3.58 -18.71 -18.69
C GLN G 98 -2.64 -18.11 -17.65
N LYS G 99 -1.50 -18.77 -17.41
CA LYS G 99 -0.53 -18.35 -16.38
C LYS G 99 -1.28 -18.19 -15.06
N CYS G 100 -2.00 -19.24 -14.67
CA CYS G 100 -2.80 -19.28 -13.41
C CYS G 100 -1.88 -19.25 -12.19
N GLY G 101 -2.05 -18.32 -11.26
CA GLY G 101 -1.17 -18.34 -10.11
C GLY G 101 -1.87 -18.95 -8.94
N PRO G 102 -1.23 -18.97 -7.79
CA PRO G 102 -1.75 -19.51 -6.55
C PRO G 102 -2.93 -18.79 -6.08
N LYS G 103 -3.16 -17.55 -6.43
CA LYS G 103 -4.36 -16.91 -5.92
C LYS G 103 -5.53 -17.17 -6.79
N ASP G 104 -5.25 -17.52 -8.05
CA ASP G 104 -6.26 -17.75 -9.08
C ASP G 104 -6.99 -19.04 -9.05
N LEU G 105 -6.25 -20.05 -8.64
CA LEU G 105 -6.74 -21.33 -8.19
C LEU G 105 -7.57 -21.35 -6.97
N PHE G 106 -7.22 -20.64 -5.93
CA PHE G 106 -8.07 -20.62 -4.77
C PHE G 106 -9.28 -19.80 -5.08
N LYS G 107 -9.15 -18.68 -5.78
CA LYS G 107 -10.26 -17.83 -6.04
C LYS G 107 -11.29 -18.68 -6.76
N LYS G 108 -10.92 -19.44 -7.80
CA LYS G 108 -11.97 -20.16 -8.57
C LYS G 108 -12.61 -21.25 -7.70
N ILE G 109 -11.82 -21.94 -6.86
CA ILE G 109 -12.39 -23.03 -6.00
C ILE G 109 -13.47 -22.44 -5.08
N THR G 110 -13.14 -21.29 -4.49
CA THR G 110 -14.01 -20.54 -3.55
C THR G 110 -15.29 -20.08 -4.25
N GLU G 111 -15.19 -19.56 -5.49
CA GLU G 111 -16.38 -19.07 -6.22
C GLU G 111 -17.27 -20.26 -6.63
N TYR G 112 -16.60 -21.32 -7.01
CA TYR G 112 -17.31 -22.46 -7.43
C TYR G 112 -18.24 -22.85 -6.33
N LEU G 113 -17.79 -22.86 -5.10
CA LEU G 113 -18.69 -23.25 -4.04
C LEU G 113 -19.61 -22.19 -3.52
N LYS G 114 -19.68 -21.09 -4.27
CA LYS G 114 -20.48 -19.91 -4.00
C LYS G 114 -20.20 -19.10 -2.78
N TYR G 115 -18.92 -18.88 -2.49
CA TYR G 115 -18.53 -17.92 -1.47
C TYR G 115 -17.97 -16.71 -2.19
N ARG G 116 -18.12 -15.52 -1.62
CA ARG G 116 -17.48 -14.37 -2.21
C ARG G 116 -16.06 -14.13 -1.73
N VAL G 117 -15.17 -13.90 -2.66
CA VAL G 117 -13.79 -13.63 -2.32
C VAL G 117 -13.50 -12.16 -2.10
N THR G 118 -12.84 -11.82 -0.99
CA THR G 118 -12.58 -10.42 -0.69
C THR G 118 -11.08 -10.16 -0.66
N LYS G 119 -10.67 -8.90 -0.58
CA LYS G 119 -9.27 -8.55 -0.48
C LYS G 119 -8.51 -9.11 0.73
N GLY G 120 -7.32 -9.65 0.49
CA GLY G 120 -6.45 -10.22 1.52
C GLY G 120 -5.12 -10.60 0.89
N THR G 121 -4.30 -11.43 1.56
CA THR G 121 -3.01 -11.85 0.98
C THR G 121 -3.04 -13.36 0.66
N VAL G 122 -1.93 -13.95 0.18
CA VAL G 122 -1.92 -15.36 -0.20
C VAL G 122 -2.25 -16.29 0.89
N SER G 123 -1.74 -16.08 2.07
CA SER G 123 -2.08 -16.97 3.12
C SER G 123 -3.52 -16.91 3.44
N ASP G 124 -4.19 -15.83 3.11
CA ASP G 124 -5.59 -15.83 3.47
C ASP G 124 -6.37 -16.61 2.47
N PHE G 125 -6.06 -16.52 1.18
CA PHE G 125 -6.87 -17.31 0.28
C PHE G 125 -6.72 -18.80 0.62
N ARG G 126 -5.50 -19.21 0.98
CA ARG G 126 -5.22 -20.60 1.34
C ARG G 126 -5.94 -21.05 2.57
N ASP G 127 -5.96 -20.29 3.63
CA ASP G 127 -6.59 -20.73 4.84
C ASP G 127 -8.08 -20.85 4.60
N ARG G 128 -8.66 -19.90 3.87
CA ARG G 128 -10.08 -19.87 3.50
C ARG G 128 -10.51 -20.95 2.57
N THR G 129 -9.66 -21.30 1.61
CA THR G 129 -9.92 -22.46 0.74
C THR G 129 -9.99 -23.72 1.52
N ILE G 130 -9.07 -24.01 2.42
CA ILE G 130 -9.18 -25.18 3.21
C ILE G 130 -10.46 -25.12 4.06
N GLU G 131 -10.84 -24.03 4.73
CA GLU G 131 -12.14 -24.04 5.39
C GLU G 131 -13.35 -24.33 4.47
N VAL G 132 -13.42 -23.85 3.22
CA VAL G 132 -14.68 -24.15 2.51
C VAL G 132 -14.64 -25.57 1.94
N LEU G 133 -13.44 -26.11 1.71
CA LEU G 133 -13.28 -27.50 1.28
C LEU G 133 -13.69 -28.45 2.41
N LYS G 134 -13.45 -28.06 3.66
CA LYS G 134 -13.97 -28.77 4.83
C LYS G 134 -15.45 -28.38 5.03
N GLY G 135 -16.15 -29.20 5.79
CA GLY G 135 -17.51 -28.91 6.20
C GLY G 135 -18.38 -29.28 5.03
N CYS G 136 -18.16 -28.58 3.92
CA CYS G 136 -18.81 -28.91 2.68
C CYS G 136 -18.20 -30.22 2.23
N GLY G 137 -18.97 -31.28 2.06
CA GLY G 137 -18.35 -32.53 1.70
C GLY G 137 -17.80 -32.27 0.31
N VAL G 138 -16.53 -32.55 0.10
CA VAL G 138 -15.94 -32.51 -1.23
C VAL G 138 -15.12 -33.79 -1.26
N GLU G 139 -15.33 -34.52 -2.35
CA GLU G 139 -14.62 -35.77 -2.60
C GLU G 139 -13.66 -35.69 -3.78
N MET G 140 -14.02 -34.97 -4.83
CA MET G 140 -13.14 -34.89 -6.00
C MET G 140 -13.02 -33.49 -6.60
N LEU G 141 -11.82 -33.12 -7.02
CA LEU G 141 -11.57 -31.86 -7.70
C LEU G 141 -11.09 -32.18 -9.13
N ILE G 142 -11.73 -31.64 -10.16
CA ILE G 142 -11.26 -31.90 -11.52
C ILE G 142 -10.68 -30.66 -12.16
N ILE G 143 -9.45 -30.70 -12.63
CA ILE G 143 -8.84 -29.52 -13.22
C ILE G 143 -8.68 -29.71 -14.70
N ASP G 144 -9.41 -28.96 -15.49
CA ASP G 144 -9.30 -29.03 -16.94
C ASP G 144 -8.15 -28.22 -17.41
N GLU G 145 -7.66 -28.50 -18.62
CA GLU G 145 -6.49 -27.82 -19.17
C GLU G 145 -5.44 -27.61 -18.11
N ALA G 146 -5.00 -28.68 -17.45
CA ALA G 146 -4.16 -28.52 -16.28
C ALA G 146 -2.89 -27.76 -16.56
N ASP G 147 -2.37 -27.86 -17.77
CA ASP G 147 -1.15 -27.15 -18.12
C ASP G 147 -1.24 -25.62 -18.22
N ARG G 148 -2.36 -24.99 -17.88
CA ARG G 148 -2.32 -23.60 -17.70
C ARG G 148 -1.76 -23.18 -16.36
N LEU G 149 -1.58 -24.14 -15.46
CA LEU G 149 -1.07 -23.86 -14.12
C LEU G 149 0.38 -23.45 -14.22
N LYS G 150 0.76 -22.45 -13.45
CA LYS G 150 2.13 -22.04 -13.30
C LYS G 150 2.78 -23.11 -12.52
N PRO G 151 4.07 -23.38 -12.75
CA PRO G 151 4.77 -24.44 -12.04
C PRO G 151 4.71 -24.42 -10.55
N GLU G 152 4.67 -23.30 -9.89
CA GLU G 152 4.62 -23.34 -8.44
C GLU G 152 3.29 -23.76 -7.91
N THR G 153 2.21 -23.69 -8.68
CA THR G 153 0.90 -23.90 -8.08
C THR G 153 0.68 -25.32 -7.77
N PHE G 154 1.49 -26.16 -8.36
CA PHE G 154 1.34 -27.57 -8.15
C PHE G 154 1.63 -27.91 -6.70
N ALA G 155 2.38 -27.04 -6.03
CA ALA G 155 2.62 -27.25 -4.62
C ALA G 155 1.31 -27.21 -3.87
N ASP G 156 0.42 -26.33 -4.27
CA ASP G 156 -0.87 -26.18 -3.58
C ASP G 156 -1.86 -27.27 -3.97
N VAL G 157 -1.79 -27.71 -5.22
CA VAL G 157 -2.55 -28.88 -5.66
C VAL G 157 -2.17 -30.16 -4.94
N ARG G 158 -0.88 -30.44 -4.78
CA ARG G 158 -0.45 -31.61 -4.02
C ARG G 158 -0.85 -31.50 -2.57
N ASP G 159 -0.66 -30.32 -2.00
CA ASP G 159 -0.92 -30.08 -0.59
C ASP G 159 -2.34 -30.45 -0.21
N ILE G 160 -3.30 -29.99 -1.00
CA ILE G 160 -4.71 -30.31 -0.79
C ILE G 160 -4.94 -31.80 -0.92
N ALA G 161 -4.41 -32.42 -1.96
CA ALA G 161 -4.66 -33.80 -2.23
C ALA G 161 -4.13 -34.57 -1.06
N GLU G 162 -3.01 -34.19 -0.47
CA GLU G 162 -2.45 -35.04 0.60
C GLU G 162 -3.14 -34.77 1.95
N ASP G 163 -3.46 -33.49 2.22
CA ASP G 163 -3.98 -33.01 3.53
C ASP G 163 -5.45 -33.42 3.71
N LEU G 164 -6.24 -33.27 2.65
CA LEU G 164 -7.70 -33.54 2.71
C LEU G 164 -8.02 -34.80 1.91
N GLY G 165 -9.04 -35.57 2.28
CA GLY G 165 -9.33 -36.78 1.54
C GLY G 165 -10.03 -36.41 0.26
N ILE G 166 -9.33 -35.69 -0.60
CA ILE G 166 -9.89 -35.23 -1.85
C ILE G 166 -9.08 -35.76 -3.02
N ALA G 167 -9.73 -36.40 -3.97
CA ALA G 167 -9.05 -36.91 -5.13
C ALA G 167 -8.93 -35.73 -6.06
N VAL G 168 -7.80 -35.57 -6.71
CA VAL G 168 -7.64 -34.51 -7.68
C VAL G 168 -7.38 -35.16 -9.01
N VAL G 169 -8.10 -34.75 -10.04
CA VAL G 169 -7.94 -35.28 -11.38
C VAL G 169 -7.41 -34.22 -12.31
N LEU G 170 -6.30 -34.46 -12.99
CA LEU G 170 -5.78 -33.53 -13.97
C LEU G 170 -6.14 -33.96 -15.37
N VAL G 171 -6.76 -33.09 -16.15
CA VAL G 171 -7.19 -33.45 -17.51
C VAL G 171 -6.36 -32.70 -18.53
N GLY G 172 -5.85 -33.36 -19.57
CA GLY G 172 -5.16 -32.61 -20.61
C GLY G 172 -4.58 -33.36 -21.82
N THR G 173 -3.91 -32.64 -22.73
CA THR G 173 -3.25 -33.17 -23.92
C THR G 173 -1.82 -33.68 -23.59
N ASP G 174 -1.14 -34.31 -24.55
CA ASP G 174 0.22 -34.81 -24.40
C ASP G 174 1.22 -33.75 -23.91
N ARG G 175 0.94 -32.51 -24.17
CA ARG G 175 1.78 -31.52 -23.65
C ARG G 175 1.77 -31.51 -22.17
N LEU G 176 0.68 -31.92 -21.54
CA LEU G 176 0.61 -31.87 -20.09
C LEU G 176 1.70 -32.71 -19.56
N ASP G 177 1.84 -33.92 -20.07
CA ASP G 177 2.89 -34.75 -19.59
C ASP G 177 4.26 -34.20 -19.84
N ALA G 178 4.47 -33.52 -20.92
CA ALA G 178 5.74 -32.86 -21.06
C ALA G 178 5.94 -31.87 -19.96
N VAL G 179 4.93 -31.17 -19.49
CA VAL G 179 5.17 -30.30 -18.37
C VAL G 179 5.39 -31.08 -17.08
N ILE G 180 4.57 -32.07 -16.84
CA ILE G 180 4.67 -32.83 -15.60
C ILE G 180 6.01 -33.50 -15.42
N LYS G 181 6.61 -34.04 -16.47
CA LYS G 181 7.89 -34.73 -16.34
C LYS G 181 9.03 -33.85 -15.91
N ARG G 182 8.77 -32.57 -15.81
CA ARG G 182 9.78 -31.64 -15.35
C ARG G 182 9.87 -31.67 -13.85
N ASP G 183 8.95 -32.34 -13.17
CA ASP G 183 9.01 -32.38 -11.71
C ASP G 183 8.67 -33.72 -11.14
N GLU G 184 9.62 -34.42 -10.59
CA GLU G 184 9.31 -35.65 -9.95
C GLU G 184 8.25 -35.58 -8.93
N GLN G 185 8.15 -34.53 -8.14
CA GLN G 185 7.23 -34.56 -7.04
C GLN G 185 5.84 -34.68 -7.48
N VAL G 186 5.48 -34.07 -8.59
CA VAL G 186 4.16 -34.15 -9.16
C VAL G 186 3.93 -35.35 -9.96
N LEU G 187 4.86 -35.74 -10.78
CA LEU G 187 4.64 -36.87 -11.62
C LEU G 187 4.20 -38.04 -10.84
N GLU G 188 4.82 -38.31 -9.71
CA GLU G 188 4.50 -39.40 -8.82
C GLU G 188 3.21 -39.39 -8.08
N ARG G 189 2.64 -38.25 -7.74
CA ARG G 189 1.35 -38.30 -7.09
C ARG G 189 0.33 -38.65 -8.16
N PHE G 190 0.57 -38.21 -9.39
CA PHE G 190 -0.42 -38.32 -10.46
C PHE G 190 -0.06 -39.32 -11.54
N ARG G 191 0.73 -40.32 -11.17
CA ARG G 191 1.15 -41.36 -12.08
C ARG G 191 0.12 -42.21 -12.82
N ALA G 192 -0.97 -42.60 -12.16
CA ALA G 192 -2.06 -43.31 -12.81
C ALA G 192 -2.83 -42.49 -13.79
N HIS G 193 -3.28 -43.07 -14.88
CA HIS G 193 -3.96 -42.28 -15.90
C HIS G 193 -4.91 -43.11 -16.72
N LEU G 194 -5.87 -42.45 -17.36
CA LEU G 194 -6.70 -43.12 -18.36
C LEU G 194 -6.51 -42.38 -19.66
N ARG G 195 -6.43 -43.08 -20.77
CA ARG G 195 -6.26 -42.45 -22.08
C ARG G 195 -7.43 -42.56 -23.04
N PHE G 196 -7.85 -41.44 -23.60
CA PHE G 196 -8.85 -41.39 -24.67
C PHE G 196 -8.18 -41.65 -26.00
N GLY G 197 -8.82 -42.42 -26.87
CA GLY G 197 -8.28 -42.62 -28.20
C GLY G 197 -9.16 -42.14 -29.33
N LYS G 198 -8.83 -42.60 -30.54
CA LYS G 198 -9.61 -42.25 -31.72
C LYS G 198 -10.50 -43.40 -32.14
N LEU G 199 -11.53 -43.07 -32.94
CA LEU G 199 -12.46 -44.06 -33.50
C LEU G 199 -11.90 -44.82 -34.68
N SER G 200 -12.25 -46.09 -34.79
CA SER G 200 -11.88 -46.85 -35.96
C SER G 200 -12.76 -48.05 -36.24
N GLY G 201 -12.59 -48.65 -37.40
CA GLY G 201 -13.26 -49.88 -37.72
C GLY G 201 -14.72 -49.89 -37.46
N GLU G 202 -15.21 -50.91 -36.76
CA GLU G 202 -16.60 -51.01 -36.38
C GLU G 202 -17.08 -49.92 -35.46
N ASP G 203 -16.19 -49.38 -34.65
CA ASP G 203 -16.56 -48.36 -33.71
C ASP G 203 -16.84 -47.02 -34.33
N PHE G 204 -16.02 -46.64 -35.28
CA PHE G 204 -16.31 -45.49 -36.06
C PHE G 204 -17.59 -45.67 -36.88
N LYS G 205 -17.73 -46.77 -37.60
CA LYS G 205 -19.01 -47.06 -38.26
C LYS G 205 -20.29 -47.09 -37.46
N ASN G 206 -20.29 -47.72 -36.32
CA ASN G 206 -21.46 -47.77 -35.39
C ASN G 206 -21.78 -46.36 -34.90
N THR G 207 -20.75 -45.54 -34.63
CA THR G 207 -20.93 -44.17 -34.12
C THR G 207 -21.69 -43.32 -35.15
N VAL G 208 -21.26 -43.48 -36.39
CA VAL G 208 -21.75 -42.73 -37.48
C VAL G 208 -23.19 -43.07 -37.49
N GLU G 209 -23.51 -44.35 -37.48
CA GLU G 209 -24.90 -44.74 -37.51
C GLU G 209 -25.64 -44.22 -36.31
N MET G 210 -25.05 -44.24 -35.12
CA MET G 210 -25.77 -43.69 -33.99
C MET G 210 -26.11 -42.26 -34.27
N TRP G 211 -25.19 -41.49 -34.85
CA TRP G 211 -25.34 -40.07 -35.00
C TRP G 211 -26.37 -39.75 -35.97
N GLU G 212 -26.54 -40.61 -36.94
CA GLU G 212 -27.56 -40.42 -37.90
C GLU G 212 -28.96 -40.59 -37.32
N GLN G 213 -29.15 -41.62 -36.50
CA GLN G 213 -30.48 -41.92 -35.97
C GLN G 213 -30.75 -41.16 -34.73
N MET G 214 -29.71 -40.89 -33.94
CA MET G 214 -29.91 -40.20 -32.68
C MET G 214 -29.76 -38.68 -32.74
N VAL G 215 -28.92 -38.15 -33.64
CA VAL G 215 -28.74 -36.70 -33.75
C VAL G 215 -29.30 -35.98 -34.98
N LEU G 216 -29.07 -36.52 -36.17
CA LEU G 216 -29.54 -35.85 -37.39
C LEU G 216 -31.04 -35.95 -37.67
N LYS G 217 -31.54 -37.18 -37.70
CA LYS G 217 -32.96 -37.46 -37.90
C LYS G 217 -33.64 -36.85 -39.13
N LEU G 218 -33.04 -36.95 -40.29
CA LEU G 218 -33.72 -36.43 -41.42
C LEU G 218 -34.66 -37.51 -41.89
N PRO G 219 -35.74 -37.14 -42.54
CA PRO G 219 -36.74 -38.15 -42.88
C PRO G 219 -36.24 -39.23 -43.83
N VAL G 220 -35.44 -38.79 -44.76
CA VAL G 220 -34.95 -39.61 -45.80
C VAL G 220 -34.13 -40.82 -45.45
N SER G 221 -33.31 -40.73 -44.42
CA SER G 221 -32.33 -41.77 -43.95
C SER G 221 -31.21 -41.85 -44.95
N SER G 222 -30.10 -41.24 -44.61
CA SER G 222 -29.00 -41.13 -45.53
C SER G 222 -28.01 -42.26 -45.69
N ASN G 223 -28.16 -43.34 -44.96
CA ASN G 223 -27.27 -44.52 -45.13
C ASN G 223 -25.80 -44.28 -45.10
N LEU G 224 -25.38 -43.44 -44.19
CA LEU G 224 -24.00 -43.13 -44.11
C LEU G 224 -23.13 -44.36 -43.88
N LYS G 225 -23.66 -45.39 -43.26
CA LYS G 225 -22.77 -46.50 -42.96
C LYS G 225 -22.41 -47.25 -44.20
N SER G 226 -22.91 -46.80 -45.34
CA SER G 226 -22.57 -47.40 -46.62
C SER G 226 -21.17 -47.10 -47.00
N LYS G 227 -20.54 -47.96 -47.77
CA LYS G 227 -19.14 -47.79 -48.05
C LYS G 227 -18.80 -46.48 -48.74
N GLU G 228 -19.65 -46.08 -49.66
CA GLU G 228 -19.44 -44.85 -50.42
C GLU G 228 -19.44 -43.57 -49.61
N MET G 229 -20.09 -43.61 -48.46
CA MET G 229 -20.13 -42.47 -47.56
C MET G 229 -19.11 -42.57 -46.48
N LEU G 230 -18.80 -43.76 -46.03
CA LEU G 230 -17.82 -43.85 -44.99
C LEU G 230 -16.50 -43.43 -45.50
N ARG G 231 -16.17 -43.70 -46.76
CA ARG G 231 -14.91 -43.19 -47.26
C ARG G 231 -14.82 -41.71 -47.18
N ILE G 232 -15.92 -41.02 -47.39
CA ILE G 232 -15.87 -39.58 -47.33
C ILE G 232 -15.61 -39.14 -45.93
N LEU G 233 -16.38 -39.63 -44.98
CA LEU G 233 -16.23 -39.30 -43.57
C LEU G 233 -14.94 -39.71 -42.95
N THR G 234 -14.43 -40.88 -43.33
CA THR G 234 -13.19 -41.32 -42.75
C THR G 234 -12.07 -40.39 -43.10
N SER G 235 -11.96 -40.04 -44.37
CA SER G 235 -10.92 -39.13 -44.77
C SER G 235 -11.14 -37.77 -44.12
N ALA G 236 -12.39 -37.31 -44.12
CA ALA G 236 -12.69 -36.04 -43.51
C ALA G 236 -12.46 -35.92 -42.01
N THR G 237 -12.73 -36.98 -41.25
CA THR G 237 -12.70 -36.90 -39.79
C THR G 237 -11.53 -37.52 -39.04
N GLU G 238 -10.85 -38.46 -39.68
CA GLU G 238 -9.70 -39.19 -39.12
C GLU G 238 -9.95 -39.78 -37.73
N GLY G 239 -11.18 -40.17 -37.46
CA GLY G 239 -11.57 -40.72 -36.18
C GLY G 239 -11.81 -39.82 -34.98
N TYR G 240 -11.89 -38.52 -35.16
CA TYR G 240 -12.05 -37.67 -34.00
C TYR G 240 -13.54 -37.48 -33.87
N ILE G 241 -14.09 -37.62 -32.69
CA ILE G 241 -15.50 -37.41 -32.52
C ILE G 241 -15.85 -35.99 -32.77
N GLY G 242 -14.99 -35.06 -32.47
CA GLY G 242 -15.16 -33.62 -32.75
C GLY G 242 -15.42 -33.34 -34.22
N ARG G 243 -14.57 -33.80 -35.08
CA ARG G 243 -14.81 -33.52 -36.46
C ARG G 243 -16.02 -34.20 -36.93
N LEU G 244 -16.29 -35.42 -36.53
CA LEU G 244 -17.47 -36.09 -37.00
C LEU G 244 -18.69 -35.34 -36.69
N ASP G 245 -18.85 -34.82 -35.50
CA ASP G 245 -20.00 -34.04 -35.22
C ASP G 245 -20.06 -32.80 -36.03
N GLU G 246 -19.01 -32.02 -36.13
CA GLU G 246 -19.08 -30.77 -36.87
C GLU G 246 -19.43 -30.98 -38.27
N ILE G 247 -18.79 -31.94 -38.89
CA ILE G 247 -19.08 -32.20 -40.27
C ILE G 247 -20.47 -32.65 -40.53
N LEU G 248 -21.06 -33.58 -39.81
CA LEU G 248 -22.42 -33.96 -40.15
C LEU G 248 -23.41 -32.90 -39.84
N ARG G 249 -23.22 -32.12 -38.82
CA ARG G 249 -24.14 -31.04 -38.61
C ARG G 249 -24.05 -29.97 -39.67
N GLU G 250 -22.86 -29.62 -40.15
CA GLU G 250 -22.74 -28.58 -41.18
C GLU G 250 -23.41 -29.15 -42.43
N ALA G 251 -23.18 -30.42 -42.76
CA ALA G 251 -23.85 -31.06 -43.88
C ALA G 251 -25.36 -31.18 -43.79
N ALA G 252 -25.97 -31.59 -42.68
CA ALA G 252 -27.44 -31.50 -42.64
C ALA G 252 -27.96 -30.07 -42.69
N ILE G 253 -27.34 -29.11 -42.02
CA ILE G 253 -27.91 -27.76 -42.08
C ILE G 253 -27.85 -27.23 -43.50
N ARG G 254 -26.73 -27.36 -44.19
CA ARG G 254 -26.60 -26.76 -45.53
C ARG G 254 -27.61 -27.40 -46.39
N SER G 255 -27.69 -28.69 -46.27
CA SER G 255 -28.59 -29.54 -47.08
C SER G 255 -30.05 -29.15 -46.89
N LEU G 256 -30.49 -28.96 -45.68
CA LEU G 256 -31.87 -28.52 -45.53
C LEU G 256 -32.20 -27.18 -46.12
N SER G 257 -31.24 -26.29 -46.12
CA SER G 257 -31.57 -24.96 -46.55
C SER G 257 -31.93 -24.98 -48.05
N ARG G 258 -31.50 -26.07 -48.70
CA ARG G 258 -31.69 -26.29 -50.14
C ARG G 258 -32.84 -27.23 -50.43
N GLY G 259 -33.58 -27.61 -49.40
CA GLY G 259 -34.80 -28.37 -49.60
C GLY G 259 -34.62 -29.87 -49.75
N LEU G 260 -33.49 -30.40 -49.33
CA LEU G 260 -33.25 -31.83 -49.43
C LEU G 260 -33.51 -32.49 -48.08
N LYS G 261 -33.97 -33.74 -48.12
CA LYS G 261 -34.26 -34.50 -46.91
C LYS G 261 -33.28 -35.61 -46.56
N LYS G 262 -32.16 -35.66 -47.27
CA LYS G 262 -31.09 -36.59 -46.93
C LYS G 262 -29.72 -36.03 -47.28
N ILE G 263 -28.67 -36.59 -46.69
CA ILE G 263 -27.29 -36.23 -47.04
C ILE G 263 -26.76 -37.13 -48.16
N ASP G 264 -26.52 -36.54 -49.33
CA ASP G 264 -25.96 -37.26 -50.46
C ASP G 264 -24.47 -37.17 -50.50
N LYS G 265 -23.85 -37.92 -51.42
CA LYS G 265 -22.44 -37.77 -51.77
C LYS G 265 -21.87 -36.40 -52.13
N ALA G 266 -22.44 -35.66 -53.06
CA ALA G 266 -21.81 -34.41 -53.41
C ALA G 266 -21.88 -33.36 -52.30
N VAL G 267 -22.98 -33.27 -51.56
CA VAL G 267 -23.13 -32.14 -50.60
C VAL G 267 -22.14 -32.37 -49.44
N LEU G 268 -21.94 -33.64 -49.07
CA LEU G 268 -21.02 -34.00 -47.97
C LEU G 268 -19.58 -33.70 -48.41
N GLN G 269 -19.26 -34.00 -49.67
CA GLN G 269 -17.91 -33.72 -50.22
C GLN G 269 -17.70 -32.20 -50.28
N GLU G 270 -18.74 -31.46 -50.64
CA GLU G 270 -18.71 -29.98 -50.68
C GLU G 270 -18.27 -29.47 -49.30
N VAL G 271 -18.84 -30.02 -48.22
CA VAL G 271 -18.45 -29.61 -46.83
C VAL G 271 -17.04 -30.13 -46.52
N ALA G 272 -16.79 -31.42 -46.75
CA ALA G 272 -15.51 -32.03 -46.34
C ALA G 272 -14.34 -31.29 -46.99
N LYS G 273 -14.51 -30.85 -48.25
CA LYS G 273 -13.43 -30.17 -49.01
C LYS G 273 -12.97 -28.90 -48.28
N GLU G 274 -13.82 -28.34 -47.42
CA GLU G 274 -13.52 -27.05 -46.74
C GLU G 274 -12.66 -27.30 -45.50
N TYR G 275 -12.39 -28.57 -45.19
CA TYR G 275 -11.64 -28.93 -43.97
C TYR G 275 -10.33 -29.63 -44.35
N ILE H 1 -32.00 -44.83 -26.83
CA ILE H 1 -31.42 -44.51 -25.53
C ILE H 1 -31.65 -43.02 -25.29
N GLU H 2 -31.56 -42.61 -24.05
CA GLU H 2 -31.68 -41.21 -23.79
C GLU H 2 -30.46 -40.47 -24.25
N VAL H 3 -30.67 -39.33 -24.86
CA VAL H 3 -29.60 -38.47 -25.29
C VAL H 3 -29.94 -37.16 -24.64
N TRP H 4 -29.01 -36.39 -24.11
CA TRP H 4 -29.45 -35.16 -23.44
C TRP H 4 -29.21 -33.88 -24.15
N ASP H 5 -30.17 -32.98 -24.08
CA ASP H 5 -29.87 -31.64 -24.51
C ASP H 5 -28.92 -31.00 -23.54
N TYR H 6 -27.90 -30.40 -24.08
CA TYR H 6 -26.91 -29.70 -23.33
C TYR H 6 -27.31 -28.50 -22.57
N GLU H 7 -28.34 -27.81 -22.98
CA GLU H 7 -28.74 -26.64 -22.23
C GLU H 7 -29.71 -27.06 -21.14
N GLN H 8 -30.46 -28.12 -21.40
CA GLN H 8 -31.30 -28.70 -20.36
C GLN H 8 -30.54 -29.22 -19.14
N LEU H 9 -29.39 -29.81 -19.35
CA LEU H 9 -28.64 -30.36 -18.23
C LEU H 9 -28.25 -29.17 -17.35
N ARG H 10 -28.00 -28.06 -18.00
CA ARG H 10 -27.60 -26.85 -17.35
C ARG H 10 -28.73 -26.34 -16.51
N GLU H 11 -29.90 -26.22 -17.10
CA GLU H 11 -31.10 -25.74 -16.41
C GLU H 11 -31.50 -26.57 -15.20
N GLU H 12 -31.34 -27.88 -15.31
CA GLU H 12 -31.63 -28.76 -14.20
C GLU H 12 -30.53 -28.82 -13.14
N TYR H 13 -29.43 -28.08 -13.32
CA TYR H 13 -28.37 -28.14 -12.30
C TYR H 13 -28.59 -27.53 -10.93
N GLY H 14 -27.95 -28.14 -9.95
CA GLY H 14 -28.05 -27.75 -8.56
C GLY H 14 -27.54 -26.33 -8.41
N GLU I 19 -21.89 -55.55 7.73
CA GLU I 19 -21.41 -56.31 6.60
C GLU I 19 -19.90 -56.53 6.72
N TRP I 20 -19.50 -57.80 6.73
CA TRP I 20 -18.08 -58.18 6.85
C TRP I 20 -17.25 -57.51 5.80
N LEU I 21 -17.70 -57.52 4.57
CA LEU I 21 -16.94 -56.93 3.50
C LEU I 21 -16.74 -55.46 3.74
N GLN I 22 -17.74 -54.70 4.16
CA GLN I 22 -17.54 -53.28 4.40
C GLN I 22 -16.49 -52.96 5.47
N ALA I 23 -16.40 -53.80 6.50
CA ALA I 23 -15.41 -53.58 7.54
C ALA I 23 -14.02 -53.59 6.99
N GLU I 24 -13.79 -54.57 6.11
CA GLU I 24 -12.56 -54.82 5.39
C GLU I 24 -12.21 -53.84 4.37
N ILE I 25 -13.17 -53.32 3.64
CA ILE I 25 -12.84 -52.28 2.72
C ILE I 25 -12.35 -51.02 3.42
N ALA I 26 -12.99 -50.60 4.50
CA ALA I 26 -12.58 -49.44 5.26
C ALA I 26 -11.18 -49.62 5.81
N ARG I 27 -10.80 -50.81 6.24
CA ARG I 27 -9.46 -51.03 6.74
C ARG I 27 -8.42 -50.81 5.68
N LEU I 28 -8.66 -51.35 4.52
CA LEU I 28 -7.69 -51.35 3.44
C LEU I 28 -7.60 -49.94 2.95
N LYS I 29 -8.65 -49.19 3.09
CA LYS I 29 -8.63 -47.85 2.54
C LYS I 29 -7.69 -46.96 3.36
N GLY I 30 -7.28 -47.39 4.55
CA GLY I 30 -6.51 -46.54 5.45
C GLY I 30 -5.01 -46.50 5.41
N LYS I 31 -4.35 -46.05 6.48
CA LYS I 31 -2.89 -45.95 6.46
C LYS I 31 -2.25 -46.56 7.68
N SER I 32 -1.03 -47.06 7.52
CA SER I 32 -0.29 -47.64 8.62
C SER I 32 1.21 -47.52 8.43
N ILE I 33 1.98 -47.72 9.50
CA ILE I 33 3.43 -47.67 9.43
C ILE I 33 4.03 -49.03 9.77
N VAL I 34 4.79 -49.59 8.83
CA VAL I 34 5.42 -50.87 9.03
C VAL I 34 6.89 -50.72 9.32
N PRO I 35 7.37 -51.30 10.42
CA PRO I 35 8.81 -51.22 10.68
C PRO I 35 9.57 -51.82 9.51
N LEU I 36 10.55 -51.10 9.01
CA LEU I 36 11.37 -51.58 7.91
C LEU I 36 12.80 -51.17 8.19
N GLN I 37 13.75 -51.78 7.50
CA GLN I 37 15.15 -51.48 7.74
C GLN I 37 15.55 -50.03 7.51
N GLN I 38 14.92 -49.39 6.53
CA GLN I 38 15.26 -48.06 6.16
C GLN I 38 14.86 -47.22 7.27
N VAL I 39 13.70 -47.55 7.86
CA VAL I 39 13.14 -46.73 8.91
C VAL I 39 13.93 -46.85 10.18
N LYS I 40 14.26 -48.05 10.58
CA LYS I 40 15.09 -48.21 11.76
C LYS I 40 16.42 -47.53 11.60
N THR I 41 17.05 -47.64 10.44
CA THR I 41 18.36 -47.02 10.24
C THR I 41 18.32 -45.55 10.54
N LEU I 42 17.33 -44.86 10.02
CA LEU I 42 17.21 -43.43 10.22
C LEU I 42 17.03 -43.13 11.68
N HIS I 43 16.18 -43.87 12.37
CA HIS I 43 15.90 -43.52 13.74
C HIS I 43 17.15 -43.53 14.59
N ASP I 44 18.00 -44.51 14.39
CA ASP I 44 19.27 -44.55 15.10
C ASP I 44 20.25 -43.46 14.69
N TRP I 45 20.30 -43.16 13.40
CA TRP I 45 21.15 -42.09 12.90
C TRP I 45 20.79 -40.74 13.46
N LEU I 46 19.50 -40.41 13.48
CA LEU I 46 19.06 -39.17 14.02
C LEU I 46 19.39 -39.13 15.44
N ASP I 47 19.28 -40.21 16.19
CA ASP I 47 19.56 -40.13 17.60
C ASP I 47 20.96 -39.80 17.86
N GLY I 48 21.85 -40.27 17.02
CA GLY I 48 23.23 -39.94 17.18
C GLY I 48 23.27 -38.44 17.07
N LYS I 49 22.71 -37.91 16.00
CA LYS I 49 22.75 -36.53 15.78
C LYS I 49 22.07 -35.76 16.81
N ARG I 50 21.02 -36.24 17.40
CA ARG I 50 20.41 -35.48 18.46
C ARG I 50 21.19 -35.25 19.66
N LYS I 51 21.92 -36.21 20.16
CA LYS I 51 22.71 -36.01 21.37
C LYS I 51 23.95 -35.25 21.05
N ALA I 52 24.45 -35.37 19.85
CA ALA I 52 25.69 -34.78 19.47
C ALA I 52 25.37 -33.36 19.19
N ARG I 53 24.09 -33.04 19.07
CA ARG I 53 23.61 -31.76 18.65
C ARG I 53 24.16 -31.33 17.32
N LYS I 54 24.16 -32.14 16.29
CA LYS I 54 24.72 -31.70 15.02
C LYS I 54 23.66 -31.67 13.93
N SER I 55 23.66 -30.71 12.99
CA SER I 55 22.71 -30.58 11.90
C SER I 55 23.16 -31.53 10.77
N CYS I 56 22.21 -31.87 9.91
CA CYS I 56 22.44 -32.80 8.82
C CYS I 56 21.30 -32.74 7.85
N ARG I 57 21.35 -33.50 6.77
CA ARG I 57 20.19 -33.57 5.90
C ARG I 57 19.87 -34.98 5.48
N VAL I 58 18.63 -35.23 5.07
CA VAL I 58 18.24 -36.55 4.58
C VAL I 58 17.81 -36.44 3.14
N VAL I 59 18.36 -37.26 2.26
CA VAL I 59 18.09 -37.11 0.84
C VAL I 59 17.62 -38.42 0.30
N GLY I 60 16.90 -38.39 -0.81
CA GLY I 60 16.52 -39.59 -1.52
C GLY I 60 15.40 -39.29 -2.48
N GLU I 61 15.04 -40.27 -3.30
CA GLU I 61 14.03 -40.10 -4.34
C GLU I 61 12.63 -39.91 -3.76
N SER I 62 11.74 -39.32 -4.52
CA SER I 62 10.46 -38.93 -3.97
C SER I 62 9.47 -39.97 -3.45
N ARG I 63 9.62 -41.23 -3.82
CA ARG I 63 8.75 -42.25 -3.25
C ARG I 63 9.37 -43.22 -2.28
N THR I 64 10.52 -42.89 -1.70
CA THR I 64 11.16 -43.74 -0.73
C THR I 64 10.61 -43.70 0.68
N GLY I 65 9.75 -42.74 1.00
CA GLY I 65 9.00 -42.80 2.25
C GLY I 65 9.67 -42.05 3.36
N LYS I 66 10.49 -41.08 2.97
CA LYS I 66 11.19 -40.15 3.85
C LYS I 66 10.28 -39.46 4.83
N THR I 67 9.20 -38.86 4.37
CA THR I 67 8.29 -38.13 5.24
C THR I 67 7.72 -39.00 6.35
N VAL I 68 7.31 -40.20 6.00
CA VAL I 68 6.79 -41.18 6.95
C VAL I 68 7.76 -41.66 8.01
N ALA I 69 9.00 -41.96 7.66
CA ALA I 69 10.00 -42.33 8.66
C ALA I 69 10.23 -41.25 9.73
N CYS I 70 10.18 -40.00 9.30
CA CYS I 70 10.34 -38.76 10.11
C CYS I 70 9.19 -38.62 11.11
N ASP I 71 7.96 -38.88 10.66
CA ASP I 71 6.78 -38.89 11.58
C ASP I 71 6.89 -40.06 12.56
N ALA I 72 7.32 -41.21 12.09
CA ALA I 72 7.44 -42.36 12.92
C ALA I 72 8.40 -41.97 14.00
N TYR I 73 9.45 -41.24 13.65
CA TYR I 73 10.37 -40.78 14.67
C TYR I 73 9.77 -39.79 15.64
N ARG I 74 9.09 -38.77 15.13
CA ARG I 74 8.53 -37.77 16.01
C ARG I 74 7.72 -38.41 17.11
N TYR I 75 6.90 -39.38 16.74
CA TYR I 75 5.95 -39.99 17.65
C TYR I 75 6.57 -40.84 18.74
N ARG I 76 7.84 -41.12 18.67
CA ARG I 76 8.42 -41.96 19.69
C ARG I 76 8.88 -41.09 20.85
N HIS I 77 8.74 -39.77 20.74
CA HIS I 77 9.24 -38.85 21.75
C HIS I 77 8.19 -37.82 22.15
N LYS I 78 7.24 -38.25 22.97
CA LYS I 78 6.10 -37.40 23.26
C LYS I 78 6.47 -36.24 24.13
N PRO I 79 5.90 -35.06 23.84
CA PRO I 79 6.14 -33.84 24.60
C PRO I 79 5.84 -34.10 26.05
N GLN I 80 6.55 -33.52 27.00
CA GLN I 80 6.14 -33.73 28.38
C GLN I 80 5.52 -32.53 29.06
N GLN I 81 4.68 -32.75 30.06
CA GLN I 81 3.99 -31.62 30.70
C GLN I 81 3.82 -31.65 32.20
N GLU I 82 4.25 -30.54 32.81
CA GLU I 82 4.18 -30.32 34.26
C GLU I 82 2.94 -29.49 34.55
N ALA I 83 2.68 -29.20 35.81
CA ALA I 83 1.53 -28.36 36.11
C ALA I 83 1.60 -26.91 35.60
N GLY I 84 2.77 -26.29 35.57
CA GLY I 84 2.81 -24.91 35.21
C GLY I 84 3.38 -24.49 33.87
N ARG I 85 4.67 -24.68 33.70
CA ARG I 85 5.43 -24.27 32.53
C ARG I 85 5.06 -24.98 31.25
N PRO I 86 5.41 -24.38 30.10
CA PRO I 86 5.23 -24.88 28.74
C PRO I 86 5.74 -26.29 28.60
N PRO I 87 5.23 -27.05 27.62
CA PRO I 87 5.57 -28.40 27.28
C PRO I 87 7.01 -28.50 27.04
N THR I 88 7.66 -29.61 27.34
CA THR I 88 9.03 -29.76 26.98
C THR I 88 8.92 -30.48 25.68
N VAL I 89 9.59 -30.01 24.63
CA VAL I 89 9.40 -30.59 23.30
C VAL I 89 10.71 -30.87 22.61
N PRO I 90 11.30 -32.01 22.90
CA PRO I 90 12.57 -32.41 22.29
C PRO I 90 12.63 -32.32 20.77
N VAL I 91 11.59 -32.70 20.03
CA VAL I 91 11.66 -32.64 18.56
C VAL I 91 10.55 -31.80 17.93
N VAL I 92 10.89 -30.85 17.08
CA VAL I 92 9.89 -30.05 16.38
C VAL I 92 9.87 -30.38 14.90
N TYR I 93 8.72 -30.70 14.33
CA TYR I 93 8.64 -31.07 12.93
C TYR I 93 7.73 -30.12 12.19
N ILE I 94 8.22 -29.47 11.14
CA ILE I 94 7.39 -28.52 10.38
C ILE I 94 7.44 -28.76 8.88
N ARG I 95 6.46 -28.30 8.13
CA ARG I 95 6.55 -28.37 6.68
C ARG I 95 6.15 -27.02 6.13
N PRO I 96 7.07 -26.35 5.41
CA PRO I 96 6.83 -25.01 4.89
C PRO I 96 5.89 -24.99 3.70
N HIS I 97 5.26 -23.83 3.46
CA HIS I 97 4.47 -23.57 2.22
C HIS I 97 5.42 -23.11 1.12
N GLN I 98 4.89 -22.93 -0.10
CA GLN I 98 5.75 -22.53 -1.25
C GLN I 98 6.21 -21.09 -1.12
N LYS I 99 7.46 -20.81 -1.54
CA LYS I 99 8.07 -19.47 -1.42
C LYS I 99 7.92 -19.01 0.03
N CYS I 100 8.38 -19.85 0.96
CA CYS I 100 8.34 -19.59 2.42
C CYS I 100 9.26 -18.42 2.79
N GLY I 101 8.78 -17.38 3.44
CA GLY I 101 9.68 -16.31 3.79
C GLY I 101 10.09 -16.41 5.22
N PRO I 102 10.86 -15.47 5.72
CA PRO I 102 11.33 -15.40 7.08
C PRO I 102 10.26 -15.28 8.05
N LYS I 103 9.09 -14.77 7.72
CA LYS I 103 8.07 -14.68 8.73
C LYS I 103 7.29 -15.91 8.84
N ASP I 104 7.29 -16.70 7.76
CA ASP I 104 6.53 -17.95 7.63
C ASP I 104 7.05 -19.15 8.32
N LEU I 105 8.37 -19.21 8.35
CA LEU I 105 9.17 -20.04 9.21
C LEU I 105 9.08 -19.81 10.66
N PHE I 106 9.09 -18.59 11.13
CA PHE I 106 8.94 -18.36 12.54
C PHE I 106 7.51 -18.62 12.92
N LYS I 107 6.55 -18.20 12.10
CA LYS I 107 5.18 -18.35 12.45
C LYS I 107 4.96 -19.83 12.67
N LYS I 108 5.40 -20.72 11.78
CA LYS I 108 5.05 -22.16 11.96
C LYS I 108 5.75 -22.72 13.20
N ILE I 109 7.00 -22.31 13.48
CA ILE I 109 7.72 -22.84 14.68
C ILE I 109 6.95 -22.49 15.95
N THR I 110 6.49 -21.24 16.00
CA THR I 110 5.72 -20.67 17.15
C THR I 110 4.39 -21.41 17.32
N GLU I 111 3.67 -21.69 16.22
CA GLU I 111 2.36 -22.38 16.30
C GLU I 111 2.58 -23.84 16.74
N TYR I 112 3.64 -24.42 16.21
CA TYR I 112 3.91 -25.76 16.51
C TYR I 112 3.99 -25.87 18.00
N LEU I 113 4.67 -24.98 18.67
CA LEU I 113 4.75 -25.10 20.12
C LEU I 113 3.58 -24.59 20.90
N LYS I 114 2.51 -24.31 20.19
CA LYS I 114 1.24 -23.80 20.69
C LYS I 114 1.20 -22.44 21.31
N TYR I 115 1.90 -21.49 20.71
CA TYR I 115 1.76 -20.10 21.09
C TYR I 115 0.97 -19.41 19.99
N ARG I 116 0.19 -18.40 20.32
CA ARG I 116 -0.46 -17.62 19.27
C ARG I 116 0.38 -16.49 18.73
N VAL I 117 0.45 -16.39 17.42
CA VAL I 117 1.17 -15.33 16.77
C VAL I 117 0.34 -14.08 16.53
N THR I 118 0.84 -12.92 16.92
CA THR I 118 0.06 -11.69 16.75
C THR I 118 0.78 -10.74 15.80
N LYS I 119 0.12 -9.67 15.40
CA LYS I 119 0.74 -8.66 14.55
C LYS I 119 1.99 -7.97 15.10
N GLY I 120 3.03 -7.86 14.27
CA GLY I 120 4.30 -7.22 14.62
C GLY I 120 5.18 -7.13 13.38
N THR I 121 6.48 -6.90 13.53
CA THR I 121 7.37 -6.83 12.35
C THR I 121 8.36 -8.02 12.39
N VAL I 122 9.31 -8.10 11.43
CA VAL I 122 10.23 -9.24 11.37
C VAL I 122 11.06 -9.42 12.56
N SER I 123 11.59 -8.36 13.11
CA SER I 123 12.38 -8.53 14.29
C SER I 123 11.57 -9.05 15.41
N ASP I 124 10.26 -8.86 15.39
CA ASP I 124 9.55 -9.39 16.53
C ASP I 124 9.33 -10.85 16.38
N PHE I 125 9.04 -11.34 15.18
CA PHE I 125 8.86 -12.78 15.13
C PHE I 125 10.15 -13.49 15.54
N ARG I 126 11.29 -12.95 15.14
CA ARG I 126 12.59 -13.51 15.47
C ARG I 126 12.88 -13.49 16.94
N ASP I 127 12.66 -12.41 17.63
CA ASP I 127 13.00 -12.36 19.03
C ASP I 127 12.12 -13.33 19.78
N ARG I 128 10.84 -13.40 19.41
CA ARG I 128 9.85 -14.31 20.01
C ARG I 128 10.08 -15.76 19.75
N THR I 129 10.54 -16.09 18.54
CA THR I 129 10.96 -17.46 18.22
C THR I 129 12.09 -17.90 19.07
N ILE I 130 13.14 -17.12 19.25
CA ILE I 130 14.18 -17.51 20.12
C ILE I 130 13.66 -17.65 21.56
N GLU I 131 12.84 -16.75 22.12
CA GLU I 131 12.28 -17.06 23.43
C GLU I 131 11.48 -18.37 23.53
N VAL I 132 10.68 -18.79 22.53
CA VAL I 132 9.92 -20.02 22.80
C VAL I 132 10.80 -21.25 22.59
N LEU I 133 11.85 -21.12 21.76
CA LEU I 133 12.82 -22.20 21.56
C LEU I 133 13.64 -22.40 22.84
N LYS I 134 13.89 -21.33 23.59
CA LYS I 134 14.47 -21.42 24.93
C LYS I 134 13.36 -21.80 25.92
N GLY I 135 13.79 -22.27 27.09
CA GLY I 135 12.91 -22.55 28.19
C GLY I 135 12.28 -23.89 27.89
N CYS I 136 11.54 -23.93 26.80
CA CYS I 136 10.99 -25.16 26.31
C CYS I 136 12.18 -25.96 25.80
N GLY I 137 12.44 -27.15 26.31
CA GLY I 137 13.62 -27.85 25.86
C GLY I 137 13.31 -28.17 24.41
N VAL I 138 14.20 -27.83 23.51
CA VAL I 138 14.10 -28.24 22.12
C VAL I 138 15.52 -28.68 21.81
N GLU I 139 15.59 -29.87 21.22
CA GLU I 139 16.84 -30.47 20.80
C GLU I 139 16.99 -30.58 19.29
N MET I 140 15.90 -30.87 18.58
CA MET I 140 15.99 -31.02 17.13
C MET I 140 14.83 -30.38 16.36
N LEU I 141 15.16 -29.74 15.24
CA LEU I 141 14.16 -29.16 14.34
C LEU I 141 14.22 -29.93 13.00
N ILE I 142 13.11 -30.48 12.51
CA ILE I 142 13.15 -31.14 11.22
C ILE I 142 12.38 -30.40 10.17
N ILE I 143 13.00 -30.06 9.05
CA ILE I 143 12.30 -29.29 8.03
C ILE I 143 12.06 -30.16 6.82
N ASP I 144 10.82 -30.48 6.53
CA ASP I 144 10.47 -31.28 5.37
C ASP I 144 10.41 -30.41 4.16
N GLU I 145 10.52 -31.01 2.98
CA GLU I 145 10.55 -30.28 1.71
C GLU I 145 11.37 -29.02 1.84
N ALA I 146 12.62 -29.13 2.27
CA ALA I 146 13.38 -27.93 2.61
C ALA I 146 13.51 -26.95 1.49
N ASP I 147 13.50 -27.42 0.26
CA ASP I 147 13.59 -26.53 -0.89
C ASP I 147 12.38 -25.62 -1.18
N ARG I 148 11.35 -25.59 -0.32
CA ARG I 148 10.42 -24.56 -0.45
C ARG I 148 10.88 -23.26 0.18
N LEU I 149 11.98 -23.29 0.91
CA LEU I 149 12.51 -22.10 1.57
C LEU I 149 13.04 -21.16 0.53
N LYS I 150 12.78 -19.88 0.72
CA LYS I 150 13.35 -18.83 -0.08
C LYS I 150 14.77 -18.76 0.30
N PRO I 151 15.67 -18.41 -0.62
CA PRO I 151 17.09 -18.36 -0.34
C PRO I 151 17.52 -17.55 0.85
N GLU I 152 16.88 -16.46 1.19
CA GLU I 152 17.35 -15.72 2.33
C GLU I 152 17.04 -16.39 3.64
N THR I 153 16.09 -17.31 3.69
CA THR I 153 15.65 -17.78 5.01
C THR I 153 16.65 -18.66 5.61
N PHE I 154 17.57 -19.13 4.80
CA PHE I 154 18.59 -20.02 5.30
C PHE I 154 19.47 -19.28 6.28
N ALA I 155 19.49 -17.96 6.19
CA ALA I 155 20.25 -17.20 7.16
C ALA I 155 19.68 -17.42 8.54
N ASP I 156 18.37 -17.51 8.64
CA ASP I 156 17.72 -17.69 9.93
C ASP I 156 17.79 -19.12 10.43
N VAL I 157 17.77 -20.08 9.51
CA VAL I 157 18.02 -21.47 9.84
C VAL I 157 19.42 -21.73 10.36
N ARG I 158 20.45 -21.17 9.74
CA ARG I 158 21.82 -21.30 10.25
C ARG I 158 21.96 -20.62 11.59
N ASP I 159 21.39 -19.44 11.72
CA ASP I 159 21.51 -18.63 12.92
C ASP I 159 21.05 -19.39 14.15
N ILE I 160 19.89 -20.01 14.06
CA ILE I 160 19.34 -20.82 15.14
C ILE I 160 20.26 -21.99 15.44
N ALA I 161 20.69 -22.71 14.42
CA ALA I 161 21.47 -23.89 14.59
C ALA I 161 22.73 -23.48 15.29
N GLU I 162 23.31 -22.33 14.99
CA GLU I 162 24.61 -22.01 15.61
C GLU I 162 24.44 -21.43 17.02
N ASP I 163 23.40 -20.61 17.21
CA ASP I 163 23.16 -19.84 18.46
C ASP I 163 22.63 -20.75 19.58
N LEU I 164 21.70 -21.64 19.24
CA LEU I 164 21.04 -22.53 20.23
C LEU I 164 21.52 -23.97 20.02
N GLY I 165 21.60 -24.78 21.06
CA GLY I 165 22.07 -26.14 20.88
C GLY I 165 20.97 -26.97 20.27
N ILE I 166 20.59 -26.61 19.05
CA ILE I 166 19.52 -27.29 18.36
C ILE I 166 20.02 -27.86 17.05
N ALA I 167 19.79 -29.14 16.84
CA ALA I 167 20.20 -29.78 15.60
C ALA I 167 19.11 -29.47 14.63
N VAL I 168 19.45 -29.13 13.40
CA VAL I 168 18.47 -28.90 12.37
C VAL I 168 18.67 -29.94 11.30
N VAL I 169 17.60 -30.60 10.89
CA VAL I 169 17.67 -31.61 9.85
C VAL I 169 16.90 -31.16 8.63
N LEU I 170 17.52 -31.13 7.46
CA LEU I 170 16.83 -30.78 6.23
C LEU I 170 16.49 -32.04 5.44
N VAL I 171 15.23 -32.22 5.08
CA VAL I 171 14.80 -33.42 4.36
C VAL I 171 14.41 -33.07 2.95
N GLY I 172 14.88 -33.82 1.96
CA GLY I 172 14.40 -33.55 0.59
C GLY I 172 14.91 -34.42 -0.57
N THR I 173 14.49 -34.11 -1.80
CA THR I 173 14.90 -34.78 -3.03
C THR I 173 16.23 -34.21 -3.58
N ASP I 174 16.79 -34.81 -4.63
CA ASP I 174 18.02 -34.36 -5.27
C ASP I 174 18.00 -32.88 -5.69
N ARG I 175 16.82 -32.35 -5.93
CA ARG I 175 16.78 -30.98 -6.23
C ARG I 175 17.24 -30.16 -5.07
N LEU I 176 17.08 -30.64 -3.85
CA LEU I 176 17.47 -29.82 -2.69
C LEU I 176 18.92 -29.54 -2.82
N ASP I 177 19.72 -30.54 -3.10
CA ASP I 177 21.12 -30.29 -3.24
C ASP I 177 21.45 -29.37 -4.36
N ALA I 178 20.73 -29.41 -5.45
CA ALA I 178 20.96 -28.42 -6.45
C ALA I 178 20.71 -27.03 -5.89
N VAL I 179 19.73 -26.84 -5.02
CA VAL I 179 19.60 -25.52 -4.45
C VAL I 179 20.71 -25.20 -3.48
N ILE I 180 21.04 -26.15 -2.62
CA ILE I 180 22.05 -25.90 -1.60
C ILE I 180 23.41 -25.57 -2.18
N LYS I 181 23.82 -26.20 -3.26
CA LYS I 181 25.14 -25.92 -3.84
C LYS I 181 25.30 -24.52 -4.36
N ARG I 182 24.24 -23.76 -4.34
CA ARG I 182 24.31 -22.37 -4.76
C ARG I 182 24.87 -21.52 -3.66
N ASP I 183 25.04 -22.05 -2.45
CA ASP I 183 25.58 -21.24 -1.37
C ASP I 183 26.53 -21.98 -0.50
N GLU I 184 27.78 -21.64 -0.55
CA GLU I 184 28.72 -22.26 0.34
C GLU I 184 28.35 -22.18 1.77
N GLN I 185 27.78 -21.11 2.26
CA GLN I 185 27.60 -21.00 3.68
C GLN I 185 26.71 -22.02 4.23
N VAL I 186 25.70 -22.41 3.49
CA VAL I 186 24.78 -23.46 3.88
C VAL I 186 25.27 -24.82 3.61
N LEU I 187 25.84 -25.05 2.47
CA LEU I 187 26.28 -26.38 2.15
C LEU I 187 27.12 -26.94 3.21
N GLU I 188 28.05 -26.17 3.76
CA GLU I 188 28.95 -26.56 4.81
C GLU I 188 28.41 -26.80 6.18
N ARG I 189 27.33 -26.15 6.60
CA ARG I 189 26.81 -26.48 7.90
C ARG I 189 26.12 -27.82 7.77
N PHE I 190 25.53 -28.09 6.60
CA PHE I 190 24.69 -29.27 6.42
C PHE I 190 25.30 -30.34 5.53
N ARG I 191 26.62 -30.39 5.50
CA ARG I 191 27.34 -31.37 4.70
C ARG I 191 27.10 -32.86 4.92
N ALA I 192 26.96 -33.29 6.17
CA ALA I 192 26.62 -34.68 6.47
C ALA I 192 25.24 -35.08 6.06
N HIS I 193 25.04 -36.30 5.58
CA HIS I 193 23.72 -36.69 5.09
C HIS I 193 23.51 -38.17 5.19
N LEU I 194 22.25 -38.59 5.19
CA LEU I 194 21.91 -40.00 5.03
C LEU I 194 21.07 -40.14 3.80
N ARG I 195 21.28 -41.18 3.01
CA ARG I 195 20.50 -41.40 1.80
C ARG I 195 19.57 -42.60 1.80
N PHE I 196 18.31 -42.38 1.43
CA PHE I 196 17.34 -43.45 1.23
C PHE I 196 17.50 -44.03 -0.17
N GLY I 197 17.39 -45.34 -0.30
CA GLY I 197 17.45 -45.92 -1.63
C GLY I 197 16.22 -46.69 -2.04
N LYS I 198 16.34 -47.49 -3.09
CA LYS I 198 15.26 -48.32 -3.56
C LYS I 198 15.42 -49.77 -3.15
N LEU I 199 14.32 -50.52 -3.19
CA LEU I 199 14.31 -51.94 -2.86
C LEU I 199 14.81 -52.82 -3.99
N SER I 200 15.50 -53.90 -3.65
CA SER I 200 15.92 -54.85 -4.65
C SER I 200 16.18 -56.24 -4.11
N GLY I 201 16.34 -57.20 -5.02
CA GLY I 201 16.74 -58.53 -4.64
C GLY I 201 15.96 -59.13 -3.53
N GLU I 202 16.65 -59.66 -2.53
CA GLU I 202 16.00 -60.22 -1.36
C GLU I 202 15.21 -59.26 -0.54
N ASP I 203 15.61 -58.00 -0.55
CA ASP I 203 14.94 -56.98 0.23
C ASP I 203 13.60 -56.60 -0.30
N PHE I 204 13.49 -56.44 -1.60
CA PHE I 204 12.22 -56.28 -2.22
C PHE I 204 11.33 -57.49 -2.02
N LYS I 205 11.82 -58.70 -2.31
CA LYS I 205 11.06 -59.90 -1.98
C LYS I 205 10.57 -60.14 -0.55
N ASN I 206 11.40 -59.92 0.43
CA ASN I 206 11.04 -60.03 1.86
C ASN I 206 9.97 -58.99 2.21
N THR I 207 10.07 -57.78 1.64
CA THR I 207 9.12 -56.68 1.91
C THR I 207 7.71 -57.08 1.44
N VAL I 208 7.69 -57.67 0.25
CA VAL I 208 6.49 -58.02 -0.41
C VAL I 208 5.87 -58.99 0.53
N GLU I 209 6.63 -59.98 0.97
CA GLU I 209 6.07 -60.97 1.86
C GLU I 209 5.63 -60.32 3.14
N MET I 210 6.38 -59.39 3.70
CA MET I 210 5.91 -58.76 4.92
C MET I 210 4.57 -58.14 4.67
N TRP I 211 4.37 -57.49 3.54
CA TRP I 211 3.19 -56.73 3.28
C TRP I 211 2.02 -57.58 3.10
N GLU I 212 2.24 -58.77 2.61
CA GLU I 212 1.18 -59.69 2.47
C GLU I 212 0.66 -60.21 3.80
N GLN I 213 1.56 -60.52 4.74
CA GLN I 213 1.16 -61.11 6.01
C GLN I 213 0.83 -60.05 7.00
N MET I 214 1.51 -58.91 6.92
CA MET I 214 1.29 -57.86 7.90
C MET I 214 0.24 -56.80 7.50
N VAL I 215 0.07 -56.53 6.21
CA VAL I 215 -0.92 -55.55 5.77
C VAL I 215 -2.17 -56.04 5.05
N LEU I 216 -2.02 -56.94 4.08
CA LEU I 216 -3.19 -57.41 3.33
C LEU I 216 -4.10 -58.41 4.05
N LYS I 217 -3.51 -59.48 4.56
CA LYS I 217 -4.22 -60.50 5.32
C LYS I 217 -5.47 -61.13 4.70
N LEU I 218 -5.40 -61.52 3.45
CA LEU I 218 -6.56 -62.16 2.91
C LEU I 218 -6.48 -63.62 3.31
N PRO I 219 -7.61 -64.28 3.42
CA PRO I 219 -7.58 -65.64 3.94
C PRO I 219 -6.78 -66.62 3.09
N VAL I 220 -6.93 -66.44 1.81
CA VAL I 220 -6.37 -67.32 0.84
C VAL I 220 -4.88 -67.50 0.81
N SER I 221 -4.12 -66.44 1.07
CA SER I 221 -2.63 -66.37 1.01
C SER I 221 -2.21 -66.40 -0.44
N SER I 222 -1.89 -65.25 -0.96
CA SER I 222 -1.61 -65.13 -2.37
C SER I 222 -0.23 -65.46 -2.92
N ASN I 223 0.71 -65.83 -2.08
CA ASN I 223 2.04 -66.26 -2.56
C ASN I 223 2.76 -65.33 -3.49
N LEU I 224 2.69 -64.06 -3.19
CA LEU I 224 3.32 -63.09 -4.03
C LEU I 224 4.80 -63.34 -4.19
N LYS I 225 5.44 -63.95 -3.21
CA LYS I 225 6.88 -64.06 -3.35
C LYS I 225 7.25 -65.05 -4.40
N SER I 226 6.26 -65.64 -5.04
CA SER I 226 6.49 -66.58 -6.13
C SER I 226 6.99 -65.88 -7.34
N LYS I 227 7.75 -66.55 -8.18
CA LYS I 227 8.37 -65.87 -9.29
C LYS I 227 7.39 -65.23 -10.23
N GLU I 228 6.30 -65.91 -10.50
CA GLU I 228 5.28 -65.40 -11.42
C GLU I 228 4.60 -64.11 -11.00
N MET I 229 4.61 -63.84 -9.70
CA MET I 229 4.04 -62.62 -9.19
C MET I 229 5.07 -61.55 -8.99
N LEU I 230 6.26 -61.93 -8.62
CA LEU I 230 7.25 -60.91 -8.40
C LEU I 230 7.57 -60.24 -9.69
N ARG I 231 7.56 -60.95 -10.81
CA ARG I 231 7.78 -60.25 -12.07
C ARG I 231 6.77 -59.19 -12.31
N ILE I 232 5.53 -59.41 -11.91
CA ILE I 232 4.53 -58.42 -12.13
C ILE I 232 4.81 -57.21 -11.29
N LEU I 233 5.02 -57.40 -10.00
CA LEU I 233 5.32 -56.32 -9.08
C LEU I 233 6.60 -55.59 -9.32
N THR I 234 7.63 -56.31 -9.73
CA THR I 234 8.88 -55.65 -9.98
C THR I 234 8.76 -54.66 -11.10
N SER I 235 8.16 -55.08 -12.19
CA SER I 235 7.98 -54.17 -13.29
C SER I 235 7.06 -53.03 -12.90
N ALA I 236 5.98 -53.35 -12.21
CA ALA I 236 5.05 -52.34 -11.75
C ALA I 236 5.59 -51.31 -10.77
N THR I 237 6.46 -51.73 -9.84
CA THR I 237 6.89 -50.86 -8.75
C THR I 237 8.28 -50.25 -8.80
N GLU I 238 9.18 -50.87 -9.55
CA GLU I 238 10.58 -50.46 -9.71
C GLU I 238 11.30 -50.20 -8.39
N GLY I 239 10.93 -50.94 -7.35
CA GLY I 239 11.53 -50.79 -6.04
C GLY I 239 11.11 -49.65 -5.12
N TYR I 240 10.04 -48.93 -5.42
CA TYR I 240 9.70 -47.82 -4.58
C TYR I 240 8.71 -48.37 -3.60
N ILE I 241 8.86 -48.09 -2.32
CA ILE I 241 7.91 -48.57 -1.35
C ILE I 241 6.58 -47.97 -1.57
N GLY I 242 6.51 -46.75 -2.03
CA GLY I 242 5.27 -46.04 -2.38
C GLY I 242 4.44 -46.80 -3.39
N ARG I 243 5.00 -47.15 -4.51
CA ARG I 243 4.21 -47.86 -5.46
C ARG I 243 3.82 -49.19 -4.95
N LEU I 244 4.70 -49.90 -4.29
CA LEU I 244 4.33 -51.20 -3.80
C LEU I 244 3.15 -51.16 -2.93
N ASP I 245 3.05 -50.24 -2.00
CA ASP I 245 1.88 -50.15 -1.21
C ASP I 245 0.67 -49.81 -2.00
N GLU I 246 0.70 -48.83 -2.87
CA GLU I 246 -0.50 -48.46 -3.59
C GLU I 246 -1.00 -49.54 -4.42
N ILE I 247 -0.12 -50.19 -5.13
CA ILE I 247 -0.54 -51.28 -5.96
C ILE I 247 -1.12 -52.42 -5.23
N LEU I 248 -0.56 -52.93 -4.15
CA LEU I 248 -1.20 -54.07 -3.52
C LEU I 248 -2.48 -53.72 -2.84
N ARG I 249 -2.61 -52.53 -2.32
CA ARG I 249 -3.89 -52.16 -1.75
C ARG I 249 -4.96 -52.01 -2.80
N GLU I 250 -4.67 -51.43 -3.97
CA GLU I 250 -5.68 -51.26 -5.01
C GLU I 250 -6.06 -52.68 -5.46
N ALA I 251 -5.10 -53.57 -5.64
CA ALA I 251 -5.38 -54.96 -5.98
C ALA I 251 -6.17 -55.75 -4.96
N ALA I 252 -5.88 -55.73 -3.66
CA ALA I 252 -6.82 -56.40 -2.74
C ALA I 252 -8.19 -55.74 -2.70
N ILE I 253 -8.32 -54.43 -2.73
CA ILE I 253 -9.66 -53.86 -2.64
C ILE I 253 -10.48 -54.27 -3.86
N ARG I 254 -9.92 -54.18 -5.06
CA ARG I 254 -10.72 -54.45 -6.26
C ARG I 254 -11.13 -55.87 -6.19
N SER I 255 -10.19 -56.68 -5.84
CA SER I 255 -10.36 -58.16 -5.77
C SER I 255 -11.47 -58.54 -4.78
N LEU I 256 -11.48 -57.96 -3.61
CA LEU I 256 -12.58 -58.30 -2.71
C LEU I 256 -13.94 -57.92 -3.19
N SER I 257 -14.03 -56.84 -3.94
CA SER I 257 -15.34 -56.36 -4.28
C SER I 257 -16.03 -57.39 -5.21
N ARG I 258 -15.18 -58.25 -5.79
CA ARG I 258 -15.59 -59.28 -6.74
C ARG I 258 -15.68 -60.66 -6.10
N GLY I 259 -15.51 -60.72 -4.79
CA GLY I 259 -15.75 -61.95 -4.05
C GLY I 259 -14.59 -62.93 -4.04
N LEU I 260 -13.38 -62.46 -4.31
CA LEU I 260 -12.23 -63.34 -4.31
C LEU I 260 -11.47 -63.16 -2.99
N LYS I 261 -10.84 -64.23 -2.53
CA LYS I 261 -10.07 -64.21 -1.29
C LYS I 261 -8.55 -64.25 -1.46
N LYS I 262 -8.07 -64.10 -2.68
CA LYS I 262 -6.64 -63.99 -2.92
C LYS I 262 -6.34 -63.10 -4.12
N ILE I 263 -5.11 -62.62 -4.23
CA ILE I 263 -4.66 -61.87 -5.42
C ILE I 263 -4.05 -62.81 -6.45
N ASP I 264 -4.71 -62.95 -7.59
CA ASP I 264 -4.21 -63.77 -8.68
C ASP I 264 -3.39 -62.96 -9.65
N LYS I 265 -2.77 -63.65 -10.63
CA LYS I 265 -2.16 -63.03 -11.78
C LYS I 265 -2.93 -62.03 -12.64
N ALA I 266 -4.11 -62.37 -13.13
CA ALA I 266 -4.77 -61.41 -13.99
C ALA I 266 -5.23 -60.14 -13.28
N VAL I 267 -5.71 -60.22 -12.05
CA VAL I 267 -6.31 -59.03 -11.41
C VAL I 267 -5.19 -58.04 -11.08
N LEU I 268 -4.02 -58.56 -10.71
CA LEU I 268 -2.84 -57.71 -10.37
C LEU I 268 -2.36 -57.03 -11.65
N GLN I 269 -2.34 -57.76 -12.77
CA GLN I 269 -1.92 -57.19 -14.07
C GLN I 269 -2.92 -56.12 -14.51
N GLU I 270 -4.21 -56.37 -14.27
CA GLU I 270 -5.29 -55.39 -14.55
C GLU I 270 -4.96 -54.08 -13.86
N VAL I 271 -4.55 -54.12 -12.59
CA VAL I 271 -4.17 -52.89 -11.83
C VAL I 271 -2.84 -52.33 -12.37
N ALA I 272 -1.82 -53.19 -12.49
CA ALA I 272 -0.48 -52.71 -12.87
C ALA I 272 -0.53 -51.98 -14.22
N LYS I 273 -1.36 -52.49 -15.14
CA LYS I 273 -1.46 -51.91 -16.51
C LYS I 273 -1.87 -50.44 -16.45
N GLU I 274 -2.52 -50.03 -15.36
CA GLU I 274 -3.08 -48.64 -15.24
C GLU I 274 -1.97 -47.68 -14.78
N TYR I 275 -0.78 -48.20 -14.49
CA TYR I 275 0.33 -47.38 -13.95
C TYR I 275 1.50 -47.39 -14.94
N ILE J 1 5.32 -58.71 14.45
CA ILE J 1 5.85 -57.50 15.04
C ILE J 1 4.70 -56.51 15.13
N GLU J 2 4.84 -55.50 15.96
CA GLU J 2 3.84 -54.49 15.99
C GLU J 2 3.87 -53.63 14.76
N VAL J 3 2.71 -53.32 14.22
CA VAL J 3 2.59 -52.47 13.09
C VAL J 3 1.62 -51.42 13.59
N TRP J 4 1.79 -50.13 13.29
CA TRP J 4 0.83 -49.19 13.87
C TRP J 4 -0.20 -48.62 12.95
N ASP J 5 -1.40 -48.46 13.44
CA ASP J 5 -2.35 -47.67 12.71
C ASP J 5 -1.93 -46.22 12.76
N TYR J 6 -1.94 -45.61 11.61
CA TYR J 6 -1.62 -44.23 11.46
C TYR J 6 -2.50 -43.22 12.09
N GLU J 7 -3.75 -43.52 12.30
CA GLU J 7 -4.61 -42.54 12.92
C GLU J 7 -4.54 -42.71 14.43
N GLN J 8 -4.28 -43.94 14.87
CA GLN J 8 -4.03 -44.16 16.28
C GLN J 8 -2.81 -43.45 16.85
N LEU J 9 -1.75 -43.37 16.06
CA LEU J 9 -0.54 -42.72 16.55
C LEU J 9 -0.89 -41.25 16.80
N ARG J 10 -1.77 -40.77 15.95
CA ARG J 10 -2.19 -39.40 16.00
C ARG J 10 -2.98 -39.16 17.26
N GLU J 11 -3.96 -40.02 17.51
CA GLU J 11 -4.81 -39.93 18.70
C GLU J 11 -4.06 -40.02 20.01
N GLU J 12 -3.03 -40.85 20.05
CA GLU J 12 -2.20 -40.96 21.22
C GLU J 12 -1.16 -39.85 21.37
N TYR J 13 -1.10 -38.90 20.44
CA TYR J 13 -0.11 -37.84 20.57
C TYR J 13 -0.25 -36.79 21.66
N GLY J 14 0.91 -36.32 22.13
CA GLY J 14 1.00 -35.34 23.19
C GLY J 14 0.32 -34.08 22.74
N GLU K 19 30.31 -41.98 35.80
CA GLU K 19 30.86 -42.82 34.74
C GLU K 19 31.95 -42.10 33.99
N TRP K 20 33.15 -42.67 33.98
CA TRP K 20 34.31 -42.09 33.31
C TRP K 20 34.03 -41.78 31.87
N LEU K 21 33.39 -42.71 31.17
CA LEU K 21 33.12 -42.51 29.77
C LEU K 21 32.21 -41.32 29.59
N GLN K 22 31.15 -41.14 30.37
CA GLN K 22 30.28 -39.98 30.21
C GLN K 22 30.99 -38.65 30.37
N ALA K 23 31.96 -38.57 31.28
CA ALA K 23 32.68 -37.33 31.48
C ALA K 23 33.37 -36.88 30.22
N GLU K 24 33.98 -37.87 29.56
CA GLU K 24 34.71 -37.75 28.31
C GLU K 24 33.89 -37.49 27.13
N ILE K 25 32.73 -38.08 27.04
CA ILE K 25 31.88 -37.73 25.93
C ILE K 25 31.43 -36.27 25.97
N ALA K 26 31.04 -35.77 27.14
CA ALA K 26 30.64 -34.39 27.30
C ALA K 26 31.77 -33.44 26.93
N ARG K 27 33.01 -33.77 27.25
CA ARG K 27 34.12 -32.91 26.89
C ARG K 27 34.27 -32.78 25.41
N LEU K 28 34.21 -33.89 24.72
CA LEU K 28 34.48 -33.95 23.31
C LEU K 28 33.34 -33.28 22.62
N LYS K 29 32.18 -33.28 23.22
CA LYS K 29 31.04 -32.71 22.54
C LYS K 29 31.18 -31.19 22.47
N GLY K 30 32.09 -30.60 23.25
CA GLY K 30 32.16 -29.15 23.36
C GLY K 30 33.03 -28.32 22.43
N LYS K 31 33.39 -27.10 22.81
CA LYS K 31 34.18 -26.25 21.92
C LYS K 31 35.38 -25.63 22.61
N SER K 32 36.43 -25.39 21.85
CA SER K 32 37.63 -24.75 22.39
C SER K 32 38.38 -23.97 21.32
N ILE K 33 39.30 -23.10 21.76
CA ILE K 33 40.12 -22.33 20.83
C ILE K 33 41.59 -22.69 20.97
N VAL K 34 42.20 -23.14 19.90
CA VAL K 34 43.59 -23.52 19.90
C VAL K 34 44.44 -22.47 19.24
N PRO K 35 45.48 -21.98 19.92
CA PRO K 35 46.35 -21.01 19.26
C PRO K 35 46.92 -21.62 18.01
N LEU K 36 46.82 -20.91 16.90
CA LEU K 36 47.37 -21.36 15.63
C LEU K 36 48.00 -20.18 14.93
N GLN K 37 48.82 -20.43 13.94
CA GLN K 37 49.51 -19.36 13.26
C GLN K 37 48.60 -18.35 12.58
N GLN K 38 47.46 -18.80 12.07
CA GLN K 38 46.57 -17.97 11.35
C GLN K 38 46.02 -17.04 12.32
N VAL K 39 45.75 -17.55 13.52
CA VAL K 39 45.09 -16.75 14.53
C VAL K 39 46.01 -15.71 15.09
N LYS K 40 47.23 -16.09 15.43
CA LYS K 40 48.17 -15.11 15.89
C LYS K 40 48.42 -14.03 14.85
N THR K 41 48.55 -14.39 13.59
CA THR K 41 48.82 -13.40 12.56
C THR K 41 47.78 -12.31 12.55
N LEU K 42 46.53 -12.70 12.61
CA LEU K 42 45.44 -11.74 12.59
C LEU K 42 45.52 -10.84 13.80
N HIS K 43 45.76 -11.40 14.97
CA HIS K 43 45.71 -10.58 16.17
C HIS K 43 46.72 -9.45 16.10
N ASP K 44 47.91 -9.73 15.61
CA ASP K 44 48.91 -8.68 15.43
C ASP K 44 48.55 -7.68 14.34
N TRP K 45 48.00 -8.16 13.23
CA TRP K 45 47.57 -7.28 12.16
C TRP K 45 46.50 -6.30 12.59
N LEU K 46 45.49 -6.77 13.30
CA LEU K 46 44.44 -5.93 13.76
C LEU K 46 45.02 -4.95 14.70
N ASP K 47 45.97 -5.30 15.52
CA ASP K 47 46.48 -4.32 16.47
C ASP K 47 47.15 -3.21 15.79
N GLY K 48 47.78 -3.49 14.68
CA GLY K 48 48.43 -2.45 13.94
C GLY K 48 47.29 -1.53 13.57
N LYS K 49 46.25 -2.07 12.96
CA LYS K 49 45.19 -1.28 12.53
C LYS K 49 44.49 -0.60 13.61
N ARG K 50 44.39 -1.15 14.77
CA ARG K 50 43.76 -0.42 15.83
C ARG K 50 44.39 0.81 16.28
N LYS K 51 45.69 0.86 16.41
CA LYS K 51 46.36 2.07 16.87
C LYS K 51 46.45 3.06 15.76
N ALA K 52 46.49 2.59 14.53
CA ALA K 52 46.69 3.43 13.39
C ALA K 52 45.35 4.03 13.12
N ARG K 53 44.32 3.47 13.72
CA ARG K 53 42.96 3.81 13.45
C ARG K 53 42.58 3.65 12.01
N LYS K 54 42.91 2.57 11.34
CA LYS K 54 42.55 2.46 9.93
C LYS K 54 41.57 1.32 9.69
N SER K 55 40.59 1.42 8.78
CA SER K 55 39.61 0.40 8.44
C SER K 55 40.27 -0.58 7.47
N CYS K 56 39.71 -1.77 7.40
CA CYS K 56 40.23 -2.85 6.57
C CYS K 56 39.23 -3.95 6.47
N ARG K 57 39.52 -5.00 5.72
CA ARG K 57 38.64 -6.15 5.73
C ARG K 57 39.37 -7.46 5.83
N VAL K 58 38.70 -8.51 6.27
CA VAL K 58 39.30 -9.82 6.35
C VAL K 58 38.56 -10.78 5.45
N VAL K 59 39.24 -11.48 4.56
CA VAL K 59 38.57 -12.31 3.58
C VAL K 59 39.12 -13.71 3.67
N GLY K 60 38.34 -14.68 3.21
CA GLY K 60 38.82 -16.03 3.08
C GLY K 60 37.64 -16.98 2.93
N GLU K 61 37.93 -18.25 2.66
CA GLU K 61 36.90 -19.24 2.40
C GLU K 61 36.09 -19.56 3.65
N SER K 62 34.88 -20.07 3.48
CA SER K 62 33.98 -20.22 4.61
C SER K 62 34.31 -21.13 5.77
N ARG K 63 35.24 -22.07 5.62
CA ARG K 63 35.64 -22.89 6.76
C ARG K 63 37.03 -22.64 7.32
N THR K 64 37.61 -21.50 7.04
CA THR K 64 38.92 -21.16 7.58
C THR K 64 38.96 -20.67 9.01
N GLY K 65 37.82 -20.34 9.60
CA GLY K 65 37.77 -20.11 11.04
C GLY K 65 37.92 -18.65 11.39
N LYS K 66 37.58 -17.80 10.43
CA LYS K 66 37.56 -16.35 10.55
C LYS K 66 36.78 -15.86 11.74
N THR K 67 35.55 -16.32 11.91
CA THR K 67 34.71 -15.87 13.01
C THR K 67 35.32 -16.13 14.37
N VAL K 68 35.87 -17.31 14.55
CA VAL K 68 36.57 -17.70 15.76
C VAL K 68 37.82 -16.90 16.13
N ALA K 69 38.68 -16.62 15.17
CA ALA K 69 39.84 -15.77 15.42
C ALA K 69 39.49 -14.37 15.95
N CYS K 70 38.40 -13.83 15.42
CA CYS K 70 37.79 -12.50 15.75
C CYS K 70 37.27 -12.50 17.19
N ASP K 71 36.60 -13.57 17.62
CA ASP K 71 36.17 -13.71 19.03
C ASP K 71 37.39 -13.86 19.94
N ALA K 72 38.36 -14.63 19.51
CA ALA K 72 39.53 -14.85 20.31
C ALA K 72 40.13 -13.50 20.52
N TYR K 73 40.11 -12.65 19.50
CA TYR K 73 40.61 -11.30 19.67
C TYR K 73 39.79 -10.47 20.63
N ARG K 74 38.48 -10.46 20.45
CA ARG K 74 37.64 -9.63 21.31
C ARG K 74 37.95 -9.89 22.77
N TYR K 75 38.07 -11.15 23.12
CA TYR K 75 38.22 -11.56 24.50
C TYR K 75 39.53 -11.18 25.15
N ARG K 76 40.48 -10.70 24.39
CA ARG K 76 41.75 -10.38 25.00
C ARG K 76 41.71 -8.93 25.49
N HIS K 77 40.60 -8.23 25.25
CA HIS K 77 40.51 -6.81 25.60
C HIS K 77 39.22 -6.51 26.35
N LYS K 78 39.20 -6.85 27.64
CA LYS K 78 37.96 -6.77 28.39
C LYS K 78 37.56 -5.34 28.66
N PRO K 79 36.27 -5.06 28.55
CA PRO K 79 35.72 -3.73 28.81
C PRO K 79 36.15 -3.26 30.18
N GLN K 80 36.40 -1.99 30.41
CA GLN K 80 36.71 -1.60 31.78
C GLN K 80 35.63 -0.79 32.47
N GLN K 81 35.57 -0.83 33.79
CA GLN K 81 34.49 -0.14 34.51
C GLN K 81 34.84 0.57 35.79
N GLU K 82 34.46 1.83 35.83
CA GLU K 82 34.66 2.73 36.97
C GLU K 82 33.37 2.76 37.79
N ALA K 83 33.36 3.49 38.89
CA ALA K 83 32.12 3.56 39.65
C ALA K 83 30.94 4.25 38.96
N GLY K 84 31.17 5.26 38.15
CA GLY K 84 30.05 5.98 37.59
C GLY K 84 29.71 5.82 36.13
N ARG K 85 30.58 6.32 35.28
CA ARG K 85 30.39 6.35 33.83
C ARG K 85 30.33 4.99 33.15
N PRO K 86 29.77 4.94 31.95
CA PRO K 86 29.64 3.78 31.06
C PRO K 86 30.97 3.08 30.88
N PRO K 87 30.96 1.77 30.56
CA PRO K 87 32.07 0.91 30.31
C PRO K 87 32.94 1.49 29.29
N THR K 88 34.24 1.31 29.34
CA THR K 88 35.07 1.75 28.27
C THR K 88 35.18 0.52 27.44
N VAL K 89 34.93 0.60 26.14
CA VAL K 89 34.86 -0.59 25.30
C VAL K 89 35.67 -0.43 24.03
N PRO K 90 36.97 -0.69 24.10
CA PRO K 90 37.84 -0.60 22.95
C PRO K 90 37.38 -1.34 21.70
N VAL K 91 36.83 -2.53 21.79
CA VAL K 91 36.41 -3.27 20.59
C VAL K 91 34.94 -3.67 20.60
N VAL K 92 34.19 -3.34 19.55
CA VAL K 92 32.80 -3.75 19.45
C VAL K 92 32.61 -4.78 18.35
N TYR K 93 32.00 -5.92 18.63
CA TYR K 93 31.82 -6.96 17.64
C TYR K 93 30.36 -7.24 17.44
N ILE K 94 29.86 -7.13 16.21
CA ILE K 94 28.45 -7.38 15.93
C ILE K 94 28.22 -8.33 14.76
N ARG K 95 27.07 -8.98 14.66
CA ARG K 95 26.78 -9.77 13.48
C ARG K 95 25.37 -9.41 13.04
N PRO K 96 25.22 -8.88 11.82
CA PRO K 96 23.92 -8.43 11.32
C PRO K 96 22.99 -9.57 10.93
N HIS K 97 21.69 -9.30 10.91
CA HIS K 97 20.66 -10.24 10.36
C HIS K 97 20.58 -10.02 8.85
N GLN K 98 19.78 -10.86 8.16
CA GLN K 98 19.68 -10.77 6.68
C GLN K 98 18.90 -9.53 6.26
N LYS K 99 19.34 -8.91 5.15
CA LYS K 99 18.72 -7.65 4.66
C LYS K 99 18.70 -6.63 5.81
N CYS K 100 19.87 -6.42 6.41
CA CYS K 100 20.07 -5.48 7.54
C CYS K 100 19.85 -4.03 7.10
N GLY K 101 18.98 -3.27 7.72
CA GLY K 101 18.82 -1.91 7.27
C GLY K 101 19.54 -0.98 8.18
N PRO K 102 19.45 0.31 7.94
CA PRO K 102 20.06 1.36 8.72
C PRO K 102 19.60 1.38 10.12
N LYS K 103 18.42 0.90 10.44
CA LYS K 103 18.04 0.97 11.84
C LYS K 103 18.52 -0.20 12.59
N ASP K 104 18.80 -1.29 11.87
CA ASP K 104 19.24 -2.57 12.44
C ASP K 104 20.65 -2.68 12.88
N LEU K 105 21.49 -1.99 12.13
CA LEU K 105 22.84 -1.63 12.49
C LEU K 105 23.03 -0.74 13.65
N PHE K 106 22.26 0.31 13.80
CA PHE K 106 22.39 1.14 14.96
C PHE K 106 21.84 0.42 16.14
N LYS K 107 20.72 -0.28 16.00
CA LYS K 107 20.10 -0.94 17.10
C LYS K 107 21.14 -1.87 17.67
N LYS K 108 21.81 -2.71 16.85
CA LYS K 108 22.74 -3.71 17.46
C LYS K 108 23.92 -3.02 18.12
N ILE K 109 24.45 -1.93 17.53
CA ILE K 109 25.62 -1.22 18.13
C ILE K 109 25.25 -0.72 19.54
N THR K 110 24.05 -0.14 19.64
CA THR K 110 23.49 0.43 20.89
C THR K 110 23.29 -0.67 21.93
N GLU K 111 22.77 -1.84 21.54
CA GLU K 111 22.53 -2.94 22.50
C GLU K 111 23.87 -3.53 22.98
N TYR K 112 24.78 -3.62 22.03
CA TYR K 112 26.04 -4.16 22.35
C TYR K 112 26.59 -3.38 23.49
N LEU K 113 26.52 -2.06 23.46
CA LEU K 113 27.07 -1.32 24.57
C LEU K 113 26.21 -1.19 25.80
N LYS K 114 25.15 -1.99 25.82
CA LYS K 114 24.16 -2.08 26.87
C LYS K 114 23.30 -0.88 27.15
N TYR K 115 22.84 -0.21 26.10
CA TYR K 115 21.82 0.81 26.24
C TYR K 115 20.51 0.23 25.72
N ARG K 116 19.38 0.63 26.26
CA ARG K 116 18.11 0.21 25.68
C ARG K 116 17.61 1.08 24.57
N VAL K 117 17.21 0.48 23.47
CA VAL K 117 16.67 1.21 22.35
C VAL K 117 15.17 1.41 22.43
N THR K 118 14.71 2.64 22.24
CA THR K 118 13.28 2.91 22.36
C THR K 118 12.73 3.39 21.02
N LYS K 119 11.41 3.52 20.91
CA LYS K 119 10.79 4.03 19.70
C LYS K 119 11.18 5.45 19.28
N GLY K 120 11.49 5.62 17.99
CA GLY K 120 11.87 6.91 17.41
C GLY K 120 11.97 6.76 15.90
N THR K 121 12.63 7.70 15.20
CA THR K 121 12.78 7.58 13.74
C THR K 121 14.27 7.38 13.39
N VAL K 122 14.63 7.31 12.09
CA VAL K 122 16.02 7.05 11.70
C VAL K 122 16.99 8.04 12.18
N SER K 123 16.67 9.30 12.12
CA SER K 123 17.61 10.26 12.61
C SER K 123 17.83 10.09 14.05
N ASP K 124 16.91 9.50 14.78
CA ASP K 124 17.19 9.40 16.19
C ASP K 124 18.10 8.26 16.46
N PHE K 125 17.96 7.14 15.76
CA PHE K 125 18.91 6.08 16.08
C PHE K 125 20.34 6.55 15.78
N ARG K 126 20.50 7.30 14.68
CA ARG K 126 21.80 7.82 14.28
C ARG K 126 22.37 8.79 15.27
N ASP K 127 21.63 9.74 15.75
CA ASP K 127 22.19 10.72 16.64
C ASP K 127 22.59 10.03 17.93
N ARG K 128 21.78 9.09 18.40
CA ARG K 128 22.04 8.30 19.62
C ARG K 128 23.19 7.35 19.52
N THR K 129 23.36 6.73 18.35
CA THR K 129 24.55 5.90 18.10
C THR K 129 25.79 6.70 18.18
N ILE K 130 25.90 7.86 17.56
CA ILE K 130 27.06 8.65 17.70
C ILE K 130 27.25 9.06 19.17
N GLU K 131 26.26 9.49 19.94
CA GLU K 131 26.52 9.71 21.36
C GLU K 131 27.05 8.48 22.13
N VAL K 132 26.60 7.24 21.89
CA VAL K 132 27.14 6.20 22.77
C VAL K 132 28.53 5.77 22.29
N LEU K 133 28.82 5.97 21.00
CA LEU K 133 30.16 5.69 20.45
C LEU K 133 31.16 6.70 21.02
N LYS K 134 30.72 7.93 21.28
CA LYS K 134 31.52 8.92 22.00
C LYS K 134 31.43 8.62 23.50
N GLY K 135 32.38 9.18 24.25
CA GLY K 135 32.36 9.12 25.69
C GLY K 135 32.90 7.76 26.06
N CYS K 136 32.17 6.74 25.63
CA CYS K 136 32.63 5.38 25.78
C CYS K 136 33.79 5.24 24.82
N GLY K 137 34.98 4.90 25.28
CA GLY K 137 36.08 4.84 24.36
C GLY K 137 35.72 3.67 23.46
N VAL K 138 35.74 3.90 22.16
CA VAL K 138 35.60 2.82 21.19
C VAL K 138 36.70 3.13 20.18
N GLU K 139 37.45 2.08 19.88
CA GLU K 139 38.54 2.16 18.92
C GLU K 139 38.27 1.33 17.66
N MET K 140 37.64 0.17 17.79
CA MET K 140 37.40 -0.67 16.62
C MET K 140 36.00 -1.30 16.58
N LEU K 141 35.40 -1.33 15.39
CA LEU K 141 34.12 -1.99 15.17
C LEU K 141 34.34 -3.17 14.21
N ILE K 142 33.94 -4.39 14.57
CA ILE K 142 34.11 -5.51 13.65
C ILE K 142 32.78 -6.01 13.14
N ILE K 143 32.58 -6.07 11.84
CA ILE K 143 31.30 -6.52 11.32
C ILE K 143 31.47 -7.85 10.65
N ASP K 144 30.87 -8.89 11.21
CA ASP K 144 30.93 -10.22 10.64
C ASP K 144 29.91 -10.36 9.56
N GLU K 145 30.09 -11.33 8.67
CA GLU K 145 29.19 -11.53 7.54
C GLU K 145 28.78 -10.21 6.94
N ALA K 146 29.73 -9.37 6.55
CA ALA K 146 29.40 -8.01 6.17
C ALA K 146 28.41 -7.93 5.04
N ASP K 147 28.41 -8.90 4.15
CA ASP K 147 27.47 -8.90 3.04
C ASP K 147 25.99 -9.12 3.37
N ARG K 148 25.60 -9.20 4.64
CA ARG K 148 24.22 -9.10 4.92
C ARG K 148 23.70 -7.69 4.91
N LEU K 149 24.60 -6.72 4.85
CA LEU K 149 24.22 -5.31 4.85
C LEU K 149 23.54 -4.97 3.55
N LYS K 150 22.47 -4.20 3.63
CA LYS K 150 21.80 -3.65 2.49
C LYS K 150 22.71 -2.63 1.94
N PRO K 151 22.73 -2.42 0.61
CA PRO K 151 23.63 -1.48 -0.01
C PRO K 151 23.61 -0.07 0.53
N GLU K 152 22.52 0.46 0.99
CA GLU K 152 22.57 1.81 1.49
C GLU K 152 23.25 1.94 2.83
N THR K 153 23.39 0.86 3.58
CA THR K 153 23.85 1.03 4.96
C THR K 153 25.28 1.35 5.01
N PHE K 154 25.95 1.10 3.90
CA PHE K 154 27.36 1.35 3.85
C PHE K 154 27.62 2.84 3.97
N ALA K 155 26.63 3.65 3.67
CA ALA K 155 26.78 5.07 3.85
C ALA K 155 27.00 5.38 5.30
N ASP K 156 26.31 4.66 6.18
CA ASP K 156 26.42 4.90 7.61
C ASP K 156 27.68 4.29 8.20
N VAL K 157 28.12 3.16 7.66
CA VAL K 157 29.40 2.58 8.01
C VAL K 157 30.59 3.46 7.64
N ARG K 158 30.61 4.03 6.45
CA ARG K 158 31.67 4.96 6.07
C ARG K 158 31.63 6.21 6.93
N ASP K 159 30.43 6.73 7.16
CA ASP K 159 30.25 7.97 7.90
C ASP K 159 30.89 7.91 9.26
N ILE K 160 30.63 6.83 9.99
CA ILE K 160 31.22 6.60 11.30
C ILE K 160 32.73 6.51 11.20
N ALA K 161 33.23 5.73 10.27
CA ALA K 161 34.63 5.49 10.15
C ALA K 161 35.28 6.81 9.89
N GLU K 162 34.68 7.70 9.11
CA GLU K 162 35.41 8.95 8.77
C GLU K 162 35.27 9.99 9.90
N ASP K 163 34.08 10.05 10.51
CA ASP K 163 33.71 11.11 11.50
C ASP K 163 34.40 10.85 12.85
N LEU K 164 34.41 9.58 13.29
CA LEU K 164 34.96 9.19 14.62
C LEU K 164 36.27 8.42 14.41
N GLY K 165 37.22 8.51 15.33
CA GLY K 165 38.46 7.79 15.14
C GLY K 165 38.24 6.33 15.45
N ILE K 166 37.40 5.69 14.66
CA ILE K 166 37.07 4.31 14.86
C ILE K 166 37.43 3.49 13.64
N ALA K 167 38.19 2.42 13.82
CA ALA K 167 38.56 1.57 12.71
C ALA K 167 37.39 0.65 12.53
N VAL K 168 37.01 0.38 11.30
CA VAL K 168 35.95 -0.56 11.04
C VAL K 168 36.54 -1.69 10.26
N VAL K 169 36.27 -2.92 10.67
CA VAL K 169 36.78 -4.10 9.99
C VAL K 169 35.62 -4.90 9.41
N LEU K 170 35.64 -5.18 8.11
CA LEU K 170 34.62 -5.99 7.48
C LEU K 170 35.13 -7.41 7.28
N VAL K 171 34.41 -8.41 7.77
CA VAL K 171 34.84 -9.80 7.66
C VAL K 171 33.95 -10.56 6.71
N GLY K 172 34.50 -11.33 5.79
CA GLY K 172 33.63 -12.15 4.95
C GLY K 172 34.25 -13.07 3.89
N THR K 173 33.42 -13.77 3.11
CA THR K 173 33.82 -14.65 2.01
C THR K 173 34.03 -13.86 0.69
N ASP K 174 34.51 -14.52 -0.36
CA ASP K 174 34.74 -13.91 -1.67
C ASP K 174 33.50 -13.21 -2.24
N ARG K 175 32.33 -13.63 -1.84
CA ARG K 175 31.19 -12.94 -2.28
C ARG K 175 31.19 -11.54 -1.78
N LEU K 176 31.79 -11.25 -0.64
CA LEU K 176 31.75 -9.90 -0.11
C LEU K 176 32.37 -9.01 -1.10
N ASP K 177 33.52 -9.36 -1.63
CA ASP K 177 34.13 -8.52 -2.61
C ASP K 177 33.32 -8.36 -3.85
N ALA K 178 32.62 -9.37 -4.27
CA ALA K 178 31.73 -9.15 -5.37
C ALA K 178 30.70 -8.10 -5.01
N VAL K 179 30.22 -8.03 -3.79
CA VAL K 179 29.31 -6.94 -3.49
C VAL K 179 30.02 -5.62 -3.44
N ILE K 180 31.16 -5.57 -2.78
CA ILE K 180 31.88 -4.31 -2.62
C ILE K 180 32.27 -3.68 -3.93
N LYS K 181 32.69 -4.45 -4.92
CA LYS K 181 33.11 -3.88 -6.20
C LYS K 181 32.02 -3.17 -6.95
N ARG K 182 30.81 -3.25 -6.45
CA ARG K 182 29.70 -2.56 -7.05
C ARG K 182 29.71 -1.11 -6.67
N ASP K 183 30.55 -0.70 -5.72
CA ASP K 183 30.57 0.70 -5.33
C ASP K 183 31.95 1.21 -5.07
N GLU K 184 32.44 2.08 -5.91
CA GLU K 184 33.71 2.68 -5.64
C GLU K 184 33.84 3.31 -4.32
N GLN K 185 32.84 3.96 -3.78
CA GLN K 185 33.05 4.71 -2.57
C GLN K 185 33.43 3.87 -1.44
N VAL K 186 32.91 2.67 -1.35
CA VAL K 186 33.25 1.71 -0.33
C VAL K 186 34.49 0.96 -0.60
N LEU K 187 34.68 0.50 -1.78
CA LEU K 187 35.84 -0.29 -2.07
C LEU K 187 37.06 0.39 -1.63
N GLU K 188 37.21 1.68 -1.89
CA GLU K 188 38.34 2.48 -1.51
C GLU K 188 38.58 2.78 -0.07
N ARG K 189 37.56 2.85 0.78
CA ARG K 189 37.87 3.06 2.18
C ARG K 189 38.42 1.76 2.72
N PHE K 190 37.94 0.64 2.18
CA PHE K 190 38.26 -0.68 2.72
C PHE K 190 39.17 -1.52 1.86
N ARG K 191 39.99 -0.86 1.07
CA ARG K 191 40.92 -1.52 0.18
C ARG K 191 41.97 -2.49 0.76
N ALA K 192 42.56 -2.17 1.90
CA ALA K 192 43.49 -3.08 2.58
C ALA K 192 42.83 -4.31 3.14
N HIS K 193 43.49 -5.45 3.09
CA HIS K 193 42.85 -6.68 3.53
C HIS K 193 43.86 -7.70 4.01
N LEU K 194 43.41 -8.64 4.81
CA LEU K 194 44.23 -9.81 5.15
C LEU K 194 43.47 -11.03 4.69
N ARG K 195 44.15 -12.01 4.12
CA ARG K 195 43.50 -13.24 3.67
C ARG K 195 43.84 -14.51 4.42
N PHE K 196 42.82 -15.24 4.84
CA PHE K 196 42.97 -16.57 5.43
C PHE K 196 43.10 -17.61 4.34
N GLY K 197 43.98 -18.58 4.51
CA GLY K 197 44.07 -19.66 3.55
C GLY K 197 43.79 -21.03 4.09
N LYS K 198 44.17 -22.04 3.32
CA LYS K 198 44.00 -23.43 3.72
C LYS K 198 45.29 -24.04 4.20
N LEU K 199 45.19 -25.14 4.95
CA LEU K 199 46.34 -25.89 5.47
C LEU K 199 46.97 -26.79 4.43
N SER K 200 48.29 -26.92 4.48
CA SER K 200 48.97 -27.86 3.61
C SER K 200 50.32 -28.31 4.12
N GLY K 201 50.86 -29.33 3.47
CA GLY K 201 52.21 -29.75 3.77
C GLY K 201 52.51 -29.97 5.21
N GLU K 202 53.60 -29.38 5.69
CA GLU K 202 53.97 -29.47 7.09
C GLU K 202 53.00 -28.81 8.03
N ASP K 203 52.29 -27.81 7.57
CA ASP K 203 51.36 -27.09 8.40
C ASP K 203 50.11 -27.86 8.71
N PHE K 204 49.57 -28.52 7.73
CA PHE K 204 48.51 -29.44 7.95
C PHE K 204 48.95 -30.60 8.85
N LYS K 205 50.05 -31.26 8.54
CA LYS K 205 50.59 -32.26 9.46
C LYS K 205 50.87 -31.89 10.90
N ASN K 206 51.49 -30.77 11.15
CA ASN K 206 51.77 -30.26 12.53
C ASN K 206 50.43 -29.99 13.25
N THR K 207 49.44 -29.47 12.52
CA THR K 207 48.12 -29.13 13.11
C THR K 207 47.44 -30.40 13.64
N VAL K 208 47.52 -31.43 12.82
CA VAL K 208 46.88 -32.67 13.05
C VAL K 208 47.51 -33.11 14.33
N GLU K 209 48.83 -33.10 14.40
CA GLU K 209 49.49 -33.55 15.60
C GLU K 209 49.11 -32.67 16.78
N MET K 210 49.00 -31.36 16.61
CA MET K 210 48.61 -30.55 17.74
C MET K 210 47.27 -31.02 18.22
N TRP K 211 46.34 -31.33 17.33
CA TRP K 211 44.99 -31.62 17.69
C TRP K 211 44.87 -32.88 18.40
N GLU K 212 45.75 -33.79 18.07
CA GLU K 212 45.77 -35.04 18.77
C GLU K 212 46.21 -34.92 20.20
N GLN K 213 47.26 -34.13 20.46
CA GLN K 213 47.81 -34.03 21.81
C GLN K 213 47.11 -32.99 22.59
N MET K 214 46.65 -31.93 21.93
CA MET K 214 46.00 -30.84 22.66
C MET K 214 44.47 -30.95 22.78
N VAL K 215 43.81 -31.58 21.81
CA VAL K 215 42.35 -31.72 21.88
C VAL K 215 41.76 -33.11 22.14
N LEU K 216 42.24 -34.14 21.43
CA LEU K 216 41.68 -35.48 21.62
C LEU K 216 42.08 -36.21 22.88
N LYS K 217 43.38 -36.30 23.13
CA LYS K 217 43.94 -36.93 24.33
C LYS K 217 43.48 -38.35 24.68
N LEU K 218 43.46 -39.24 23.73
CA LEU K 218 43.08 -40.57 24.09
C LEU K 218 44.33 -41.24 24.61
N PRO K 219 44.19 -42.21 25.48
CA PRO K 219 45.37 -42.79 26.10
C PRO K 219 46.35 -43.45 25.14
N VAL K 220 45.75 -44.12 24.18
CA VAL K 220 46.46 -44.90 23.24
C VAL K 220 47.49 -44.23 22.37
N SER K 221 47.23 -42.99 21.94
CA SER K 221 48.05 -42.17 21.00
C SER K 221 47.91 -42.76 19.62
N SER K 222 47.10 -42.13 18.81
CA SER K 222 46.77 -42.68 17.53
C SER K 222 47.69 -42.43 16.33
N ASN K 223 48.78 -41.72 16.50
CA ASN K 223 49.75 -41.53 15.41
C ASN K 223 49.23 -41.06 14.09
N LEU K 224 48.32 -40.10 14.15
CA LEU K 224 47.74 -39.62 12.96
C LEU K 224 48.78 -39.06 12.00
N LYS K 225 49.89 -38.56 12.49
CA LYS K 225 50.80 -37.93 11.55
C LYS K 225 51.46 -38.94 10.68
N SER K 226 51.13 -40.20 10.86
CA SER K 226 51.66 -41.27 10.03
C SER K 226 51.08 -41.21 8.66
N LYS K 227 51.80 -41.69 7.68
CA LYS K 227 51.36 -41.52 6.31
C LYS K 227 50.02 -42.16 6.02
N GLU K 228 49.79 -43.32 6.58
CA GLU K 228 48.55 -44.05 6.37
C GLU K 228 47.29 -43.37 6.88
N MET K 229 47.46 -42.48 7.84
CA MET K 229 46.34 -41.73 8.37
C MET K 229 46.23 -40.37 7.75
N LEU K 230 47.33 -39.77 7.40
CA LEU K 230 47.23 -38.46 6.81
C LEU K 230 46.56 -38.57 5.48
N ARG K 231 46.76 -39.63 4.73
CA ARG K 231 46.01 -39.76 3.49
C ARG K 231 44.54 -39.75 3.71
N ILE K 232 44.08 -40.35 4.80
CA ILE K 232 42.67 -40.37 5.03
C ILE K 232 42.17 -38.99 5.33
N LEU K 233 42.81 -38.28 6.25
CA LEU K 233 42.45 -36.94 6.62
C LEU K 233 42.59 -35.91 5.55
N THR K 234 43.64 -36.04 4.74
CA THR K 234 43.83 -35.06 3.69
C THR K 234 42.70 -35.11 2.71
N SER K 235 42.34 -36.30 2.26
CA SER K 235 41.23 -36.41 1.34
C SER K 235 39.95 -35.97 2.01
N ALA K 236 39.74 -36.38 3.25
CA ALA K 236 38.55 -35.99 3.97
C ALA K 236 38.38 -34.50 4.26
N THR K 237 39.47 -33.79 4.55
CA THR K 237 39.39 -32.40 5.00
C THR K 237 39.76 -31.29 4.04
N GLU K 238 40.55 -31.61 3.03
CA GLU K 238 41.05 -30.67 2.00
C GLU K 238 41.66 -29.40 2.57
N GLY K 239 42.29 -29.50 3.74
CA GLY K 239 42.90 -28.37 4.40
C GLY K 239 42.06 -27.37 5.17
N TYR K 240 40.80 -27.66 5.43
CA TYR K 240 40.00 -26.66 6.12
C TYR K 240 40.10 -27.02 7.57
N ILE K 241 40.34 -26.06 8.44
CA ILE K 241 40.41 -26.36 9.84
C ILE K 241 39.09 -26.80 10.35
N GLY K 242 38.01 -26.31 9.82
CA GLY K 242 36.64 -26.72 10.15
C GLY K 242 36.41 -28.22 9.98
N ARG K 243 36.70 -28.75 8.82
CA ARG K 243 36.48 -30.13 8.66
C ARG K 243 37.38 -30.92 9.52
N LEU K 244 38.64 -30.54 9.66
CA LEU K 244 39.53 -31.32 10.48
C LEU K 244 39.03 -31.44 11.86
N ASP K 245 38.55 -30.41 12.48
CA ASP K 245 38.00 -30.56 13.79
C ASP K 245 36.81 -31.42 13.81
N GLU K 246 35.84 -31.24 12.94
CA GLU K 246 34.64 -32.04 13.01
C GLU K 246 34.91 -33.47 12.85
N ILE K 247 35.73 -33.80 11.88
CA ILE K 247 36.05 -35.17 11.65
C ILE K 247 36.76 -35.82 12.78
N LEU K 248 37.78 -35.26 13.39
CA LEU K 248 38.44 -35.99 14.47
C LEU K 248 37.59 -36.08 15.69
N ARG K 249 36.77 -35.11 15.98
CA ARG K 249 35.89 -35.26 17.10
C ARG K 249 34.83 -36.31 16.89
N GLU K 250 34.26 -36.41 15.69
CA GLU K 250 33.22 -37.42 15.44
C GLU K 250 33.92 -38.77 15.54
N ALA K 251 35.12 -38.93 15.00
CA ALA K 251 35.88 -40.16 15.15
C ALA K 251 36.29 -40.53 16.55
N ALA K 252 36.82 -39.66 17.39
CA ALA K 252 37.03 -40.09 18.78
C ALA K 252 35.72 -40.38 19.52
N ILE K 253 34.65 -39.63 19.34
CA ILE K 253 33.45 -39.95 20.10
C ILE K 253 32.91 -41.30 19.70
N ARG K 254 32.83 -41.60 18.41
CA ARG K 254 32.22 -42.86 17.98
C ARG K 254 33.05 -43.96 18.51
N SER K 255 34.32 -43.78 18.38
CA SER K 255 35.34 -44.79 18.79
C SER K 255 35.25 -45.09 20.29
N LEU K 256 35.14 -44.09 21.12
CA LEU K 256 34.98 -44.41 22.54
C LEU K 256 33.74 -45.16 22.91
N SER K 257 32.68 -44.91 22.18
CA SER K 257 31.44 -45.52 22.59
C SER K 257 31.54 -47.05 22.44
N ARG K 258 32.52 -47.46 21.63
CA ARG K 258 32.77 -48.86 21.30
C ARG K 258 33.93 -49.44 22.10
N GLY K 259 34.44 -48.68 23.05
CA GLY K 259 35.44 -49.19 23.98
C GLY K 259 36.86 -49.18 23.48
N LEU K 260 37.16 -48.38 22.47
CA LEU K 260 38.51 -48.31 21.95
C LEU K 260 39.21 -47.07 22.50
N LYS K 261 40.52 -47.17 22.68
CA LYS K 261 41.32 -46.07 23.19
C LYS K 261 42.21 -45.36 22.19
N LYS K 262 42.05 -45.68 20.91
CA LYS K 262 42.75 -44.95 19.86
C LYS K 262 41.92 -44.89 18.57
N ILE K 263 42.27 -43.97 17.68
CA ILE K 263 41.64 -43.89 16.36
C ILE K 263 42.42 -44.73 15.34
N ASP K 264 41.80 -45.80 14.85
CA ASP K 264 42.41 -46.65 13.85
C ASP K 264 42.01 -46.22 12.45
N LYS K 265 42.63 -46.85 11.44
CA LYS K 265 42.20 -46.74 10.05
C LYS K 265 40.75 -47.00 9.66
N ALA K 266 40.15 -48.11 10.03
CA ALA K 266 38.78 -48.32 9.57
C ALA K 266 37.78 -47.37 10.19
N VAL K 267 37.90 -47.02 11.46
CA VAL K 267 36.82 -46.22 12.11
C VAL K 267 36.85 -44.81 11.53
N LEU K 268 38.05 -44.31 11.22
CA LEU K 268 38.22 -42.94 10.65
C LEU K 268 37.64 -42.93 9.24
N GLN K 269 37.88 -44.01 8.47
CA GLN K 269 37.34 -44.13 7.09
C GLN K 269 35.80 -44.22 7.16
N GLU K 270 35.29 -44.94 8.16
CA GLU K 270 33.83 -45.06 8.40
C GLU K 270 33.23 -43.65 8.52
N VAL K 271 33.88 -42.77 9.29
CA VAL K 271 33.40 -41.36 9.45
C VAL K 271 33.63 -40.58 8.15
N ALA K 272 34.84 -40.65 7.59
CA ALA K 272 35.20 -39.82 6.42
C ALA K 272 34.23 -40.12 5.27
N LYS K 273 33.85 -41.39 5.10
CA LYS K 273 32.96 -41.82 3.98
C LYS K 273 31.63 -41.06 4.02
N GLU K 274 31.24 -40.56 5.20
CA GLU K 274 29.91 -39.90 5.37
C GLU K 274 29.99 -38.44 4.93
N TYR K 275 31.18 -37.98 4.54
CA TYR K 275 31.38 -36.55 4.16
C TYR K 275 31.81 -36.47 2.69
N ILE L 1 50.93 -25.65 25.60
CA ILE L 1 50.50 -24.26 25.54
C ILE L 1 49.09 -24.21 26.12
N GLU L 2 48.66 -23.03 26.51
CA GLU L 2 47.31 -22.91 26.95
C GLU L 2 46.34 -23.01 25.81
N VAL L 3 45.27 -23.73 26.02
CA VAL L 3 44.22 -23.86 25.05
C VAL L 3 43.01 -23.44 25.83
N TRP L 4 42.06 -22.70 25.28
CA TRP L 4 40.94 -22.29 26.14
C TRP L 4 39.64 -22.97 25.91
N ASP L 5 38.95 -23.26 26.99
CA ASP L 5 37.58 -23.66 26.83
C ASP L 5 36.76 -22.48 26.38
N TYR L 6 35.96 -22.72 25.37
CA TYR L 6 35.08 -21.74 24.81
C TYR L 6 33.98 -21.23 25.65
N GLU L 7 33.52 -21.99 26.61
CA GLU L 7 32.45 -21.47 27.43
C GLU L 7 33.04 -20.72 28.62
N GLN L 8 34.23 -21.13 29.03
CA GLN L 8 34.97 -20.37 30.03
C GLN L 8 35.32 -18.95 29.63
N LEU L 9 35.68 -18.75 28.38
CA LEU L 9 36.05 -17.42 27.93
C LEU L 9 34.81 -16.53 28.08
N ARG L 10 33.68 -17.16 27.84
CA ARG L 10 32.42 -16.48 27.90
C ARG L 10 32.13 -16.07 29.32
N GLU L 11 32.26 -17.01 30.24
CA GLU L 11 32.01 -16.76 31.66
C GLU L 11 32.91 -15.71 32.27
N GLU L 12 34.15 -15.66 31.84
CA GLU L 12 35.07 -14.64 32.30
C GLU L 12 34.91 -13.28 31.61
N TYR L 13 33.97 -13.16 30.67
CA TYR L 13 33.81 -11.86 30.00
C TYR L 13 33.25 -10.67 30.76
N GLY L 14 33.73 -9.50 30.36
CA GLY L 14 33.35 -8.23 30.98
C GLY L 14 31.86 -8.04 30.82
N GLU M 19 59.33 10.97 25.30
CA GLU M 19 59.98 10.11 24.34
C GLU M 19 59.90 10.69 22.95
N TRP M 20 61.06 10.93 22.33
CA TRP M 20 61.16 11.51 20.99
C TRP M 20 60.34 10.73 19.99
N LEU M 21 60.44 9.40 20.03
CA LEU M 21 59.72 8.60 19.08
C LEU M 21 58.24 8.80 19.25
N GLN M 22 57.69 8.83 20.45
CA GLN M 22 56.25 9.03 20.62
C GLN M 22 55.74 10.35 20.03
N ALA M 23 56.54 11.40 20.12
CA ALA M 23 56.12 12.69 19.59
C ALA M 23 55.86 12.60 18.10
N GLU M 24 56.77 11.90 17.44
CA GLU M 24 56.78 11.62 16.01
C GLU M 24 55.74 10.71 15.54
N ILE M 25 55.44 9.68 16.30
CA ILE M 25 54.34 8.84 15.89
C ILE M 25 53.02 9.58 15.89
N ALA M 26 52.73 10.37 16.91
CA ALA M 26 51.52 11.15 16.99
C ALA M 26 51.41 12.12 15.83
N ARG M 27 52.51 12.72 15.39
CA ARG M 27 52.46 13.63 14.27
C ARG M 27 52.02 12.94 13.01
N LEU M 28 52.61 11.80 12.75
CA LEU M 28 52.41 11.08 11.51
C LEU M 28 51.02 10.54 11.53
N LYS M 29 50.48 10.30 12.70
CA LYS M 29 49.18 9.70 12.74
C LYS M 29 48.12 10.71 12.30
N GLY M 30 48.46 11.99 12.22
CA GLY M 30 47.46 13.03 11.96
C GLY M 30 47.13 13.46 10.55
N LYS M 31 46.56 14.65 10.38
CA LYS M 31 46.16 15.08 9.03
C LYS M 31 46.63 16.49 8.71
N SER M 32 46.88 16.74 7.43
CA SER M 32 47.30 18.06 6.99
C SER M 32 46.88 18.35 5.56
N ILE M 33 46.93 19.61 5.15
CA ILE M 33 46.60 19.99 3.79
C ILE M 33 47.80 20.59 3.08
N VAL M 34 48.20 19.99 1.97
CA VAL M 34 49.35 20.45 1.22
C VAL M 34 48.89 21.18 -0.03
N PRO M 35 49.37 22.42 -0.24
CA PRO M 35 49.01 23.10 -1.47
C PRO M 35 49.45 22.27 -2.65
N LEU M 36 48.54 22.05 -3.60
CA LEU M 36 48.85 21.31 -4.81
C LEU M 36 48.17 21.99 -5.97
N GLN M 37 48.58 21.67 -7.18
CA GLN M 37 48.01 22.32 -8.34
C GLN M 37 46.52 22.11 -8.52
N GLN M 38 46.01 20.97 -8.12
CA GLN M 38 44.64 20.63 -8.31
C GLN M 38 43.90 21.50 -7.43
N VAL M 39 44.45 21.72 -6.24
CA VAL M 39 43.75 22.48 -5.23
C VAL M 39 43.69 23.94 -5.57
N LYS M 40 44.82 24.51 -5.97
CA LYS M 40 44.81 25.89 -6.40
C LYS M 40 43.88 26.12 -7.56
N THR M 41 43.86 25.21 -8.53
CA THR M 41 43.00 25.40 -9.70
C THR M 41 41.56 25.57 -9.30
N LEU M 42 41.09 24.72 -8.42
CA LEU M 42 39.71 24.78 -7.98
C LEU M 42 39.45 26.08 -7.28
N HIS M 43 40.34 26.52 -6.41
CA HIS M 43 40.04 27.71 -5.63
C HIS M 43 39.81 28.90 -6.52
N ASP M 44 40.61 29.05 -7.57
CA ASP M 44 40.39 30.13 -8.53
C ASP M 44 39.13 29.96 -9.36
N TRP M 45 38.82 28.74 -9.78
CA TRP M 45 37.61 28.47 -10.52
C TRP M 45 36.35 28.80 -9.75
N LEU M 46 36.28 28.39 -8.49
CA LEU M 46 35.14 28.67 -7.68
C LEU M 46 35.05 30.12 -7.51
N ASP M 47 36.13 30.86 -7.38
CA ASP M 47 35.99 32.29 -7.18
C ASP M 47 35.38 32.95 -8.32
N GLY M 48 35.66 32.46 -9.51
CA GLY M 48 35.08 33.03 -10.68
C GLY M 48 33.59 32.83 -10.46
N LYS M 49 33.18 31.61 -10.20
CA LYS M 49 31.83 31.33 -10.03
C LYS M 49 31.21 32.03 -8.93
N ARG M 50 31.88 32.30 -7.87
CA ARG M 50 31.26 33.05 -6.82
C ARG M 50 30.87 34.42 -7.12
N LYS M 51 31.66 35.19 -7.81
CA LYS M 51 31.32 36.57 -8.12
C LYS M 51 30.32 36.61 -9.23
N ALA M 52 30.34 35.63 -10.10
CA ALA M 52 29.53 35.62 -11.26
C ALA M 52 28.19 35.16 -10.79
N ARG M 53 28.13 34.64 -9.59
CA ARG M 53 26.97 34.00 -9.04
C ARG M 53 26.44 32.89 -9.89
N LYS M 54 27.25 31.96 -10.38
CA LYS M 54 26.72 30.91 -11.21
C LYS M 54 26.88 29.54 -10.58
N SER M 55 25.95 28.58 -10.70
CA SER M 55 26.02 27.24 -10.15
C SER M 55 26.86 26.38 -11.09
N CYS M 56 27.38 25.29 -10.56
CA CYS M 56 28.26 24.39 -11.29
C CYS M 56 28.43 23.10 -10.54
N ARG M 57 29.17 22.16 -11.07
CA ARG M 57 29.47 20.97 -10.28
C ARG M 57 30.91 20.56 -10.39
N VAL M 58 31.40 19.80 -9.41
CA VAL M 58 32.77 19.30 -9.45
C VAL M 58 32.76 17.80 -9.49
N VAL M 59 33.46 17.19 -10.43
CA VAL M 59 33.36 15.75 -10.61
C VAL M 59 34.76 15.18 -10.59
N GLY M 60 34.86 13.90 -10.28
CA GLY M 60 36.12 13.19 -10.37
C GLY M 60 36.05 11.91 -9.58
N GLU M 61 37.09 11.08 -9.69
CA GLU M 61 37.12 9.76 -9.06
C GLU M 61 37.21 9.87 -7.54
N SER M 62 36.80 8.83 -6.85
CA SER M 62 36.68 8.91 -5.40
C SER M 62 37.89 9.17 -4.52
N ARG M 63 39.10 8.96 -5.01
CA ARG M 63 40.27 9.28 -4.20
C ARG M 63 41.10 10.46 -4.66
N THR M 64 40.54 11.35 -5.46
CA THR M 64 41.24 12.53 -5.91
C THR M 64 41.31 13.68 -4.93
N GLY M 65 40.53 13.66 -3.87
CA GLY M 65 40.75 14.60 -2.78
C GLY M 65 39.87 15.83 -2.91
N LYS M 66 38.75 15.65 -3.61
CA LYS M 66 37.70 16.64 -3.81
C LYS M 66 37.21 17.24 -2.52
N THR M 67 36.83 16.42 -1.55
CA THR M 67 36.30 16.91 -0.29
C THR M 67 37.26 17.84 0.43
N VAL M 68 38.52 17.46 0.49
CA VAL M 68 39.58 18.26 1.09
C VAL M 68 39.85 19.61 0.43
N ALA M 69 39.89 19.68 -0.89
CA ALA M 69 40.05 20.96 -1.57
C ALA M 69 38.96 21.98 -1.24
N CYS M 70 37.75 21.48 -1.10
CA CYS M 70 36.49 22.21 -0.76
C CYS M 70 36.58 22.78 0.67
N ASP M 71 37.08 21.99 1.62
CA ASP M 71 37.32 22.49 3.00
C ASP M 71 38.44 23.54 2.99
N ALA M 72 39.48 23.30 2.23
CA ALA M 72 40.58 24.21 2.18
C ALA M 72 40.00 25.50 1.70
N TYR M 73 39.08 25.44 0.75
CA TYR M 73 38.44 26.66 0.30
C TYR M 73 37.60 27.33 1.36
N ARG M 74 36.73 26.58 2.02
CA ARG M 74 35.86 27.17 3.01
C ARG M 74 36.65 28.00 4.00
N TYR M 75 37.75 27.45 4.47
CA TYR M 75 38.54 28.07 5.52
C TYR M 75 39.24 29.34 5.14
N ARG M 76 39.26 29.69 3.87
CA ARG M 76 39.98 30.90 3.51
C ARG M 76 39.03 32.08 3.61
N HIS M 77 37.76 31.84 3.95
CA HIS M 77 36.75 32.90 3.99
C HIS M 77 35.96 32.88 5.28
N LYS M 78 36.55 33.39 6.34
CA LYS M 78 35.96 33.24 7.66
C LYS M 78 34.73 34.12 7.82
N PRO M 79 33.70 33.58 8.46
CA PRO M 79 32.46 34.29 8.71
C PRO M 79 32.76 35.60 9.40
N GLN M 80 32.05 36.68 9.17
CA GLN M 80 32.34 37.88 9.94
C GLN M 80 31.27 38.24 10.96
N GLN M 81 31.64 38.93 12.03
CA GLN M 81 30.68 39.26 13.08
C GLN M 81 30.73 40.62 13.71
N GLU M 82 29.58 41.27 13.70
CA GLU M 82 29.36 42.59 14.28
C GLU M 82 28.79 42.43 15.68
N ALA M 83 28.55 43.52 16.37
CA ALA M 83 27.96 43.38 17.70
C ALA M 83 26.52 42.83 17.74
N GLY M 84 25.69 43.13 16.77
CA GLY M 84 24.32 42.70 16.87
C GLY M 84 23.80 41.59 15.99
N ARG M 85 23.73 41.85 14.69
CA ARG M 85 23.18 40.95 13.70
C ARG M 85 23.95 39.66 13.50
N PRO M 86 23.31 38.65 12.92
CA PRO M 86 23.83 37.33 12.55
C PRO M 86 25.11 37.46 11.76
N PRO M 87 25.97 36.42 11.79
CA PRO M 87 27.22 36.29 11.11
C PRO M 87 27.03 36.52 9.68
N THR M 88 27.98 37.08 8.97
CA THR M 88 27.87 37.18 7.55
C THR M 88 28.60 35.97 7.11
N VAL M 89 28.02 35.15 6.23
CA VAL M 89 28.62 33.86 5.88
C VAL M 89 28.64 33.65 4.38
N PRO M 90 29.64 34.19 3.71
CA PRO M 90 29.79 34.03 2.27
C PRO M 90 29.68 32.60 1.75
N VAL M 91 30.26 31.60 2.39
CA VAL M 91 30.20 30.23 1.87
C VAL M 91 29.60 29.22 2.86
N VAL M 92 28.60 28.47 2.44
CA VAL M 92 28.03 27.43 3.30
C VAL M 92 28.35 26.05 2.78
N TYR M 93 28.89 25.16 3.61
CA TYR M 93 29.28 23.83 3.16
C TYR M 93 28.52 22.79 3.95
N ILE M 94 27.80 21.90 3.28
CA ILE M 94 27.03 20.86 3.97
C ILE M 94 27.27 19.47 3.41
N ARG M 95 27.01 18.42 4.17
CA ARG M 95 27.08 17.08 3.61
C ARG M 95 25.82 16.35 4.05
N PRO M 96 24.99 15.91 3.09
CA PRO M 96 23.72 15.24 3.40
C PRO M 96 23.89 13.83 3.90
N HIS M 97 22.88 13.33 4.62
CA HIS M 97 22.78 11.89 5.01
C HIS M 97 22.15 11.11 3.85
N GLN M 98 22.08 9.78 3.98
CA GLN M 98 21.53 8.94 2.89
C GLN M 98 20.02 9.10 2.78
N LYS M 99 19.50 9.08 1.54
CA LYS M 99 18.06 9.29 1.27
C LYS M 99 17.64 10.60 1.95
N CYS M 100 18.37 11.68 1.66
CA CYS M 100 18.12 13.03 2.22
C CYS M 100 16.78 13.59 1.70
N GLY M 101 15.87 13.99 2.55
CA GLY M 101 14.63 14.53 2.03
C GLY M 101 14.65 16.02 2.09
N PRO M 102 13.57 16.67 1.70
CA PRO M 102 13.40 18.10 1.71
C PRO M 102 13.49 18.68 3.05
N LYS M 103 13.23 17.96 4.12
CA LYS M 103 13.33 18.60 5.41
C LYS M 103 14.71 18.53 5.93
N ASP M 104 15.47 17.57 5.44
CA ASP M 104 16.85 17.28 5.87
C ASP M 104 17.92 18.19 5.38
N LEU M 105 17.72 18.62 4.16
CA LEU M 105 18.38 19.75 3.54
C LEU M 105 18.17 21.08 4.14
N PHE M 106 16.96 21.45 4.49
CA PHE M 106 16.77 22.72 5.13
C PHE M 106 17.30 22.65 6.52
N LYS M 107 17.08 21.55 7.24
CA LYS M 107 17.49 21.45 8.60
C LYS M 107 18.99 21.70 8.60
N LYS M 108 19.78 21.04 7.73
CA LYS M 108 21.25 21.21 7.84
C LYS M 108 21.67 22.64 7.49
N ILE M 109 21.01 23.26 6.50
CA ILE M 109 21.38 24.66 6.11
C ILE M 109 21.19 25.60 7.31
N THR M 110 20.05 25.42 7.98
CA THR M 110 19.65 26.22 9.17
C THR M 110 20.63 26.01 10.32
N GLU M 111 21.05 24.78 10.58
CA GLU M 111 22.00 24.49 11.70
C GLU M 111 23.39 25.07 11.36
N TYR M 112 23.73 24.93 10.11
CA TYR M 112 25.00 25.40 9.70
C TYR M 112 25.09 26.84 10.07
N LEU M 113 24.08 27.63 9.83
CA LEU M 113 24.18 29.03 10.19
C LEU M 113 23.91 29.37 11.62
N LYS M 114 23.84 28.34 12.44
CA LYS M 114 23.59 28.38 13.88
C LYS M 114 22.27 28.88 14.36
N TYR M 115 21.20 28.47 13.70
CA TYR M 115 19.85 28.68 14.21
C TYR M 115 19.34 27.35 14.72
N ARG M 116 18.50 27.35 15.74
CA ARG M 116 17.88 26.11 16.15
C ARG M 116 16.60 25.77 15.41
N VAL M 117 16.50 24.55 14.95
CA VAL M 117 15.31 24.10 14.27
C VAL M 117 14.26 23.52 15.20
N THR M 118 13.02 23.96 15.07
CA THR M 118 11.97 23.48 15.97
C THR M 118 10.89 22.74 15.16
N LYS M 119 9.89 22.18 15.82
CA LYS M 119 8.81 21.44 15.14
C LYS M 119 7.99 22.05 13.98
N GLY M 120 7.38 21.18 13.13
CA GLY M 120 6.54 21.49 11.96
C GLY M 120 6.36 20.31 10.97
N THR M 121 5.99 20.58 9.70
CA THR M 121 5.86 19.63 8.51
C THR M 121 6.54 20.17 7.24
N VAL M 122 6.57 19.41 6.14
CA VAL M 122 7.38 19.76 4.98
C VAL M 122 7.12 21.10 4.46
N SER M 123 5.88 21.47 4.33
CA SER M 123 5.57 22.81 3.92
C SER M 123 6.00 23.84 4.96
N ASP M 124 5.87 23.49 6.22
CA ASP M 124 6.14 24.41 7.29
C ASP M 124 7.52 24.96 7.35
N PHE M 125 8.58 24.29 6.87
CA PHE M 125 9.85 25.01 6.86
C PHE M 125 9.98 25.89 5.61
N ARG M 126 10.98 25.55 4.79
CA ARG M 126 11.27 26.32 3.58
C ARG M 126 11.20 27.80 3.78
N ASP M 127 10.18 28.30 4.41
CA ASP M 127 10.05 29.74 4.56
C ASP M 127 11.18 30.24 5.44
N ARG M 128 11.51 29.50 6.49
CA ARG M 128 12.59 29.82 7.44
C ARG M 128 13.97 29.73 6.87
N THR M 129 14.21 28.75 5.99
CA THR M 129 15.46 28.67 5.25
C THR M 129 15.66 29.86 4.39
N ILE M 130 14.70 30.32 3.60
CA ILE M 130 14.87 31.49 2.85
C ILE M 130 15.11 32.70 3.77
N GLU M 131 14.39 32.90 4.88
CA GLU M 131 14.79 34.00 5.76
C GLU M 131 16.24 33.92 6.29
N VAL M 132 16.81 32.75 6.64
CA VAL M 132 18.16 32.86 7.20
C VAL M 132 19.20 33.01 6.09
N LEU M 133 18.87 32.55 4.87
CA LEU M 133 19.73 32.73 3.71
C LEU M 133 19.76 34.21 3.31
N LYS M 134 18.65 34.93 3.53
CA LYS M 134 18.62 36.39 3.39
C LYS M 134 19.21 37.02 4.66
N GLY M 135 19.59 38.28 4.55
CA GLY M 135 20.05 39.07 5.68
C GLY M 135 21.47 38.68 5.92
N CYS M 136 21.66 37.41 6.25
CA CYS M 136 22.97 36.85 6.36
C CYS M 136 23.53 36.80 4.96
N GLY M 137 24.64 37.44 4.66
CA GLY M 137 25.10 37.43 3.29
C GLY M 137 25.49 35.98 3.06
N VAL M 138 24.96 35.39 2.00
CA VAL M 138 25.40 34.07 1.57
C VAL M 138 25.55 34.25 0.07
N GLU M 139 26.70 33.79 -0.41
CA GLU M 139 27.04 33.83 -1.82
C GLU M 139 27.13 32.45 -2.46
N MET M 140 27.63 31.45 -1.73
CA MET M 140 27.76 30.12 -2.30
C MET M 140 27.37 28.98 -1.36
N LEU M 141 26.68 27.98 -1.90
CA LEU M 141 26.33 26.78 -1.15
C LEU M 141 27.06 25.58 -1.79
N ILE M 142 27.80 24.80 -1.01
CA ILE M 142 28.47 23.64 -1.58
C ILE M 142 27.89 22.35 -1.07
N ILE M 143 27.44 21.46 -1.93
CA ILE M 143 26.83 20.23 -1.47
C ILE M 143 27.73 19.07 -1.80
N ASP M 144 28.29 18.42 -0.80
CA ASP M 144 29.14 17.27 -0.99
C ASP M 144 28.31 16.04 -1.17
N GLU M 145 28.88 15.00 -1.76
CA GLU M 145 28.16 13.76 -2.05
C GLU M 145 26.76 14.05 -2.54
N ALA M 146 26.63 14.85 -3.58
CA ALA M 146 25.30 15.34 -3.97
C ALA M 146 24.32 14.25 -4.25
N ASP M 147 24.78 13.11 -4.73
CA ASP M 147 23.89 12.00 -5.01
C ASP M 147 23.24 11.29 -3.81
N ARG M 148 23.42 11.78 -2.58
CA ARG M 148 22.58 11.30 -1.56
C ARG M 148 21.22 11.93 -1.55
N LEU M 149 21.04 12.98 -2.33
CA LEU M 149 19.76 13.70 -2.40
C LEU M 149 18.73 12.81 -3.05
N LYS M 150 17.52 12.83 -2.51
CA LYS M 150 16.38 12.18 -3.09
C LYS M 150 16.04 12.98 -4.29
N PRO M 151 15.53 12.36 -5.35
CA PRO M 151 15.19 13.07 -6.56
C PRO M 151 14.31 14.28 -6.43
N GLU M 152 13.37 14.33 -5.53
CA GLU M 152 12.55 15.51 -5.47
C GLU M 152 13.26 16.69 -4.87
N THR M 153 14.36 16.51 -4.15
CA THR M 153 14.90 17.65 -3.41
C THR M 153 15.55 18.60 -4.31
N PHE M 154 15.84 18.15 -5.52
CA PHE M 154 16.50 18.99 -6.46
C PHE M 154 15.60 20.15 -6.82
N ALA M 155 14.31 20.00 -6.63
CA ALA M 155 13.40 21.09 -6.89
C ALA M 155 13.72 22.24 -5.96
N ASP M 156 14.07 21.93 -4.72
CA ASP M 156 14.38 22.96 -3.73
C ASP M 156 15.76 23.55 -3.91
N VAL M 157 16.71 22.72 -4.37
CA VAL M 157 18.03 23.21 -4.74
C VAL M 157 18.00 24.17 -5.94
N ARG M 158 17.25 23.87 -6.98
CA ARG M 158 17.10 24.78 -8.10
C ARG M 158 16.41 26.05 -7.69
N ASP M 159 15.35 25.91 -6.89
CA ASP M 159 14.54 27.04 -6.46
C ASP M 159 15.37 28.11 -5.80
N ILE M 160 16.20 27.70 -4.86
CA ILE M 160 17.10 28.61 -4.16
C ILE M 160 18.08 29.26 -5.13
N ALA M 161 18.69 28.47 -6.00
CA ALA M 161 19.69 28.96 -6.88
C ALA M 161 19.04 29.99 -7.76
N GLU M 162 17.80 29.81 -8.16
CA GLU M 162 17.23 30.79 -9.13
C GLU M 162 16.69 32.02 -8.40
N ASP M 163 16.09 31.82 -7.22
CA ASP M 163 15.37 32.89 -6.45
C ASP M 163 16.38 33.83 -5.77
N LEU M 164 17.44 33.28 -5.19
CA LEU M 164 18.44 34.07 -4.42
C LEU M 164 19.75 34.12 -5.21
N GLY M 165 20.52 35.19 -5.10
CA GLY M 165 21.76 35.25 -5.84
C GLY M 165 22.79 34.37 -5.17
N ILE M 166 22.52 33.08 -5.14
CA ILE M 166 23.40 32.15 -4.49
C ILE M 166 23.87 31.10 -5.48
N ALA M 167 25.18 30.91 -5.58
CA ALA M 167 25.71 29.91 -6.48
C ALA M 167 25.62 28.61 -5.71
N VAL M 168 25.24 27.54 -6.37
CA VAL M 168 25.21 26.24 -5.74
C VAL M 168 26.18 25.37 -6.46
N VAL M 169 27.05 24.68 -5.73
CA VAL M 169 28.04 23.78 -6.31
C VAL M 169 27.74 22.36 -5.90
N LEU M 170 27.60 21.44 -6.85
CA LEU M 170 27.40 20.04 -6.53
C LEU M 170 28.70 19.27 -6.70
N VAL M 171 29.13 18.54 -5.68
CA VAL M 171 30.39 17.81 -5.74
C VAL M 171 30.14 16.33 -5.77
N GLY M 172 30.78 15.58 -6.65
CA GLY M 172 30.61 14.12 -6.60
C GLY M 172 31.36 13.24 -7.60
N THR M 173 31.15 11.92 -7.56
CA THR M 173 31.73 10.93 -8.46
C THR M 173 30.91 10.79 -9.76
N ASP M 174 31.39 10.00 -10.73
CA ASP M 174 30.70 9.75 -11.99
C ASP M 174 29.27 9.25 -11.83
N ARG M 175 28.97 8.63 -10.73
CA ARG M 175 27.64 8.23 -10.51
C ARG M 175 26.75 9.41 -10.42
N LEU M 176 27.24 10.56 -9.97
CA LEU M 176 26.37 11.73 -9.81
C LEU M 176 25.80 12.05 -11.14
N ASP M 177 26.62 12.09 -12.17
CA ASP M 177 26.09 12.38 -13.46
C ASP M 177 25.13 11.36 -13.96
N ALA M 178 25.32 10.11 -13.64
CA ALA M 178 24.30 9.16 -14.00
C ALA M 178 23.00 9.52 -13.32
N VAL M 179 23.00 10.03 -12.10
CA VAL M 179 21.72 10.44 -11.55
C VAL M 179 21.19 11.69 -12.21
N ILE M 180 22.05 12.67 -12.42
CA ILE M 180 21.61 13.93 -12.98
C ILE M 180 21.01 13.79 -14.36
N LYS M 181 21.55 12.93 -15.22
CA LYS M 181 21.02 12.79 -16.57
C LYS M 181 19.62 12.25 -16.63
N ARG M 182 19.08 11.88 -15.49
CA ARG M 182 17.71 11.41 -15.43
C ARG M 182 16.76 12.58 -15.45
N ASP M 183 17.24 13.80 -15.31
CA ASP M 183 16.33 14.95 -15.31
C ASP M 183 16.88 16.12 -16.06
N GLU M 184 16.29 16.45 -17.18
CA GLU M 184 16.71 17.62 -17.87
C GLU M 184 16.70 18.85 -17.05
N GLN M 185 15.77 19.07 -16.18
CA GLN M 185 15.68 20.36 -15.53
C GLN M 185 16.86 20.65 -14.72
N VAL M 186 17.45 19.67 -14.10
CA VAL M 186 18.65 19.82 -13.31
C VAL M 186 19.88 19.81 -14.10
N LEU M 187 20.02 18.93 -15.04
CA LEU M 187 21.23 18.85 -15.80
C LEU M 187 21.60 20.15 -16.34
N GLU M 188 20.67 20.90 -16.89
CA GLU M 188 20.86 22.22 -17.45
C GLU M 188 21.20 23.36 -16.56
N ARG M 189 20.77 23.37 -15.31
CA ARG M 189 21.20 24.47 -14.47
C ARG M 189 22.65 24.21 -14.11
N PHE M 190 23.04 22.94 -13.99
CA PHE M 190 24.36 22.58 -13.50
C PHE M 190 25.29 22.00 -14.55
N ARG M 191 25.08 22.39 -15.78
CA ARG M 191 25.89 21.93 -16.89
C ARG M 191 27.41 22.16 -16.88
N ALA M 192 27.86 23.33 -16.43
CA ALA M 192 29.28 23.59 -16.28
C ALA M 192 29.95 22.80 -15.19
N HIS M 193 31.18 22.37 -15.40
CA HIS M 193 31.82 21.52 -14.41
C HIS M 193 33.32 21.63 -14.44
N LEU M 194 33.98 21.27 -13.36
CA LEU M 194 35.43 21.12 -13.36
C LEU M 194 35.74 19.68 -13.00
N ARG M 195 36.71 19.08 -13.64
CA ARG M 195 37.09 17.70 -13.34
C ARG M 195 38.46 17.49 -12.71
N PHE M 196 38.50 16.74 -11.61
CA PHE M 196 39.73 16.30 -10.97
C PHE M 196 40.27 15.07 -11.68
N GLY M 197 41.57 15.00 -11.87
CA GLY M 197 42.15 13.80 -12.45
C GLY M 197 43.14 13.08 -11.57
N LYS M 198 43.90 12.17 -12.19
CA LYS M 198 44.93 11.43 -11.49
C LYS M 198 46.32 11.97 -11.78
N LEU M 199 47.28 11.64 -10.90
CA LEU M 199 48.68 12.04 -11.05
C LEU M 199 49.44 11.18 -12.04
N SER M 200 50.35 11.81 -12.78
CA SER M 200 51.21 11.05 -13.66
C SER M 200 52.51 11.73 -13.99
N GLY M 201 53.42 10.99 -14.60
CA GLY M 201 54.65 11.56 -15.11
C GLY M 201 55.40 12.40 -14.13
N GLU M 202 55.77 13.61 -14.55
CA GLU M 202 56.45 14.55 -13.68
C GLU M 202 55.65 15.01 -12.50
N ASP M 203 54.34 15.04 -12.64
CA ASP M 203 53.48 15.50 -11.58
C ASP M 203 53.36 14.55 -10.43
N PHE M 204 53.24 13.28 -10.72
CA PHE M 204 53.33 12.29 -9.72
C PHE M 204 54.70 12.28 -9.04
N LYS M 205 55.78 12.24 -9.82
CA LYS M 205 57.11 12.39 -9.24
C LYS M 205 57.42 13.60 -8.36
N ASN M 206 57.04 14.78 -8.79
CA ASN M 206 57.23 16.03 -8.01
C ASN M 206 56.42 15.95 -6.71
N THR M 207 55.21 15.36 -6.77
CA THR M 207 54.32 15.26 -5.58
C THR M 207 55.00 14.40 -4.50
N VAL M 208 55.57 13.30 -4.97
CA VAL M 208 56.16 12.31 -4.14
C VAL M 208 57.23 13.07 -3.44
N GLU M 209 58.05 13.79 -4.19
CA GLU M 209 59.13 14.53 -3.57
C GLU M 209 58.59 15.57 -2.63
N MET M 210 57.52 16.27 -2.97
CA MET M 210 56.99 17.24 -2.03
C MET M 210 56.66 16.54 -0.75
N TRP M 211 56.05 15.36 -0.81
CA TRP M 211 55.54 14.68 0.35
C TRP M 211 56.60 14.22 1.23
N GLU M 212 57.72 13.91 0.63
CA GLU M 212 58.85 13.49 1.41
C GLU M 212 59.44 14.63 2.22
N GLN M 213 59.57 15.82 1.62
CA GLN M 213 60.22 16.93 2.29
C GLN M 213 59.24 17.70 3.12
N MET M 214 58.00 17.77 2.67
CA MET M 214 57.00 18.55 3.39
C MET M 214 56.18 17.77 4.43
N VAL M 215 55.96 16.48 4.22
CA VAL M 215 55.19 15.69 5.18
C VAL M 215 55.92 14.65 6.03
N LEU M 216 56.77 13.83 5.41
CA LEU M 216 57.47 12.78 6.16
C LEU M 216 58.62 13.25 7.06
N LYS M 217 59.56 13.98 6.47
CA LYS M 217 60.69 14.55 7.19
C LYS M 217 61.56 13.61 8.03
N LEU M 218 61.94 12.48 7.49
CA LEU M 218 62.79 11.64 8.27
C LEU M 218 64.20 12.14 8.06
N PRO M 219 65.08 11.94 9.02
CA PRO M 219 66.40 12.53 8.90
C PRO M 219 67.21 12.04 7.71
N VAL M 220 67.07 10.77 7.47
CA VAL M 220 67.81 10.08 6.48
C VAL M 220 67.70 10.54 5.05
N SER M 221 66.51 10.96 4.62
CA SER M 221 66.14 11.35 3.23
C SER M 221 66.10 10.12 2.38
N SER M 222 64.90 9.65 2.12
CA SER M 222 64.74 8.39 1.44
C SER M 222 64.78 8.32 -0.08
N ASN M 223 64.97 9.44 -0.76
CA ASN M 223 65.12 9.43 -2.23
C ASN M 223 64.08 8.71 -3.02
N LEU M 224 62.84 8.89 -2.62
CA LEU M 224 61.78 8.22 -3.29
C LEU M 224 61.73 8.56 -4.77
N LYS M 225 62.19 9.73 -5.17
CA LYS M 225 62.02 10.05 -6.57
C LYS M 225 62.92 9.24 -7.44
N SER M 226 63.70 8.37 -6.83
CA SER M 226 64.57 7.47 -7.56
C SER M 226 63.78 6.43 -8.28
N LYS M 227 64.30 5.92 -9.38
CA LYS M 227 63.51 5.02 -10.20
C LYS M 227 63.08 3.77 -9.47
N GLU M 228 63.96 3.23 -8.66
CA GLU M 228 63.67 2.01 -7.91
C GLU M 228 62.54 2.09 -6.91
N MET M 229 62.27 3.31 -6.45
CA MET M 229 61.18 3.53 -5.53
C MET M 229 59.93 3.98 -6.23
N LEU M 230 60.07 4.73 -7.29
CA LEU M 230 58.87 5.18 -7.95
C LEU M 230 58.16 4.01 -8.53
N ARG M 231 58.86 2.99 -9.01
CA ARG M 231 58.14 1.83 -9.49
C ARG M 231 57.30 1.21 -8.43
N ILE M 232 57.75 1.22 -7.19
CA ILE M 232 56.98 0.62 -6.15
C ILE M 232 55.74 1.42 -5.91
N LEU M 233 55.88 2.73 -5.74
CA LEU M 233 54.76 3.63 -5.50
C LEU M 233 53.79 3.74 -6.63
N THR M 234 54.29 3.73 -7.86
CA THR M 234 53.39 3.85 -8.99
C THR M 234 52.46 2.69 -9.05
N SER M 235 52.99 1.49 -8.92
CA SER M 235 52.13 0.32 -8.93
C SER M 235 51.21 0.33 -7.74
N ALA M 236 51.74 0.67 -6.57
CA ALA M 236 50.92 0.74 -5.38
C ALA M 236 49.80 1.78 -5.36
N THR M 237 50.04 2.95 -5.95
CA THR M 237 49.08 4.06 -5.84
C THR M 237 48.22 4.42 -7.04
N GLU M 238 48.65 4.03 -8.23
CA GLU M 238 47.97 4.29 -9.50
C GLU M 238 47.56 5.75 -9.70
N GLY M 239 48.37 6.67 -9.17
CA GLY M 239 48.10 8.09 -9.27
C GLY M 239 47.06 8.75 -8.37
N TYR M 240 46.57 8.08 -7.35
CA TYR M 240 45.54 8.70 -6.55
C TYR M 240 46.28 9.35 -5.41
N ILE M 241 45.97 10.59 -5.10
CA ILE M 241 46.63 11.24 -4.00
C ILE M 241 46.29 10.57 -2.71
N GLY M 242 45.11 10.05 -2.58
CA GLY M 242 44.67 9.27 -1.40
C GLY M 242 45.59 8.10 -1.09
N ARG M 243 45.83 7.25 -2.03
CA ARG M 243 46.68 6.14 -1.74
C ARG M 243 48.05 6.58 -1.47
N LEU M 244 48.57 7.55 -2.20
CA LEU M 244 49.92 7.97 -1.94
C LEU M 244 50.11 8.43 -0.56
N ASP M 245 49.23 9.21 0.00
CA ASP M 245 49.37 9.59 1.36
C ASP M 245 49.28 8.44 2.28
N GLU M 246 48.30 7.56 2.16
CA GLU M 246 48.18 6.48 3.12
C GLU M 246 49.36 5.61 3.12
N ILE M 247 49.81 5.25 1.95
CA ILE M 247 50.96 4.40 1.87
C ILE M 247 52.20 4.99 2.43
N LEU M 248 52.58 6.22 2.16
CA LEU M 248 53.83 6.71 2.75
C LEU M 248 53.73 6.92 4.21
N ARG M 249 52.58 7.30 4.73
CA ARG M 249 52.48 7.40 6.16
C ARG M 249 52.55 6.06 6.86
N GLU M 250 51.93 5.02 6.31
CA GLU M 250 51.96 3.70 6.95
C GLU M 250 53.42 3.24 6.89
N ALA M 251 54.12 3.44 5.78
CA ALA M 251 55.53 3.12 5.68
C ALA M 251 56.46 3.90 6.59
N ALA M 252 56.37 5.21 6.73
CA ALA M 252 57.21 5.83 7.77
C ALA M 252 56.84 5.40 9.20
N ILE M 253 55.58 5.24 9.54
CA ILE M 253 55.29 4.87 10.92
C ILE M 253 55.85 3.49 11.22
N ARG M 254 55.66 2.52 10.34
CA ARG M 254 56.08 1.15 10.64
C ARG M 254 57.55 1.17 10.78
N SER M 255 58.17 1.86 9.87
CA SER M 255 59.65 1.96 9.78
C SER M 255 60.25 2.59 11.05
N LEU M 256 59.67 3.64 11.54
CA LEU M 256 60.21 4.17 12.79
C LEU M 256 60.11 3.27 13.98
N SER M 257 59.08 2.47 14.01
CA SER M 257 58.88 1.69 15.21
C SER M 257 60.02 0.68 15.35
N ARG M 258 60.70 0.44 14.22
CA ARG M 258 61.79 -0.52 14.11
C ARG M 258 63.16 0.15 14.14
N GLY M 259 63.18 1.45 14.40
CA GLY M 259 64.42 2.15 14.61
C GLY M 259 65.15 2.60 13.36
N LEU M 260 64.46 2.69 12.24
CA LEU M 260 65.10 3.12 11.01
C LEU M 260 64.77 4.58 10.76
N LYS M 261 65.69 5.29 10.12
CA LYS M 261 65.52 6.70 9.81
C LYS M 261 65.26 7.03 8.34
N LYS M 262 65.01 6.01 7.53
CA LYS M 262 64.62 6.22 6.14
C LYS M 262 63.69 5.10 5.64
N ILE M 263 62.98 5.36 4.56
CA ILE M 263 62.16 4.33 3.90
C ILE M 263 62.96 3.61 2.82
N ASP M 264 63.23 2.33 3.05
CA ASP M 264 63.94 1.51 2.08
C ASP M 264 62.99 0.79 1.15
N LYS M 265 63.55 0.11 0.15
CA LYS M 265 62.82 -0.83 -0.68
C LYS M 265 62.01 -1.96 -0.06
N ALA M 266 62.56 -2.76 0.82
CA ALA M 266 61.75 -3.86 1.34
C ALA M 266 60.60 -3.40 2.23
N VAL M 267 60.78 -2.38 3.06
CA VAL M 267 59.71 -2.04 4.04
C VAL M 267 58.52 -1.45 3.29
N LEU M 268 58.81 -0.70 2.22
CA LEU M 268 57.74 -0.07 1.39
C LEU M 268 56.98 -1.17 0.66
N GLN M 269 57.69 -2.17 0.15
CA GLN M 269 57.06 -3.32 -0.55
C GLN M 269 56.21 -4.12 0.45
N GLU M 270 56.72 -4.27 1.67
CA GLU M 270 55.97 -4.95 2.76
C GLU M 270 54.60 -4.26 2.92
N VAL M 271 54.57 -2.93 2.94
CA VAL M 271 53.28 -2.19 3.06
C VAL M 271 52.48 -2.32 1.75
N ALA M 272 53.11 -2.06 0.62
CA ALA M 272 52.38 -2.02 -0.67
C ALA M 272 51.68 -3.36 -0.91
N LYS M 273 52.34 -4.46 -0.54
CA LYS M 273 51.80 -5.84 -0.77
C LYS M 273 50.44 -6.00 -0.09
N GLU M 274 50.16 -5.20 0.94
CA GLU M 274 48.91 -5.35 1.74
C GLU M 274 47.75 -4.63 1.04
N TYR M 275 48.03 -3.95 -0.07
CA TYR M 275 47.00 -3.15 -0.77
C TYR M 275 46.79 -3.72 -2.18
N ILE N 1 57.03 26.08 1.58
CA ILE N 1 55.73 26.71 1.51
C ILE N 1 54.98 26.38 2.79
N GLU N 2 53.96 27.14 3.11
CA GLU N 2 53.17 26.78 4.25
C GLU N 2 52.34 25.58 3.97
N VAL N 3 52.27 24.69 4.94
CA VAL N 3 51.45 23.51 4.85
C VAL N 3 50.61 23.61 6.09
N TRP N 4 49.32 23.30 6.10
CA TRP N 4 48.58 23.47 7.34
C TRP N 4 48.23 22.25 8.11
N ASP N 5 48.32 22.33 9.41
CA ASP N 5 47.73 21.29 10.21
C ASP N 5 46.23 21.37 10.12
N TYR N 6 45.63 20.24 9.86
CA TYR N 6 44.21 20.10 9.77
C TYR N 6 43.40 20.35 10.98
N GLU N 7 43.94 20.19 12.14
CA GLU N 7 43.14 20.44 13.33
C GLU N 7 43.29 21.90 13.71
N GLN N 8 44.44 22.48 13.40
CA GLN N 8 44.61 23.92 13.56
C GLN N 8 43.66 24.78 12.75
N LEU N 9 43.38 24.37 11.52
CA LEU N 9 42.50 25.16 10.68
C LEU N 9 41.14 25.19 11.35
N ARG N 10 40.83 24.07 11.99
CA ARG N 10 39.57 23.90 12.67
C ARG N 10 39.50 24.84 13.83
N GLU N 11 40.53 24.82 14.66
CA GLU N 11 40.60 25.68 15.86
C GLU N 11 40.54 27.16 15.56
N GLU N 12 41.15 27.57 14.46
CA GLU N 12 41.10 28.95 14.05
C GLU N 12 39.80 29.34 13.34
N TYR N 13 38.87 28.41 13.16
CA TYR N 13 37.62 28.78 12.47
C TYR N 13 36.61 29.70 13.15
N GLY N 14 35.92 30.47 12.31
CA GLY N 14 34.94 31.44 12.75
C GLY N 14 33.83 30.72 13.48
N GLU O 19 34.45 53.96 -8.78
CA GLU O 19 35.18 53.29 -9.84
C GLU O 19 34.25 52.93 -10.99
N TRP O 20 34.54 53.45 -12.18
CA TRP O 20 33.75 53.21 -13.39
C TRP O 20 33.60 51.75 -13.67
N LEU O 21 34.69 51.01 -13.54
CA LEU O 21 34.64 49.60 -13.86
C LEU O 21 33.66 48.89 -12.96
N GLN O 22 33.65 49.14 -11.65
CA GLN O 22 32.71 48.43 -10.78
C GLN O 22 31.24 48.68 -11.11
N ALA O 23 30.91 49.89 -11.55
CA ALA O 23 29.54 50.21 -11.89
C ALA O 23 29.01 49.28 -12.96
N GLU O 24 29.88 49.06 -13.94
CA GLU O 24 29.67 48.19 -15.10
C GLU O 24 29.62 46.76 -14.80
N ILE O 25 30.44 46.27 -13.92
CA ILE O 25 30.31 44.90 -13.56
C ILE O 25 28.99 44.58 -12.87
N ALA O 26 28.55 45.44 -11.96
CA ALA O 26 27.26 45.28 -11.30
C ALA O 26 26.13 45.27 -12.31
N ARG O 27 26.19 46.07 -13.36
CA ARG O 27 25.15 46.07 -14.36
C ARG O 27 25.04 44.76 -15.07
N LEU O 28 26.17 44.21 -15.46
CA LEU O 28 26.22 43.02 -16.26
C LEU O 28 25.78 41.89 -15.39
N LYS O 29 25.97 42.00 -14.10
CA LYS O 29 25.64 40.89 -13.25
C LYS O 29 24.12 40.73 -13.17
N GLY O 30 23.35 41.74 -13.60
CA GLY O 30 21.90 41.73 -13.40
C GLY O 30 20.98 41.11 -14.43
N LYS O 31 19.71 41.52 -14.44
CA LYS O 31 18.76 40.93 -15.39
C LYS O 31 17.93 41.95 -16.12
N SER O 32 17.52 41.63 -17.34
CA SER O 32 16.69 42.52 -18.13
C SER O 32 15.81 41.78 -19.10
N ILE O 33 14.80 42.45 -19.66
CA ILE O 33 13.91 41.84 -20.63
C ILE O 33 14.08 42.46 -22.00
N VAL O 34 14.34 41.63 -23.00
CA VAL O 34 14.46 42.11 -24.36
C VAL O 34 13.32 41.61 -25.21
N PRO O 35 12.59 42.52 -25.85
CA PRO O 35 11.48 42.06 -26.69
C PRO O 35 12.01 41.16 -27.78
N LEU O 36 11.34 40.06 -28.03
CA LEU O 36 11.70 39.14 -29.10
C LEU O 36 10.43 38.64 -29.74
N GLN O 37 10.54 38.02 -30.89
CA GLN O 37 9.37 37.53 -31.58
C GLN O 37 8.57 36.48 -30.81
N GLN O 38 9.25 35.66 -30.04
CA GLN O 38 8.64 34.58 -29.33
C GLN O 38 7.74 35.21 -28.37
N VAL O 39 8.23 36.28 -27.75
CA VAL O 39 7.49 36.92 -26.69
C VAL O 39 6.27 37.62 -27.21
N LYS O 40 6.42 38.37 -28.27
CA LYS O 40 5.26 39.04 -28.84
C LYS O 40 4.19 38.05 -29.23
N THR O 41 4.56 36.92 -29.82
CA THR O 41 3.56 35.94 -30.25
C THR O 41 2.69 35.52 -29.10
N LEU O 42 3.30 35.20 -27.98
CA LEU O 42 2.55 34.73 -26.83
C LEU O 42 1.63 35.80 -26.33
N HIS O 43 2.10 37.04 -26.24
CA HIS O 43 1.26 38.07 -25.65
C HIS O 43 -0.03 38.23 -26.41
N ASP O 44 0.02 38.20 -27.73
CA ASP O 44 -1.19 38.29 -28.54
C ASP O 44 -2.08 37.07 -28.44
N TRP O 45 -1.48 35.88 -28.39
CA TRP O 45 -2.24 34.66 -28.24
C TRP O 45 -3.01 34.61 -26.93
N LEU O 46 -2.37 34.96 -25.82
CA LEU O 46 -3.01 34.95 -24.56
C LEU O 46 -4.10 35.94 -24.58
N ASP O 47 -3.96 37.08 -25.22
CA ASP O 47 -5.03 38.04 -25.19
C ASP O 47 -6.24 37.54 -25.83
N GLY O 48 -6.07 36.76 -26.87
CA GLY O 48 -7.21 36.20 -27.55
C GLY O 48 -7.88 35.37 -26.48
N LYS O 49 -7.12 34.50 -25.84
CA LYS O 49 -7.67 33.64 -24.90
C LYS O 49 -8.25 34.32 -23.75
N ARG O 50 -7.73 35.42 -23.30
CA ARG O 50 -8.36 36.09 -22.22
C ARG O 50 -9.71 36.61 -22.43
N LYS O 51 -10.00 37.20 -23.57
CA LYS O 51 -11.34 37.73 -23.82
C LYS O 51 -12.30 36.63 -24.09
N ALA O 52 -11.82 35.55 -24.66
CA ALA O 52 -12.66 34.48 -25.09
C ALA O 52 -12.94 33.69 -23.86
N ARG O 53 -12.22 33.96 -22.80
CA ARG O 53 -12.25 33.20 -21.58
C ARG O 53 -12.00 31.73 -21.80
N LYS O 54 -11.00 31.31 -22.53
CA LYS O 54 -10.78 29.88 -22.72
C LYS O 54 -9.48 29.42 -22.09
N SER O 55 -9.39 28.26 -21.44
CA SER O 55 -8.19 27.70 -20.85
C SER O 55 -7.35 27.09 -21.97
N CYS O 56 -6.05 26.97 -21.71
CA CYS O 56 -5.10 26.48 -22.70
C CYS O 56 -3.80 26.15 -22.02
N ARG O 57 -2.84 25.61 -22.74
CA ARG O 57 -1.54 25.40 -22.15
C ARG O 57 -0.41 25.86 -23.03
N VAL O 58 0.75 26.14 -22.45
CA VAL O 58 1.91 26.54 -23.23
C VAL O 58 3.02 25.53 -23.01
N VAL O 59 3.63 25.02 -24.07
CA VAL O 59 4.61 23.97 -23.93
C VAL O 59 5.89 24.40 -24.59
N GLY O 60 6.99 23.80 -24.19
CA GLY O 60 8.26 24.01 -24.86
C GLY O 60 9.40 23.63 -23.95
N GLU O 61 10.61 23.55 -24.50
CA GLU O 61 11.78 23.11 -23.76
C GLU O 61 12.14 24.09 -22.64
N SER O 62 12.79 23.59 -21.60
CA SER O 62 13.05 24.42 -20.43
C SER O 62 13.92 25.66 -20.53
N ARG O 63 14.74 25.79 -21.56
CA ARG O 63 15.51 27.03 -21.72
C ARG O 63 15.02 28.01 -22.76
N THR O 64 13.80 27.84 -23.24
CA THR O 64 13.21 28.78 -24.19
C THR O 64 12.72 30.10 -23.61
N GLY O 65 12.60 30.21 -22.30
CA GLY O 65 12.36 31.52 -21.70
C GLY O 65 10.89 31.79 -21.49
N LYS O 66 10.12 30.71 -21.38
CA LYS O 66 8.70 30.71 -21.09
C LYS O 66 8.35 31.49 -19.85
N THR O 67 9.04 31.26 -18.74
CA THR O 67 8.74 31.94 -17.49
C THR O 67 8.88 33.45 -17.60
N VAL O 68 9.94 33.91 -18.24
CA VAL O 68 10.15 35.32 -18.54
C VAL O 68 9.14 35.99 -19.44
N ALA O 69 8.69 35.33 -20.50
CA ALA O 69 7.60 35.87 -21.32
C ALA O 69 6.32 36.12 -20.55
N CYS O 70 6.03 35.24 -19.62
CA CYS O 70 4.87 35.26 -18.68
C CYS O 70 4.97 36.45 -17.72
N ASP O 71 6.17 36.69 -17.15
CA ASP O 71 6.42 37.91 -16.35
C ASP O 71 6.15 39.16 -17.20
N ALA O 72 6.75 39.22 -18.38
CA ALA O 72 6.67 40.40 -19.18
C ALA O 72 5.21 40.65 -19.39
N TYR O 73 4.43 39.59 -19.61
CA TYR O 73 3.01 39.77 -19.76
C TYR O 73 2.33 40.32 -18.53
N ARG O 74 2.60 39.76 -17.38
CA ARG O 74 1.89 40.16 -16.18
C ARG O 74 1.96 41.65 -15.99
N TYR O 75 3.14 42.22 -16.21
CA TYR O 75 3.42 43.61 -15.94
C TYR O 75 2.73 44.59 -16.86
N ARG O 76 2.07 44.11 -17.89
CA ARG O 76 1.47 45.05 -18.82
C ARG O 76 0.10 45.43 -18.32
N HIS O 77 -0.34 44.85 -17.20
CA HIS O 77 -1.68 45.13 -16.67
C HIS O 77 -1.63 45.52 -15.20
N LYS O 78 -1.53 46.82 -14.94
CA LYS O 78 -1.35 47.28 -13.57
C LYS O 78 -2.60 47.12 -12.76
N PRO O 79 -2.49 46.42 -11.63
CA PRO O 79 -3.60 46.22 -10.70
C PRO O 79 -4.13 47.57 -10.27
N GLN O 80 -5.41 47.74 -10.02
CA GLN O 80 -5.85 49.05 -9.55
C GLN O 80 -6.34 49.07 -8.11
N GLN O 81 -6.23 50.21 -7.44
CA GLN O 81 -6.66 50.28 -6.04
C GLN O 81 -7.13 51.61 -5.52
N GLU O 82 -8.30 51.51 -4.89
CA GLU O 82 -8.98 52.63 -4.26
C GLU O 82 -8.68 52.61 -2.79
N ALA O 83 -9.04 53.66 -2.09
CA ALA O 83 -8.74 53.68 -0.70
C ALA O 83 -9.39 52.57 0.09
N GLY O 84 -10.67 52.34 -0.11
CA GLY O 84 -11.30 51.34 0.72
C GLY O 84 -11.57 49.94 0.27
N ARG O 85 -12.24 49.75 -0.86
CA ARG O 85 -12.56 48.40 -1.31
C ARG O 85 -11.37 47.65 -1.91
N PRO O 86 -11.54 46.37 -2.15
CA PRO O 86 -10.59 45.42 -2.69
C PRO O 86 -10.27 45.76 -4.12
N PRO O 87 -9.08 45.41 -4.60
CA PRO O 87 -8.37 45.62 -5.87
C PRO O 87 -8.92 44.96 -7.05
N THR O 88 -8.45 45.32 -8.22
CA THR O 88 -8.91 44.65 -9.39
C THR O 88 -7.68 44.10 -9.95
N VAL O 89 -7.59 42.80 -10.09
CA VAL O 89 -6.38 42.13 -10.53
C VAL O 89 -6.66 41.17 -11.68
N PRO O 90 -6.67 41.68 -12.89
CA PRO O 90 -6.96 40.88 -14.07
C PRO O 90 -6.14 39.61 -14.23
N VAL O 91 -4.85 39.59 -13.92
CA VAL O 91 -4.04 38.39 -14.11
C VAL O 91 -3.34 37.90 -12.85
N VAL O 92 -3.47 36.62 -12.52
CA VAL O 92 -2.77 36.06 -11.37
C VAL O 92 -1.72 35.04 -11.80
N TYR O 93 -0.48 35.18 -11.37
CA TYR O 93 0.57 34.28 -11.78
C TYR O 93 1.17 33.60 -10.57
N ILE O 94 1.20 32.28 -10.54
CA ILE O 94 1.76 31.54 -9.40
C ILE O 94 2.72 30.45 -9.82
N ARG O 95 3.59 29.98 -8.93
CA ARG O 95 4.42 28.83 -9.24
C ARG O 95 4.28 27.85 -8.09
N PRO O 96 3.94 26.59 -8.38
CA PRO O 96 3.79 25.56 -7.35
C PRO O 96 5.12 25.03 -6.83
N HIS O 97 5.11 24.43 -5.64
CA HIS O 97 6.25 23.65 -5.09
C HIS O 97 6.10 22.19 -5.51
N GLN O 98 7.18 21.41 -5.40
CA GLN O 98 7.14 19.99 -5.85
C GLN O 98 6.13 19.18 -5.04
N LYS O 99 5.40 18.30 -5.72
CA LYS O 99 4.31 17.51 -5.09
C LYS O 99 3.35 18.48 -4.40
N CYS O 100 2.88 19.46 -5.16
CA CYS O 100 1.93 20.49 -4.69
C CYS O 100 0.57 19.87 -4.32
N GLY O 101 0.03 20.08 -3.14
CA GLY O 101 -1.24 19.48 -2.86
C GLY O 101 -2.34 20.49 -3.00
N PRO O 102 -3.57 20.09 -2.77
CA PRO O 102 -4.75 20.94 -2.79
C PRO O 102 -4.69 22.02 -1.81
N LYS O 103 -3.95 21.91 -0.72
CA LYS O 103 -3.95 23.03 0.19
C LYS O 103 -3.02 24.09 -0.23
N ASP O 104 -1.99 23.70 -0.97
CA ASP O 104 -0.87 24.57 -1.36
C ASP O 104 -1.12 25.54 -2.45
N LEU O 105 -1.91 25.09 -3.40
CA LEU O 105 -2.54 25.88 -4.42
C LEU O 105 -3.47 26.95 -3.99
N PHE O 106 -4.34 26.71 -3.05
CA PHE O 106 -5.20 27.77 -2.59
C PHE O 106 -4.39 28.76 -1.83
N LYS O 107 -3.47 28.31 -0.97
CA LYS O 107 -2.72 29.21 -0.16
C LYS O 107 -2.00 30.14 -1.10
N LYS O 108 -1.33 29.63 -2.16
CA LYS O 108 -0.52 30.57 -2.99
C LYS O 108 -1.43 31.58 -3.71
N ILE O 109 -2.62 31.15 -4.15
CA ILE O 109 -3.55 32.10 -4.85
C ILE O 109 -3.91 33.26 -3.92
N THR O 110 -4.23 32.91 -2.67
CA THR O 110 -4.65 33.85 -1.60
C THR O 110 -3.50 34.81 -1.26
N GLU O 111 -2.26 34.30 -1.15
CA GLU O 111 -1.09 35.16 -0.83
C GLU O 111 -0.81 36.11 -2.00
N TYR O 112 -0.85 35.67 -3.23
CA TYR O 112 -0.48 36.54 -4.31
C TYR O 112 -1.26 37.77 -4.41
N LEU O 113 -2.37 37.82 -3.71
CA LEU O 113 -3.21 38.97 -3.70
C LEU O 113 -3.09 39.72 -2.41
N LYS O 114 -2.09 39.38 -1.60
CA LYS O 114 -1.90 40.03 -0.33
C LYS O 114 -3.13 40.05 0.52
N TYR O 115 -3.69 38.89 0.80
CA TYR O 115 -4.87 38.75 1.63
C TYR O 115 -4.45 38.08 2.93
N ARG O 116 -4.91 38.51 4.08
CA ARG O 116 -4.42 37.89 5.30
C ARG O 116 -5.11 36.60 5.75
N VAL O 117 -4.39 35.49 5.80
CA VAL O 117 -5.05 34.25 6.26
C VAL O 117 -4.14 33.26 6.98
N THR O 118 -4.73 32.48 7.87
CA THR O 118 -3.98 31.58 8.72
C THR O 118 -4.46 30.14 8.75
N LYS O 119 -4.49 29.54 9.94
CA LYS O 119 -4.86 28.13 10.05
C LYS O 119 -6.33 27.79 9.78
N GLY O 120 -6.57 26.64 9.15
CA GLY O 120 -7.90 26.14 8.83
C GLY O 120 -7.78 24.83 8.06
N THR O 121 -8.89 24.20 7.67
CA THR O 121 -8.81 22.91 6.95
C THR O 121 -8.87 23.16 5.43
N VAL O 122 -8.66 22.13 4.59
CA VAL O 122 -8.71 22.29 3.14
C VAL O 122 -9.98 22.84 2.63
N SER O 123 -11.09 22.40 3.13
CA SER O 123 -12.32 22.97 2.69
C SER O 123 -12.40 24.40 3.06
N ASP O 124 -11.68 24.84 4.06
CA ASP O 124 -11.81 26.25 4.36
C ASP O 124 -10.98 27.06 3.44
N PHE O 125 -9.81 26.57 3.03
CA PHE O 125 -9.09 27.41 2.08
C PHE O 125 -9.86 27.50 0.76
N ARG O 126 -10.50 26.40 0.37
CA ARG O 126 -11.32 26.37 -0.83
C ARG O 126 -12.42 27.37 -0.83
N ASP O 127 -13.18 27.50 0.23
CA ASP O 127 -14.27 28.43 0.24
C ASP O 127 -13.72 29.83 0.09
N ARG O 128 -12.63 30.13 0.80
CA ARG O 128 -11.92 31.42 0.73
C ARG O 128 -11.36 31.77 -0.60
N THR O 129 -10.78 30.79 -1.30
CA THR O 129 -10.26 31.00 -2.65
C THR O 129 -11.34 31.45 -3.57
N ILE O 130 -12.51 30.84 -3.61
CA ILE O 130 -13.55 31.33 -4.42
C ILE O 130 -13.98 32.73 -3.94
N GLU O 131 -14.12 33.05 -2.66
CA GLU O 131 -14.43 34.43 -2.32
C GLU O 131 -13.35 35.47 -2.73
N VAL O 132 -12.04 35.16 -2.74
CA VAL O 132 -11.16 36.26 -3.14
C VAL O 132 -11.10 36.37 -4.68
N LEU O 133 -11.28 35.26 -5.39
CA LEU O 133 -11.27 35.25 -6.84
C LEU O 133 -12.50 36.00 -7.37
N LYS O 134 -13.63 35.87 -6.68
CA LYS O 134 -14.83 36.65 -6.99
C LYS O 134 -14.66 38.08 -6.44
N GLY O 135 -15.40 39.01 -7.04
CA GLY O 135 -15.47 40.37 -6.56
C GLY O 135 -14.25 41.06 -7.13
N CYS O 136 -13.10 40.56 -6.73
CA CYS O 136 -11.85 41.03 -7.27
C CYS O 136 -11.86 40.62 -8.73
N GLY O 137 -11.70 41.54 -9.67
CA GLY O 137 -11.80 41.15 -11.05
C GLY O 137 -10.58 40.26 -11.25
N VAL O 138 -10.80 39.01 -11.64
CA VAL O 138 -9.72 38.14 -12.07
C VAL O 138 -10.28 37.53 -13.33
N GLU O 139 -9.44 37.58 -14.36
CA GLU O 139 -9.77 37.02 -15.67
C GLU O 139 -8.90 35.82 -16.04
N MET O 140 -7.63 35.84 -15.65
CA MET O 140 -6.74 34.73 -16.02
C MET O 140 -5.83 34.25 -14.88
N LEU O 141 -5.66 32.93 -14.78
CA LEU O 141 -4.75 32.34 -13.81
C LEU O 141 -3.62 31.63 -14.58
N ILE O 142 -2.35 31.94 -14.30
CA ILE O 142 -1.27 31.22 -14.96
C ILE O 142 -0.48 30.37 -14.01
N ILE O 143 -0.35 29.08 -14.27
CA ILE O 143 0.35 28.21 -13.34
C ILE O 143 1.65 27.76 -13.95
N ASP O 144 2.77 28.17 -13.38
CA ASP O 144 4.08 27.79 -13.87
C ASP O 144 4.41 26.41 -13.40
N GLU O 145 5.56 25.88 -13.84
CA GLU O 145 5.99 24.53 -13.50
C GLU O 145 4.80 23.61 -13.35
N ALA O 146 3.90 23.59 -14.32
CA ALA O 146 2.58 23.02 -14.10
C ALA O 146 2.61 21.59 -13.66
N ASP O 147 3.58 20.82 -14.13
CA ASP O 147 3.69 19.42 -13.74
C ASP O 147 4.12 19.13 -12.29
N ARG O 148 4.30 20.13 -11.44
CA ARG O 148 4.50 19.83 -10.08
C ARG O 148 3.22 19.51 -9.35
N LEU O 149 2.08 19.72 -9.99
CA LEU O 149 0.78 19.45 -9.39
C LEU O 149 0.62 17.96 -9.19
N LYS O 150 0.09 17.58 -8.05
CA LYS O 150 -0.26 16.22 -7.75
C LYS O 150 -1.47 15.94 -8.55
N PRO O 151 -1.68 14.69 -8.99
CA PRO O 151 -2.84 14.33 -9.79
C PRO O 151 -4.18 14.72 -9.26
N GLU O 152 -4.43 14.74 -7.98
CA GLU O 152 -5.74 15.12 -7.53
C GLU O 152 -5.98 16.59 -7.61
N THR O 153 -4.97 17.43 -7.72
CA THR O 153 -5.22 18.86 -7.60
C THR O 153 -5.89 19.38 -8.79
N PHE O 154 -5.84 18.60 -9.86
CA PHE O 154 -6.43 19.03 -11.09
C PHE O 154 -7.93 19.12 -10.91
N ALA O 155 -8.47 18.42 -9.93
CA ALA O 155 -9.88 18.53 -9.66
C ALA O 155 -10.20 19.95 -9.25
N ASP O 156 -9.31 20.58 -8.50
CA ASP O 156 -9.53 21.94 -8.03
C ASP O 156 -9.25 22.97 -9.12
N VAL O 157 -8.27 22.70 -9.98
CA VAL O 157 -8.03 23.51 -11.15
C VAL O 157 -9.18 23.52 -12.14
N ARG O 158 -9.76 22.38 -12.46
CA ARG O 158 -10.91 22.32 -13.35
C ARG O 158 -12.11 23.01 -12.72
N ASP O 159 -12.31 22.78 -11.44
CA ASP O 159 -13.45 23.34 -10.71
C ASP O 159 -13.52 24.84 -10.85
N ILE O 160 -12.40 25.51 -10.61
CA ILE O 160 -12.29 26.95 -10.76
C ILE O 160 -12.56 27.37 -12.19
N ALA O 161 -11.94 26.68 -13.14
CA ALA O 161 -12.04 27.06 -14.52
C ALA O 161 -13.48 26.95 -14.90
N GLU O 162 -14.23 25.98 -14.40
CA GLU O 162 -15.62 25.84 -14.89
C GLU O 162 -16.58 26.75 -14.11
N ASP O 163 -16.32 26.92 -12.81
CA ASP O 163 -17.22 27.66 -11.87
C ASP O 163 -17.14 29.17 -12.11
N LEU O 164 -15.92 29.69 -12.30
CA LEU O 164 -15.69 31.14 -12.44
C LEU O 164 -15.26 31.46 -13.88
N GLY O 165 -15.59 32.63 -14.41
CA GLY O 165 -15.21 32.92 -15.77
C GLY O 165 -13.75 33.28 -15.81
N ILE O 166 -12.91 32.33 -15.48
CA ILE O 166 -11.49 32.54 -15.41
C ILE O 166 -10.77 31.58 -16.34
N ALA O 167 -9.88 32.10 -17.18
CA ALA O 167 -9.13 31.25 -18.08
C ALA O 167 -7.97 30.76 -17.27
N VAL O 168 -7.62 29.50 -17.40
CA VAL O 168 -6.48 28.96 -16.71
C VAL O 168 -5.47 28.55 -17.74
N VAL O 169 -4.23 28.97 -17.57
CA VAL O 169 -3.15 28.62 -18.50
C VAL O 169 -2.13 27.74 -17.80
N LEU O 170 -1.84 26.56 -18.36
CA LEU O 170 -0.82 25.69 -17.80
C LEU O 170 0.47 25.81 -18.58
N VAL O 171 1.57 26.12 -17.92
CA VAL O 171 2.85 26.34 -18.60
C VAL O 171 3.82 25.23 -18.26
N GLY O 172 4.44 24.60 -19.25
CA GLY O 172 5.45 23.59 -18.91
C GLY O 172 6.24 22.90 -20.03
N THR O 173 7.07 21.91 -19.69
CA THR O 173 7.86 21.11 -20.62
C THR O 173 7.05 19.92 -21.18
N ASP O 174 7.62 19.14 -22.10
CA ASP O 174 6.98 17.95 -22.68
C ASP O 174 6.45 16.97 -21.64
N ARG O 175 7.04 16.94 -20.48
CA ARG O 175 6.54 16.08 -19.49
C ARG O 175 5.16 16.48 -19.09
N LEU O 176 4.80 17.75 -19.23
CA LEU O 176 3.48 18.18 -18.76
C LEU O 176 2.47 17.40 -19.52
N ASP O 177 2.63 17.25 -20.80
CA ASP O 177 1.68 16.49 -21.55
C ASP O 177 1.67 15.05 -21.21
N ALA O 178 2.80 14.47 -20.89
CA ALA O 178 2.75 13.12 -20.42
C ALA O 178 1.92 13.02 -19.17
N VAL O 179 1.95 13.99 -18.27
CA VAL O 179 1.07 13.89 -17.13
C VAL O 179 -0.38 14.06 -17.51
N ILE O 180 -0.68 15.05 -18.33
CA ILE O 180 -2.06 15.33 -18.69
C ILE O 180 -2.74 14.16 -19.37
N LYS O 181 -2.07 13.46 -20.26
CA LYS O 181 -2.72 12.37 -20.98
C LYS O 181 -3.13 11.20 -20.13
N ARG O 182 -2.74 11.22 -18.88
CA ARG O 182 -3.13 10.18 -17.96
C ARG O 182 -4.55 10.39 -17.50
N ASP O 183 -5.15 11.54 -17.79
CA ASP O 183 -6.52 11.77 -17.35
C ASP O 183 -7.36 12.43 -18.37
N GLU O 184 -8.35 11.75 -18.89
CA GLU O 184 -9.19 12.36 -19.87
C GLU O 184 -9.90 13.56 -19.42
N GLN O 185 -10.22 13.71 -18.15
CA GLN O 185 -10.97 14.88 -17.75
C GLN O 185 -10.22 16.12 -17.92
N VAL O 186 -8.93 16.10 -17.69
CA VAL O 186 -8.06 17.23 -17.90
C VAL O 186 -7.66 17.44 -19.29
N LEU O 187 -7.33 16.42 -20.00
CA LEU O 187 -6.87 16.59 -21.34
C LEU O 187 -7.79 17.42 -22.12
N GLU O 188 -9.09 17.19 -22.03
CA GLU O 188 -10.12 17.92 -22.72
C GLU O 188 -10.39 19.34 -22.35
N ARG O 189 -10.19 19.75 -21.12
CA ARG O 189 -10.42 21.16 -20.84
C ARG O 189 -9.26 21.93 -21.42
N PHE O 190 -8.07 21.33 -21.40
CA PHE O 190 -6.84 22.03 -21.76
C PHE O 190 -6.22 21.61 -23.08
N ARG O 191 -7.05 21.12 -23.97
CA ARG O 191 -6.60 20.65 -25.28
C ARG O 191 -5.85 21.59 -26.22
N ALA O 192 -6.26 22.86 -26.29
CA ALA O 192 -5.54 23.84 -27.10
C ALA O 192 -4.21 24.24 -26.54
N HIS O 193 -3.23 24.52 -27.38
CA HIS O 193 -1.88 24.77 -26.86
C HIS O 193 -1.09 25.66 -27.77
N LEU O 194 -0.07 26.30 -27.24
CA LEU O 194 0.90 27.02 -28.05
C LEU O 194 2.27 26.50 -27.69
N ARG O 195 3.15 26.33 -28.66
CA ARG O 195 4.53 25.91 -28.40
C ARG O 195 5.62 26.93 -28.66
N PHE O 196 6.55 27.06 -27.73
CA PHE O 196 7.75 27.87 -27.90
C PHE O 196 8.80 27.08 -28.63
N GLY O 197 9.61 27.73 -29.44
CA GLY O 197 10.69 27.03 -30.13
C GLY O 197 12.07 27.51 -29.81
N LYS O 198 13.05 27.02 -30.57
CA LYS O 198 14.42 27.43 -30.41
C LYS O 198 14.84 28.45 -31.45
N LEU O 199 16.01 29.06 -31.24
CA LEU O 199 16.62 29.99 -32.20
C LEU O 199 17.34 29.30 -33.34
N SER O 200 17.24 29.87 -34.53
CA SER O 200 17.96 29.34 -35.67
C SER O 200 18.21 30.33 -36.76
N GLY O 201 19.14 29.99 -37.65
CA GLY O 201 19.33 30.75 -38.86
C GLY O 201 19.47 32.22 -38.68
N GLU O 202 18.69 33.00 -39.43
CA GLU O 202 18.71 34.44 -39.32
C GLU O 202 18.20 34.97 -38.01
N ASP O 203 17.35 34.21 -37.34
CA ASP O 203 16.81 34.63 -36.07
C ASP O 203 17.78 34.56 -34.94
N PHE O 204 18.57 33.52 -34.89
CA PHE O 204 19.68 33.46 -34.00
C PHE O 204 20.69 34.56 -34.29
N LYS O 205 21.10 34.74 -35.53
CA LYS O 205 21.93 35.89 -35.87
C LYS O 205 21.47 37.30 -35.53
N ASN O 206 20.23 37.61 -35.78
CA ASN O 206 19.62 38.93 -35.44
C ASN O 206 19.56 39.09 -33.92
N THR O 207 19.30 37.99 -33.20
CA THR O 207 19.21 38.01 -31.71
C THR O 207 20.56 38.43 -31.11
N VAL O 208 21.60 37.82 -31.66
CA VAL O 208 22.93 37.96 -31.18
C VAL O 208 23.17 39.43 -31.37
N GLU O 209 22.85 39.95 -32.53
CA GLU O 209 23.09 41.36 -32.78
C GLU O 209 22.28 42.20 -31.82
N MET O 210 21.03 41.87 -31.54
CA MET O 210 20.28 42.71 -30.63
C MET O 210 20.96 42.71 -29.29
N TRP O 211 21.53 41.58 -28.88
CA TRP O 211 22.05 41.43 -27.55
C TRP O 211 23.25 42.23 -27.35
N GLU O 212 23.98 42.43 -28.41
CA GLU O 212 25.14 43.26 -28.34
C GLU O 212 24.80 44.73 -28.18
N GLN O 213 23.80 45.21 -28.91
CA GLN O 213 23.45 46.61 -28.88
C GLN O 213 22.60 46.93 -27.70
N MET O 214 21.71 46.01 -27.34
CA MET O 214 20.75 46.30 -26.27
C MET O 214 21.18 45.84 -24.87
N VAL O 215 21.99 44.78 -24.77
CA VAL O 215 22.42 44.29 -23.46
C VAL O 215 23.88 44.49 -23.04
N LEU O 216 24.83 44.14 -23.90
CA LEU O 216 26.25 44.23 -23.52
C LEU O 216 26.82 45.64 -23.44
N LYS O 217 26.62 46.42 -24.49
CA LYS O 217 27.02 47.82 -24.54
C LYS O 217 28.47 48.18 -24.16
N LEU O 218 29.48 47.48 -24.63
CA LEU O 218 30.82 47.85 -24.21
C LEU O 218 31.28 49.02 -25.06
N PRO O 219 32.24 49.81 -24.56
CA PRO O 219 32.69 50.95 -25.35
C PRO O 219 33.32 50.48 -26.62
N VAL O 220 34.14 49.45 -26.53
CA VAL O 220 34.74 48.89 -27.70
C VAL O 220 33.60 48.22 -28.44
N SER O 221 33.49 48.34 -29.74
CA SER O 221 32.37 47.67 -30.40
C SER O 221 32.72 46.28 -30.89
N SER O 222 32.03 45.27 -30.39
CA SER O 222 32.36 43.88 -30.71
C SER O 222 32.26 43.30 -32.09
N ASN O 223 31.26 43.70 -32.86
CA ASN O 223 31.09 43.19 -34.21
C ASN O 223 31.03 41.66 -34.23
N LEU O 224 30.10 41.14 -33.44
CA LEU O 224 29.90 39.70 -33.23
C LEU O 224 29.37 38.87 -34.35
N LYS O 225 28.37 39.37 -35.02
CA LYS O 225 27.67 38.73 -36.12
C LYS O 225 28.62 38.15 -37.12
N SER O 226 29.90 38.41 -36.93
CA SER O 226 30.92 37.93 -37.84
C SER O 226 30.87 36.45 -37.98
N LYS O 227 31.12 35.93 -39.16
CA LYS O 227 30.92 34.52 -39.39
C LYS O 227 31.68 33.63 -38.43
N GLU O 228 32.93 33.94 -38.19
CA GLU O 228 33.78 33.16 -37.30
C GLU O 228 33.39 33.19 -35.83
N MET O 229 32.61 34.19 -35.46
CA MET O 229 32.11 34.28 -34.11
C MET O 229 30.79 33.58 -33.94
N LEU O 230 29.95 33.63 -34.93
CA LEU O 230 28.70 32.92 -34.80
C LEU O 230 28.97 31.46 -34.79
N ARG O 231 29.96 30.97 -35.50
CA ARG O 231 30.27 29.55 -35.38
C ARG O 231 30.60 29.17 -33.98
N ILE O 232 31.31 30.01 -33.26
CA ILE O 232 31.64 29.66 -31.91
C ILE O 232 30.40 29.60 -31.08
N LEU O 233 29.56 30.62 -31.15
CA LEU O 233 28.32 30.68 -30.39
C LEU O 233 27.31 29.64 -30.74
N THR O 234 27.20 29.29 -32.00
CA THR O 234 26.23 28.29 -32.38
C THR O 234 26.56 26.97 -31.76
N SER O 235 27.80 26.56 -31.87
CA SER O 235 28.19 25.30 -31.27
C SER O 235 28.01 25.35 -29.76
N ALA O 236 28.42 26.45 -29.16
CA ALA O 236 28.26 26.61 -27.72
C ALA O 236 26.84 26.66 -27.19
N THR O 237 25.92 27.26 -27.92
CA THR O 237 24.56 27.49 -27.41
C THR O 237 23.43 26.60 -27.91
N GLU O 238 23.60 25.99 -29.07
CA GLU O 238 22.63 25.12 -29.72
C GLU O 238 21.22 25.69 -29.79
N GLY O 239 21.11 27.00 -29.98
CA GLY O 239 19.84 27.68 -30.09
C GLY O 239 19.03 28.01 -28.86
N TYR O 240 19.57 27.85 -27.65
CA TYR O 240 18.75 28.11 -26.50
C TYR O 240 19.03 29.53 -26.13
N ILE O 241 18.01 30.33 -25.90
CA ILE O 241 18.24 31.68 -25.50
C ILE O 241 18.91 31.75 -24.17
N GLY O 242 18.63 30.83 -23.30
CA GLY O 242 19.30 30.68 -21.98
C GLY O 242 20.82 30.61 -22.11
N ARG O 243 21.31 29.70 -22.89
CA ARG O 243 22.73 29.62 -22.98
C ARG O 243 23.29 30.82 -23.61
N LEU O 244 22.67 31.38 -24.63
CA LEU O 244 23.23 32.54 -25.26
C LEU O 244 23.40 33.65 -24.30
N ASP O 245 22.46 33.93 -23.46
CA ASP O 245 22.64 35.00 -22.53
C ASP O 245 23.73 34.74 -21.56
N GLU O 246 23.78 33.59 -20.93
CA GLU O 246 24.81 33.37 -19.93
C GLU O 246 26.16 33.48 -20.49
N ILE O 247 26.36 32.89 -21.64
CA ILE O 247 27.65 32.94 -22.25
C ILE O 247 28.10 34.30 -22.61
N LEU O 248 27.32 35.16 -23.22
CA LEU O 248 27.84 36.48 -23.53
C LEU O 248 28.02 37.33 -22.33
N ARG O 249 27.22 37.18 -21.31
CA ARG O 249 27.48 37.93 -20.11
C ARG O 249 28.73 37.47 -19.39
N GLU O 250 29.01 36.18 -19.33
CA GLU O 250 30.21 35.69 -18.63
C GLU O 250 31.39 36.24 -19.44
N ALA O 251 31.35 36.22 -20.76
CA ALA O 251 32.39 36.82 -21.58
C ALA O 251 32.59 38.31 -21.43
N ALA O 252 31.58 39.16 -21.41
CA ALA O 252 31.88 40.57 -21.08
C ALA O 252 32.40 40.76 -19.67
N ILE O 253 31.90 40.08 -18.66
CA ILE O 253 32.41 40.36 -17.32
C ILE O 253 33.85 39.93 -17.22
N ARG O 254 34.20 38.73 -17.70
CA ARG O 254 35.57 38.24 -17.53
C ARG O 254 36.47 39.17 -18.23
N SER O 255 36.07 39.51 -19.42
CA SER O 255 36.84 40.39 -20.34
C SER O 255 37.11 41.76 -19.71
N LEU O 256 36.11 42.38 -19.13
CA LEU O 256 36.40 43.64 -18.48
C LEU O 256 37.30 43.58 -17.29
N SER O 257 37.21 42.49 -16.56
CA SER O 257 37.97 42.44 -15.34
C SER O 257 39.47 42.44 -15.67
N ARG O 258 39.76 42.06 -16.92
CA ARG O 258 41.12 41.95 -17.45
C ARG O 258 41.57 43.22 -18.18
N GLY O 259 40.74 44.25 -18.14
CA GLY O 259 41.12 45.54 -18.70
C GLY O 259 41.00 45.66 -20.21
N LEU O 260 40.14 44.86 -20.82
CA LEU O 260 39.94 44.96 -22.26
C LEU O 260 38.70 45.77 -22.56
N LYS O 261 38.63 46.33 -23.75
CA LYS O 261 37.50 47.15 -24.17
C LYS O 261 36.52 46.49 -25.12
N LYS O 262 36.72 45.20 -25.41
CA LYS O 262 35.83 44.49 -26.31
C LYS O 262 35.92 42.98 -26.10
N ILE O 263 35.00 42.23 -26.70
CA ILE O 263 35.07 40.76 -26.70
C ILE O 263 35.77 40.26 -27.96
N ASP O 264 36.90 39.56 -27.79
CA ASP O 264 37.60 38.94 -28.89
C ASP O 264 37.24 37.47 -29.02
N LYS O 265 37.72 36.84 -30.10
CA LYS O 265 37.69 35.40 -30.24
C LYS O 265 38.29 34.49 -29.18
N ALA O 266 39.49 34.74 -28.70
CA ALA O 266 40.04 33.82 -27.73
C ALA O 266 39.31 33.83 -26.39
N VAL O 267 38.90 34.98 -25.88
CA VAL O 267 38.30 35.00 -24.52
C VAL O 267 36.93 34.33 -24.58
N LEU O 268 36.23 34.49 -25.71
CA LEU O 268 34.90 33.86 -25.91
C LEU O 268 35.08 32.35 -25.89
N GLN O 269 36.11 31.85 -26.58
CA GLN O 269 36.39 30.39 -26.64
C GLN O 269 36.73 29.88 -25.23
N GLU O 270 37.52 30.67 -24.49
CA GLU O 270 37.91 30.33 -23.10
C GLU O 270 36.65 30.09 -22.26
N VAL O 271 35.65 30.97 -22.39
CA VAL O 271 34.37 30.81 -21.64
C VAL O 271 33.59 29.61 -22.18
N ALA O 272 33.38 29.55 -23.50
CA ALA O 272 32.53 28.50 -24.10
C ALA O 272 33.08 27.11 -23.73
N LYS O 273 34.41 26.99 -23.67
CA LYS O 273 35.07 25.68 -23.38
C LYS O 273 34.60 25.11 -22.04
N GLU O 274 34.15 25.98 -21.13
CA GLU O 274 33.78 25.56 -19.75
C GLU O 274 32.35 25.03 -19.73
N TYR O 275 31.66 25.07 -20.87
CA TYR O 275 30.24 24.66 -20.94
C TYR O 275 30.09 23.51 -21.94
N GLU P 19 -21.39 50.23 -28.13
CA GLU P 19 -20.84 49.67 -29.34
C GLU P 19 -21.50 48.34 -29.67
N TRP P 20 -22.09 48.25 -30.87
CA TRP P 20 -22.80 47.06 -31.33
C TRP P 20 -21.92 45.85 -31.28
N LEU P 21 -20.68 45.98 -31.71
CA LEU P 21 -19.78 44.85 -31.71
C LEU P 21 -19.55 44.38 -30.30
N GLN P 22 -19.26 45.24 -29.33
CA GLN P 22 -19.05 44.77 -27.96
C GLN P 22 -20.25 44.04 -27.37
N ALA P 23 -21.46 44.47 -27.70
CA ALA P 23 -22.64 43.83 -27.13
C ALA P 23 -22.71 42.37 -27.47
N GLU P 24 -22.42 42.11 -28.74
CA GLU P 24 -22.40 40.80 -29.37
C GLU P 24 -21.32 39.91 -28.97
N ILE P 25 -20.13 40.45 -28.75
CA ILE P 25 -19.09 39.59 -28.25
C ILE P 25 -19.41 39.04 -26.86
N ALA P 26 -19.93 39.86 -25.97
CA ALA P 26 -20.30 39.44 -24.63
C ALA P 26 -21.32 38.33 -24.69
N ARG P 27 -22.27 38.36 -25.61
CA ARG P 27 -23.23 37.30 -25.73
C ARG P 27 -22.60 35.98 -26.10
N LEU P 28 -21.70 36.04 -27.05
CA LEU P 28 -21.11 34.85 -27.63
C LEU P 28 -20.27 34.22 -26.57
N LYS P 29 -19.77 35.01 -25.64
CA LYS P 29 -18.90 34.45 -24.65
C LYS P 29 -19.72 33.67 -23.62
N GLY P 30 -21.05 33.72 -23.68
CA GLY P 30 -21.89 33.08 -22.68
C GLY P 30 -22.36 31.64 -22.85
N LYS P 31 -23.44 31.26 -22.18
CA LYS P 31 -23.90 29.88 -22.27
C LYS P 31 -25.40 29.76 -22.43
N SER P 32 -25.85 28.66 -23.03
CA SER P 32 -27.27 28.42 -23.19
C SER P 32 -27.59 26.93 -23.25
N ILE P 33 -28.87 26.58 -23.13
CA ILE P 33 -29.29 25.20 -23.19
C ILE P 33 -30.15 24.93 -24.40
N VAL P 34 -29.74 23.99 -25.25
CA VAL P 34 -30.46 23.68 -26.46
C VAL P 34 -31.08 22.30 -26.36
N PRO P 35 -32.38 22.18 -26.49
CA PRO P 35 -32.98 20.87 -26.27
C PRO P 35 -32.64 19.81 -27.27
N LEU P 36 -31.46 19.24 -27.17
CA LEU P 36 -30.99 18.23 -28.09
C LEU P 36 -31.67 16.92 -27.94
N GLN P 37 -31.52 16.05 -28.91
CA GLN P 37 -32.17 14.76 -28.81
C GLN P 37 -31.69 13.96 -27.63
N GLN P 38 -30.42 14.00 -27.31
CA GLN P 38 -29.93 13.25 -26.20
C GLN P 38 -30.55 13.68 -24.91
N VAL P 39 -30.74 14.96 -24.70
CA VAL P 39 -31.32 15.47 -23.49
C VAL P 39 -32.73 15.05 -23.26
N LYS P 40 -33.54 14.96 -24.30
CA LYS P 40 -34.92 14.61 -24.06
C LYS P 40 -35.07 13.25 -23.46
N THR P 41 -34.31 12.30 -23.91
CA THR P 41 -34.38 10.99 -23.35
C THR P 41 -34.12 10.91 -21.87
N LEU P 42 -33.06 11.48 -21.36
CA LEU P 42 -32.75 11.43 -19.94
C LEU P 42 -33.91 11.96 -19.14
N HIS P 43 -34.51 13.06 -19.55
CA HIS P 43 -35.54 13.65 -18.72
C HIS P 43 -36.69 12.70 -18.52
N ASP P 44 -37.09 11.98 -19.55
CA ASP P 44 -38.15 10.99 -19.41
C ASP P 44 -37.75 9.77 -18.60
N TRP P 45 -36.52 9.30 -18.77
CA TRP P 45 -36.01 8.17 -18.00
C TRP P 45 -35.97 8.46 -16.51
N LEU P 46 -35.47 9.63 -16.12
CA LEU P 46 -35.42 9.99 -14.75
C LEU P 46 -36.80 10.09 -14.24
N ASP P 47 -37.74 10.59 -15.00
CA ASP P 47 -39.09 10.71 -14.45
C ASP P 47 -39.66 9.40 -14.11
N GLY P 48 -39.32 8.39 -14.89
CA GLY P 48 -39.82 7.08 -14.60
C GLY P 48 -39.24 6.78 -13.24
N LYS P 49 -37.94 6.91 -13.09
CA LYS P 49 -37.32 6.60 -11.89
C LYS P 49 -37.77 7.41 -10.77
N ARG P 50 -38.12 8.64 -10.96
CA ARG P 50 -38.62 9.38 -9.84
C ARG P 50 -39.87 8.95 -9.22
N LYS P 51 -40.86 8.56 -9.97
CA LYS P 51 -42.13 8.14 -9.40
C LYS P 51 -42.00 6.75 -8.86
N ALA P 52 -41.13 5.96 -9.43
CA ALA P 52 -40.99 4.59 -9.07
C ALA P 52 -40.17 4.59 -7.83
N ARG P 53 -39.58 5.72 -7.51
CA ARG P 53 -38.64 5.87 -6.43
C ARG P 53 -37.50 4.91 -6.51
N LYS P 54 -36.83 4.73 -7.63
CA LYS P 54 -35.73 3.79 -7.68
C LYS P 54 -34.40 4.48 -7.95
N SER P 55 -33.26 4.06 -7.40
CA SER P 55 -31.93 4.60 -7.62
C SER P 55 -31.38 4.02 -8.91
N CYS P 56 -30.42 4.72 -9.51
CA CYS P 56 -29.84 4.34 -10.78
C CYS P 56 -28.59 5.13 -11.02
N ARG P 57 -27.88 4.88 -12.10
CA ARG P 57 -26.75 5.72 -12.42
C ARG P 57 -26.71 6.13 -13.87
N VAL P 58 -26.01 7.21 -14.19
CA VAL P 58 -25.87 7.65 -15.57
C VAL P 58 -24.40 7.67 -15.95
N VAL P 59 -24.03 7.10 -17.07
CA VAL P 59 -22.63 6.99 -17.42
C VAL P 59 -22.43 7.56 -18.79
N GLY P 60 -21.20 7.95 -19.10
CA GLY P 60 -20.84 8.36 -20.44
C GLY P 60 -19.56 9.14 -20.42
N GLU P 61 -19.02 9.45 -21.59
CA GLU P 61 -17.75 10.15 -21.72
C GLU P 61 -17.83 11.58 -21.23
N SER P 62 -16.71 12.15 -20.80
CA SER P 62 -16.73 13.46 -20.20
C SER P 62 -17.16 14.69 -20.99
N ARG P 63 -17.18 14.62 -22.32
CA ARG P 63 -17.71 15.74 -23.09
C ARG P 63 -19.07 15.57 -23.71
N THR P 64 -19.84 14.58 -23.27
CA THR P 64 -21.19 14.39 -23.75
C THR P 64 -22.26 15.29 -23.18
N GLY P 65 -21.96 16.04 -22.13
CA GLY P 65 -22.87 17.08 -21.69
C GLY P 65 -23.85 16.58 -20.64
N LYS P 66 -23.42 15.54 -19.93
CA LYS P 66 -24.12 14.94 -18.81
C LYS P 66 -24.49 15.94 -17.74
N THR P 67 -23.56 16.77 -17.31
CA THR P 67 -23.82 17.76 -16.27
C THR P 67 -24.92 18.74 -16.66
N VAL P 68 -24.89 19.21 -17.88
CA VAL P 68 -25.91 20.08 -18.43
C VAL P 68 -27.31 19.47 -18.60
N ALA P 69 -27.40 18.26 -19.12
CA ALA P 69 -28.69 17.59 -19.22
C ALA P 69 -29.40 17.40 -17.88
N CYS P 70 -28.62 17.05 -16.87
CA CYS P 70 -29.00 16.84 -15.44
C CYS P 70 -29.38 18.19 -14.80
N ASP P 71 -28.62 19.25 -15.10
CA ASP P 71 -28.94 20.61 -14.58
C ASP P 71 -30.24 21.10 -15.21
N ALA P 72 -30.40 20.92 -16.51
CA ALA P 72 -31.56 21.41 -17.18
C ALA P 72 -32.73 20.75 -16.52
N TYR P 73 -32.60 19.46 -16.22
CA TYR P 73 -33.68 18.79 -15.53
C TYR P 73 -34.02 19.41 -14.19
N ARG P 74 -33.02 19.71 -13.38
CA ARG P 74 -33.29 20.25 -12.06
C ARG P 74 -34.19 21.46 -12.14
N TYR P 75 -33.94 22.31 -13.12
CA TYR P 75 -34.64 23.57 -13.27
C TYR P 75 -36.07 23.44 -13.78
N ARG P 76 -36.49 22.26 -14.16
CA ARG P 76 -37.83 22.16 -14.68
C ARG P 76 -38.79 21.87 -13.52
N HIS P 77 -38.27 21.77 -12.31
CA HIS P 77 -39.10 21.48 -11.14
C HIS P 77 -38.86 22.47 -10.02
N LYS P 78 -39.41 23.67 -10.17
CA LYS P 78 -39.14 24.73 -9.20
C LYS P 78 -39.62 24.36 -7.83
N PRO P 79 -38.80 24.64 -6.81
CA PRO P 79 -39.16 24.42 -5.41
C PRO P 79 -40.49 25.06 -5.12
N GLN P 80 -41.34 24.51 -4.28
CA GLN P 80 -42.61 25.19 -4.04
C GLN P 80 -42.76 25.79 -2.65
N GLN P 81 -43.57 26.82 -2.50
CA GLN P 81 -43.76 27.43 -1.18
C GLN P 81 -45.13 27.94 -0.83
N GLU P 82 -45.61 27.45 0.31
CA GLU P 82 -46.89 27.81 0.89
C GLU P 82 -46.68 28.91 1.91
N ALA P 83 -47.73 29.40 2.54
CA ALA P 83 -47.52 30.40 3.58
C ALA P 83 -46.94 29.90 4.90
N GLY P 84 -47.09 28.61 5.22
CA GLY P 84 -46.60 28.16 6.50
C GLY P 84 -45.32 27.39 6.59
N ARG P 85 -45.37 26.12 6.24
CA ARG P 85 -44.24 25.20 6.32
C ARG P 85 -43.10 25.47 5.36
N PRO P 86 -41.93 24.90 5.63
CA PRO P 86 -40.71 24.92 4.83
C PRO P 86 -40.98 24.56 3.39
N PRO P 87 -40.10 24.95 2.46
CA PRO P 87 -40.14 24.73 1.05
C PRO P 87 -40.28 23.30 0.78
N THR P 88 -40.94 22.89 -0.29
CA THR P 88 -40.95 21.50 -0.64
C THR P 88 -39.99 21.46 -1.77
N VAL P 89 -39.03 20.54 -1.77
CA VAL P 89 -37.98 20.53 -2.79
C VAL P 89 -37.80 19.16 -3.40
N PRO P 90 -38.59 18.84 -4.42
CA PRO P 90 -38.56 17.53 -5.05
C PRO P 90 -37.18 17.05 -5.50
N VAL P 91 -36.31 17.89 -6.06
CA VAL P 91 -35.01 17.42 -6.54
C VAL P 91 -33.82 18.16 -5.94
N VAL P 92 -32.82 17.43 -5.46
CA VAL P 92 -31.61 18.07 -4.94
C VAL P 92 -30.40 17.73 -5.80
N TYR P 93 -29.68 18.73 -6.29
CA TYR P 93 -28.51 18.47 -7.12
C TYR P 93 -27.27 18.97 -6.45
N ILE P 94 -26.29 18.11 -6.20
CA ILE P 94 -25.06 18.51 -5.54
C ILE P 94 -23.80 18.08 -6.30
N ARG P 95 -22.66 18.71 -6.05
CA ARG P 95 -21.43 18.24 -6.65
C ARG P 95 -20.39 18.16 -5.55
N PRO P 96 -19.77 16.99 -5.35
CA PRO P 96 -18.75 16.79 -4.33
C PRO P 96 -17.41 17.41 -4.69
N HIS P 97 -16.55 17.61 -3.69
CA HIS P 97 -15.12 17.97 -3.89
C HIS P 97 -14.29 16.67 -3.95
N GLN P 98 -13.03 16.78 -4.37
CA GLN P 98 -12.17 15.58 -4.52
C GLN P 98 -11.87 14.94 -3.17
N LYS P 99 -11.87 13.60 -3.12
CA LYS P 99 -11.70 12.83 -1.87
C LYS P 99 -12.72 13.35 -0.86
N CYS P 100 -13.99 13.39 -1.28
CA CYS P 100 -15.12 13.84 -0.45
C CYS P 100 -15.33 12.91 0.75
N GLY P 101 -15.39 13.41 1.97
CA GLY P 101 -15.56 12.50 3.07
C GLY P 101 -17.00 12.46 3.48
N PRO P 102 -17.34 11.64 4.47
CA PRO P 102 -18.66 11.53 5.05
C PRO P 102 -19.15 12.79 5.61
N LYS P 103 -18.31 13.69 6.08
CA LYS P 103 -18.88 14.90 6.63
C LYS P 103 -19.25 15.86 5.58
N ASP P 104 -18.54 15.79 4.46
CA ASP P 104 -18.66 16.74 3.34
C ASP P 104 -19.88 16.67 2.51
N LEU P 105 -20.33 15.46 2.33
CA LEU P 105 -21.63 15.09 1.81
C LEU P 105 -22.82 15.55 2.56
N PHE P 106 -22.84 15.45 3.87
CA PHE P 106 -23.95 15.96 4.61
C PHE P 106 -23.91 17.46 4.56
N LYS P 107 -22.74 18.07 4.72
CA LYS P 107 -22.66 19.48 4.79
C LYS P 107 -23.26 20.01 3.51
N LYS P 108 -22.90 19.48 2.34
CA LYS P 108 -23.43 20.08 1.07
C LYS P 108 -24.94 19.90 0.98
N ILE P 109 -25.47 18.75 1.41
CA ILE P 109 -26.95 18.50 1.33
C ILE P 109 -27.69 19.54 2.16
N THR P 110 -27.16 19.78 3.38
CA THR P 110 -27.72 20.74 4.36
C THR P 110 -27.68 22.17 3.81
N GLU P 111 -26.58 22.57 3.16
CA GLU P 111 -26.47 23.92 2.58
C GLU P 111 -27.42 24.07 1.39
N TYR P 112 -27.47 23.02 0.61
CA TYR P 112 -28.28 23.05 -0.54
C TYR P 112 -29.65 23.43 -0.11
N LEU P 113 -30.12 22.85 0.96
CA LEU P 113 -31.46 23.15 1.43
C LEU P 113 -31.59 24.36 2.30
N LYS P 114 -30.65 25.28 2.17
CA LYS P 114 -30.65 26.56 2.85
C LYS P 114 -30.62 26.60 4.37
N TYR P 115 -30.24 25.54 5.06
CA TYR P 115 -30.22 25.62 6.51
C TYR P 115 -28.83 25.35 6.92
N ARG P 116 -28.19 26.14 7.76
CA ARG P 116 -26.83 25.76 8.12
C ARG P 116 -26.65 25.54 9.55
N VAL P 117 -26.04 24.40 9.81
CA VAL P 117 -25.68 23.96 11.13
C VAL P 117 -24.17 24.02 11.10
N THR P 118 -23.61 24.59 12.14
CA THR P 118 -22.20 24.70 12.21
C THR P 118 -21.79 24.13 13.51
N LYS P 119 -20.66 23.44 13.48
CA LYS P 119 -20.03 22.85 14.64
C LYS P 119 -20.71 21.76 15.41
N GLY P 120 -20.11 20.61 15.28
CA GLY P 120 -20.53 19.36 15.89
C GLY P 120 -19.65 18.23 15.37
N THR P 121 -20.04 16.97 15.56
CA THR P 121 -19.24 15.84 15.02
C THR P 121 -20.03 15.13 13.91
N VAL P 122 -19.49 14.07 13.28
CA VAL P 122 -20.16 13.41 12.16
C VAL P 122 -21.50 12.89 12.46
N SER P 123 -21.70 12.30 13.61
CA SER P 123 -23.01 11.85 13.92
C SER P 123 -23.95 12.98 13.98
N ASP P 124 -23.51 14.18 14.25
CA ASP P 124 -24.50 15.24 14.29
C ASP P 124 -24.85 15.67 12.92
N PHE P 125 -23.91 15.71 11.98
CA PHE P 125 -24.37 16.13 10.66
C PHE P 125 -25.40 15.14 10.13
N ARG P 126 -25.18 13.86 10.36
CA ARG P 126 -26.10 12.82 9.92
C ARG P 126 -27.47 12.95 10.49
N ASP P 127 -27.62 13.19 11.76
CA ASP P 127 -28.93 13.28 12.34
C ASP P 127 -29.68 14.43 11.72
N ARG P 128 -29.00 15.56 11.54
CA ARG P 128 -29.55 16.79 10.93
C ARG P 128 -29.90 16.67 9.49
N THR P 129 -29.12 15.88 8.73
CA THR P 129 -29.45 15.60 7.33
C THR P 129 -30.72 14.84 7.21
N ILE P 130 -30.96 13.80 7.99
CA ILE P 130 -32.19 13.13 7.93
C ILE P 130 -33.33 14.08 8.35
N GLU P 131 -33.24 14.92 9.38
CA GLU P 131 -34.32 15.88 9.59
C GLU P 131 -34.59 16.84 8.41
N VAL P 132 -33.60 17.35 7.66
CA VAL P 132 -34.03 18.29 6.62
C VAL P 132 -34.59 17.53 5.40
N LEU P 133 -34.09 16.31 5.17
CA LEU P 133 -34.56 15.49 4.06
C LEU P 133 -36.00 15.04 4.31
N LYS P 134 -36.35 14.82 5.57
CA LYS P 134 -37.74 14.52 5.96
C LYS P 134 -38.52 15.83 6.05
N GLY P 135 -39.85 15.71 5.98
CA GLY P 135 -40.75 16.83 6.19
C GLY P 135 -40.76 17.58 4.89
N CYS P 136 -39.61 18.15 4.55
CA CYS P 136 -39.44 18.78 3.28
C CYS P 136 -39.50 17.67 2.25
N GLY P 137 -40.41 17.72 1.28
CA GLY P 137 -40.54 16.58 0.41
C GLY P 137 -39.26 16.61 -0.40
N VAL P 138 -38.59 15.47 -0.48
CA VAL P 138 -37.48 15.29 -1.41
C VAL P 138 -37.77 13.94 -2.02
N GLU P 139 -37.69 13.92 -3.35
CA GLU P 139 -37.92 12.71 -4.12
C GLU P 139 -36.64 12.18 -4.78
N MET P 140 -35.74 13.06 -5.22
CA MET P 140 -34.54 12.60 -5.89
C MET P 140 -33.27 13.37 -5.52
N LEU P 141 -32.17 12.65 -5.31
CA LEU P 141 -30.87 13.26 -5.04
C LEU P 141 -29.95 12.96 -6.23
N ILE P 142 -29.34 13.98 -6.85
CA ILE P 142 -28.40 13.70 -7.93
C ILE P 142 -26.98 14.01 -7.54
N ILE P 143 -26.08 13.05 -7.65
CA ILE P 143 -24.70 13.31 -7.26
C ILE P 143 -23.82 13.35 -8.48
N ASP P 144 -23.28 14.51 -8.81
CA ASP P 144 -22.40 14.66 -9.94
C ASP P 144 -21.04 14.13 -9.61
N GLU P 145 -20.23 13.83 -10.63
CA GLU P 145 -18.90 13.27 -10.44
C GLU P 145 -18.87 12.30 -9.28
N ALA P 146 -19.71 11.28 -9.30
CA ALA P 146 -19.85 10.43 -8.13
C ALA P 146 -18.56 9.80 -7.68
N ASP P 147 -17.66 9.53 -8.59
CA ASP P 147 -16.36 9.00 -8.23
C ASP P 147 -15.40 9.93 -7.46
N ARG P 148 -15.79 11.16 -7.14
CA ARG P 148 -15.04 11.87 -6.18
C ARG P 148 -15.27 11.39 -4.77
N LEU P 149 -16.31 10.58 -4.56
CA LEU P 149 -16.63 10.06 -3.24
C LEU P 149 -15.55 9.09 -2.80
N LYS P 150 -15.16 9.18 -1.54
CA LYS P 150 -14.29 8.24 -0.92
C LYS P 150 -15.07 6.99 -0.78
N PRO P 151 -14.44 5.82 -0.88
CA PRO P 151 -15.14 4.55 -0.77
C PRO P 151 -16.01 4.36 0.43
N GLU P 152 -15.71 4.88 1.59
CA GLU P 152 -16.59 4.65 2.69
C GLU P 152 -17.85 5.45 2.63
N THR P 153 -17.93 6.50 1.84
CA THR P 153 -19.09 7.38 1.93
C THR P 153 -20.28 6.75 1.37
N PHE P 154 -20.06 5.71 0.60
CA PHE P 154 -21.16 5.04 -0.03
C PHE P 154 -22.04 4.40 1.02
N ALA P 155 -21.49 4.17 2.19
CA ALA P 155 -22.30 3.64 3.28
C ALA P 155 -23.40 4.62 3.61
N ASP P 156 -23.08 5.92 3.56
CA ASP P 156 -24.05 6.95 3.90
C ASP P 156 -25.02 7.22 2.76
N VAL P 157 -24.54 7.11 1.52
CA VAL P 157 -25.41 7.16 0.35
C VAL P 157 -26.43 6.02 0.31
N ARG P 158 -26.02 4.79 0.58
CA ARG P 158 -26.96 3.68 0.64
C ARG P 158 -27.95 3.86 1.76
N ASP P 159 -27.46 4.29 2.91
CA ASP P 159 -28.28 4.47 4.10
C ASP P 159 -29.47 5.35 3.84
N ILE P 160 -29.22 6.51 3.25
CA ILE P 160 -30.27 7.45 2.87
C ILE P 160 -31.20 6.82 1.86
N ALA P 161 -30.66 6.16 0.84
CA ALA P 161 -31.44 5.63 -0.22
C ALA P 161 -32.35 4.60 0.39
N GLU P 162 -31.92 3.83 1.37
CA GLU P 162 -32.82 2.75 1.86
C GLU P 162 -33.77 3.28 2.94
N ASP P 163 -33.32 4.25 3.74
CA ASP P 163 -34.06 4.79 4.92
C ASP P 163 -35.25 5.65 4.46
N LEU P 164 -35.02 6.53 3.48
CA LEU P 164 -36.05 7.50 3.03
C LEU P 164 -36.46 7.16 1.59
N GLY P 165 -37.69 7.43 1.20
CA GLY P 165 -38.10 7.08 -0.15
C GLY P 165 -37.53 8.10 -1.11
N ILE P 166 -36.22 8.12 -1.22
CA ILE P 166 -35.53 9.06 -2.08
C ILE P 166 -34.72 8.32 -3.10
N ALA P 167 -34.90 8.65 -4.38
CA ALA P 167 -34.16 8.01 -5.43
C ALA P 167 -32.83 8.70 -5.43
N VAL P 168 -31.75 7.96 -5.58
CA VAL P 168 -30.44 8.56 -5.68
C VAL P 168 -29.89 8.21 -7.03
N VAL P 169 -29.37 9.20 -7.75
CA VAL P 169 -28.80 9.00 -9.08
C VAL P 169 -27.32 9.30 -9.05
N LEU P 170 -26.47 8.38 -9.48
CA LEU P 170 -25.04 8.62 -9.56
C LEU P 170 -24.63 8.92 -10.99
N VAL P 171 -23.98 10.06 -11.23
CA VAL P 171 -23.61 10.46 -12.58
C VAL P 171 -22.11 10.39 -12.74
N GLY P 172 -21.61 9.80 -13.81
CA GLY P 172 -20.15 9.82 -14.03
C GLY P 172 -19.56 9.17 -15.28
N THR P 173 -18.22 9.10 -15.38
CA THR P 173 -17.48 8.45 -16.45
C THR P 173 -17.29 6.94 -16.17
N ASP P 174 -16.67 6.21 -17.11
CA ASP P 174 -16.39 4.78 -16.96
C ASP P 174 -15.65 4.42 -15.68
N ARG P 175 -14.88 5.33 -15.17
CA ARG P 175 -14.23 5.05 -13.94
C ARG P 175 -15.22 4.83 -12.85
N LEU P 176 -16.40 5.43 -12.94
CA LEU P 176 -17.36 5.29 -11.83
C LEU P 176 -17.66 3.86 -11.68
N ASP P 177 -17.84 3.14 -12.75
CA ASP P 177 -18.10 1.74 -12.62
C ASP P 177 -16.93 0.96 -12.12
N ALA P 178 -15.73 1.36 -12.44
CA ALA P 178 -14.62 0.71 -11.81
C ALA P 178 -14.69 0.90 -10.32
N VAL P 179 -15.14 2.03 -9.80
CA VAL P 179 -15.26 2.12 -8.36
C VAL P 179 -16.38 1.28 -7.82
N ILE P 180 -17.53 1.34 -8.44
CA ILE P 180 -18.68 0.59 -7.94
C ILE P 180 -18.46 -0.90 -7.92
N LYS P 181 -17.84 -1.48 -8.94
CA LYS P 181 -17.70 -2.93 -9.00
C LYS P 181 -16.77 -3.52 -7.97
N ARG P 182 -16.16 -2.66 -7.18
CA ARG P 182 -15.30 -3.13 -6.12
C ARG P 182 -16.09 -3.36 -4.85
N ASP P 183 -17.39 -3.13 -4.87
CA ASP P 183 -18.19 -3.42 -3.68
C ASP P 183 -19.53 -3.96 -4.01
N GLU P 184 -19.82 -5.17 -3.64
CA GLU P 184 -21.11 -5.70 -3.90
C GLU P 184 -22.23 -4.97 -3.28
N GLN P 185 -22.07 -4.35 -2.14
CA GLN P 185 -23.22 -3.70 -1.53
C GLN P 185 -23.73 -2.60 -2.33
N VAL P 186 -22.87 -1.86 -2.99
CA VAL P 186 -23.25 -0.76 -3.85
C VAL P 186 -23.67 -1.17 -5.19
N LEU P 187 -22.99 -2.07 -5.82
CA LEU P 187 -23.33 -2.43 -7.15
C LEU P 187 -24.75 -2.76 -7.27
N GLU P 188 -25.31 -3.53 -6.36
CA GLU P 188 -26.70 -3.92 -6.33
C GLU P 188 -27.75 -2.91 -6.09
N ARG P 189 -27.49 -1.84 -5.34
CA ARG P 189 -28.54 -0.86 -5.18
C ARG P 189 -28.60 -0.06 -6.47
N PHE P 190 -27.46 0.11 -7.13
CA PHE P 190 -27.34 1.01 -8.28
C PHE P 190 -27.12 0.31 -9.60
N ARG P 191 -27.60 -0.91 -9.71
CA ARG P 191 -27.44 -1.70 -10.91
C ARG P 191 -27.97 -1.20 -12.25
N ALA P 192 -29.15 -0.58 -12.27
CA ALA P 192 -29.70 0.00 -13.49
C ALA P 192 -28.97 1.22 -13.96
N HIS P 193 -28.88 1.45 -15.25
CA HIS P 193 -28.08 2.56 -15.74
C HIS P 193 -28.58 3.07 -17.07
N LEU P 194 -28.25 4.31 -17.39
CA LEU P 194 -28.46 4.82 -18.74
C LEU P 194 -27.14 5.37 -19.23
N ARG P 195 -26.82 5.18 -20.50
CA ARG P 195 -25.61 5.76 -21.07
C ARG P 195 -25.79 6.83 -22.13
N PHE P 196 -25.00 7.89 -22.03
CA PHE P 196 -24.95 8.95 -23.04
C PHE P 196 -24.02 8.54 -24.16
N GLY P 197 -24.31 8.93 -25.38
CA GLY P 197 -23.41 8.64 -26.48
C GLY P 197 -22.85 9.84 -27.19
N LYS P 198 -22.20 9.60 -28.32
CA LYS P 198 -21.64 10.66 -29.13
C LYS P 198 -22.51 10.99 -30.32
N LEU P 199 -22.21 12.11 -30.98
CA LEU P 199 -22.87 12.52 -32.23
C LEU P 199 -22.33 11.79 -33.45
N SER P 200 -23.22 11.47 -34.38
CA SER P 200 -22.79 10.83 -35.61
C SER P 200 -23.76 10.99 -36.75
N GLY P 201 -23.28 10.71 -37.96
CA GLY P 201 -24.16 10.63 -39.11
C GLY P 201 -25.07 11.80 -39.28
N GLU P 202 -26.36 11.53 -39.49
CA GLU P 202 -27.36 12.56 -39.62
C GLU P 202 -27.57 13.40 -38.39
N ASP P 203 -27.26 12.84 -37.24
CA ASP P 203 -27.45 13.55 -36.00
C ASP P 203 -26.44 14.61 -35.75
N PHE P 204 -25.19 14.35 -36.07
CA PHE P 204 -24.20 15.36 -36.06
C PHE P 204 -24.52 16.50 -37.02
N LYS P 205 -24.85 16.20 -38.27
CA LYS P 205 -25.31 17.24 -39.18
C LYS P 205 -26.50 18.10 -38.80
N ASN P 206 -27.56 17.52 -38.30
CA ASN P 206 -28.76 18.26 -37.81
C ASN P 206 -28.36 19.20 -36.66
N THR P 207 -27.43 18.75 -35.81
CA THR P 207 -26.98 19.56 -34.64
C THR P 207 -26.29 20.84 -35.11
N VAL P 208 -25.44 20.65 -36.11
CA VAL P 208 -24.59 21.67 -36.61
C VAL P 208 -25.55 22.68 -37.08
N GLU P 209 -26.53 22.29 -37.88
CA GLU P 209 -27.46 23.25 -38.42
C GLU P 209 -28.21 23.93 -37.32
N MET P 210 -28.67 23.23 -36.29
CA MET P 210 -29.41 23.90 -35.25
C MET P 210 -28.53 24.94 -34.64
N TRP P 211 -27.25 24.67 -34.44
CA TRP P 211 -26.37 25.50 -33.68
C TRP P 211 -26.10 26.76 -34.37
N GLU P 212 -26.11 26.70 -35.68
CA GLU P 212 -25.91 27.89 -36.44
C GLU P 212 -27.05 28.88 -36.28
N GLN P 213 -28.29 28.40 -36.27
CA GLN P 213 -29.45 29.30 -36.19
C GLN P 213 -29.78 29.60 -34.77
N MET P 214 -29.61 28.62 -33.88
CA MET P 214 -30.00 28.83 -32.49
C MET P 214 -28.94 29.51 -31.61
N VAL P 215 -27.65 29.31 -31.89
CA VAL P 215 -26.60 29.94 -31.09
C VAL P 215 -25.78 31.07 -31.71
N LEU P 216 -25.30 30.89 -32.93
CA LEU P 216 -24.44 31.91 -33.55
C LEU P 216 -25.15 33.17 -34.04
N LYS P 217 -26.19 32.99 -34.85
CA LYS P 217 -27.01 34.08 -35.35
C LYS P 217 -26.31 35.24 -36.07
N LEU P 218 -25.45 34.94 -36.99
CA LEU P 218 -24.81 36.03 -37.68
C LEU P 218 -25.77 36.58 -38.73
N PRO P 219 -25.56 37.83 -39.16
CA PRO P 219 -26.48 38.37 -40.12
C PRO P 219 -26.48 37.60 -41.39
N VAL P 220 -25.29 37.24 -41.85
CA VAL P 220 -25.11 36.54 -43.10
C VAL P 220 -24.95 35.08 -42.85
N SER P 221 -25.77 34.26 -43.50
CA SER P 221 -25.72 32.83 -43.25
C SER P 221 -24.39 32.29 -43.61
N SER P 222 -23.78 31.56 -42.69
CA SER P 222 -22.49 30.96 -42.97
C SER P 222 -22.69 29.61 -43.66
N ASN P 223 -23.90 29.08 -43.60
CA ASN P 223 -24.19 27.85 -44.28
C ASN P 223 -23.28 26.64 -44.13
N LEU P 224 -22.98 26.21 -42.90
CA LEU P 224 -22.10 25.05 -42.60
C LEU P 224 -22.46 23.62 -42.96
N LYS P 225 -23.72 23.24 -42.99
CA LYS P 225 -24.06 21.85 -43.28
C LYS P 225 -23.59 21.44 -44.64
N SER P 226 -22.97 22.36 -45.35
CA SER P 226 -22.42 22.07 -46.66
C SER P 226 -21.39 21.01 -46.59
N LYS P 227 -21.34 20.13 -47.57
CA LYS P 227 -20.41 19.03 -47.52
C LYS P 227 -18.99 19.46 -47.19
N GLU P 228 -18.52 20.47 -47.90
CA GLU P 228 -17.15 20.94 -47.73
C GLU P 228 -16.76 21.39 -46.34
N MET P 229 -17.74 21.92 -45.61
CA MET P 229 -17.49 22.43 -44.28
C MET P 229 -17.63 21.37 -43.23
N LEU P 230 -18.54 20.45 -43.42
CA LEU P 230 -18.69 19.45 -42.41
C LEU P 230 -17.45 18.64 -42.30
N ARG P 231 -16.73 18.40 -43.39
CA ARG P 231 -15.47 17.71 -43.24
C ARG P 231 -14.57 18.36 -42.26
N ILE P 232 -14.54 19.67 -42.24
CA ILE P 232 -13.65 20.34 -41.33
C ILE P 232 -14.08 20.10 -39.91
N LEU P 233 -15.36 20.28 -39.63
CA LEU P 233 -15.92 20.09 -38.30
C LEU P 233 -15.86 18.70 -37.78
N THR P 234 -16.07 17.71 -38.64
CA THR P 234 -16.03 16.35 -38.19
C THR P 234 -14.66 15.99 -37.69
N SER P 235 -13.64 16.32 -38.47
CA SER P 235 -12.30 16.02 -38.04
C SER P 235 -11.97 16.78 -36.77
N ALA P 236 -12.33 18.04 -36.72
CA ALA P 236 -12.08 18.84 -35.53
C ALA P 236 -12.77 18.40 -34.26
N THR P 237 -14.01 17.91 -34.35
CA THR P 237 -14.81 17.62 -33.15
C THR P 237 -14.96 16.18 -32.69
N GLU P 238 -14.78 15.24 -33.61
CA GLU P 238 -14.92 13.80 -33.37
C GLU P 238 -16.19 13.40 -32.62
N GLY P 239 -17.28 14.10 -32.90
CA GLY P 239 -18.56 13.83 -32.28
C GLY P 239 -18.86 14.32 -30.87
N TYR P 240 -18.00 15.11 -30.26
CA TYR P 240 -18.28 15.50 -28.90
C TYR P 240 -19.02 16.79 -29.01
N ILE P 241 -20.16 16.93 -28.32
CA ILE P 241 -20.87 18.16 -28.37
C ILE P 241 -20.07 19.26 -27.78
N GLY P 242 -19.26 19.00 -26.79
CA GLY P 242 -18.32 19.96 -26.20
C GLY P 242 -17.43 20.64 -27.22
N ARG P 243 -16.73 19.89 -28.02
CA ARG P 243 -15.89 20.53 -28.98
C ARG P 243 -16.68 21.27 -29.97
N LEU P 244 -17.79 20.74 -30.45
CA LEU P 244 -18.55 21.44 -31.44
C LEU P 244 -18.95 22.78 -30.97
N ASP P 245 -19.41 22.94 -29.75
CA ASP P 245 -19.75 24.24 -29.30
C ASP P 245 -18.59 25.13 -29.18
N GLU P 246 -17.48 24.71 -28.61
CA GLU P 246 -16.35 25.61 -28.47
C GLU P 246 -15.85 26.08 -29.77
N ILE P 247 -15.74 25.17 -30.70
CA ILE P 247 -15.26 25.55 -32.00
C ILE P 247 -16.12 26.52 -32.71
N LEU P 248 -17.43 26.39 -32.78
CA LEU P 248 -18.19 27.38 -33.53
C LEU P 248 -18.25 28.70 -32.84
N ARG P 249 -18.26 28.74 -31.54
CA ARG P 249 -18.20 30.03 -30.90
C ARG P 249 -16.88 30.72 -31.07
N GLU P 250 -15.75 30.01 -31.01
CA GLU P 250 -14.44 30.65 -31.14
C GLU P 250 -14.40 31.20 -32.57
N ALA P 251 -14.89 30.47 -33.57
CA ALA P 251 -14.97 30.98 -34.93
C ALA P 251 -15.85 32.20 -35.15
N ALA P 252 -17.07 32.30 -34.62
CA ALA P 252 -17.74 33.60 -34.72
C ALA P 252 -17.04 34.71 -33.96
N ILE P 253 -16.48 34.49 -32.78
CA ILE P 253 -15.88 35.62 -32.08
C ILE P 253 -14.66 36.10 -32.84
N ARG P 254 -13.79 35.22 -33.30
CA ARG P 254 -12.55 35.67 -33.95
C ARG P 254 -12.95 36.42 -35.16
N SER P 255 -13.89 35.86 -35.85
CA SER P 255 -14.41 36.42 -37.13
C SER P 255 -14.99 37.82 -36.94
N LEU P 256 -15.80 38.02 -35.93
CA LEU P 256 -16.29 39.38 -35.74
C LEU P 256 -15.27 40.39 -35.32
N SER P 257 -14.25 39.93 -34.64
CA SER P 257 -13.30 40.90 -34.13
C SER P 257 -12.57 41.57 -35.32
N ARG P 258 -12.61 40.87 -36.46
CA ARG P 258 -11.95 41.29 -37.70
C ARG P 258 -12.93 41.91 -38.69
N GLY P 259 -14.16 42.12 -38.25
CA GLY P 259 -15.13 42.83 -39.06
C GLY P 259 -15.75 42.03 -40.19
N LEU P 260 -15.87 40.73 -40.01
CA LEU P 260 -16.50 39.90 -41.04
C LEU P 260 -17.97 39.70 -40.69
N LYS P 261 -18.77 39.48 -41.73
CA LYS P 261 -20.20 39.24 -41.55
C LYS P 261 -20.64 37.78 -41.54
N LYS P 262 -19.68 36.87 -41.63
CA LYS P 262 -19.99 35.44 -41.59
C LYS P 262 -18.76 34.61 -41.24
N ILE P 263 -18.97 33.36 -40.85
CA ILE P 263 -17.89 32.37 -40.77
C ILE P 263 -17.61 31.77 -42.14
N ASP P 264 -16.35 31.82 -42.57
CA ASP P 264 -15.92 31.19 -43.80
C ASP P 264 -15.08 29.96 -43.53
N LYS P 265 -14.71 29.26 -44.60
CA LYS P 265 -13.68 28.21 -44.56
C LYS P 265 -12.30 28.51 -43.99
N ALA P 266 -11.63 29.59 -44.38
CA ALA P 266 -10.30 29.78 -43.85
C ALA P 266 -10.27 30.09 -42.36
N VAL P 267 -11.19 30.87 -41.83
CA VAL P 267 -11.10 31.25 -40.40
C VAL P 267 -11.42 30.02 -39.54
N LEU P 268 -12.34 29.17 -40.04
CA LEU P 268 -12.73 27.93 -39.32
C LEU P 268 -11.52 27.00 -39.23
N GLN P 269 -10.76 26.90 -40.34
CA GLN P 269 -9.54 26.05 -40.36
C GLN P 269 -8.49 26.65 -39.42
N GLU P 270 -8.38 27.98 -39.41
CA GLU P 270 -7.43 28.70 -38.53
C GLU P 270 -7.71 28.31 -37.07
N VAL P 271 -8.99 28.26 -36.68
CA VAL P 271 -9.36 27.82 -35.30
C VAL P 271 -9.12 26.32 -35.15
N ALA P 272 -9.65 25.51 -36.06
CA ALA P 272 -9.59 24.04 -35.92
C ALA P 272 -8.13 23.58 -35.82
N LYS P 273 -7.23 24.26 -36.54
CA LYS P 273 -5.78 23.91 -36.54
C LYS P 273 -5.22 23.89 -35.12
N GLU P 274 -5.81 24.68 -34.21
CA GLU P 274 -5.26 24.85 -32.84
C GLU P 274 -5.76 23.71 -31.93
N TYR P 275 -6.59 22.83 -32.47
CA TYR P 275 -7.20 21.74 -31.66
C TYR P 275 -6.73 20.38 -32.20
N ILE Q 1 -38.50 26.35 -31.30
CA ILE Q 1 -38.57 25.62 -30.05
C ILE Q 1 -38.07 26.55 -28.95
N GLU Q 2 -38.45 26.29 -27.73
CA GLU Q 2 -37.90 27.05 -26.66
C GLU Q 2 -36.47 26.70 -26.42
N VAL Q 3 -35.65 27.70 -26.18
CA VAL Q 3 -34.26 27.51 -25.94
C VAL Q 3 -34.03 28.35 -24.70
N TRP Q 4 -33.15 27.99 -23.77
CA TRP Q 4 -32.98 28.89 -22.62
C TRP Q 4 -31.65 29.52 -22.44
N ASP Q 5 -31.64 30.74 -21.98
CA ASP Q 5 -30.41 31.29 -21.50
C ASP Q 5 -30.01 30.61 -20.22
N TYR Q 6 -28.73 30.38 -20.09
CA TYR Q 6 -28.16 29.79 -18.91
C TYR Q 6 -28.21 30.54 -17.66
N GLU Q 7 -28.20 31.84 -17.69
CA GLU Q 7 -28.23 32.58 -16.45
C GLU Q 7 -29.67 32.91 -16.11
N GLN Q 8 -30.49 33.08 -17.13
CA GLN Q 8 -31.91 33.31 -16.91
C GLN Q 8 -32.57 32.39 -15.90
N LEU Q 9 -32.19 31.12 -15.93
CA LEU Q 9 -32.90 30.14 -15.11
C LEU Q 9 -32.62 30.49 -13.65
N ARG Q 10 -31.44 31.04 -13.45
CA ARG Q 10 -30.99 31.40 -12.14
C ARG Q 10 -31.72 32.63 -11.66
N GLU Q 11 -31.90 33.59 -12.55
CA GLU Q 11 -32.68 34.80 -12.26
C GLU Q 11 -34.13 34.54 -11.94
N GLU Q 12 -34.72 33.55 -12.58
CA GLU Q 12 -36.07 33.16 -12.29
C GLU Q 12 -36.18 32.08 -11.20
N TYR Q 13 -35.09 31.75 -10.52
CA TYR Q 13 -35.16 30.63 -9.57
C TYR Q 13 -36.01 30.74 -8.31
N GLY Q 14 -36.51 29.58 -7.89
CA GLY Q 14 -37.36 29.46 -6.72
C GLY Q 14 -36.60 29.97 -5.51
N GLU R 19 -59.40 7.12 -9.62
CA GLU R 19 -58.94 6.36 -10.76
C GLU R 19 -58.43 4.99 -10.32
N TRP R 20 -59.03 3.92 -10.83
CA TRP R 20 -58.66 2.54 -10.49
C TRP R 20 -57.21 2.29 -10.78
N LEU R 21 -56.72 2.76 -11.91
CA LEU R 21 -55.35 2.49 -12.27
C LEU R 21 -54.42 3.09 -11.26
N GLN R 22 -54.61 4.33 -10.81
CA GLN R 22 -53.69 4.91 -9.83
C GLN R 22 -53.62 4.15 -8.51
N ALA R 23 -54.73 3.58 -8.06
CA ALA R 23 -54.73 2.85 -6.82
C ALA R 23 -53.75 1.71 -6.84
N GLU R 24 -53.76 1.02 -7.99
CA GLU R 24 -52.90 -0.10 -8.33
C GLU R 24 -51.50 0.21 -8.52
N ILE R 25 -51.18 1.32 -9.13
CA ILE R 25 -49.79 1.68 -9.22
C ILE R 25 -49.17 1.96 -7.86
N ALA R 26 -49.87 2.66 -6.99
CA ALA R 26 -49.41 2.93 -5.63
C ALA R 26 -49.18 1.63 -4.87
N ARG R 27 -50.01 0.61 -5.07
CA ARG R 27 -49.81 -0.65 -4.39
C ARG R 27 -48.52 -1.31 -4.78
N LEU R 28 -48.26 -1.33 -6.07
CA LEU R 28 -47.13 -2.03 -6.62
C LEU R 28 -45.91 -1.29 -6.21
N LYS R 29 -46.02 -0.02 -5.99
CA LYS R 29 -44.84 0.74 -5.67
C LYS R 29 -44.33 0.38 -4.28
N GLY R 30 -45.15 -0.29 -3.47
CA GLY R 30 -44.81 -0.52 -2.06
C GLY R 30 -44.04 -1.75 -1.64
N LYS R 31 -44.15 -2.16 -0.37
CA LYS R 31 -43.38 -3.32 0.10
C LYS R 31 -44.23 -4.30 0.88
N SER R 32 -43.86 -5.57 0.83
CA SER R 32 -44.57 -6.60 1.57
C SER R 32 -43.67 -7.77 1.94
N ILE R 33 -44.12 -8.61 2.85
CA ILE R 33 -43.36 -9.78 3.27
C ILE R 33 -44.05 -11.06 2.84
N VAL R 34 -43.33 -11.91 2.12
CA VAL R 34 -43.86 -13.19 1.70
C VAL R 34 -43.15 -14.32 2.41
N PRO R 35 -43.90 -15.18 3.10
CA PRO R 35 -43.22 -16.29 3.79
C PRO R 35 -42.50 -17.14 2.77
N LEU R 36 -41.28 -17.54 3.08
CA LEU R 36 -40.50 -18.42 2.22
C LEU R 36 -39.75 -19.39 3.10
N GLN R 37 -39.21 -20.44 2.52
CA GLN R 37 -38.48 -21.42 3.30
C GLN R 37 -37.27 -20.88 4.03
N GLN R 38 -36.59 -19.90 3.44
CA GLN R 38 -35.39 -19.38 3.99
C GLN R 38 -35.76 -18.75 5.23
N VAL R 39 -36.89 -18.05 5.21
CA VAL R 39 -37.31 -17.27 6.34
C VAL R 39 -37.74 -18.16 7.48
N LYS R 40 -38.55 -19.15 7.19
CA LYS R 40 -38.94 -20.07 8.25
C LYS R 40 -37.76 -20.71 8.91
N THR R 41 -36.75 -21.13 8.15
CA THR R 41 -35.60 -21.79 8.73
C THR R 41 -34.95 -20.94 9.78
N LEU R 42 -34.75 -19.67 9.48
CA LEU R 42 -34.08 -18.77 10.40
C LEU R 42 -34.90 -18.61 11.65
N HIS R 43 -36.20 -18.43 11.52
CA HIS R 43 -36.99 -18.15 12.70
C HIS R 43 -36.89 -19.26 13.71
N ASP R 44 -36.92 -20.50 13.27
CA ASP R 44 -36.76 -21.63 14.18
C ASP R 44 -35.36 -21.77 14.75
N TRP R 45 -34.35 -21.50 13.95
CA TRP R 45 -32.97 -21.52 14.43
C TRP R 45 -32.71 -20.50 15.51
N LEU R 46 -33.16 -19.27 15.33
CA LEU R 46 -32.97 -18.25 16.29
C LEU R 46 -33.69 -18.63 17.52
N ASP R 47 -34.85 -19.23 17.45
CA ASP R 47 -35.55 -19.56 18.68
C ASP R 47 -34.81 -20.51 19.50
N GLY R 48 -34.12 -21.42 18.85
CA GLY R 48 -33.34 -22.38 19.58
C GLY R 48 -32.35 -21.52 20.33
N LYS R 49 -31.65 -20.66 19.63
CA LYS R 49 -30.66 -19.89 20.22
C LYS R 49 -31.16 -18.99 21.25
N ARG R 50 -32.33 -18.45 21.14
CA ARG R 50 -32.81 -17.62 22.21
C ARG R 50 -33.01 -18.24 23.50
N LYS R 51 -33.55 -19.43 23.58
CA LYS R 51 -33.79 -20.08 24.86
C LYS R 51 -32.51 -20.59 25.43
N ALA R 52 -31.58 -20.94 24.57
CA ALA R 52 -30.36 -21.57 24.99
C ALA R 52 -29.50 -20.45 25.44
N ARG R 53 -29.88 -19.23 25.14
CA ARG R 53 -29.09 -18.05 25.36
C ARG R 53 -27.72 -18.14 24.74
N LYS R 54 -27.57 -18.53 23.49
CA LYS R 54 -26.24 -18.59 22.91
C LYS R 54 -26.06 -17.59 21.79
N SER R 55 -24.93 -16.90 21.64
CA SER R 55 -24.62 -15.95 20.56
C SER R 55 -24.25 -16.76 19.32
N CYS R 56 -24.42 -16.13 18.16
CA CYS R 56 -24.20 -16.77 16.89
C CYS R 56 -24.14 -15.74 15.80
N ARG R 57 -23.85 -16.13 14.57
CA ARG R 57 -23.93 -15.16 13.49
C ARG R 57 -24.65 -15.70 12.28
N VAL R 58 -25.17 -14.81 11.44
CA VAL R 58 -25.84 -15.22 10.22
C VAL R 58 -25.10 -14.66 9.02
N VAL R 59 -24.77 -15.47 8.05
CA VAL R 59 -23.96 -15.01 6.93
C VAL R 59 -24.69 -15.29 5.64
N GLY R 60 -24.35 -14.56 4.59
CA GLY R 60 -24.86 -14.83 3.27
C GLY R 60 -24.71 -13.61 2.40
N GLU R 61 -24.93 -13.78 1.10
CA GLU R 61 -24.74 -12.71 0.12
C GLU R 61 -25.73 -11.57 0.34
N SER R 62 -25.36 -10.37 -0.07
CA SER R 62 -26.19 -9.21 0.22
C SER R 62 -27.60 -9.09 -0.34
N ARG R 63 -27.95 -9.84 -1.37
CA ARG R 63 -29.33 -9.81 -1.85
C ARG R 63 -30.20 -10.99 -1.49
N THR R 64 -29.78 -11.80 -0.53
CA THR R 64 -30.60 -12.90 -0.06
C THR R 64 -31.75 -12.55 0.86
N GLY R 65 -31.79 -11.34 1.39
CA GLY R 65 -32.99 -10.88 2.08
C GLY R 65 -32.92 -11.12 3.57
N LYS R 66 -31.69 -11.20 4.07
CA LYS R 66 -31.36 -11.34 5.47
C LYS R 66 -32.01 -10.29 6.35
N THR R 67 -31.90 -9.03 5.97
CA THR R 67 -32.46 -7.94 6.77
C THR R 67 -33.96 -8.06 6.95
N VAL R 68 -34.67 -8.38 5.88
CA VAL R 68 -36.10 -8.64 5.91
C VAL R 68 -36.54 -9.84 6.74
N ALA R 69 -35.84 -10.94 6.69
CA ALA R 69 -36.15 -12.07 7.58
C ALA R 69 -36.09 -11.73 9.06
N CYS R 70 -35.13 -10.89 9.41
CA CYS R 70 -34.85 -10.33 10.76
C CYS R 70 -36.01 -9.43 11.22
N ASP R 71 -36.48 -8.54 10.33
CA ASP R 71 -37.71 -7.74 10.60
C ASP R 71 -38.89 -8.68 10.88
N ALA R 72 -39.12 -9.64 10.00
CA ALA R 72 -40.28 -10.46 10.09
C ALA R 72 -40.20 -11.11 11.45
N TYR R 73 -39.00 -11.51 11.86
CA TYR R 73 -38.86 -12.08 13.18
C TYR R 73 -39.20 -11.13 14.30
N ARG R 74 -38.69 -9.91 14.26
CA ARG R 74 -38.87 -8.99 15.36
C ARG R 74 -40.34 -8.85 15.69
N TYR R 75 -41.16 -8.74 14.65
CA TYR R 75 -42.57 -8.44 14.80
C TYR R 75 -43.40 -9.57 15.37
N ARG R 76 -42.82 -10.72 15.58
CA ARG R 76 -43.63 -11.81 16.07
C ARG R 76 -43.69 -11.76 17.59
N HIS R 77 -42.98 -10.80 18.19
CA HIS R 77 -42.93 -10.69 19.65
C HIS R 77 -43.28 -9.29 20.11
N LYS R 78 -44.56 -9.06 20.40
CA LYS R 78 -45.00 -7.73 20.73
C LYS R 78 -44.54 -7.30 22.11
N PRO R 79 -43.84 -6.17 22.17
CA PRO R 79 -43.38 -5.59 23.43
C PRO R 79 -44.55 -5.39 24.36
N GLN R 80 -44.42 -5.54 25.66
CA GLN R 80 -45.59 -5.25 26.50
C GLN R 80 -45.45 -4.03 27.38
N GLN R 81 -46.56 -3.39 27.72
CA GLN R 81 -46.50 -2.19 28.56
C GLN R 81 -47.66 -1.88 29.45
N GLU R 82 -47.29 -1.62 30.70
CA GLU R 82 -48.20 -1.27 31.76
C GLU R 82 -48.21 0.24 31.91
N ALA R 83 -49.12 0.76 32.69
CA ALA R 83 -49.16 2.19 32.82
C ALA R 83 -47.91 2.78 33.41
N GLY R 84 -47.40 2.23 34.49
CA GLY R 84 -46.26 2.87 35.10
C GLY R 84 -44.85 2.41 34.89
N ARG R 85 -44.56 1.14 35.13
CA ARG R 85 -43.18 0.66 35.00
C ARG R 85 -42.75 0.46 33.56
N PRO R 86 -41.47 0.23 33.35
CA PRO R 86 -40.77 0.03 32.10
C PRO R 86 -41.22 -1.26 31.46
N PRO R 87 -41.15 -1.35 30.14
CA PRO R 87 -41.57 -2.36 29.15
C PRO R 87 -40.83 -3.63 29.16
N THR R 88 -41.32 -4.61 28.46
CA THR R 88 -40.61 -5.84 28.40
C THR R 88 -40.37 -6.01 26.97
N VAL R 89 -39.14 -6.06 26.56
CA VAL R 89 -38.75 -6.10 25.15
C VAL R 89 -37.80 -7.24 24.85
N PRO R 90 -38.33 -8.43 24.63
CA PRO R 90 -37.53 -9.61 24.37
C PRO R 90 -36.47 -9.47 23.27
N VAL R 91 -36.74 -8.79 22.16
CA VAL R 91 -35.76 -8.69 21.08
C VAL R 91 -35.39 -7.27 20.69
N VAL R 92 -34.11 -6.94 20.63
CA VAL R 92 -33.68 -5.62 20.19
C VAL R 92 -32.95 -5.69 18.87
N TYR R 93 -33.35 -4.91 17.86
CA TYR R 93 -32.71 -4.96 16.56
C TYR R 93 -32.16 -3.61 16.21
N ILE R 94 -30.86 -3.53 15.89
CA ILE R 94 -30.24 -2.25 15.55
C ILE R 94 -29.41 -2.32 14.28
N ARG R 95 -29.12 -1.19 13.64
CA ARG R 95 -28.19 -1.21 12.52
C ARG R 95 -27.17 -0.11 12.77
N PRO R 96 -25.88 -0.45 12.72
CA PRO R 96 -24.80 0.53 12.92
C PRO R 96 -24.58 1.43 11.72
N HIS R 97 -23.94 2.59 11.95
CA HIS R 97 -23.43 3.48 10.88
C HIS R 97 -21.98 3.09 10.56
N GLN R 98 -21.47 3.54 9.42
CA GLN R 98 -20.09 3.15 9.01
C GLN R 98 -19.05 3.65 10.01
N LYS R 99 -18.04 2.83 10.28
CA LYS R 99 -17.00 3.13 11.30
C LYS R 99 -17.71 3.48 12.60
N CYS R 100 -18.59 2.58 13.06
CA CYS R 100 -19.37 2.71 14.31
C CYS R 100 -18.44 2.68 15.53
N GLY R 101 -18.50 3.64 16.42
CA GLY R 101 -17.62 3.57 17.56
C GLY R 101 -18.35 3.07 18.76
N PRO R 102 -17.67 2.95 19.89
CA PRO R 102 -18.24 2.55 21.16
C PRO R 102 -19.28 3.46 21.64
N LYS R 103 -19.31 4.72 21.24
CA LYS R 103 -20.36 5.56 21.77
C LYS R 103 -21.61 5.39 21.02
N ASP R 104 -21.50 5.00 19.75
CA ASP R 104 -22.60 4.91 18.79
C ASP R 104 -23.53 3.77 18.92
N LEU R 105 -22.95 2.64 19.28
CA LEU R 105 -23.60 1.46 19.74
C LEU R 105 -24.43 1.55 20.96
N PHE R 106 -23.97 2.21 22.01
CA PHE R 106 -24.79 2.35 23.17
C PHE R 106 -25.91 3.29 22.86
N LYS R 107 -25.65 4.39 22.17
CA LYS R 107 -26.66 5.35 21.91
C LYS R 107 -27.76 4.63 21.16
N LYS R 108 -27.46 3.83 20.11
CA LYS R 108 -28.57 3.24 19.33
C LYS R 108 -29.37 2.26 20.20
N ILE R 109 -28.72 1.50 21.08
CA ILE R 109 -29.45 0.52 21.94
C ILE R 109 -30.47 1.26 22.81
N THR R 110 -30.01 2.38 23.40
CA THR R 110 -30.80 3.24 24.31
C THR R 110 -31.97 3.88 23.56
N GLU R 111 -31.76 4.34 22.33
CA GLU R 111 -32.85 4.98 21.53
C GLU R 111 -33.89 3.91 21.13
N TYR R 112 -33.48 2.74 20.72
CA TYR R 112 -34.45 1.78 20.25
C TYR R 112 -35.47 1.41 21.22
N LEU R 113 -35.25 1.74 22.47
CA LEU R 113 -36.18 1.47 23.51
C LEU R 113 -36.90 2.71 23.93
N LYS R 114 -36.76 3.78 23.18
CA LYS R 114 -37.41 5.04 23.51
C LYS R 114 -37.12 5.49 24.92
N TYR R 115 -35.86 5.63 25.25
CA TYR R 115 -35.42 6.08 26.57
C TYR R 115 -34.83 7.47 26.41
N ARG R 116 -35.11 8.42 27.27
CA ARG R 116 -34.56 9.75 27.04
C ARG R 116 -33.14 10.03 27.52
N VAL R 117 -32.21 10.33 26.62
CA VAL R 117 -30.86 10.63 27.09
C VAL R 117 -30.06 11.61 26.23
N THR R 118 -29.14 12.32 26.87
CA THR R 118 -28.42 13.38 26.22
C THR R 118 -26.90 13.32 26.35
N LYS R 119 -26.27 14.47 26.59
CA LYS R 119 -24.81 14.52 26.66
C LYS R 119 -24.16 13.84 27.87
N GLY R 120 -23.01 13.21 27.64
CA GLY R 120 -22.22 12.53 28.68
C GLY R 120 -21.01 11.89 28.04
N THR R 121 -20.17 11.20 28.82
CA THR R 121 -18.94 10.59 28.24
C THR R 121 -19.21 9.11 27.91
N VAL R 122 -18.28 8.41 27.23
CA VAL R 122 -18.48 7.00 26.89
C VAL R 122 -18.74 6.12 28.04
N SER R 123 -18.05 6.29 29.13
CA SER R 123 -18.35 5.48 30.27
C SER R 123 -19.70 5.77 30.76
N ASP R 124 -20.26 6.92 30.50
CA ASP R 124 -21.60 7.11 31.02
C ASP R 124 -22.61 6.44 30.16
N PHE R 125 -22.41 6.41 28.84
CA PHE R 125 -23.42 5.69 28.08
C PHE R 125 -23.36 4.20 28.42
N ARG R 126 -22.17 3.68 28.66
CA ARG R 126 -21.99 2.29 29.07
C ARG R 126 -22.72 1.94 30.31
N ASP R 127 -22.63 2.72 31.35
CA ASP R 127 -23.31 2.37 32.58
C ASP R 127 -24.80 2.34 32.34
N ARG R 128 -25.31 3.33 31.60
CA ARG R 128 -26.73 3.43 31.21
C ARG R 128 -27.24 2.30 30.38
N THR R 129 -26.43 1.85 29.41
CA THR R 129 -26.79 0.70 28.59
C THR R 129 -27.02 -0.52 29.41
N ILE R 130 -26.16 -0.87 30.35
CA ILE R 130 -26.43 -1.96 31.19
C ILE R 130 -27.69 -1.69 32.04
N GLU R 131 -27.92 -0.52 32.62
CA GLU R 131 -29.19 -0.33 33.31
C GLU R 131 -30.45 -0.44 32.43
N VAL R 132 -30.45 -0.07 31.14
CA VAL R 132 -31.73 -0.23 30.45
C VAL R 132 -31.91 -1.68 29.97
N LEU R 133 -30.80 -2.37 29.68
CA LEU R 133 -30.84 -3.76 29.24
C LEU R 133 -31.31 -4.65 30.39
N LYS R 134 -30.92 -4.32 31.62
CA LYS R 134 -31.41 -5.00 32.82
C LYS R 134 -32.83 -4.48 33.13
N GLY R 135 -33.58 -5.29 33.87
CA GLY R 135 -34.88 -4.91 34.37
C GLY R 135 -35.84 -5.12 33.24
N CYS R 136 -35.60 -4.37 32.16
CA CYS R 136 -36.35 -4.55 30.94
C CYS R 136 -36.01 -5.93 30.44
N GLY R 137 -36.97 -6.82 30.22
CA GLY R 137 -36.60 -8.14 29.82
C GLY R 137 -36.02 -7.95 28.43
N VAL R 138 -34.78 -8.34 28.24
CA VAL R 138 -34.18 -8.40 26.91
C VAL R 138 -33.49 -9.75 26.92
N GLU R 139 -33.76 -10.50 25.85
CA GLU R 139 -33.18 -11.81 25.65
C GLU R 139 -32.23 -11.87 24.45
N MET R 140 -32.51 -11.12 23.39
CA MET R 140 -31.65 -11.18 22.22
C MET R 140 -31.35 -9.81 21.59
N LEU R 141 -30.10 -9.61 21.17
CA LEU R 141 -29.70 -8.39 20.48
C LEU R 141 -29.28 -8.77 19.04
N ILE R 142 -29.85 -8.14 18.02
CA ILE R 142 -29.43 -8.44 16.66
C ILE R 142 -28.74 -7.26 16.01
N ILE R 143 -27.53 -7.43 15.52
CA ILE R 143 -26.81 -6.29 14.95
C ILE R 143 -26.67 -6.48 13.47
N ASP R 144 -27.31 -5.62 12.69
CA ASP R 144 -27.25 -5.69 11.24
C ASP R 144 -25.97 -5.10 10.76
N GLU R 145 -25.73 -5.16 9.45
CA GLU R 145 -24.49 -4.66 8.85
C GLU R 145 -23.32 -4.83 9.78
N ALA R 146 -23.13 -6.02 10.33
CA ALA R 146 -22.28 -6.18 11.49
C ALA R 146 -20.86 -5.70 11.28
N ASP R 147 -20.35 -5.84 10.07
CA ASP R 147 -19.02 -5.38 9.77
C ASP R 147 -18.77 -3.86 9.72
N ARG R 148 -19.76 -3.03 10.04
CA ARG R 148 -19.47 -1.66 10.18
C ARG R 148 -18.85 -1.32 11.52
N LEU R 149 -18.82 -2.29 12.42
CA LEU R 149 -18.25 -2.07 13.76
C LEU R 149 -16.75 -1.88 13.63
N LYS R 150 -16.23 -0.93 14.37
CA LYS R 150 -14.81 -0.70 14.48
C LYS R 150 -14.29 -1.82 15.30
N PRO R 151 -13.05 -2.25 15.09
CA PRO R 151 -12.46 -3.34 15.85
C PRO R 151 -12.53 -3.24 17.34
N GLU R 152 -12.44 -2.08 17.95
CA GLU R 152 -12.50 -2.06 19.39
C GLU R 152 -13.88 -2.26 19.93
N THR R 153 -14.93 -2.09 19.13
CA THR R 153 -16.26 -2.11 19.73
C THR R 153 -16.65 -3.46 20.11
N PHE R 154 -15.95 -4.44 19.57
CA PHE R 154 -16.27 -5.80 19.86
C PHE R 154 -16.01 -6.08 21.33
N ALA R 155 -15.18 -5.27 21.96
CA ALA R 155 -14.96 -5.42 23.38
C ALA R 155 -16.27 -5.18 24.11
N ASP R 156 -17.05 -4.23 23.64
CA ASP R 156 -18.32 -3.90 24.28
C ASP R 156 -19.42 -4.89 23.94
N VAL R 157 -19.38 -5.42 22.72
CA VAL R 157 -20.28 -6.49 22.32
C VAL R 157 -20.06 -7.78 23.11
N ARG R 158 -18.82 -8.22 23.30
CA ARG R 158 -18.53 -9.40 24.10
C ARG R 158 -18.93 -9.18 25.54
N ASP R 159 -18.62 -8.00 26.07
CA ASP R 159 -18.88 -7.66 27.45
C ASP R 159 -20.33 -7.87 27.82
N ILE R 160 -21.22 -7.33 26.99
CA ILE R 160 -22.66 -7.49 27.18
C ILE R 160 -23.04 -8.96 27.09
N ALA R 161 -22.55 -9.66 26.09
CA ALA R 161 -22.94 -11.02 25.87
C ALA R 161 -22.52 -11.80 27.07
N GLU R 162 -21.39 -11.51 27.69
CA GLU R 162 -20.96 -12.38 28.80
C GLU R 162 -21.59 -11.94 30.13
N ASP R 163 -21.79 -10.64 30.31
CA ASP R 163 -22.27 -10.03 31.59
C ASP R 163 -23.78 -10.29 31.78
N LEU R 164 -24.56 -10.14 30.72
CA LEU R 164 -26.04 -10.26 30.78
C LEU R 164 -26.49 -11.51 30.03
N GLY R 165 -27.56 -12.16 30.45
CA GLY R 165 -27.98 -13.37 29.76
C GLY R 165 -28.65 -12.99 28.47
N ILE R 166 -27.90 -12.38 27.57
CA ILE R 166 -28.43 -11.91 26.31
C ILE R 166 -27.69 -12.56 25.16
N ALA R 167 -28.42 -13.11 24.20
CA ALA R 167 -27.79 -13.73 23.04
C ALA R 167 -27.54 -12.59 22.10
N VAL R 168 -26.39 -12.57 21.45
CA VAL R 168 -26.10 -11.54 20.48
C VAL R 168 -25.97 -12.22 19.14
N VAL R 169 -26.65 -11.72 18.13
CA VAL R 169 -26.58 -12.27 16.79
C VAL R 169 -25.93 -11.28 15.84
N LEU R 170 -24.87 -11.67 15.15
CA LEU R 170 -24.23 -10.82 14.16
C LEU R 170 -24.67 -11.18 12.77
N VAL R 171 -25.20 -10.24 12.00
CA VAL R 171 -25.71 -10.52 10.66
C VAL R 171 -24.84 -9.88 9.61
N GLY R 172 -24.40 -10.61 8.61
CA GLY R 172 -23.63 -9.95 7.54
C GLY R 172 -23.17 -10.77 6.33
N THR R 173 -22.38 -10.16 5.44
CA THR R 173 -21.80 -10.78 4.25
C THR R 173 -20.48 -11.53 4.58
N ASP R 174 -19.88 -12.20 3.59
CA ASP R 174 -18.61 -12.90 3.75
C ASP R 174 -17.49 -12.02 4.33
N ARG R 175 -17.56 -10.75 4.11
CA ARG R 175 -16.58 -9.92 4.68
C ARG R 175 -16.64 -9.95 6.16
N LEU R 176 -17.80 -10.23 6.75
CA LEU R 176 -17.91 -10.20 8.20
C LEU R 176 -16.95 -11.18 8.75
N ASP R 177 -16.89 -12.36 8.19
CA ASP R 177 -15.95 -13.32 8.68
C ASP R 177 -14.53 -12.95 8.46
N ALA R 178 -14.21 -12.29 7.37
CA ALA R 178 -12.88 -11.81 7.26
C ALA R 178 -12.56 -10.85 8.38
N VAL R 179 -13.48 -10.02 8.84
CA VAL R 179 -13.14 -9.18 9.96
C VAL R 179 -12.99 -9.99 11.23
N ILE R 180 -13.92 -10.88 11.49
CA ILE R 180 -13.89 -11.65 12.74
C ILE R 180 -12.62 -12.45 12.91
N LYS R 181 -12.10 -13.08 11.86
CA LYS R 181 -10.93 -13.92 12.00
C LYS R 181 -9.67 -13.18 12.38
N ARG R 182 -9.74 -11.87 12.39
CA ARG R 182 -8.61 -11.07 12.79
C ARG R 182 -8.48 -11.06 14.30
N ASP R 183 -9.47 -11.55 15.02
CA ASP R 183 -9.38 -11.54 16.48
C ASP R 183 -9.87 -12.80 17.10
N GLU R 184 -9.00 -13.55 17.71
CA GLU R 184 -9.44 -14.76 18.35
C GLU R 184 -10.43 -14.57 19.41
N GLN R 185 -10.47 -13.47 20.12
CA GLN R 185 -11.43 -13.35 21.19
C GLN R 185 -12.80 -13.34 20.72
N VAL R 186 -13.07 -12.73 19.58
CA VAL R 186 -14.37 -12.71 18.97
C VAL R 186 -14.70 -13.93 18.24
N LEU R 187 -13.80 -14.48 17.48
CA LEU R 187 -14.11 -15.64 16.71
C LEU R 187 -14.74 -16.68 17.53
N GLU R 188 -14.23 -16.97 18.70
CA GLU R 188 -14.73 -17.96 19.62
C GLU R 188 -16.03 -17.74 20.30
N ARG R 189 -16.45 -16.51 20.56
CA ARG R 189 -17.75 -16.36 21.19
C ARG R 189 -18.79 -16.60 20.10
N PHE R 190 -18.47 -16.22 18.86
CA PHE R 190 -19.45 -16.23 17.77
C PHE R 190 -19.21 -17.28 16.72
N ARG R 191 -18.58 -18.37 17.12
CA ARG R 191 -18.26 -19.46 16.21
C ARG R 191 -19.37 -20.17 15.45
N ALA R 192 -20.52 -20.42 16.08
CA ALA R 192 -21.67 -21.01 15.40
C ALA R 192 -22.33 -20.10 14.43
N HIS R 193 -22.85 -20.63 13.33
CA HIS R 193 -23.38 -19.75 12.28
C HIS R 193 -24.45 -20.42 11.48
N LEU R 194 -25.30 -19.63 10.83
CA LEU R 194 -26.23 -20.15 9.85
C LEU R 194 -26.02 -19.38 8.57
N ARG R 195 -26.09 -20.05 7.42
CA ARG R 195 -25.98 -19.37 6.14
C ARG R 195 -27.23 -19.34 5.27
N PHE R 196 -27.54 -18.17 4.71
CA PHE R 196 -28.60 -18.02 3.72
C PHE R 196 -28.09 -18.38 2.35
N GLY R 197 -28.93 -18.95 1.50
CA GLY R 197 -28.50 -19.26 0.16
C GLY R 197 -29.28 -18.57 -0.93
N LYS R 198 -29.04 -18.98 -2.17
CA LYS R 198 -29.75 -18.44 -3.32
C LYS R 198 -30.87 -19.35 -3.78
N LEU R 199 -31.71 -18.83 -4.68
CA LEU R 199 -32.79 -19.60 -5.31
C LEU R 199 -32.32 -20.46 -6.47
N SER R 200 -32.89 -21.65 -6.60
CA SER R 200 -32.57 -22.49 -7.72
C SER R 200 -33.62 -23.51 -8.05
N GLY R 201 -33.54 -24.07 -9.25
CA GLY R 201 -34.36 -25.21 -9.61
C GLY R 201 -35.81 -25.04 -9.36
N GLU R 202 -36.42 -26.01 -8.70
CA GLU R 202 -37.83 -25.95 -8.35
C GLU R 202 -38.19 -24.88 -7.36
N ASP R 203 -37.24 -24.45 -6.56
CA ASP R 203 -37.47 -23.42 -5.59
C ASP R 203 -37.58 -22.05 -6.17
N PHE R 204 -36.74 -21.73 -7.13
CA PHE R 204 -36.92 -20.56 -7.91
C PHE R 204 -38.23 -20.58 -8.68
N LYS R 205 -38.53 -21.64 -9.39
CA LYS R 205 -39.85 -21.78 -10.00
C LYS R 205 -41.10 -21.63 -9.15
N ASN R 206 -41.15 -22.25 -8.01
CA ASN R 206 -42.27 -22.15 -7.04
C ASN R 206 -42.37 -20.71 -6.51
N THR R 207 -41.21 -20.06 -6.31
CA THR R 207 -41.17 -18.67 -5.78
C THR R 207 -41.87 -17.70 -6.76
N VAL R 208 -41.52 -17.91 -8.03
CA VAL R 208 -41.95 -17.08 -9.09
C VAL R 208 -43.43 -17.23 -9.04
N GLU R 209 -43.90 -18.46 -8.97
CA GLU R 209 -45.33 -18.67 -8.95
C GLU R 209 -45.94 -18.03 -7.73
N MET R 210 -45.33 -18.11 -6.55
CA MET R 210 -45.96 -17.49 -5.40
C MET R 210 -46.06 -16.02 -5.65
N TRP R 211 -45.08 -15.42 -6.30
CA TRP R 211 -45.01 -13.98 -6.43
C TRP R 211 -46.05 -13.47 -7.31
N GLU R 212 -46.44 -14.28 -8.25
CA GLU R 212 -47.50 -13.90 -9.13
C GLU R 212 -48.85 -13.91 -8.43
N GLN R 213 -49.11 -14.92 -7.61
CA GLN R 213 -50.41 -15.04 -6.96
C GLN R 213 -50.49 -14.16 -5.76
N MET R 214 -49.39 -14.06 -5.02
CA MET R 214 -49.42 -13.32 -3.76
C MET R 214 -49.02 -11.84 -3.85
N VAL R 215 -48.17 -11.47 -4.81
CA VAL R 215 -47.75 -10.08 -4.93
C VAL R 215 -48.26 -9.26 -6.12
N LEU R 216 -48.15 -9.79 -7.33
CA LEU R 216 -48.55 -9.02 -8.52
C LEU R 216 -50.05 -8.82 -8.72
N LYS R 217 -50.80 -9.91 -8.66
CA LYS R 217 -52.26 -9.88 -8.73
C LYS R 217 -52.91 -9.11 -9.88
N LEU R 218 -52.47 -9.24 -11.11
CA LEU R 218 -53.13 -8.46 -12.16
C LEU R 218 -54.38 -9.18 -12.57
N PRO R 219 -55.36 -8.46 -13.14
CA PRO R 219 -56.61 -9.11 -13.53
C PRO R 219 -56.33 -10.12 -14.60
N VAL R 220 -55.50 -9.76 -15.56
CA VAL R 220 -55.13 -10.68 -16.60
C VAL R 220 -54.25 -11.69 -15.89
N SER R 221 -54.37 -12.98 -16.15
CA SER R 221 -53.50 -13.91 -15.45
C SER R 221 -52.22 -14.22 -16.24
N SER R 222 -51.07 -13.91 -15.68
CA SER R 222 -49.81 -14.07 -16.38
C SER R 222 -49.26 -15.39 -16.83
N ASN R 223 -49.46 -16.45 -16.05
CA ASN R 223 -48.96 -17.76 -16.40
C ASN R 223 -47.46 -17.74 -16.69
N LEU R 224 -46.71 -17.24 -15.71
CA LEU R 224 -45.27 -17.05 -15.78
C LEU R 224 -44.38 -18.25 -15.80
N LYS R 225 -44.65 -19.19 -14.96
CA LYS R 225 -43.90 -20.43 -14.77
C LYS R 225 -43.59 -21.08 -16.08
N SER R 226 -44.12 -20.54 -17.16
CA SER R 226 -43.92 -21.09 -18.49
C SER R 226 -42.47 -21.18 -18.81
N LYS R 227 -42.07 -22.21 -19.51
CA LYS R 227 -40.65 -22.44 -19.70
C LYS R 227 -39.93 -21.26 -20.31
N GLU R 228 -40.50 -20.70 -21.34
CA GLU R 228 -39.89 -19.56 -22.04
C GLU R 228 -39.79 -18.27 -21.25
N MET R 229 -40.57 -18.18 -20.19
CA MET R 229 -40.51 -17.04 -19.30
C MET R 229 -39.52 -17.24 -18.19
N LEU R 230 -39.42 -18.44 -17.68
CA LEU R 230 -38.45 -18.64 -16.65
C LEU R 230 -37.07 -18.50 -17.21
N ARG R 231 -36.85 -18.88 -18.46
CA ARG R 231 -35.53 -18.62 -19.04
C ARG R 231 -35.18 -17.17 -19.00
N ILE R 232 -36.14 -16.30 -19.27
CA ILE R 232 -35.84 -14.91 -19.25
C ILE R 232 -35.47 -14.47 -17.88
N LEU R 233 -36.27 -14.82 -16.88
CA LEU R 233 -36.04 -14.47 -15.50
C LEU R 233 -34.81 -15.05 -14.89
N THR R 234 -34.49 -16.28 -15.24
CA THR R 234 -33.31 -16.90 -14.68
C THR R 234 -32.07 -16.16 -15.09
N SER R 235 -31.95 -15.88 -16.38
CA SER R 235 -30.79 -15.15 -16.84
C SER R 235 -30.76 -13.77 -16.22
N ALA R 236 -31.90 -13.10 -16.18
CA ALA R 236 -31.98 -11.79 -15.57
C ALA R 236 -31.68 -11.70 -14.08
N THR R 237 -32.09 -12.70 -13.30
CA THR R 237 -31.99 -12.61 -11.84
C THR R 237 -30.89 -13.39 -11.13
N GLU R 238 -30.37 -14.42 -11.78
CA GLU R 238 -29.30 -15.30 -11.26
C GLU R 238 -29.56 -15.81 -9.84
N GLY R 239 -30.82 -16.05 -9.51
CA GLY R 239 -31.20 -16.56 -8.20
C GLY R 239 -31.29 -15.63 -7.00
N TYR R 240 -31.23 -14.32 -7.20
CA TYR R 240 -31.25 -13.46 -6.03
C TYR R 240 -32.69 -13.09 -5.87
N ILE R 241 -33.23 -13.19 -4.67
CA ILE R 241 -34.59 -12.79 -4.46
C ILE R 241 -34.76 -11.33 -4.68
N GLY R 242 -33.78 -10.54 -4.37
CA GLY R 242 -33.75 -9.09 -4.64
C GLY R 242 -34.02 -8.76 -6.10
N ARG R 243 -33.27 -9.32 -7.00
CA ARG R 243 -33.51 -8.99 -8.36
C ARG R 243 -34.83 -9.47 -8.80
N LEU R 244 -35.26 -10.65 -8.39
CA LEU R 244 -36.54 -11.12 -8.84
C LEU R 244 -37.63 -10.21 -8.47
N ASP R 245 -37.67 -9.68 -7.28
CA ASP R 245 -38.71 -8.79 -6.94
C ASP R 245 -38.68 -7.53 -7.72
N GLU R 246 -37.56 -6.86 -7.85
CA GLU R 246 -37.54 -5.60 -8.56
C GLU R 246 -37.96 -5.74 -9.95
N ILE R 247 -37.46 -6.77 -10.61
CA ILE R 247 -37.82 -6.97 -11.97
C ILE R 247 -39.27 -7.23 -12.19
N LEU R 248 -39.95 -8.07 -11.45
CA LEU R 248 -41.37 -8.28 -11.73
C LEU R 248 -42.19 -7.10 -11.36
N ARG R 249 -41.83 -6.35 -10.35
CA ARG R 249 -42.58 -5.16 -10.08
C ARG R 249 -42.40 -4.09 -11.12
N GLU R 250 -41.20 -3.90 -11.66
CA GLU R 250 -40.98 -2.86 -12.67
C GLU R 250 -41.79 -3.30 -13.88
N ALA R 251 -41.80 -4.58 -14.24
CA ALA R 251 -42.65 -5.08 -15.31
C ALA R 251 -44.14 -4.94 -15.12
N ALA R 252 -44.74 -5.25 -13.98
CA ALA R 252 -46.17 -4.90 -13.85
C ALA R 252 -46.43 -3.40 -13.88
N ILE R 253 -45.63 -2.56 -13.27
CA ILE R 253 -45.96 -1.13 -13.28
C ILE R 253 -45.86 -0.60 -14.70
N ARG R 254 -44.80 -0.91 -15.43
CA ARG R 254 -44.62 -0.33 -16.77
C ARG R 254 -45.75 -0.77 -17.58
N SER R 255 -46.03 -2.04 -17.48
CA SER R 255 -47.08 -2.72 -18.29
C SER R 255 -48.46 -2.10 -18.04
N LEU R 256 -48.82 -1.86 -16.80
CA LEU R 256 -50.10 -1.20 -16.60
C LEU R 256 -50.19 0.20 -17.10
N SER R 257 -49.09 0.92 -17.05
CA SER R 257 -49.17 2.32 -17.41
C SER R 257 -49.54 2.43 -18.90
N ARG R 258 -49.27 1.34 -19.62
CA ARG R 258 -49.49 1.24 -21.06
C ARG R 258 -50.83 0.63 -21.41
N GLY R 259 -51.65 0.38 -20.40
CA GLY R 259 -53.00 -0.09 -20.62
C GLY R 259 -53.15 -1.56 -20.93
N LEU R 260 -52.19 -2.37 -20.50
CA LEU R 260 -52.28 -3.81 -20.72
C LEU R 260 -52.81 -4.49 -19.46
N LYS R 261 -53.38 -5.67 -19.62
CA LYS R 261 -53.94 -6.43 -18.51
C LYS R 261 -53.10 -7.61 -18.03
N LYS R 262 -51.91 -7.77 -18.58
CA LYS R 262 -51.04 -8.87 -18.19
C LYS R 262 -49.58 -8.58 -18.55
N ILE R 263 -48.66 -9.40 -18.03
CA ILE R 263 -47.26 -9.34 -18.43
C ILE R 263 -46.97 -10.32 -19.56
N ASP R 264 -46.54 -9.80 -20.71
CA ASP R 264 -46.12 -10.62 -21.83
C ASP R 264 -44.62 -10.78 -21.86
N LYS R 265 -44.14 -11.66 -22.76
CA LYS R 265 -42.73 -11.76 -23.11
C LYS R 265 -41.95 -10.52 -23.55
N ALA R 266 -42.45 -9.72 -24.47
CA ALA R 266 -41.64 -8.60 -24.90
C ALA R 266 -41.44 -7.54 -23.83
N VAL R 267 -42.45 -7.21 -23.04
CA VAL R 267 -42.30 -6.09 -22.07
C VAL R 267 -41.34 -6.52 -20.97
N LEU R 268 -41.38 -7.82 -20.61
CA LEU R 268 -40.47 -8.37 -19.58
C LEU R 268 -39.03 -8.26 -20.08
N GLN R 269 -38.80 -8.59 -21.35
CA GLN R 269 -37.44 -8.51 -21.95
C GLN R 269 -36.99 -7.04 -21.98
N GLU R 270 -37.91 -6.13 -22.31
CA GLU R 270 -37.61 -4.67 -22.34
C GLU R 270 -37.08 -4.24 -20.98
N VAL R 271 -37.71 -4.68 -19.89
CA VAL R 271 -37.25 -4.33 -18.52
C VAL R 271 -35.92 -5.05 -18.22
N ALA R 272 -35.86 -6.36 -18.42
CA ALA R 272 -34.66 -7.14 -18.04
C ALA R 272 -33.43 -6.58 -18.76
N LYS R 273 -33.60 -6.13 -20.00
CA LYS R 273 -32.46 -5.61 -20.83
C LYS R 273 -31.76 -4.44 -20.12
N GLU R 274 -32.48 -3.74 -19.24
CA GLU R 274 -31.93 -2.51 -18.59
C GLU R 274 -31.10 -2.90 -17.37
N TYR R 275 -31.02 -4.18 -17.06
CA TYR R 275 -30.30 -4.66 -15.85
C TYR R 275 -29.18 -5.62 -16.27
N GLU S 19 -43.83 -27.62 35.74
CA GLU S 19 -43.46 -28.58 34.73
C GLU S 19 -42.02 -29.05 34.96
N TRP S 20 -41.85 -30.35 35.14
CA TRP S 20 -40.53 -30.96 35.39
C TRP S 20 -39.55 -30.61 34.32
N LEU S 21 -39.97 -30.67 33.06
CA LEU S 21 -39.08 -30.36 31.98
C LEU S 21 -38.62 -28.94 32.07
N GLN S 22 -39.49 -27.95 32.28
CA GLN S 22 -39.05 -26.57 32.40
C GLN S 22 -38.04 -26.33 33.51
N ALA S 23 -38.19 -27.01 34.64
CA ALA S 23 -37.29 -26.79 35.76
C ALA S 23 -35.87 -27.08 35.39
N GLU S 24 -35.72 -28.21 34.69
CA GLU S 24 -34.46 -28.75 34.20
C GLU S 24 -33.83 -28.01 33.12
N ILE S 25 -34.61 -27.48 32.19
CA ILE S 25 -33.99 -26.66 31.19
C ILE S 25 -33.34 -25.41 31.76
N ALA S 26 -34.00 -24.73 32.69
CA ALA S 26 -33.46 -23.56 33.33
C ALA S 26 -32.14 -23.86 34.02
N ARG S 27 -31.99 -25.04 34.63
CA ARG S 27 -30.75 -25.38 35.26
C ARG S 27 -29.63 -25.52 34.27
N LEU S 28 -29.91 -26.16 33.17
CA LEU S 28 -28.91 -26.49 32.18
C LEU S 28 -28.46 -25.20 31.57
N LYS S 29 -29.30 -24.21 31.56
CA LYS S 29 -28.92 -22.98 30.92
C LYS S 29 -27.94 -22.21 31.80
N GLY S 30 -27.70 -22.66 33.03
CA GLY S 30 -26.84 -21.93 33.97
C GLY S 30 -25.35 -22.18 34.04
N LYS S 31 -24.72 -21.84 35.15
CA LYS S 31 -23.26 -22.01 35.24
C LYS S 31 -22.82 -22.60 36.56
N SER S 32 -21.67 -23.26 36.55
CA SER S 32 -21.11 -23.83 37.78
C SER S 32 -19.60 -23.93 37.72
N ILE S 33 -18.96 -24.17 38.86
CA ILE S 33 -17.52 -24.30 38.92
C ILE S 33 -17.11 -25.70 39.31
N VAL S 34 -16.32 -26.35 38.47
CA VAL S 34 -15.88 -27.71 38.72
C VAL S 34 -14.40 -27.75 39.01
N PRO S 35 -14.00 -28.25 40.16
CA PRO S 35 -12.58 -28.16 40.48
C PRO S 35 -11.65 -28.98 39.63
N LEU S 36 -11.36 -28.52 38.44
CA LEU S 36 -10.51 -29.22 37.50
C LEU S 36 -9.07 -29.23 37.89
N GLN S 37 -8.29 -30.09 37.28
CA GLN S 37 -6.89 -30.13 37.61
C GLN S 37 -6.18 -28.84 37.34
N GLN S 38 -6.50 -28.17 36.26
CA GLN S 38 -5.85 -26.93 35.95
C GLN S 38 -6.08 -25.89 37.01
N VAL S 39 -7.28 -25.80 37.53
CA VAL S 39 -7.60 -24.82 38.55
C VAL S 39 -6.87 -25.00 39.84
N LYS S 40 -6.64 -26.22 40.25
CA LYS S 40 -5.97 -26.39 41.52
C LYS S 40 -4.60 -25.81 41.53
N THR S 41 -3.85 -25.99 40.48
CA THR S 41 -2.55 -25.42 40.44
C THR S 41 -2.48 -23.93 40.61
N LEU S 42 -3.26 -23.15 39.89
CA LEU S 42 -3.25 -21.71 40.02
C LEU S 42 -3.46 -21.30 41.44
N HIS S 43 -4.42 -21.91 42.13
CA HIS S 43 -4.73 -21.44 43.46
C HIS S 43 -3.54 -21.54 44.37
N ASP S 44 -2.79 -22.62 44.28
CA ASP S 44 -1.57 -22.77 45.08
C ASP S 44 -0.45 -21.84 44.68
N TRP S 45 -0.28 -21.62 43.38
CA TRP S 45 0.72 -20.69 42.89
C TRP S 45 0.48 -19.27 43.34
N LEU S 46 -0.75 -18.79 43.26
CA LEU S 46 -1.07 -17.48 43.69
C LEU S 46 -0.84 -17.40 45.14
N ASP S 47 -1.14 -18.42 45.92
CA ASP S 47 -0.94 -18.30 47.35
C ASP S 47 0.48 -18.09 47.69
N GLY S 48 1.35 -18.70 46.93
CA GLY S 48 2.75 -18.52 47.18
C GLY S 48 2.96 -17.04 46.98
N LYS S 49 2.55 -16.52 45.84
CA LYS S 49 2.75 -15.18 45.54
C LYS S 49 2.09 -14.27 46.47
N ARG S 50 0.98 -14.60 47.03
CA ARG S 50 0.40 -13.70 47.98
C ARG S 50 1.12 -13.47 49.22
N LYS S 51 1.69 -14.46 49.84
CA LYS S 51 2.42 -14.27 51.08
C LYS S 51 3.75 -13.67 50.82
N ALA S 52 4.30 -13.92 49.66
CA ALA S 52 5.63 -13.50 49.33
C ALA S 52 5.47 -12.06 48.94
N ARG S 53 4.26 -11.63 48.74
CA ARG S 53 3.94 -10.33 48.21
C ARG S 53 4.61 -10.03 46.91
N LYS S 54 4.60 -10.91 45.93
CA LYS S 54 5.27 -10.58 44.67
C LYS S 54 4.28 -10.48 43.52
N SER S 55 4.46 -9.61 42.52
CA SER S 55 3.61 -9.45 41.34
C SER S 55 4.03 -10.50 40.32
N CYS S 56 3.11 -10.81 39.42
CA CYS S 56 3.31 -11.84 38.41
C CYS S 56 2.24 -11.74 37.36
N ARG S 57 2.29 -12.55 36.32
CA ARG S 57 1.21 -12.55 35.37
C ARG S 57 0.77 -13.94 34.99
N VAL S 58 -0.46 -14.08 34.49
CA VAL S 58 -0.96 -15.37 34.06
C VAL S 58 -1.33 -15.30 32.59
N VAL S 59 -0.89 -16.25 31.79
CA VAL S 59 -1.11 -16.16 30.35
C VAL S 59 -1.74 -17.43 29.88
N GLY S 60 -2.41 -17.39 28.74
CA GLY S 60 -2.93 -18.57 28.11
C GLY S 60 -3.98 -18.21 27.10
N GLU S 61 -4.45 -19.18 26.33
CA GLU S 61 -5.42 -18.95 25.25
C GLU S 61 -6.79 -18.56 25.80
N SER S 62 -7.56 -17.85 25.01
CA SER S 62 -8.83 -17.33 25.51
C SER S 62 -9.94 -18.26 25.95
N ARG S 63 -9.92 -19.53 25.57
CA ARG S 63 -10.92 -20.46 26.08
C ARG S 63 -10.46 -21.45 27.13
N THR S 64 -9.32 -21.21 27.74
CA THR S 64 -8.83 -22.06 28.80
C THR S 64 -9.45 -21.86 30.18
N GLY S 65 -10.22 -20.80 30.37
CA GLY S 65 -11.01 -20.68 31.58
C GLY S 65 -10.27 -19.95 32.68
N LYS S 66 -9.34 -19.10 32.27
CA LYS S 66 -8.56 -18.22 33.12
C LYS S 66 -9.41 -17.33 34.00
N THR S 67 -10.42 -16.69 33.44
CA THR S 67 -11.29 -15.81 34.21
C THR S 67 -12.01 -16.54 35.33
N VAL S 68 -12.51 -17.72 35.06
CA VAL S 68 -13.15 -18.58 36.04
C VAL S 68 -12.25 -19.13 37.15
N ALA S 69 -11.06 -19.61 36.80
CA ALA S 69 -10.12 -20.05 37.84
C ALA S 69 -9.73 -18.97 38.84
N CYS S 70 -9.53 -17.76 38.34
CA CYS S 70 -9.21 -16.51 39.07
C CYS S 70 -10.42 -16.05 39.90
N ASP S 71 -11.62 -16.15 39.35
CA ASP S 71 -12.86 -15.81 40.11
C ASP S 71 -13.07 -16.81 41.24
N ALA S 72 -12.90 -18.08 40.96
CA ALA S 72 -13.14 -19.09 41.95
C ALA S 72 -12.21 -18.77 43.08
N TYR S 73 -10.98 -18.40 42.76
CA TYR S 73 -10.06 -18.03 43.82
C TYR S 73 -10.55 -16.87 44.67
N ARG S 74 -11.04 -15.82 44.04
CA ARG S 74 -11.45 -14.65 44.80
C ARG S 74 -12.43 -15.05 45.89
N TYR S 75 -13.35 -15.93 45.56
CA TYR S 75 -14.42 -16.33 46.46
C TYR S 75 -13.99 -17.23 47.60
N ARG S 76 -12.76 -17.68 47.61
CA ARG S 76 -12.37 -18.56 48.69
C ARG S 76 -11.85 -17.74 49.85
N HIS S 77 -11.82 -16.41 49.70
CA HIS S 77 -11.32 -15.52 50.76
C HIS S 77 -12.31 -14.43 51.08
N LYS S 78 -13.36 -14.76 51.81
CA LYS S 78 -14.42 -13.81 52.07
C LYS S 78 -13.90 -12.62 52.86
N PRO S 79 -14.33 -11.42 52.46
CA PRO S 79 -13.98 -10.19 53.15
C PRO S 79 -14.30 -10.33 54.62
N GLN S 80 -13.55 -9.74 55.53
CA GLN S 80 -13.93 -9.91 56.93
C GLN S 80 -14.42 -8.66 57.61
N GLN S 81 -15.24 -8.78 58.63
CA GLN S 81 -15.75 -7.61 59.34
C GLN S 81 -15.93 -7.69 60.83
N GLU S 82 -15.30 -6.73 61.50
CA GLU S 82 -15.35 -6.56 62.96
C GLU S 82 -16.44 -5.56 63.29
N ALA S 83 -16.66 -5.29 64.57
CA ALA S 83 -17.65 -4.27 64.91
C ALA S 83 -17.24 -2.81 64.64
N GLY S 84 -15.95 -2.51 64.58
CA GLY S 84 -15.58 -1.13 64.41
C GLY S 84 -15.12 -0.63 63.07
N ARG S 85 -13.88 -0.94 62.72
CA ARG S 85 -13.22 -0.50 61.50
C ARG S 85 -13.78 -1.08 60.21
N PRO S 86 -13.48 -0.47 59.08
CA PRO S 86 -13.80 -0.86 57.71
C PRO S 86 -13.44 -2.32 57.47
N PRO S 87 -14.04 -2.96 56.46
CA PRO S 87 -13.86 -4.31 56.03
C PRO S 87 -12.44 -4.56 55.75
N THR S 88 -11.93 -5.75 55.96
CA THR S 88 -10.59 -6.04 55.56
C THR S 88 -10.80 -6.84 54.33
N VAL S 89 -10.12 -6.53 53.23
CA VAL S 89 -10.38 -7.19 51.95
C VAL S 89 -9.11 -7.66 51.30
N PRO S 90 -8.65 -8.86 51.66
CA PRO S 90 -7.40 -9.41 51.15
C PRO S 90 -7.26 -9.41 49.63
N VAL S 91 -8.29 -9.72 48.85
CA VAL S 91 -8.14 -9.79 47.40
C VAL S 91 -9.10 -8.90 46.63
N VAL S 92 -8.61 -8.11 45.68
CA VAL S 92 -9.48 -7.28 44.85
C VAL S 92 -9.45 -7.73 43.40
N TYR S 93 -10.60 -8.02 42.81
CA TYR S 93 -10.64 -8.48 41.42
C TYR S 93 -11.39 -7.48 40.58
N ILE S 94 -10.75 -6.93 39.55
CA ILE S 94 -11.40 -5.95 38.67
C ILE S 94 -11.30 -6.29 37.20
N ARG S 95 -12.16 -5.74 36.35
CA ARG S 95 -11.99 -5.94 34.92
C ARG S 95 -12.11 -4.58 34.26
N PRO S 96 -11.10 -4.17 33.49
CA PRO S 96 -11.12 -2.88 32.80
C PRO S 96 -12.02 -2.85 31.58
N HIS S 97 -12.38 -1.65 31.12
CA HIS S 97 -13.05 -1.43 29.81
C HIS S 97 -11.98 -1.21 28.74
N GLN S 98 -12.39 -1.24 27.47
CA GLN S 98 -11.41 -1.09 26.35
C GLN S 98 -10.81 0.32 26.33
N LYS S 99 -9.51 0.41 26.03
CA LYS S 99 -8.76 1.70 26.07
C LYS S 99 -9.00 2.34 27.44
N CYS S 100 -8.77 1.56 28.50
CA CYS S 100 -8.92 1.99 29.91
C CYS S 100 -7.94 3.12 30.24
N GLY S 101 -8.37 4.25 30.76
CA GLY S 101 -7.40 5.29 31.05
C GLY S 101 -7.04 5.27 32.50
N PRO S 102 -6.14 6.13 32.92
CA PRO S 102 -5.70 6.30 34.29
C PRO S 102 -6.80 6.64 35.19
N LYS S 103 -7.86 7.31 34.76
CA LYS S 103 -8.89 7.62 35.71
C LYS S 103 -9.77 6.47 35.97
N ASP S 104 -9.90 5.60 34.96
CA ASP S 104 -10.83 4.47 34.95
C ASP S 104 -10.52 3.33 35.82
N LEU S 105 -9.24 3.06 35.92
CA LEU S 105 -8.61 2.21 36.89
C LEU S 105 -8.77 2.55 38.32
N PHE S 106 -8.62 3.80 38.70
CA PHE S 106 -8.86 4.16 40.07
C PHE S 106 -10.31 4.07 40.36
N LYS S 107 -11.18 4.55 39.46
CA LYS S 107 -12.57 4.59 39.72
C LYS S 107 -12.99 3.17 40.01
N LYS S 108 -12.58 2.17 39.22
CA LYS S 108 -13.09 0.80 39.46
C LYS S 108 -12.57 0.26 40.81
N ILE S 109 -11.32 0.57 41.16
CA ILE S 109 -10.75 0.06 42.45
C ILE S 109 -11.58 0.60 43.63
N THR S 110 -11.89 1.90 43.54
CA THR S 110 -12.66 2.65 44.57
C THR S 110 -14.08 2.08 44.68
N GLU S 111 -14.73 1.76 43.56
CA GLU S 111 -16.11 1.20 43.59
C GLU S 111 -16.07 -0.23 44.16
N TYR S 112 -15.05 -0.95 43.74
CA TYR S 112 -14.95 -2.29 44.16
C TYR S 112 -14.98 -2.30 45.65
N LEU S 113 -14.29 -1.39 46.32
CA LEU S 113 -14.28 -1.45 47.76
C LEU S 113 -15.40 -0.74 48.47
N LYS S 114 -16.36 -0.28 47.69
CA LYS S 114 -17.57 0.41 48.10
C LYS S 114 -17.43 1.74 48.77
N TYR S 115 -16.62 2.65 48.27
CA TYR S 115 -16.61 3.98 48.82
C TYR S 115 -16.75 4.71 47.56
N ARG S 116 -17.90 5.28 47.20
CA ARG S 116 -17.87 6.01 45.92
C ARG S 116 -17.46 7.39 46.15
N VAL S 117 -16.94 7.95 45.09
CA VAL S 117 -16.37 9.24 45.12
C VAL S 117 -16.98 10.10 44.06
N THR S 118 -16.88 11.38 44.31
CA THR S 118 -17.45 12.39 43.48
C THR S 118 -16.53 13.01 42.49
N LYS S 119 -17.05 14.07 41.95
CA LYS S 119 -16.28 14.87 41.00
C LYS S 119 -14.94 15.43 41.50
N GLY S 120 -13.90 15.31 40.68
CA GLY S 120 -12.57 15.82 40.96
C GLY S 120 -11.68 15.62 39.75
N THR S 121 -10.36 15.74 39.88
CA THR S 121 -9.46 15.50 38.73
C THR S 121 -8.63 14.22 38.98
N VAL S 122 -7.73 13.83 38.05
CA VAL S 122 -6.98 12.59 38.19
C VAL S 122 -6.16 12.50 39.40
N SER S 123 -5.51 13.56 39.80
CA SER S 123 -4.76 13.49 41.01
C SER S 123 -5.65 13.23 42.16
N ASP S 124 -6.92 13.56 42.09
CA ASP S 124 -7.70 13.27 43.26
C ASP S 124 -8.10 11.85 43.29
N PHE S 125 -8.38 11.22 42.14
CA PHE S 125 -8.72 9.83 42.27
C PHE S 125 -7.55 9.04 42.86
N ARG S 126 -6.33 9.38 42.43
CA ARG S 126 -5.13 8.72 42.93
C ARG S 126 -4.94 8.86 44.40
N ASP S 127 -5.09 10.03 44.96
CA ASP S 127 -4.86 10.19 46.37
C ASP S 127 -5.84 9.33 47.13
N ARG S 128 -7.10 9.31 46.70
CA ARG S 128 -8.19 8.53 47.31
C ARG S 128 -8.04 7.05 47.19
N THR S 129 -7.48 6.59 46.07
CA THR S 129 -7.18 5.16 45.90
C THR S 129 -6.15 4.72 46.87
N ILE S 130 -5.06 5.41 47.09
CA ILE S 130 -4.13 5.02 48.07
C ILE S 130 -4.79 5.05 49.46
N GLU S 131 -5.59 6.03 49.87
CA GLU S 131 -6.28 5.88 51.14
C GLU S 131 -7.20 4.64 51.27
N VAL S 132 -7.93 4.20 50.24
CA VAL S 132 -8.78 3.04 50.54
C VAL S 132 -7.97 1.74 50.54
N LEU S 133 -6.89 1.71 49.73
CA LEU S 133 -6.02 0.54 49.65
C LEU S 133 -5.26 0.37 50.97
N LYS S 134 -4.91 1.49 51.63
CA LYS S 134 -4.30 1.46 52.95
C LYS S 134 -5.40 1.27 54.00
N GLY S 135 -4.99 0.82 55.19
CA GLY S 135 -5.87 0.70 56.33
C GLY S 135 -6.63 -0.56 56.13
N CYS S 136 -7.46 -0.57 55.09
CA CYS S 136 -8.16 -1.76 54.69
C CYS S 136 -7.09 -2.71 54.21
N GLY S 137 -6.97 -3.91 54.77
CA GLY S 137 -5.86 -4.74 54.39
C GLY S 137 -6.19 -5.14 52.97
N VAL S 138 -5.24 -4.98 52.06
CA VAL S 138 -5.35 -5.54 50.72
C VAL S 138 -3.99 -6.16 50.51
N GLU S 139 -4.03 -7.40 50.04
CA GLU S 139 -2.83 -8.16 49.75
C GLU S 139 -2.61 -8.39 48.25
N MET S 140 -3.68 -8.58 47.49
CA MET S 140 -3.53 -8.85 46.07
C MET S 140 -4.55 -8.14 45.17
N LEU S 141 -4.09 -7.60 44.05
CA LEU S 141 -4.97 -6.98 43.06
C LEU S 141 -4.92 -7.84 41.78
N ILE S 142 -6.06 -8.29 41.26
CA ILE S 142 -6.04 -9.05 40.01
C ILE S 142 -6.64 -8.27 38.88
N ILE S 143 -5.93 -8.07 37.78
CA ILE S 143 -6.47 -7.30 36.68
C ILE S 143 -6.75 -8.21 35.51
N ASP S 144 -8.01 -8.40 35.17
CA ASP S 144 -8.39 -9.24 34.05
C ASP S 144 -8.17 -8.50 32.76
N GLU S 145 -8.08 -9.22 31.65
CA GLU S 145 -7.84 -8.63 30.35
C GLU S 145 -6.87 -7.48 30.45
N ALA S 146 -5.69 -7.71 30.98
CA ALA S 146 -4.78 -6.60 31.27
C ALA S 146 -4.45 -5.77 30.07
N ASP S 147 -4.42 -6.37 28.90
CA ASP S 147 -4.18 -5.62 27.68
C ASP S 147 -5.27 -4.64 27.22
N ARG S 148 -6.37 -4.48 27.96
CA ARG S 148 -7.19 -3.38 27.70
C ARG S 148 -6.64 -2.08 28.22
N LEU S 149 -5.62 -2.16 29.06
CA LEU S 149 -4.99 -0.96 29.64
C LEU S 149 -4.28 -0.20 28.55
N LYS S 150 -4.41 1.11 28.59
CA LYS S 150 -3.67 2.00 27.74
C LYS S 150 -2.28 1.95 28.23
N PRO S 151 -1.28 2.09 27.35
CA PRO S 151 0.11 2.02 27.74
C PRO S 151 0.55 2.92 28.87
N GLU S 152 0.00 4.10 29.04
CA GLU S 152 0.45 4.91 30.13
C GLU S 152 -0.04 4.45 31.46
N THR S 153 -1.07 3.62 31.54
CA THR S 153 -1.66 3.35 32.84
C THR S 153 -0.81 2.48 33.64
N PHE S 154 0.14 1.84 32.98
CA PHE S 154 1.02 0.95 33.66
C PHE S 154 1.87 1.72 34.65
N ALA S 155 2.01 3.02 34.43
CA ALA S 155 2.73 3.82 35.39
C ALA S 155 2.04 3.79 36.72
N ASP S 156 0.71 3.78 36.71
CA ASP S 156 -0.07 3.78 37.94
C ASP S 156 -0.15 2.40 38.57
N VAL S 157 -0.18 1.37 37.73
CA VAL S 157 -0.08 0.00 38.20
C VAL S 157 1.25 -0.31 38.88
N ARG S 158 2.37 0.11 38.31
CA ARG S 158 3.67 -0.07 38.95
C ARG S 158 3.74 0.71 40.24
N ASP S 159 3.25 1.94 40.21
CA ASP S 159 3.30 2.84 41.37
C ASP S 159 2.70 2.20 42.59
N ILE S 160 1.50 1.67 42.45
CA ILE S 160 0.81 0.96 43.53
C ILE S 160 1.60 -0.26 43.95
N ALA S 161 2.09 -1.05 43.00
CA ALA S 161 2.75 -2.27 43.30
C ALA S 161 3.97 -1.93 44.09
N GLU S 162 4.65 -0.83 43.80
CA GLU S 162 5.92 -0.58 44.54
C GLU S 162 5.66 0.15 45.86
N ASP S 163 4.65 1.02 45.89
CA ASP S 163 4.32 1.90 47.06
C ASP S 163 3.73 1.08 48.21
N LEU S 164 2.79 0.19 47.92
CA LEU S 164 2.07 -0.59 48.95
C LEU S 164 2.44 -2.07 48.83
N GLY S 165 2.44 -2.81 49.92
CA GLY S 165 2.83 -4.20 49.83
C GLY S 165 1.69 -5.00 49.25
N ILE S 166 1.37 -4.71 47.99
CA ILE S 166 0.27 -5.36 47.32
C ILE S 166 0.77 -6.10 46.09
N ALA S 167 0.45 -7.37 45.97
CA ALA S 167 0.87 -8.14 44.83
C ALA S 167 -0.10 -7.77 43.74
N VAL S 168 0.37 -7.58 42.53
CA VAL S 168 -0.50 -7.30 41.41
C VAL S 168 -0.34 -8.42 40.42
N VAL S 169 -1.43 -8.99 39.96
CA VAL S 169 -1.41 -10.07 38.99
C VAL S 169 -2.04 -9.63 37.69
N LEU S 170 -1.34 -9.76 36.57
CA LEU S 170 -1.90 -9.43 35.27
C LEU S 170 -2.34 -10.68 34.54
N VAL S 171 -3.59 -10.76 34.12
CA VAL S 171 -4.11 -11.95 33.47
C VAL S 171 -4.38 -11.67 32.01
N GLY S 172 -3.95 -12.52 31.09
CA GLY S 172 -4.32 -12.30 29.68
C GLY S 172 -3.85 -13.30 28.62
N THR S 173 -4.08 -12.99 27.34
CA THR S 173 -3.65 -13.78 26.18
C THR S 173 -2.22 -13.40 25.74
N ASP S 174 -1.67 -14.09 24.73
CA ASP S 174 -0.33 -13.82 24.20
C ASP S 174 -0.12 -12.36 23.79
N ARG S 175 -1.16 -11.67 23.44
CA ARG S 175 -0.99 -10.31 23.14
C ARG S 175 -0.52 -9.56 24.33
N LEU S 176 -0.84 -10.00 25.53
CA LEU S 176 -0.46 -9.22 26.72
C LEU S 176 1.01 -9.10 26.72
N ASP S 177 1.72 -10.16 26.42
CA ASP S 177 3.14 -10.06 26.38
C ASP S 177 3.65 -9.22 25.27
N ALA S 178 2.99 -9.18 24.15
CA ALA S 178 3.39 -8.22 23.17
C ALA S 178 3.27 -6.83 23.71
N VAL S 179 2.29 -6.51 24.53
CA VAL S 179 2.27 -5.17 25.07
C VAL S 179 3.36 -4.95 26.08
N ILE S 180 3.54 -5.88 27.00
CA ILE S 180 4.54 -5.72 28.04
C ILE S 180 5.94 -5.57 27.51
N LYS S 181 6.33 -6.34 26.50
CA LYS S 181 7.71 -6.31 26.02
C LYS S 181 8.11 -5.04 25.34
N ARG S 182 7.17 -4.13 25.19
CA ARG S 182 7.46 -2.84 24.60
C ARG S 182 7.90 -1.87 25.65
N ASP S 183 7.96 -2.27 26.91
CA ASP S 183 8.47 -1.36 27.94
C ASP S 183 9.29 -2.04 28.97
N GLU S 184 10.54 -1.73 29.07
CA GLU S 184 11.35 -2.34 30.08
C GLU S 184 10.90 -2.11 31.46
N GLN S 185 10.30 -0.99 31.79
CA GLN S 185 9.94 -0.77 33.18
C GLN S 185 8.96 -1.72 33.67
N VAL S 186 8.03 -2.12 32.84
CA VAL S 186 7.01 -3.10 33.19
C VAL S 186 7.46 -4.49 33.10
N LEU S 187 8.16 -4.85 32.07
CA LEU S 187 8.55 -6.22 31.91
C LEU S 187 9.19 -6.74 33.13
N GLU S 188 10.09 -6.00 33.75
CA GLU S 188 10.79 -6.36 34.96
C GLU S 188 10.04 -6.48 36.23
N ARG S 189 8.97 -5.73 36.44
CA ARG S 189 8.26 -5.93 37.69
C ARG S 189 7.46 -7.21 37.54
N PHE S 190 7.00 -7.50 36.33
CA PHE S 190 6.07 -8.60 36.09
C PHE S 190 6.65 -9.76 35.33
N ARG S 191 7.95 -9.97 35.48
CA ARG S 191 8.65 -11.04 34.79
C ARG S 191 8.23 -12.49 35.00
N ALA S 192 7.90 -12.88 36.23
CA ALA S 192 7.41 -14.23 36.51
C ALA S 192 6.04 -14.51 35.98
N HIS S 193 5.77 -15.73 35.56
CA HIS S 193 4.49 -16.00 34.92
C HIS S 193 4.06 -17.43 35.11
N LEU S 194 2.77 -17.69 34.98
CA LEU S 194 2.27 -19.06 34.90
C LEU S 194 1.43 -19.15 33.65
N ARG S 195 1.50 -20.27 32.94
CA ARG S 195 0.65 -20.48 31.77
C ARG S 195 -0.39 -21.59 31.88
N PHE S 196 -1.60 -21.30 31.41
CA PHE S 196 -2.67 -22.29 31.30
C PHE S 196 -2.51 -23.07 30.01
N GLY S 197 -2.87 -24.35 30.02
CA GLY S 197 -2.82 -25.11 28.79
C GLY S 197 -4.14 -25.67 28.33
N LYS S 198 -4.09 -26.55 27.34
CA LYS S 198 -5.28 -27.20 26.82
C LYS S 198 -5.44 -28.60 27.34
N LEU S 199 -6.62 -29.19 27.13
CA LEU S 199 -6.91 -30.59 27.46
C LEU S 199 -6.35 -31.57 26.44
N SER S 200 -5.86 -32.70 26.92
CA SER S 200 -5.39 -33.73 26.02
C SER S 200 -5.36 -35.11 26.62
N GLY S 201 -5.23 -36.11 25.76
CA GLY S 201 -5.00 -37.46 26.22
C GLY S 201 -5.93 -37.95 27.28
N GLU S 202 -5.39 -38.51 28.34
CA GLU S 202 -6.18 -38.96 29.47
C GLU S 202 -6.90 -37.89 30.22
N ASP S 203 -6.40 -36.67 30.15
CA ASP S 203 -7.01 -35.57 30.85
C ASP S 203 -8.26 -35.07 30.21
N PHE S 204 -8.29 -35.01 28.90
CA PHE S 204 -9.49 -34.74 28.20
C PHE S 204 -10.56 -35.80 28.47
N LYS S 205 -10.23 -37.07 28.34
CA LYS S 205 -11.17 -38.11 28.75
C LYS S 205 -11.74 -38.13 30.16
N ASN S 206 -10.91 -37.94 31.15
CA ASN S 206 -11.35 -37.85 32.58
C ASN S 206 -12.31 -36.67 32.75
N THR S 207 -12.07 -35.56 32.05
CA THR S 207 -12.91 -34.35 32.16
C THR S 207 -14.34 -34.65 31.66
N VAL S 208 -14.37 -35.35 30.53
CA VAL S 208 -15.56 -35.60 29.82
C VAL S 208 -16.36 -36.38 30.80
N GLU S 209 -15.78 -37.42 31.37
CA GLU S 209 -16.53 -38.24 32.30
C GLU S 209 -16.98 -37.42 33.48
N MET S 210 -16.16 -36.56 34.05
CA MET S 210 -16.62 -35.81 35.20
C MET S 210 -17.81 -35.00 34.79
N TRP S 211 -17.82 -34.43 33.60
CA TRP S 211 -18.81 -33.46 33.20
C TRP S 211 -20.12 -34.09 33.02
N GLU S 212 -20.10 -35.35 32.64
CA GLU S 212 -21.32 -36.06 32.50
C GLU S 212 -22.04 -36.29 33.82
N GLN S 213 -21.29 -36.62 34.87
CA GLN S 213 -21.90 -36.90 36.17
C GLN S 213 -22.07 -35.67 36.96
N MET S 214 -21.13 -34.73 36.84
CA MET S 214 -21.20 -33.53 37.66
C MET S 214 -22.08 -32.39 37.09
N VAL S 215 -22.17 -32.28 35.76
CA VAL S 215 -23.00 -31.23 35.16
C VAL S 215 -24.31 -31.62 34.48
N LEU S 216 -24.28 -32.65 33.62
CA LEU S 216 -25.48 -33.02 32.87
C LEU S 216 -26.57 -33.74 33.67
N LYS S 217 -26.18 -34.81 34.36
CA LYS S 217 -27.08 -35.56 35.22
C LYS S 217 -28.39 -36.09 34.62
N LEU S 218 -28.32 -36.71 33.48
CA LEU S 218 -29.55 -37.22 32.92
C LEU S 218 -29.90 -38.52 33.64
N PRO S 219 -31.17 -38.91 33.59
CA PRO S 219 -31.53 -40.13 34.29
C PRO S 219 -30.81 -41.32 33.74
N VAL S 220 -30.74 -41.39 32.42
CA VAL S 220 -30.14 -42.50 31.73
C VAL S 220 -28.75 -42.17 31.32
N SER S 221 -27.78 -43.00 31.70
CA SER S 221 -26.40 -42.69 31.41
C SER S 221 -26.18 -42.62 29.96
N SER S 222 -25.58 -41.54 29.49
CA SER S 222 -25.28 -41.41 28.08
C SER S 222 -23.96 -42.08 27.76
N ASN S 223 -23.16 -42.35 28.78
CA ASN S 223 -21.92 -43.05 28.58
C ASN S 223 -20.94 -42.59 27.50
N LEU S 224 -20.56 -41.31 27.50
CA LEU S 224 -19.62 -40.73 26.50
C LEU S 224 -18.15 -41.13 26.42
N LYS S 225 -17.50 -41.50 27.49
CA LYS S 225 -16.08 -41.83 27.41
C LYS S 225 -15.83 -42.97 26.48
N SER S 226 -16.88 -43.51 25.91
CA SER S 226 -16.77 -44.59 24.94
C SER S 226 -15.96 -44.18 23.76
N LYS S 227 -15.15 -45.07 23.24
CA LYS S 227 -14.29 -44.70 22.14
C LYS S 227 -15.01 -44.00 21.01
N GLU S 228 -16.12 -44.56 20.59
CA GLU S 228 -16.89 -44.02 19.47
C GLU S 228 -17.37 -42.59 19.63
N MET S 229 -17.65 -42.20 20.86
CA MET S 229 -18.15 -40.88 21.14
C MET S 229 -17.06 -39.88 21.34
N LEU S 230 -15.96 -40.29 21.92
CA LEU S 230 -14.91 -39.34 22.14
C LEU S 230 -14.42 -38.84 20.83
N ARG S 231 -14.37 -39.66 19.80
CA ARG S 231 -13.97 -39.12 18.51
C ARG S 231 -14.78 -37.94 18.10
N ILE S 232 -16.07 -37.96 18.38
CA ILE S 232 -16.89 -36.86 17.97
C ILE S 232 -16.51 -35.63 18.74
N LEU S 233 -16.39 -35.73 20.05
CA LEU S 233 -16.04 -34.62 20.91
C LEU S 233 -14.68 -34.05 20.70
N THR S 234 -13.70 -34.90 20.42
CA THR S 234 -12.36 -34.40 20.21
C THR S 234 -12.31 -33.52 19.00
N SER S 235 -12.88 -33.97 17.90
CA SER S 235 -12.87 -33.16 16.71
C SER S 235 -13.65 -31.88 16.94
N ALA S 236 -14.79 -31.98 17.58
CA ALA S 236 -15.59 -30.80 17.87
C ALA S 236 -14.97 -29.77 18.80
N THR S 237 -14.22 -30.20 19.81
CA THR S 237 -13.72 -29.29 20.84
C THR S 237 -12.27 -28.84 20.80
N GLU S 238 -11.42 -29.63 20.16
CA GLU S 238 -9.97 -29.38 20.02
C GLU S 238 -9.28 -29.04 21.33
N GLY S 239 -9.72 -29.64 22.43
CA GLY S 239 -9.15 -29.41 23.74
C GLY S 239 -9.52 -28.17 24.54
N TYR S 240 -10.46 -27.37 24.09
CA TYR S 240 -10.74 -26.16 24.84
C TYR S 240 -11.83 -26.54 25.79
N ILE S 241 -11.68 -26.22 27.07
CA ILE S 241 -12.73 -26.52 28.00
C ILE S 241 -13.97 -25.76 27.68
N GLY S 242 -13.85 -24.57 27.15
CA GLY S 242 -14.99 -23.76 26.67
C GLY S 242 -15.88 -24.50 25.70
N ARG S 243 -15.33 -25.03 24.65
CA ARG S 243 -16.17 -25.72 23.73
C ARG S 243 -16.75 -26.93 24.34
N LEU S 244 -15.99 -27.68 25.10
CA LEU S 244 -16.55 -28.88 25.68
C LEU S 244 -17.74 -28.60 26.50
N ASP S 245 -17.75 -27.59 27.31
CA ASP S 245 -18.92 -27.29 28.05
C ASP S 245 -20.06 -26.88 27.20
N GLU S 246 -19.88 -25.99 26.25
CA GLU S 246 -21.01 -25.56 25.43
C GLU S 246 -21.62 -26.67 24.70
N ILE S 247 -20.78 -27.50 24.11
CA ILE S 247 -21.30 -28.61 23.38
C ILE S 247 -22.08 -29.58 24.18
N LEU S 248 -21.66 -30.02 25.35
CA LEU S 248 -22.47 -31.00 26.05
C LEU S 248 -23.72 -30.41 26.61
N ARG S 249 -23.72 -29.17 27.02
CA ARG S 249 -24.97 -28.58 27.44
C ARG S 249 -25.94 -28.38 26.30
N GLU S 250 -25.50 -27.97 25.12
CA GLU S 250 -26.43 -27.74 24.01
C GLU S 250 -27.02 -29.11 23.68
N ALA S 251 -26.23 -30.18 23.67
CA ALA S 251 -26.75 -31.52 23.47
C ALA S 251 -27.74 -32.03 24.49
N ALA S 252 -27.55 -31.88 25.79
CA ALA S 252 -28.66 -32.23 26.68
C ALA S 252 -29.89 -31.34 26.50
N ILE S 253 -29.76 -30.05 26.29
CA ILE S 253 -30.97 -29.24 26.18
C ILE S 253 -31.74 -29.62 24.94
N ARG S 254 -31.09 -29.78 23.80
CA ARG S 254 -31.83 -30.05 22.55
C ARG S 254 -32.51 -31.35 22.73
N SER S 255 -31.77 -32.26 23.29
CA SER S 255 -32.23 -33.66 23.51
C SER S 255 -33.47 -33.69 24.43
N LEU S 256 -33.45 -32.97 25.52
CA LEU S 256 -34.66 -32.98 26.33
C LEU S 256 -35.86 -32.33 25.73
N SER S 257 -35.63 -31.37 24.87
CA SER S 257 -36.76 -30.64 24.36
C SER S 257 -37.61 -31.57 23.49
N ARG S 258 -36.96 -32.64 23.03
CA ARG S 258 -37.55 -33.65 22.15
C ARG S 258 -37.96 -34.91 22.90
N GLY S 259 -37.89 -34.86 24.23
CA GLY S 259 -38.40 -35.95 25.05
C GLY S 259 -37.50 -37.18 25.12
N LEU S 260 -36.20 -37.01 24.98
CA LEU S 260 -35.29 -38.13 25.08
C LEU S 260 -34.75 -38.23 26.51
N LYS S 261 -34.39 -39.44 26.90
CA LYS S 261 -33.83 -39.69 28.23
C LYS S 261 -32.31 -39.75 28.31
N LYS S 262 -31.63 -39.51 27.18
CA LYS S 262 -30.18 -39.52 27.17
C LYS S 262 -29.63 -38.80 25.94
N ILE S 263 -28.36 -38.44 25.98
CA ILE S 263 -27.64 -38.01 24.77
C ILE S 263 -27.15 -39.21 23.97
N ASP S 264 -27.50 -39.25 22.68
CA ASP S 264 -27.02 -40.28 21.78
C ASP S 264 -26.00 -39.72 20.80
N LYS S 265 -25.43 -40.62 19.99
CA LYS S 265 -24.66 -40.25 18.82
C LYS S 265 -25.23 -39.31 17.76
N ALA S 266 -26.44 -39.52 17.27
CA ALA S 266 -26.91 -38.63 16.23
C ALA S 266 -27.16 -37.20 16.71
N VAL S 267 -27.70 -37.00 17.90
CA VAL S 267 -28.04 -35.61 18.32
C VAL S 267 -26.74 -34.85 18.60
N LEU S 268 -25.74 -35.57 19.10
CA LEU S 268 -24.42 -34.95 19.41
C LEU S 268 -23.78 -34.47 18.09
N GLN S 269 -23.88 -35.30 17.05
CA GLN S 269 -23.34 -34.94 15.71
C GLN S 269 -24.13 -33.74 15.15
N GLU S 270 -25.45 -33.76 15.34
CA GLU S 270 -26.34 -32.67 14.89
C GLU S 270 -25.84 -31.34 15.49
N VAL S 271 -25.49 -31.33 16.77
CA VAL S 271 -24.95 -30.11 17.43
C VAL S 271 -23.52 -29.84 16.91
N ALA S 272 -22.65 -30.85 16.96
CA ALA S 272 -21.23 -30.63 16.62
C ALA S 272 -21.11 -30.08 15.19
N LYS S 273 -22.00 -30.54 14.29
CA LYS S 273 -21.98 -30.10 12.86
C LYS S 273 -22.04 -28.57 12.76
N GLU S 274 -22.65 -27.91 13.76
CA GLU S 274 -22.89 -26.45 13.69
C GLU S 274 -21.65 -25.69 14.16
N TYR S 275 -20.61 -26.41 14.57
CA TYR S 275 -19.38 -25.78 15.13
C TYR S 275 -18.19 -26.12 14.23
N ILE T 1 -16.83 -34.80 45.35
CA ILE T 1 -16.07 -33.59 45.63
C ILE T 1 -17.06 -32.43 45.70
N GLU T 2 -16.68 -31.37 46.35
CA GLU T 2 -17.50 -30.21 46.33
C GLU T 2 -17.48 -29.54 44.98
N VAL T 3 -18.62 -29.11 44.52
CA VAL T 3 -18.75 -28.46 43.25
C VAL T 3 -19.58 -27.24 43.60
N TRP T 4 -19.40 -26.09 42.97
CA TRP T 4 -20.27 -24.97 43.35
C TRP T 4 -21.17 -24.44 42.31
N ASP T 5 -22.36 -24.02 42.71
CA ASP T 5 -23.15 -23.24 41.82
C ASP T 5 -22.55 -21.87 41.69
N TYR T 6 -22.60 -21.36 40.48
CA TYR T 6 -22.11 -20.04 40.16
C TYR T 6 -22.79 -18.88 40.74
N GLU T 7 -24.06 -18.98 41.01
CA GLU T 7 -24.74 -17.82 41.57
C GLU T 7 -24.73 -17.92 43.09
N GLN T 8 -24.74 -19.15 43.59
CA GLN T 8 -24.64 -19.36 45.03
C GLN T 8 -23.55 -18.57 45.73
N LEU T 9 -22.40 -18.42 45.08
CA LEU T 9 -21.27 -17.82 45.76
C LEU T 9 -21.62 -16.36 46.01
N ARG T 10 -22.43 -15.84 45.10
CA ARG T 10 -22.83 -14.46 45.14
C ARG T 10 -23.85 -14.27 46.24
N GLU T 11 -24.77 -15.21 46.36
CA GLU T 11 -25.77 -15.20 47.43
C GLU T 11 -25.18 -15.31 48.82
N GLU T 12 -24.10 -16.07 48.95
CA GLU T 12 -23.41 -16.16 50.22
C GLU T 12 -22.30 -15.12 50.39
N TYR T 13 -22.19 -14.13 49.51
CA TYR T 13 -21.06 -13.21 49.60
C TYR T 13 -20.94 -12.27 50.78
N GLY T 14 -19.68 -11.96 51.11
CA GLY T 14 -19.34 -11.09 52.22
C GLY T 14 -19.97 -9.73 51.98
N GLU U 19 5.49 -18.47 66.80
CA GLU U 19 6.11 -19.47 65.97
C GLU U 19 7.39 -18.93 65.33
N TRP U 20 8.51 -19.61 65.60
CA TRP U 20 9.82 -19.21 65.09
C TRP U 20 9.82 -19.08 63.59
N LEU U 21 9.21 -20.02 62.90
CA LEU U 21 9.18 -19.97 61.46
C LEU U 21 8.44 -18.74 61.01
N GLN U 22 7.27 -18.41 61.53
CA GLN U 22 6.56 -17.21 61.10
C GLN U 22 7.35 -15.92 61.29
N ALA U 23 8.12 -15.83 62.38
CA ALA U 23 8.86 -14.61 62.65
C ALA U 23 9.82 -14.29 61.54
N GLU U 24 10.51 -15.34 61.10
CA GLU U 24 11.51 -15.35 60.04
C GLU U 24 11.00 -15.15 58.69
N ILE U 25 9.86 -15.69 58.37
CA ILE U 25 9.32 -15.40 57.08
C ILE U 25 8.98 -13.92 56.91
N ALA U 26 8.39 -13.29 57.91
CA ALA U 26 8.06 -11.88 57.86
C ALA U 26 9.30 -11.04 57.64
N ARG U 27 10.43 -11.41 58.22
CA ARG U 27 11.66 -10.67 57.99
C ARG U 27 12.11 -10.72 56.56
N LEU U 28 12.05 -11.91 56.00
CA LEU U 28 12.59 -12.16 54.68
C LEU U 28 11.73 -11.42 53.72
N LYS U 29 10.49 -11.19 54.05
CA LYS U 29 9.62 -10.55 53.11
C LYS U 29 9.94 -9.05 53.05
N GLY U 30 10.80 -8.55 53.93
CA GLY U 30 11.08 -7.12 54.00
C GLY U 30 12.19 -6.49 53.17
N LYS U 31 12.70 -5.33 53.57
CA LYS U 31 13.72 -4.65 52.78
C LYS U 31 14.85 -4.10 53.63
N SER U 32 16.02 -3.95 53.04
CA SER U 32 17.16 -3.38 53.72
C SER U 32 18.13 -2.71 52.77
N ILE U 33 19.06 -1.92 53.31
CA ILE U 33 20.05 -1.24 52.48
C ILE U 33 21.45 -1.76 52.77
N VAL U 34 22.14 -2.25 51.75
CA VAL U 34 23.46 -2.78 51.91
C VAL U 34 24.48 -1.90 51.24
N PRO U 35 25.45 -1.41 51.95
CA PRO U 35 26.36 -0.45 51.31
C PRO U 35 27.25 -0.99 50.23
N LEU U 36 26.70 -1.21 49.06
CA LEU U 36 27.42 -1.76 47.94
C LEU U 36 28.42 -0.83 47.35
N GLN U 37 29.34 -1.34 46.55
CA GLN U 37 30.33 -0.49 45.96
C GLN U 37 29.73 0.59 45.08
N GLN U 38 28.70 0.27 44.32
CA GLN U 38 28.10 1.25 43.48
C GLN U 38 27.53 2.41 44.25
N VAL U 39 26.91 2.15 45.37
CA VAL U 39 26.32 3.20 46.19
C VAL U 39 27.32 4.16 46.76
N LYS U 40 28.48 3.70 47.15
CA LYS U 40 29.41 4.62 47.75
C LYS U 40 29.83 5.71 46.81
N THR U 41 30.06 5.38 45.57
CA THR U 41 30.44 6.39 44.63
C THR U 41 29.45 7.51 44.46
N LEU U 42 28.18 7.24 44.25
CA LEU U 42 27.18 8.27 44.09
C LEU U 42 27.20 9.22 45.25
N HIS U 43 27.29 8.71 46.46
CA HIS U 43 27.18 9.60 47.61
C HIS U 43 28.27 10.64 47.59
N ASP U 44 29.48 10.26 47.25
CA ASP U 44 30.58 11.21 47.14
C ASP U 44 30.45 12.18 45.97
N TRP U 45 29.98 11.68 44.84
CA TRP U 45 29.76 12.54 43.68
C TRP U 45 28.73 13.62 43.93
N LEU U 46 27.60 13.25 44.53
CA LEU U 46 26.58 14.21 44.84
C LEU U 46 27.14 15.18 45.79
N ASP U 47 27.95 14.78 46.75
CA ASP U 47 28.44 15.76 47.71
C ASP U 47 29.25 16.79 47.06
N GLY U 48 29.98 16.42 46.04
CA GLY U 48 30.78 17.37 45.34
C GLY U 48 29.77 18.35 44.81
N LYS U 49 28.77 17.85 44.10
CA LYS U 49 27.81 18.67 43.51
C LYS U 49 27.06 19.47 44.46
N ARG U 50 26.80 19.00 45.64
CA ARG U 50 26.10 19.82 46.57
C ARG U 50 26.76 21.03 47.05
N LYS U 51 28.04 21.01 47.33
CA LYS U 51 28.73 22.18 47.82
C LYS U 51 29.03 23.11 46.68
N ALA U 52 29.17 22.57 45.50
CA ALA U 52 29.55 23.34 44.36
C ALA U 52 28.30 24.00 43.89
N ARG U 53 27.16 23.56 44.42
CA ARG U 53 25.86 23.97 43.98
C ARG U 53 25.64 23.78 42.51
N LYS U 54 25.96 22.66 41.92
CA LYS U 54 25.73 22.51 40.49
C LYS U 54 24.69 21.44 40.19
N SER U 55 23.84 21.55 39.16
CA SER U 55 22.83 20.59 38.75
C SER U 55 23.53 19.53 37.89
N CYS U 56 22.90 18.36 37.81
CA CYS U 56 23.45 17.22 37.09
C CYS U 56 22.40 16.18 36.92
N ARG U 57 22.69 15.09 36.24
CA ARG U 57 21.72 14.01 36.18
C ARG U 57 22.35 12.66 36.40
N VAL U 58 21.54 11.67 36.79
CA VAL U 58 22.04 10.32 36.99
C VAL U 58 21.30 9.38 36.08
N VAL U 59 21.99 8.52 35.35
CA VAL U 59 21.34 7.67 34.37
C VAL U 59 21.73 6.25 34.63
N GLY U 60 20.93 5.31 34.16
CA GLY U 60 21.28 3.91 34.20
C GLY U 60 20.05 3.06 34.00
N GLU U 61 20.23 1.76 33.86
CA GLU U 61 19.13 0.83 33.59
C GLU U 61 18.19 0.70 34.78
N SER U 62 16.95 0.34 34.54
CA SER U 62 15.97 0.33 35.61
C SER U 62 16.10 -0.61 36.79
N ARG U 63 16.92 -1.65 36.71
CA ARG U 63 17.15 -2.48 37.87
C ARG U 63 18.48 -2.33 38.57
N THR U 64 19.21 -1.26 38.29
CA THR U 64 20.46 -0.99 38.97
C THR U 64 20.38 -0.40 40.36
N GLY U 65 19.21 0.02 40.80
CA GLY U 65 19.03 0.36 42.20
C GLY U 65 19.30 1.83 42.47
N LYS U 66 19.10 2.63 41.42
CA LYS U 66 19.21 4.08 41.45
C LYS U 66 18.33 4.73 42.49
N THR U 67 17.07 4.33 42.57
CA THR U 67 16.14 4.91 43.54
C THR U 67 16.60 4.70 44.98
N VAL U 68 17.07 3.50 45.29
CA VAL U 68 17.62 3.15 46.58
C VAL U 68 18.92 3.86 46.97
N ALA U 69 19.88 3.96 46.06
CA ALA U 69 21.10 4.70 46.35
C ALA U 69 20.87 6.17 46.69
N CYS U 70 19.96 6.79 45.98
CA CYS U 70 19.47 8.19 46.12
C CYS U 70 18.67 8.35 47.42
N ASP U 71 17.84 7.37 47.75
CA ASP U 71 17.08 7.39 49.04
C ASP U 71 18.04 7.25 50.22
N ALA U 72 18.98 6.33 50.12
CA ALA U 72 19.88 6.09 51.20
C ALA U 72 20.57 7.40 51.44
N TYR U 73 20.96 8.09 50.37
CA TYR U 73 21.58 9.39 50.56
C TYR U 73 20.72 10.37 51.30
N ARG U 74 19.45 10.48 50.96
CA ARG U 74 18.59 11.46 51.58
C ARG U 74 18.63 11.32 53.09
N TYR U 75 18.62 10.08 53.56
CA TYR U 75 18.55 9.77 54.97
C TYR U 75 19.82 10.02 55.74
N ARG U 76 20.91 10.35 55.07
CA ARG U 76 22.12 10.56 55.82
C ARG U 76 22.21 12.01 56.25
N HIS U 77 21.21 12.82 55.88
CA HIS U 77 21.21 14.25 56.23
C HIS U 77 19.91 14.65 56.90
N LYS U 78 19.76 14.30 58.17
CA LYS U 78 18.51 14.56 58.85
C LYS U 78 18.21 16.04 58.94
N PRO U 79 16.94 16.39 58.67
CA PRO U 79 16.47 17.77 58.77
C PRO U 79 16.85 18.33 60.12
N GLN U 80 17.17 19.60 60.26
CA GLN U 80 17.51 20.08 61.59
C GLN U 80 16.52 21.04 62.21
N GLN U 81 16.45 21.11 63.53
CA GLN U 81 15.50 22.02 64.17
C GLN U 81 15.93 22.70 65.45
N GLU U 82 15.82 24.03 65.40
CA GLU U 82 16.14 24.92 66.52
C GLU U 82 14.85 25.22 67.28
N ALA U 83 14.93 26.00 68.34
CA ALA U 83 13.71 26.36 69.03
C ALA U 83 12.80 27.38 68.33
N GLY U 84 13.34 28.20 67.43
CA GLY U 84 12.51 29.21 66.83
C GLY U 84 12.00 29.02 65.42
N ARG U 85 12.87 29.25 64.45
CA ARG U 85 12.54 29.20 63.03
C ARG U 85 12.23 27.82 62.49
N PRO U 86 11.60 27.76 61.32
CA PRO U 86 11.26 26.57 60.54
C PRO U 86 12.46 25.66 60.38
N PRO U 87 12.24 24.37 60.09
CA PRO U 87 13.18 23.33 59.89
C PRO U 87 14.14 23.72 58.84
N THR U 88 15.39 23.30 58.90
CA THR U 88 16.29 23.57 57.82
C THR U 88 16.34 22.24 57.14
N VAL U 89 16.18 22.19 55.82
CA VAL U 89 16.09 20.91 55.12
C VAL U 89 17.01 20.88 53.91
N PRO U 90 18.27 20.52 54.12
CA PRO U 90 19.25 20.50 53.06
C PRO U 90 18.86 19.72 51.80
N VAL U 91 18.21 18.57 51.89
CA VAL U 91 17.89 17.79 50.69
C VAL U 91 16.41 17.47 50.54
N VAL U 92 15.83 17.72 49.37
CA VAL U 92 14.45 17.37 49.12
C VAL U 92 14.32 16.28 48.07
N TYR U 93 13.65 15.18 48.36
CA TYR U 93 13.50 14.10 47.40
C TYR U 93 12.06 13.92 47.04
N ILE U 94 11.72 14.02 45.76
CA ILE U 94 10.32 13.87 45.32
C ILE U 94 10.17 12.88 44.18
N ARG U 95 8.98 12.33 43.96
CA ARG U 95 8.77 11.50 42.79
C ARG U 95 7.49 11.97 42.12
N PRO U 96 7.56 12.32 40.83
CA PRO U 96 6.39 12.79 40.08
C PRO U 96 5.42 11.68 39.70
N HIS U 97 4.19 12.04 39.36
CA HIS U 97 3.20 11.12 38.73
C HIS U 97 3.35 11.21 37.21
N GLN U 98 2.72 10.28 36.49
CA GLN U 98 2.84 10.27 35.00
C GLN U 98 2.18 11.48 34.37
N LYS U 99 2.80 12.04 33.32
CA LYS U 99 2.34 13.28 32.67
C LYS U 99 2.17 14.34 33.76
N CYS U 100 3.21 14.53 34.57
CA CYS U 100 3.25 15.53 35.66
C CYS U 100 3.13 16.95 35.11
N GLY U 101 2.22 17.77 35.59
CA GLY U 101 2.14 19.10 35.03
C GLY U 101 2.84 20.07 35.92
N PRO U 102 2.89 21.34 35.54
CA PRO U 102 3.47 22.42 36.30
C PRO U 102 2.83 22.60 37.61
N LYS U 103 1.58 22.27 37.81
CA LYS U 103 1.02 22.49 39.13
C LYS U 103 1.40 21.42 40.06
N ASP U 104 1.64 20.23 39.52
CA ASP U 104 1.89 19.00 40.28
C ASP U 104 3.20 18.88 40.97
N LEU U 105 4.19 19.40 40.30
CA LEU U 105 5.51 19.69 40.81
C LEU U 105 5.62 20.64 41.94
N PHE U 106 4.92 21.74 41.92
CA PHE U 106 4.96 22.62 43.06
C PHE U 106 4.23 21.99 44.19
N LYS U 107 3.08 21.37 43.94
CA LYS U 107 2.28 20.84 45.00
C LYS U 107 3.15 19.85 45.73
N LYS U 108 3.88 18.95 45.04
CA LYS U 108 4.65 17.92 45.79
C LYS U 108 5.77 18.58 46.59
N ILE U 109 6.43 19.60 46.05
CA ILE U 109 7.56 20.27 46.77
C ILE U 109 7.03 20.86 48.09
N THR U 110 5.88 21.52 47.99
CA THR U 110 5.18 22.19 49.13
C THR U 110 4.78 21.16 50.18
N GLU U 111 4.26 20.00 49.78
CA GLU U 111 3.85 18.95 50.75
C GLU U 111 5.09 18.35 51.41
N TYR U 112 6.09 18.14 50.59
CA TYR U 112 7.26 17.54 51.08
C TYR U 112 7.72 18.35 52.26
N LEU U 113 7.70 19.66 52.18
CA LEU U 113 8.21 20.43 53.30
C LEU U 113 7.24 20.73 54.39
N LYS U 114 6.08 20.11 54.30
CA LYS U 114 4.97 20.20 55.24
C LYS U 114 4.30 21.52 55.45
N TYR U 115 3.86 22.13 54.37
CA TYR U 115 3.03 23.33 54.45
C TYR U 115 1.67 22.98 53.86
N ARG U 116 0.60 23.56 54.39
CA ARG U 116 -0.70 23.27 53.82
C ARG U 116 -0.92 23.87 52.44
N VAL U 117 -1.51 23.09 51.56
CA VAL U 117 -1.87 23.59 50.25
C VAL U 117 -3.33 23.97 50.13
N THR U 118 -3.61 25.18 49.68
CA THR U 118 -5.00 25.62 49.57
C THR U 118 -5.35 25.89 48.10
N LYS U 119 -6.62 26.12 47.81
CA LYS U 119 -7.04 26.50 46.47
C LYS U 119 -6.48 27.82 45.94
N GLY U 120 -6.03 27.81 44.68
CA GLY U 120 -5.49 28.98 43.99
C GLY U 120 -5.20 28.62 42.54
N THR U 121 -4.45 29.44 41.82
CA THR U 121 -4.09 29.09 40.42
C THR U 121 -2.58 28.80 40.32
N VAL U 122 -2.04 28.48 39.12
CA VAL U 122 -0.64 28.11 38.99
C VAL U 122 0.30 29.14 39.43
N SER U 123 0.06 30.39 39.15
CA SER U 123 0.95 31.39 39.64
C SER U 123 0.97 31.41 41.11
N ASP U 124 -0.06 30.95 41.77
CA ASP U 124 0.04 31.01 43.22
C ASP U 124 0.85 29.88 43.73
N PHE U 125 0.77 28.70 43.12
CA PHE U 125 1.62 27.66 43.68
C PHE U 125 3.09 28.06 43.54
N ARG U 126 3.45 28.65 42.41
CA ARG U 126 4.81 29.10 42.16
C ARG U 126 5.30 30.11 43.15
N ASP U 127 4.53 31.11 43.48
CA ASP U 127 5.01 32.12 44.40
C ASP U 127 5.28 31.48 45.74
N ARG U 128 4.39 30.59 46.19
CA ARG U 128 4.50 29.87 47.45
C ARG U 128 5.62 28.89 47.53
N THR U 129 5.94 28.24 46.40
CA THR U 129 7.10 27.36 46.33
C THR U 129 8.37 28.11 46.53
N ILE U 130 8.59 29.25 45.90
CA ILE U 130 9.75 30.00 46.15
C ILE U 130 9.78 30.46 47.63
N GLU U 131 8.70 30.93 48.26
CA GLU U 131 8.81 31.20 49.69
C GLU U 131 9.20 29.98 50.56
N VAL U 132 8.74 28.74 50.31
CA VAL U 132 9.16 27.72 51.27
C VAL U 132 10.60 27.27 50.98
N LEU U 133 11.03 27.34 49.71
CA LEU U 133 12.38 26.96 49.31
C LEU U 133 13.39 27.96 49.89
N LYS U 134 12.99 29.23 49.98
CA LYS U 134 13.80 30.26 50.63
C LYS U 134 13.61 30.15 52.15
N GLY U 135 14.56 30.73 52.88
CA GLY U 135 14.49 30.85 54.32
C GLY U 135 14.88 29.51 54.88
N CYS U 136 14.05 28.51 54.57
CA CYS U 136 14.36 27.15 54.91
C CYS U 136 15.56 26.78 54.05
N GLY U 137 16.67 26.37 54.62
CA GLY U 137 17.83 26.17 53.78
C GLY U 137 17.47 24.94 52.96
N VAL U 138 17.63 25.03 51.65
CA VAL U 138 17.55 23.86 50.79
C VAL U 138 18.76 24.02 49.89
N GLU U 139 19.49 22.92 49.77
CA GLU U 139 20.68 22.86 48.94
C GLU U 139 20.50 21.98 47.71
N MET U 140 19.74 20.88 47.81
CA MET U 140 19.57 20.00 46.67
C MET U 140 18.16 19.45 46.49
N LEU U 141 17.68 19.43 45.24
CA LEU U 141 16.38 18.85 44.92
C LEU U 141 16.63 17.60 44.05
N ILE U 142 16.10 16.43 44.43
CA ILE U 142 16.25 15.26 43.59
C ILE U 142 14.96 14.83 42.95
N ILE U 143 14.91 14.73 41.64
CA ILE U 143 13.66 14.34 40.99
C ILE U 143 13.79 12.96 40.42
N ASP U 144 13.05 12.01 40.97
CA ASP U 144 13.07 10.64 40.48
C ASP U 144 12.25 10.53 39.24
N GLU U 145 12.48 9.48 38.46
CA GLU U 145 11.78 9.27 37.20
C GLU U 145 11.55 10.57 36.47
N ALA U 146 12.61 11.33 36.20
CA ALA U 146 12.44 12.67 35.67
C ALA U 146 11.66 12.73 34.39
N ASP U 147 11.74 11.68 33.58
CA ASP U 147 10.95 11.63 32.37
C ASP U 147 9.42 11.48 32.52
N ARG U 148 8.88 11.43 33.73
CA ARG U 148 7.50 11.61 33.85
C ARG U 148 7.06 13.04 33.68
N LEU U 149 8.01 13.97 33.70
CA LEU U 149 7.69 15.39 33.56
C LEU U 149 7.23 15.66 32.15
N LYS U 150 6.19 16.48 32.02
CA LYS U 150 5.73 16.98 30.77
C LYS U 150 6.76 17.91 30.29
N PRO U 151 6.99 18.02 28.98
CA PRO U 151 8.01 18.90 28.44
C PRO U 151 7.97 20.33 28.87
N GLU U 152 6.85 20.94 29.14
CA GLU U 152 6.88 22.30 29.56
C GLU U 152 7.34 22.49 30.97
N THR U 153 7.34 21.46 31.80
CA THR U 153 7.59 21.71 33.22
C THR U 153 9.01 22.00 33.45
N PHE U 154 9.83 21.69 32.48
CA PHE U 154 11.24 21.92 32.62
C PHE U 154 11.50 23.40 32.72
N ALA U 155 10.57 24.21 32.25
CA ALA U 155 10.73 25.64 32.38
C ALA U 155 10.76 26.01 33.85
N ASP U 156 9.95 25.33 34.65
CA ASP U 156 9.88 25.62 36.08
C ASP U 156 11.03 25.00 36.86
N VAL U 157 11.50 23.84 36.41
CA VAL U 157 12.72 23.25 36.95
C VAL U 157 13.96 24.09 36.71
N ARG U 158 14.15 24.61 35.51
CA ARG U 158 15.28 25.51 35.23
C ARG U 158 15.16 26.78 36.03
N ASP U 159 13.96 27.33 36.11
CA ASP U 159 13.71 28.58 36.81
C ASP U 159 14.20 28.54 38.24
N ILE U 160 13.81 27.50 38.96
CA ILE U 160 14.26 27.28 40.33
C ILE U 160 15.76 27.11 40.39
N ALA U 161 16.31 26.31 39.49
CA ALA U 161 17.71 26.00 39.52
C ALA U 161 18.45 27.28 39.32
N GLU U 162 17.97 28.19 38.50
CA GLU U 162 18.80 29.40 38.23
C GLU U 162 18.53 30.49 39.28
N ASP U 163 17.29 30.56 39.78
CA ASP U 163 16.82 31.63 40.72
C ASP U 163 17.44 31.43 42.10
N LEU U 164 17.42 30.20 42.62
CA LEU U 164 17.88 29.89 44.00
C LEU U 164 19.15 29.03 43.93
N GLY U 165 20.04 29.15 44.90
CA GLY U 165 21.25 28.37 44.84
C GLY U 165 20.95 26.95 45.23
N ILE U 166 20.14 26.28 44.42
CA ILE U 166 19.74 24.92 44.68
C ILE U 166 20.18 24.01 43.56
N ALA U 167 20.88 22.93 43.89
CA ALA U 167 21.33 22.00 42.88
C ALA U 167 20.13 21.15 42.58
N VAL U 168 19.88 20.85 41.32
CA VAL U 168 18.80 19.97 40.96
C VAL U 168 19.39 18.77 40.29
N VAL U 169 18.99 17.58 40.71
CA VAL U 169 19.49 16.34 40.14
C VAL U 169 18.36 15.60 39.45
N LEU U 170 18.53 15.25 38.18
CA LEU U 170 17.53 14.46 37.46
C LEU U 170 17.95 13.00 37.39
N VAL U 171 17.11 12.10 37.86
CA VAL U 171 17.46 10.68 37.87
C VAL U 171 16.62 9.92 36.87
N GLY U 172 17.20 9.07 36.06
CA GLY U 172 16.38 8.25 35.16
C GLY U 172 17.04 7.23 34.23
N THR U 173 16.26 6.61 33.33
CA THR U 173 16.72 5.66 32.32
C THR U 173 17.19 6.39 31.03
N ASP U 174 17.70 5.65 30.04
CA ASP U 174 18.13 6.20 28.75
C ASP U 174 17.07 7.06 28.06
N ARG U 175 15.83 6.79 28.31
CA ARG U 175 14.84 7.62 27.74
C ARG U 175 14.97 9.01 28.23
N LEU U 176 15.47 9.23 29.42
CA LEU U 176 15.51 10.59 29.97
C LEU U 176 16.33 11.41 29.05
N ASP U 177 17.43 10.89 28.56
CA ASP U 177 18.21 11.65 27.64
C ASP U 177 17.55 11.86 26.33
N ALA U 178 16.76 10.92 25.86
CA ALA U 178 15.99 11.22 24.69
C ALA U 178 15.07 12.39 24.95
N VAL U 179 14.51 12.55 26.12
CA VAL U 179 13.70 13.73 26.33
C VAL U 179 14.53 14.98 26.38
N ILE U 180 15.61 14.96 27.13
CA ILE U 180 16.42 16.16 27.30
C ILE U 180 17.00 16.66 26.00
N LYS U 181 17.47 15.80 25.12
CA LYS U 181 18.14 16.25 23.90
C LYS U 181 17.23 16.92 22.90
N ARG U 182 15.95 16.96 23.22
CA ARG U 182 15.00 17.62 22.35
C ARG U 182 14.90 19.08 22.71
N ASP U 183 15.62 19.55 23.72
CA ASP U 183 15.61 20.97 24.04
C ASP U 183 16.92 21.50 24.45
N GLU U 184 17.49 22.40 23.70
CA GLU U 184 18.75 22.96 24.09
C GLU U 184 18.75 23.65 25.39
N GLN U 185 17.67 24.27 25.82
CA GLN U 185 17.74 25.01 27.05
C GLN U 185 18.00 24.15 28.21
N VAL U 186 17.46 22.96 28.22
CA VAL U 186 17.66 21.99 29.28
C VAL U 186 18.92 21.25 29.17
N LEU U 187 19.28 20.80 28.01
CA LEU U 187 20.46 19.99 27.89
C LEU U 187 21.61 20.64 28.53
N GLU U 188 21.82 21.93 28.31
CA GLU U 188 22.90 22.70 28.88
C GLU U 188 22.93 22.97 30.34
N ARG U 189 21.81 23.05 31.03
CA ARG U 189 21.92 23.24 32.46
C ARG U 189 22.30 21.91 33.07
N PHE U 190 21.86 20.81 32.46
CA PHE U 190 22.02 19.49 33.04
C PHE U 190 22.98 18.58 32.31
N ARG U 191 23.96 19.18 31.66
CA ARG U 191 24.95 18.45 30.89
C ARG U 191 25.82 17.38 31.57
N ALA U 192 26.29 17.64 32.78
CA ALA U 192 27.07 16.65 33.53
C ALA U 192 26.27 15.49 34.01
N HIS U 193 26.85 14.31 34.07
CA HIS U 193 26.08 13.13 34.42
C HIS U 193 26.93 12.07 35.08
N LEU U 194 26.29 11.17 35.82
CA LEU U 194 26.95 9.97 36.30
C LEU U 194 26.11 8.79 35.88
N ARG U 195 26.73 7.69 35.48
CA ARG U 195 26.01 6.48 35.14
C ARG U 195 26.21 5.28 36.05
N PHE U 196 25.12 4.60 36.39
CA PHE U 196 25.16 3.34 37.13
C PHE U 196 25.41 2.19 36.19
N GLY U 197 26.12 1.17 36.63
CA GLY U 197 26.31 0.01 35.79
C GLY U 197 25.78 -1.28 36.35
N LYS U 198 26.13 -2.39 35.71
CA LYS U 198 25.71 -3.70 36.15
C LYS U 198 26.81 -4.42 36.89
N LEU U 199 26.45 -5.53 37.56
CA LEU U 199 27.41 -6.41 38.24
C LEU U 199 28.12 -7.35 37.29
N SER U 200 29.40 -7.59 37.55
CA SER U 200 30.15 -8.53 36.75
C SER U 200 31.36 -9.10 37.43
N GLY U 201 31.90 -10.18 36.87
CA GLY U 201 33.17 -10.71 37.31
C GLY U 201 33.29 -10.91 38.78
N GLU U 202 34.38 -10.41 39.37
CA GLU U 202 34.59 -10.49 40.80
C GLU U 202 33.60 -9.73 41.63
N ASP U 203 33.00 -8.70 41.05
CA ASP U 203 32.05 -7.88 41.76
C ASP U 203 30.73 -8.55 41.97
N PHE U 204 30.24 -9.25 40.97
CA PHE U 204 29.09 -10.06 41.13
C PHE U 204 29.30 -11.15 42.17
N LYS U 205 30.39 -11.89 42.10
CA LYS U 205 30.71 -12.83 43.17
C LYS U 205 30.83 -12.36 44.60
N ASN U 206 31.50 -11.26 44.83
CA ASN U 206 31.64 -10.64 46.18
C ASN U 206 30.25 -10.24 46.70
N THR U 207 29.37 -9.78 45.81
CA THR U 207 28.00 -9.33 46.20
C THR U 207 27.20 -10.52 46.75
N VAL U 208 27.33 -11.64 46.02
CA VAL U 208 26.56 -12.79 46.26
C VAL U 208 26.96 -13.17 47.64
N GLU U 209 28.25 -13.23 47.90
CA GLU U 209 28.69 -13.65 49.22
C GLU U 209 28.20 -12.69 50.27
N MET U 210 28.25 -11.38 50.05
CA MET U 210 27.79 -10.49 51.08
C MET U 210 26.35 -10.77 51.36
N TRP U 211 25.54 -11.06 50.34
CA TRP U 211 24.12 -11.15 50.48
C TRP U 211 23.72 -12.31 51.25
N GLU U 212 24.52 -13.34 51.17
CA GLU U 212 24.26 -14.51 51.94
C GLU U 212 24.41 -14.29 53.43
N GLN U 213 25.45 -13.56 53.84
CA GLN U 213 25.70 -13.33 55.25
C GLN U 213 24.94 -12.16 55.75
N MET U 214 24.80 -11.13 54.93
CA MET U 214 24.14 -9.91 55.38
C MET U 214 22.59 -9.92 55.28
N VAL U 215 22.03 -10.63 54.31
CA VAL U 215 20.58 -10.67 54.18
C VAL U 215 19.85 -11.98 54.52
N LEU U 216 20.34 -13.11 54.02
CA LEU U 216 19.65 -14.39 54.25
C LEU U 216 19.76 -14.97 55.65
N LYS U 217 20.99 -15.10 56.14
CA LYS U 217 21.27 -15.57 57.48
C LYS U 217 20.68 -16.92 57.92
N LEU U 218 20.80 -17.93 57.11
CA LEU U 218 20.25 -19.19 57.52
C LEU U 218 21.22 -19.83 58.51
N PRO U 219 20.71 -20.76 59.34
CA PRO U 219 21.60 -21.36 60.30
C PRO U 219 22.73 -22.10 59.65
N VAL U 220 22.40 -22.84 58.60
CA VAL U 220 23.36 -23.66 57.90
C VAL U 220 23.83 -22.96 56.67
N SER U 221 25.14 -22.81 56.51
CA SER U 221 25.66 -22.07 55.39
C SER U 221 25.27 -22.72 54.12
N SER U 222 24.70 -21.96 53.19
CA SER U 222 24.34 -22.50 51.92
C SER U 222 25.52 -22.45 50.97
N ASN U 223 26.53 -21.67 51.31
CA ASN U 223 27.73 -21.62 50.51
C ASN U 223 27.65 -21.42 49.00
N LEU U 224 26.95 -20.38 48.54
CA LEU U 224 26.77 -20.08 47.10
C LEU U 224 27.93 -19.65 46.20
N LYS U 225 28.94 -18.97 46.68
CA LYS U 225 30.00 -18.51 45.81
C LYS U 225 30.69 -19.66 45.14
N SER U 226 30.27 -20.87 45.44
CA SER U 226 30.81 -22.05 44.82
C SER U 226 30.63 -22.04 43.35
N LYS U 227 31.60 -22.51 42.60
CA LYS U 227 31.50 -22.43 41.15
C LYS U 227 30.19 -22.95 40.61
N GLU U 228 29.79 -24.12 41.07
CA GLU U 228 28.58 -24.77 40.59
C GLU U 228 27.29 -23.98 40.75
N MET U 229 27.24 -23.18 41.80
CA MET U 229 26.05 -22.40 42.09
C MET U 229 26.06 -21.08 41.40
N LEU U 230 27.21 -20.47 41.25
CA LEU U 230 27.22 -19.19 40.60
C LEU U 230 26.74 -19.34 39.21
N ARG U 231 27.03 -20.43 38.53
CA ARG U 231 26.47 -20.59 37.19
C ARG U 231 24.98 -20.44 37.17
N ILE U 232 24.31 -20.95 38.18
CA ILE U 232 22.88 -20.85 38.18
C ILE U 232 22.46 -19.43 38.32
N LEU U 233 23.03 -18.70 39.27
CA LEU U 233 22.70 -17.31 39.53
C LEU U 233 23.05 -16.37 38.43
N THR U 234 24.18 -16.59 37.76
CA THR U 234 24.55 -15.70 36.69
C THR U 234 23.55 -15.77 35.57
N SER U 235 23.19 -16.96 35.16
CA SER U 235 22.22 -17.08 34.09
C SER U 235 20.89 -16.49 34.53
N ALA U 236 20.48 -16.79 35.74
CA ALA U 236 19.22 -16.24 36.25
C ALA U 236 19.15 -14.73 36.39
N THR U 237 20.24 -14.08 36.79
CA THR U 237 20.21 -12.66 37.11
C THR U 237 20.75 -11.65 36.11
N GLU U 238 21.64 -12.10 35.23
CA GLU U 238 22.29 -11.28 34.20
C GLU U 238 22.88 -9.97 34.71
N GLY U 239 23.40 -9.99 35.93
CA GLY U 239 24.00 -8.83 36.55
C GLY U 239 23.13 -7.74 37.18
N TYR U 240 21.83 -7.94 37.27
CA TYR U 240 21.02 -6.87 37.80
C TYR U 240 20.94 -7.13 39.27
N ILE U 241 21.20 -6.14 40.12
CA ILE U 241 21.08 -6.35 41.53
C ILE U 241 19.68 -6.64 41.90
N GLY U 242 18.71 -6.10 41.22
CA GLY U 242 17.28 -6.39 41.40
C GLY U 242 16.97 -7.87 41.34
N ARG U 243 17.35 -8.54 40.29
CA ARG U 243 17.05 -9.92 40.22
C ARG U 243 17.77 -10.68 41.26
N LEU U 244 19.03 -10.38 41.51
CA LEU U 244 19.75 -11.13 42.50
C LEU U 244 19.08 -11.10 43.82
N ASP U 245 18.58 -9.97 44.27
CA ASP U 245 17.90 -9.96 45.51
C ASP U 245 16.64 -10.73 45.48
N GLU U 246 15.80 -10.58 44.49
CA GLU U 246 14.55 -11.31 44.48
C GLU U 246 14.75 -12.76 44.48
N ILE U 247 15.67 -13.21 43.67
CA ILE U 247 15.92 -14.61 43.61
C ILE U 247 16.42 -15.20 44.87
N LEU U 248 17.37 -14.65 45.59
CA LEU U 248 17.81 -15.31 46.80
C LEU U 248 16.80 -15.24 47.89
N ARG U 249 16.03 -14.19 47.98
CA ARG U 249 14.99 -14.19 48.98
C ARG U 249 13.89 -15.19 48.68
N GLU U 250 13.48 -15.34 47.42
CA GLU U 250 12.39 -16.27 47.09
C GLU U 250 12.92 -17.66 47.44
N ALA U 251 14.18 -17.98 47.14
CA ALA U 251 14.78 -19.24 47.54
C ALA U 251 14.87 -19.51 49.02
N ALA U 252 15.30 -18.60 49.88
CA ALA U 252 15.16 -18.90 51.31
C ALA U 252 13.71 -19.02 51.78
N ILE U 253 12.78 -18.21 51.30
CA ILE U 253 11.42 -18.35 51.82
C ILE U 253 10.84 -19.68 51.42
N ARG U 254 10.98 -20.09 50.16
CA ARG U 254 10.34 -21.33 49.71
C ARG U 254 10.92 -22.43 50.48
N SER U 255 12.21 -22.36 50.62
CA SER U 255 13.01 -23.40 51.32
C SER U 255 12.59 -23.54 52.79
N LEU U 256 12.43 -22.45 53.49
CA LEU U 256 11.96 -22.60 54.86
C LEU U 256 10.56 -23.12 55.02
N SER U 257 9.73 -22.84 54.05
CA SER U 257 8.34 -23.21 54.23
C SER U 257 8.23 -24.73 54.24
N ARG U 258 9.26 -25.37 53.67
CA ARG U 258 9.36 -26.83 53.55
C ARG U 258 10.26 -27.45 54.59
N GLY U 259 10.70 -26.65 55.56
CA GLY U 259 11.45 -27.16 56.69
C GLY U 259 12.89 -27.49 56.42
N LEU U 260 13.52 -26.80 55.47
CA LEU U 260 14.93 -27.03 55.19
C LEU U 260 15.78 -26.04 55.97
N LYS U 261 17.01 -26.43 56.26
CA LYS U 261 17.95 -25.58 56.99
C LYS U 261 18.94 -24.82 56.11
N LYS U 262 18.82 -24.95 54.79
CA LYS U 262 19.70 -24.22 53.89
C LYS U 262 19.11 -24.14 52.49
N ILE U 263 19.63 -23.25 51.66
CA ILE U 263 19.37 -23.27 50.22
C ILE U 263 20.28 -24.27 49.52
N ASP U 264 19.69 -25.18 48.74
CA ASP U 264 20.45 -26.12 47.94
C ASP U 264 20.35 -25.78 46.47
N LYS U 265 21.08 -26.54 45.64
CA LYS U 265 20.91 -26.54 44.19
C LYS U 265 19.54 -26.79 43.57
N ALA U 266 18.81 -27.81 43.98
CA ALA U 266 17.54 -28.04 43.32
C ALA U 266 16.50 -26.96 43.58
N VAL U 267 16.40 -26.44 44.80
CA VAL U 267 15.32 -25.46 45.10
C VAL U 267 15.64 -24.15 44.38
N LEU U 268 16.94 -23.83 44.27
CA LEU U 268 17.38 -22.58 43.58
C LEU U 268 17.00 -22.68 42.11
N GLN U 269 17.21 -23.86 41.49
CA GLN U 269 16.85 -24.09 40.08
C GLN U 269 15.33 -24.00 39.93
N GLU U 270 14.60 -24.57 40.89
CA GLU U 270 13.11 -24.55 40.89
C GLU U 270 12.64 -23.09 40.82
N VAL U 271 13.26 -22.19 41.60
CA VAL U 271 12.91 -20.74 41.55
C VAL U 271 13.41 -20.12 40.22
N ALA U 272 14.69 -20.34 39.89
CA ALA U 272 15.29 -19.67 38.71
C ALA U 272 14.49 -20.04 37.45
N LYS U 273 14.01 -21.28 37.39
CA LYS U 273 13.25 -21.77 36.20
C LYS U 273 12.06 -20.85 35.89
N GLU U 274 11.53 -20.16 36.92
CA GLU U 274 10.28 -19.35 36.76
C GLU U 274 10.64 -17.97 36.23
N TYR U 275 11.93 -17.69 36.03
CA TYR U 275 12.39 -16.34 35.60
C TYR U 275 13.08 -16.46 34.23
N ILE V 1 30.17 -4.29 58.84
CA ILE V 1 29.84 -2.96 58.37
C ILE V 1 28.42 -2.65 58.82
N GLU V 2 28.09 -1.39 58.90
CA GLU V 2 26.73 -1.06 59.20
C GLU V 2 25.83 -1.34 58.03
N VAL V 3 24.68 -1.89 58.30
CA VAL V 3 23.71 -2.23 57.30
C VAL V 3 22.45 -1.64 57.85
N TRP V 4 21.51 -1.14 57.05
CA TRP V 4 20.29 -0.63 57.69
C TRP V 4 19.01 -1.30 57.36
N ASP V 5 18.13 -1.40 58.32
CA ASP V 5 16.79 -1.77 57.98
C ASP V 5 16.12 -0.63 57.27
N TYR V 6 15.33 -1.00 56.29
CA TYR V 6 14.58 -0.06 55.51
C TYR V 6 13.50 0.70 56.18
N GLU V 7 12.88 0.15 57.18
CA GLU V 7 11.80 0.88 57.83
C GLU V 7 12.38 1.66 59.00
N GLN V 8 13.42 1.12 59.61
CA GLN V 8 14.09 1.82 60.70
C GLN V 8 14.39 3.28 60.42
N LEU V 9 14.78 3.60 59.20
CA LEU V 9 15.25 4.94 58.91
C LEU V 9 14.05 5.87 59.06
N ARG V 10 12.89 5.31 58.77
CA ARG V 10 11.66 6.04 58.82
C ARG V 10 11.26 6.27 60.25
N GLU V 11 11.42 5.25 61.07
CA GLU V 11 11.15 5.34 62.51
C GLU V 11 12.03 6.34 63.24
N GLU V 12 13.27 6.45 62.80
CA GLU V 12 14.16 7.44 63.36
C GLU V 12 14.14 8.79 62.63
N TYR V 13 13.20 9.00 61.71
CA TYR V 13 13.25 10.23 60.93
C TYR V 13 13.01 11.58 61.59
N GLY V 14 13.65 12.59 61.03
CA GLY V 14 13.59 13.96 61.51
C GLY V 14 12.14 14.42 61.48
N ILE W 2 7.80 36.95 -7.51
CA ILE W 2 7.32 37.55 -6.27
C ILE W 2 5.89 38.02 -6.48
N GLU W 3 5.16 38.32 -5.40
CA GLU W 3 3.76 38.74 -5.48
C GLU W 3 3.58 40.12 -6.08
N ALA W 4 2.37 40.41 -6.53
CA ALA W 4 2.03 41.68 -7.19
C ALA W 4 2.29 42.93 -6.39
N PRO W 5 2.78 43.97 -7.07
CA PRO W 5 3.22 45.33 -6.71
C PRO W 5 2.15 46.33 -6.35
N ASP W 6 2.56 47.30 -5.56
CA ASP W 6 1.72 48.40 -5.12
C ASP W 6 0.37 48.06 -4.53
N VAL W 7 0.35 47.10 -3.61
CA VAL W 7 -0.84 46.72 -2.87
C VAL W 7 -0.45 46.59 -1.41
N LYS W 8 -1.44 46.50 -0.54
CA LYS W 8 -1.16 46.26 0.87
C LYS W 8 -2.06 45.18 1.31
N PRO W 9 -1.74 44.54 2.42
CA PRO W 9 -2.61 43.56 3.08
C PRO W 9 -3.99 44.10 3.36
N TRP W 10 -5.00 43.27 3.19
CA TRP W 10 -6.36 43.71 3.31
C TRP W 10 -7.36 42.62 3.57
N LEU W 11 -8.58 42.99 3.94
CA LEU W 11 -9.67 42.03 4.05
C LEU W 11 -10.92 42.72 3.67
N PHE W 12 -12.01 42.00 3.74
CA PHE W 12 -13.29 42.53 3.31
C PHE W 12 -13.91 43.34 4.41
N LEU W 13 -14.31 44.57 4.11
CA LEU W 13 -14.92 45.42 5.14
C LEU W 13 -16.43 45.54 5.02
N ILE W 14 -17.06 45.85 6.15
CA ILE W 14 -18.50 46.11 6.26
C ILE W 14 -18.72 47.47 6.92
N LYS W 15 -19.92 48.01 6.70
CA LYS W 15 -20.31 49.23 7.41
C LYS W 15 -21.39 48.95 8.44
N PRO W 16 -21.24 49.59 9.56
CA PRO W 16 -22.16 49.51 10.65
C PRO W 16 -23.37 50.27 10.26
N TYR W 17 -24.48 49.95 10.89
CA TYR W 17 -25.71 50.69 10.73
C TYR W 17 -25.92 51.45 12.03
N GLU W 18 -26.63 52.57 11.99
CA GLU W 18 -26.91 53.30 13.20
C GLU W 18 -27.59 52.41 14.22
N GLY W 19 -27.09 52.45 15.44
CA GLY W 19 -27.64 51.67 16.52
C GLY W 19 -27.21 50.22 16.50
N GLU W 20 -26.43 49.79 15.53
CA GLU W 20 -26.07 48.37 15.45
C GLU W 20 -25.32 47.86 16.70
N SER W 21 -25.72 46.70 17.22
CA SER W 21 -25.01 46.07 18.33
C SER W 21 -23.70 45.41 17.95
N LEU W 22 -22.77 45.41 18.88
CA LEU W 22 -21.50 44.71 18.74
C LEU W 22 -21.51 43.25 18.38
N SER W 23 -22.38 42.47 18.99
CA SER W 23 -22.32 41.05 18.72
C SER W 23 -22.75 40.83 17.29
N HIS W 24 -23.69 41.67 16.89
CA HIS W 24 -24.22 41.56 15.60
C HIS W 24 -23.18 41.95 14.61
N PHE W 25 -22.51 43.07 14.84
CA PHE W 25 -21.49 43.56 13.95
C PHE W 25 -20.39 42.58 13.73
N LEU W 26 -19.86 42.01 14.80
CA LEU W 26 -18.78 41.06 14.67
C LEU W 26 -19.20 39.84 13.91
N GLY W 27 -20.42 39.40 14.09
CA GLY W 27 -20.91 38.29 13.30
C GLY W 27 -20.91 38.56 11.83
N ARG W 28 -21.33 39.75 11.41
CA ARG W 28 -21.32 40.08 9.99
C ARG W 28 -19.91 40.02 9.48
N PHE W 29 -19.00 40.53 10.27
CA PHE W 29 -17.64 40.55 9.89
C PHE W 29 -17.08 39.15 9.72
N ARG W 30 -17.35 38.29 10.67
CA ARG W 30 -16.84 36.95 10.54
C ARG W 30 -17.41 36.32 9.30
N ARG W 31 -18.67 36.55 9.01
CA ARG W 31 -19.22 35.94 7.83
C ARG W 31 -18.66 36.47 6.54
N ALA W 32 -18.51 37.77 6.46
CA ALA W 32 -17.98 38.33 5.23
C ALA W 32 -16.63 37.78 4.92
N ASN W 33 -15.83 37.54 5.93
CA ASN W 33 -14.49 37.04 5.70
C ASN W 33 -14.23 35.59 6.00
N HIS W 34 -15.27 34.82 6.15
CA HIS W 34 -15.17 33.42 6.50
C HIS W 34 -14.35 32.93 7.69
N LEU W 35 -14.38 33.57 8.84
CA LEU W 35 -13.53 33.05 9.93
C LEU W 35 -14.13 32.83 11.31
N SER W 36 -13.48 31.98 12.12
CA SER W 36 -13.81 31.76 13.52
C SER W 36 -13.49 32.94 14.38
N ALA W 37 -14.16 33.03 15.51
CA ALA W 37 -13.78 34.00 16.50
C ALA W 37 -12.37 33.84 16.99
N SER W 38 -11.88 32.62 17.05
CA SER W 38 -10.50 32.44 17.45
C SER W 38 -9.58 33.02 16.48
N GLY W 39 -10.04 32.98 15.25
CA GLY W 39 -9.39 33.51 14.10
C GLY W 39 -9.29 34.98 14.15
N LEU W 40 -10.35 35.64 14.59
CA LEU W 40 -10.33 37.08 14.69
C LEU W 40 -9.37 37.44 15.78
N GLY W 41 -9.49 36.72 16.89
CA GLY W 41 -8.67 36.93 18.00
C GLY W 41 -7.24 36.71 17.65
N THR W 42 -6.94 35.74 16.82
CA THR W 42 -5.62 35.58 16.29
C THR W 42 -5.08 36.55 15.36
N LEU W 43 -5.84 37.04 14.42
CA LEU W 43 -5.22 38.01 13.57
C LEU W 43 -4.85 39.17 14.49
N ALA W 44 -5.81 39.53 15.34
CA ALA W 44 -5.77 40.58 16.35
C ALA W 44 -4.75 40.45 17.48
N GLY W 45 -4.46 39.23 17.91
CA GLY W 45 -3.46 39.07 18.95
C GLY W 45 -3.98 39.40 20.34
N ILE W 46 -5.27 39.22 20.50
CA ILE W 46 -5.91 39.55 21.74
C ILE W 46 -6.49 38.36 22.47
N GLY W 47 -6.12 37.16 22.09
CA GLY W 47 -6.58 36.00 22.85
C GLY W 47 -7.92 35.48 22.44
N ALA W 48 -8.41 34.50 23.17
CA ALA W 48 -9.71 33.89 22.92
C ALA W 48 -10.92 34.65 23.42
N ILE W 49 -10.67 35.70 24.16
CA ILE W 49 -11.67 36.50 24.86
C ILE W 49 -12.82 37.01 24.06
N VAL W 50 -12.60 37.38 22.83
CA VAL W 50 -13.67 37.77 21.96
C VAL W 50 -14.83 36.82 21.71
N ALA W 51 -14.70 35.51 21.82
CA ALA W 51 -15.87 34.65 21.62
C ALA W 51 -17.10 34.84 22.56
N ARG W 52 -16.95 35.40 23.76
CA ARG W 52 -18.15 35.49 24.58
C ARG W 52 -18.85 36.80 24.38
N TRP W 53 -18.22 37.63 23.55
CA TRP W 53 -18.71 38.93 23.18
C TRP W 53 -19.85 38.65 22.29
N GLU W 54 -19.70 37.57 21.54
CA GLU W 54 -20.81 37.28 20.66
C GLU W 54 -22.08 36.88 21.43
N ARG W 55 -21.98 36.44 22.68
CA ARG W 55 -23.23 36.19 23.43
C ARG W 55 -23.48 37.14 24.60
N PHE W 56 -22.97 38.37 24.44
CA PHE W 56 -23.03 39.56 25.32
C PHE W 56 -22.45 39.72 26.73
N HIS W 57 -21.39 39.00 27.00
CA HIS W 57 -20.76 38.95 28.29
C HIS W 57 -19.61 39.93 28.27
N PHE W 58 -19.77 41.05 28.97
CA PHE W 58 -18.71 42.05 29.01
C PHE W 58 -18.18 42.55 30.34
N ASN W 59 -17.31 41.78 31.01
CA ASN W 59 -16.90 42.10 32.38
C ASN W 59 -16.19 43.45 32.47
N PRO W 60 -15.35 43.72 31.47
CA PRO W 60 -14.51 44.86 31.04
C PRO W 60 -15.02 45.75 29.88
N ARG W 61 -14.33 46.90 29.73
CA ARG W 61 -14.30 47.76 28.54
C ARG W 61 -12.81 48.02 28.28
N PRO W 62 -12.17 47.13 27.53
CA PRO W 62 -10.73 47.18 27.36
C PRO W 62 -10.56 48.20 26.30
N SER W 63 -10.85 49.44 26.69
CA SER W 63 -10.97 50.48 25.70
C SER W 63 -9.65 50.76 25.03
N GLN W 64 -8.56 50.53 25.74
CA GLN W 64 -7.28 50.84 25.11
C GLN W 64 -6.51 49.58 24.80
N GLN W 65 -7.18 48.45 24.92
CA GLN W 65 -6.55 47.19 24.81
C GLN W 65 -7.31 46.53 23.66
N GLU W 66 -8.09 45.49 23.90
CA GLU W 66 -8.74 44.82 22.77
C GLU W 66 -9.54 45.77 21.88
N LEU W 67 -10.28 46.68 22.48
CA LEU W 67 -11.00 47.63 21.67
C LEU W 67 -10.29 48.73 20.87
N GLU W 68 -9.23 49.37 21.35
CA GLU W 68 -8.43 50.28 20.48
C GLU W 68 -7.71 49.59 19.33
N ALA W 69 -7.22 48.40 19.66
CA ALA W 69 -6.47 47.44 18.83
C ALA W 69 -7.26 46.84 17.64
N ILE W 70 -8.44 46.32 17.93
CA ILE W 70 -9.30 45.77 16.91
C ILE W 70 -9.75 46.71 15.82
N ALA W 71 -9.70 48.00 16.05
CA ALA W 71 -10.11 48.91 14.99
C ALA W 71 -9.30 48.65 13.73
N SER W 72 -8.06 48.28 13.91
CA SER W 72 -7.10 48.05 12.86
C SER W 72 -7.45 46.82 12.08
N VAL W 73 -8.32 45.96 12.60
CA VAL W 73 -8.74 44.85 11.76
C VAL W 73 -10.06 45.13 11.08
N VAL W 74 -11.00 45.80 11.73
CA VAL W 74 -12.32 45.91 11.15
C VAL W 74 -12.52 47.25 10.47
N GLU W 75 -11.54 48.12 10.62
CA GLU W 75 -11.53 49.45 10.02
C GLU W 75 -12.64 50.34 10.49
N VAL W 76 -12.87 50.25 11.77
CA VAL W 76 -13.83 51.08 12.44
C VAL W 76 -13.08 51.53 13.68
N ASP W 77 -13.11 52.83 13.95
CA ASP W 77 -12.44 53.50 15.09
C ASP W 77 -12.93 53.19 16.47
N ALA W 78 -12.10 53.44 17.47
CA ALA W 78 -12.47 53.05 18.80
C ALA W 78 -13.76 53.64 19.30
N GLN W 79 -14.09 54.84 18.85
CA GLN W 79 -15.27 55.47 19.41
C GLN W 79 -16.54 54.94 18.78
N ARG W 80 -16.55 54.75 17.47
CA ARG W 80 -17.73 54.17 16.85
C ARG W 80 -17.95 52.81 17.41
N LEU W 81 -16.86 52.09 17.66
CA LEU W 81 -16.97 50.79 18.27
C LEU W 81 -17.47 50.88 19.69
N ALA W 82 -17.02 51.88 20.44
CA ALA W 82 -17.45 52.01 21.81
C ALA W 82 -18.94 52.13 21.90
N GLN W 83 -19.50 52.79 20.91
CA GLN W 83 -20.92 53.06 20.84
C GLN W 83 -21.76 51.83 20.64
N MET W 84 -21.09 50.72 20.38
CA MET W 84 -21.82 49.48 20.12
C MET W 84 -22.09 48.77 21.40
N LEU W 85 -21.69 49.34 22.53
CA LEU W 85 -22.04 48.80 23.83
C LEU W 85 -22.67 49.84 24.73
N PRO W 86 -23.53 49.37 25.63
CA PRO W 86 -24.16 50.17 26.66
C PRO W 86 -23.10 50.93 27.43
N PRO W 87 -23.38 52.21 27.72
CA PRO W 87 -22.57 53.10 28.56
C PRO W 87 -22.41 52.46 29.90
N ALA W 88 -21.28 52.67 30.53
CA ALA W 88 -20.98 52.10 31.82
C ALA W 88 -22.09 52.40 32.80
N GLY W 89 -22.56 51.37 33.47
CA GLY W 89 -23.63 51.53 34.43
C GLY W 89 -25.07 51.42 33.99
N VAL W 90 -25.37 51.38 32.70
CA VAL W 90 -26.79 51.30 32.34
C VAL W 90 -27.12 50.16 31.35
N GLY W 91 -28.38 49.82 31.22
CA GLY W 91 -28.75 48.80 30.26
C GLY W 91 -28.71 47.39 30.83
N MET W 92 -27.82 46.55 30.28
CA MET W 92 -27.34 45.24 30.79
C MET W 92 -28.36 44.08 30.91
N GLN W 93 -29.20 43.93 29.91
CA GLN W 93 -30.04 42.74 29.83
C GLN W 93 -29.30 41.57 29.25
N HIS W 94 -29.74 40.36 29.62
CA HIS W 94 -29.08 39.14 29.16
C HIS W 94 -29.76 38.02 28.32
N GLU W 95 -30.69 37.27 28.93
CA GLU W 95 -31.30 36.08 28.35
C GLU W 95 -32.31 36.12 27.23
N PRO W 96 -33.46 36.77 27.41
CA PRO W 96 -34.28 36.91 26.21
C PRO W 96 -33.63 37.89 25.25
N ILE W 97 -33.74 37.60 23.96
CA ILE W 97 -33.27 38.46 22.88
C ILE W 97 -34.50 39.06 22.28
N ARG W 98 -34.62 40.35 22.43
CA ARG W 98 -35.79 41.06 21.95
C ARG W 98 -35.63 41.58 20.54
N LEU W 99 -36.72 41.65 19.80
CA LEU W 99 -36.66 42.13 18.44
C LEU W 99 -37.92 42.85 18.01
N CYS W 100 -37.78 43.88 17.17
CA CYS W 100 -38.89 44.56 16.52
C CYS W 100 -38.79 44.33 15.04
N GLY W 101 -39.58 43.41 14.52
CA GLY W 101 -39.38 43.03 13.15
C GLY W 101 -39.86 44.12 12.23
N ALA W 102 -40.62 45.06 12.78
CA ALA W 102 -41.15 46.14 11.95
C ALA W 102 -40.01 46.97 11.36
N CYS W 103 -38.84 46.92 11.97
CA CYS W 103 -37.80 47.75 11.42
C CYS W 103 -37.08 46.99 10.35
N TYR W 104 -37.30 45.70 10.20
CA TYR W 104 -36.54 44.90 9.24
C TYR W 104 -36.85 45.20 7.81
N ALA W 105 -37.97 45.83 7.61
CA ALA W 105 -38.35 46.37 6.30
C ALA W 105 -37.36 47.45 5.86
N GLU W 106 -36.71 48.08 6.82
CA GLU W 106 -35.74 49.13 6.52
C GLU W 106 -34.33 48.57 6.38
N SER W 107 -33.98 47.67 7.27
CA SER W 107 -32.68 47.09 7.18
C SER W 107 -32.70 45.88 8.05
N PRO W 108 -32.19 44.75 7.53
CA PRO W 108 -32.04 43.68 8.49
C PRO W 108 -31.00 44.30 9.37
N CYS W 109 -31.06 43.98 10.66
CA CYS W 109 -30.20 44.46 11.75
C CYS W 109 -30.71 43.86 13.04
N HIS W 110 -30.10 44.26 14.14
CA HIS W 110 -30.71 44.27 15.47
C HIS W 110 -30.34 45.59 16.09
N ARG W 111 -31.24 46.24 16.84
CA ARG W 111 -30.87 47.53 17.42
C ARG W 111 -30.50 47.34 18.86
N ILE W 112 -29.32 47.76 19.29
CA ILE W 112 -28.91 47.30 20.63
C ILE W 112 -29.82 47.82 21.75
N GLU W 113 -30.56 48.91 21.49
CA GLU W 113 -31.34 49.52 22.56
C GLU W 113 -32.32 48.51 23.17
N TRP W 114 -32.66 47.48 22.40
CA TRP W 114 -33.64 46.50 22.84
C TRP W 114 -33.15 45.64 23.95
N GLN W 115 -31.87 45.68 24.21
CA GLN W 115 -31.41 44.91 25.33
C GLN W 115 -30.96 45.64 26.58
N TYR W 116 -31.60 46.75 26.84
CA TYR W 116 -31.40 47.50 28.08
C TYR W 116 -32.51 46.93 29.00
N LYS W 117 -32.27 46.74 30.30
CA LYS W 117 -33.29 46.07 31.13
C LYS W 117 -34.72 46.59 31.14
N SER W 118 -34.89 47.89 31.07
CA SER W 118 -36.21 48.46 31.07
C SER W 118 -37.16 48.32 29.89
N VAL W 119 -36.67 47.85 28.75
CA VAL W 119 -37.52 47.82 27.54
C VAL W 119 -38.56 46.70 27.39
N TRP W 120 -39.77 47.09 26.94
CA TRP W 120 -40.83 46.19 26.52
C TRP W 120 -41.55 46.72 25.27
N LYS W 121 -41.27 47.92 24.82
CA LYS W 121 -42.02 48.42 23.63
C LYS W 121 -41.16 49.15 22.67
N CYS W 122 -41.60 49.13 21.43
CA CYS W 122 -40.95 49.95 20.46
C CYS W 122 -41.75 51.19 20.32
N ASP W 123 -41.08 52.31 20.47
CA ASP W 123 -41.73 53.59 20.31
C ASP W 123 -41.71 54.03 18.86
N ARG W 124 -40.67 53.68 18.11
CA ARG W 124 -40.64 54.14 16.75
C ARG W 124 -41.70 53.51 15.88
N HIS W 125 -42.07 52.27 16.16
CA HIS W 125 -43.05 51.56 15.34
C HIS W 125 -44.38 51.45 16.12
N GLN W 126 -44.36 52.06 17.32
CA GLN W 126 -45.35 51.99 18.44
C GLN W 126 -45.94 50.71 19.04
N LEU W 127 -45.15 49.74 19.50
CA LEU W 127 -45.74 48.40 19.78
C LEU W 127 -44.97 47.45 20.74
N LYS W 128 -45.63 46.35 21.11
CA LYS W 128 -45.05 45.31 21.95
C LYS W 128 -43.89 44.61 21.23
N ILE W 129 -42.78 44.55 21.93
CA ILE W 129 -41.57 43.99 21.39
C ILE W 129 -41.68 42.52 21.62
N LEU W 130 -41.11 41.78 20.71
CA LEU W 130 -41.14 40.36 20.84
C LEU W 130 -39.95 40.02 21.74
N ALA W 131 -40.11 38.99 22.58
CA ALA W 131 -39.10 38.49 23.49
C ALA W 131 -38.98 36.98 23.27
N LYS W 132 -39.91 36.55 22.41
CA LYS W 132 -40.08 35.19 21.95
C LYS W 132 -40.76 35.11 20.58
N CYS W 133 -40.46 34.09 19.82
CA CYS W 133 -41.12 33.87 18.57
C CYS W 133 -42.58 33.64 18.74
N PRO W 134 -43.39 34.36 17.97
CA PRO W 134 -44.85 34.21 18.00
C PRO W 134 -45.40 32.91 17.41
N ASN W 135 -44.69 32.17 16.57
CA ASN W 135 -45.32 31.00 15.97
C ASN W 135 -44.98 29.69 16.66
N CYS W 136 -43.71 29.36 16.60
CA CYS W 136 -43.14 28.17 17.20
C CYS W 136 -42.84 28.32 18.69
N GLN W 137 -42.98 29.53 19.16
CA GLN W 137 -42.74 29.88 20.54
C GLN W 137 -41.40 29.51 21.13
N ALA W 138 -40.37 29.68 20.31
CA ALA W 138 -39.01 29.47 20.73
C ALA W 138 -38.45 30.85 21.02
N PRO W 139 -37.46 30.91 21.90
CA PRO W 139 -36.62 32.07 22.19
C PRO W 139 -35.66 32.18 20.98
N PHE W 140 -35.10 33.36 20.73
CA PHE W 140 -34.07 33.49 19.71
C PHE W 140 -32.58 33.38 20.00
N LYS W 141 -31.85 32.96 18.97
CA LYS W 141 -30.40 32.82 19.01
C LYS W 141 -29.67 34.13 18.90
N MET W 142 -28.47 34.20 19.44
CA MET W 142 -27.73 35.44 19.38
C MET W 142 -27.71 36.04 17.99
N PRO W 143 -27.88 37.36 17.92
CA PRO W 143 -27.84 38.20 16.74
C PRO W 143 -26.60 37.79 15.93
N ALA W 144 -25.56 37.49 16.69
CA ALA W 144 -24.27 37.10 16.27
C ALA W 144 -24.32 35.87 15.39
N LEU W 145 -25.29 35.01 15.60
CA LEU W 145 -25.30 33.82 14.80
C LEU W 145 -26.38 33.85 13.74
N TRP W 146 -26.99 34.99 13.48
CA TRP W 146 -28.03 34.99 12.46
C TRP W 146 -27.57 34.78 11.05
N GLU W 147 -28.37 34.09 10.28
CA GLU W 147 -28.07 33.84 8.89
C GLU W 147 -28.70 34.87 7.97
N ASP W 148 -29.66 34.42 7.19
CA ASP W 148 -30.26 35.20 6.11
C ASP W 148 -31.61 35.84 6.35
N GLY W 149 -31.97 36.08 7.60
CA GLY W 149 -33.23 36.71 7.96
C GLY W 149 -34.32 35.68 7.78
N CYS W 150 -33.95 34.46 8.13
CA CYS W 150 -34.83 33.31 8.03
C CYS W 150 -34.88 32.62 9.40
N CYS W 151 -36.06 32.16 9.79
CA CYS W 151 -36.21 31.43 11.04
C CYS W 151 -36.09 29.91 10.89
N HIS W 152 -35.16 29.29 11.58
CA HIS W 152 -34.99 27.86 11.39
C HIS W 152 -36.21 27.10 11.94
N ARG W 153 -36.75 27.62 13.03
CA ARG W 153 -37.83 27.00 13.74
C ARG W 153 -39.01 26.99 12.88
N CYS W 154 -39.26 28.14 12.28
CA CYS W 154 -40.39 28.34 11.41
C CYS W 154 -40.03 29.27 10.29
N ARG W 155 -39.58 28.77 9.14
CA ARG W 155 -39.22 29.69 8.07
C ARG W 155 -40.39 30.55 7.60
N MET W 156 -40.03 31.80 7.43
CA MET W 156 -40.84 32.90 6.98
C MET W 156 -39.87 33.97 6.47
N PRO W 157 -40.39 35.14 6.10
CA PRO W 157 -39.46 36.16 5.63
C PRO W 157 -38.83 37.00 6.75
N PHE W 158 -39.28 36.74 7.98
CA PHE W 158 -38.96 37.36 9.25
C PHE W 158 -39.64 38.68 9.06
N ALA W 159 -39.26 39.39 8.00
CA ALA W 159 -39.87 40.71 7.76
C ALA W 159 -41.38 40.48 7.54
N GLU W 160 -41.73 39.31 6.99
CA GLU W 160 -43.09 38.94 6.64
C GLU W 160 -44.03 38.81 7.85
N MET W 161 -43.38 38.62 8.99
CA MET W 161 -43.98 38.47 10.28
C MET W 161 -44.47 39.82 10.81
N ALA W 162 -43.94 40.92 10.30
CA ALA W 162 -44.32 42.21 10.89
C ALA W 162 -45.78 42.64 10.84
N LYS W 163 -46.61 42.05 9.99
CA LYS W 163 -48.02 42.38 10.02
C LYS W 163 -48.66 41.92 11.30
N LEU W 164 -48.05 40.94 11.92
CA LEU W 164 -48.64 40.39 13.09
C LEU W 164 -47.83 40.75 14.30
N GLN W 165 -48.50 40.79 15.46
CA GLN W 165 -47.94 41.11 16.78
C GLN W 165 -47.55 42.52 17.13
N LYS W 166 -48.34 43.18 17.98
CA LYS W 166 -48.09 44.58 18.26
C LYS W 166 -48.85 45.21 19.44
N ILE X 2 -36.81 1.13 11.71
CA ILE X 2 -37.24 2.15 12.65
C ILE X 2 -37.39 1.53 14.03
N GLU X 3 -37.48 2.33 15.08
CA GLU X 3 -37.58 1.81 16.45
C GLU X 3 -38.90 1.15 16.75
N ALA X 4 -38.93 0.35 17.82
CA ALA X 4 -40.11 -0.42 18.21
C ALA X 4 -41.35 0.38 18.49
N PRO X 5 -42.51 -0.17 18.07
CA PRO X 5 -43.91 0.25 18.08
C PRO X 5 -44.63 0.25 19.40
N ASP X 6 -45.65 1.08 19.46
CA ASP X 6 -46.52 1.21 20.63
C ASP X 6 -45.87 1.40 21.97
N VAL X 7 -44.90 2.31 22.05
CA VAL X 7 -44.22 2.68 23.27
C VAL X 7 -44.14 4.19 23.32
N LYS X 8 -43.81 4.74 24.47
CA LYS X 8 -43.60 6.17 24.58
C LYS X 8 -42.32 6.37 25.30
N PRO X 9 -41.74 7.55 25.19
CA PRO X 9 -40.57 7.96 25.97
C PRO X 9 -40.77 7.81 27.45
N TRP X 10 -39.75 7.36 28.16
CA TRP X 10 -39.86 7.07 29.57
C TRP X 10 -38.56 7.06 30.32
N LEU X 11 -38.63 7.05 31.65
CA LEU X 11 -37.45 6.87 32.47
C LEU X 11 -37.87 6.11 33.68
N PHE X 12 -36.92 5.88 34.55
CA PHE X 12 -37.16 5.09 35.74
C PHE X 12 -37.78 5.92 36.82
N LEU X 13 -38.90 5.47 37.38
CA LEU X 13 -39.54 6.24 38.43
C LEU X 13 -39.33 5.68 39.83
N ILE X 14 -39.46 6.57 40.82
CA ILE X 14 -39.38 6.23 42.23
C ILE X 14 -40.64 6.75 42.94
N LYS X 15 -40.90 6.17 44.11
CA LYS X 15 -41.98 6.69 44.94
C LYS X 15 -41.43 7.37 46.19
N PRO X 16 -42.05 8.46 46.54
CA PRO X 16 -41.74 9.23 47.71
C PRO X 16 -42.21 8.47 48.87
N TYR X 17 -41.62 8.75 50.02
CA TYR X 17 -42.08 8.22 51.28
C TYR X 17 -42.73 9.38 52.03
N GLU X 18 -43.65 9.09 52.93
CA GLU X 18 -44.27 10.14 53.70
C GLU X 18 -43.22 10.94 54.44
N GLY X 19 -43.33 12.26 54.34
CA GLY X 19 -42.42 13.15 54.99
C GLY X 19 -41.10 13.32 54.27
N GLU X 20 -40.89 12.63 53.16
CA GLU X 20 -39.58 12.71 52.49
C GLU X 20 -39.22 14.14 52.04
N SER X 21 -37.98 14.56 52.29
CA SER X 21 -37.51 15.86 51.83
C SER X 21 -37.15 15.91 50.35
N LEU X 22 -37.34 17.07 49.75
CA LEU X 22 -36.95 17.32 48.38
C LEU X 22 -35.53 17.04 47.97
N SER X 23 -34.55 17.39 48.77
CA SER X 23 -33.20 17.20 48.31
C SER X 23 -32.94 15.71 48.26
N HIS X 24 -33.55 15.03 49.19
CA HIS X 24 -33.37 13.64 49.28
C HIS X 24 -34.01 12.99 48.11
N PHE X 25 -35.24 13.37 47.81
CA PHE X 25 -35.98 12.80 46.71
C PHE X 25 -35.28 12.96 45.40
N LEU X 26 -34.82 14.16 45.10
CA LEU X 26 -34.14 14.37 43.84
C LEU X 26 -32.88 13.57 43.74
N GLY X 27 -32.17 13.39 44.83
CA GLY X 27 -31.00 12.55 44.81
C GLY X 27 -31.31 11.13 44.43
N ARG X 28 -32.39 10.56 44.95
CA ARG X 28 -32.75 9.20 44.60
C ARG X 28 -33.03 9.12 43.14
N PHE X 29 -33.71 10.13 42.64
CA PHE X 29 -34.05 10.16 41.25
C PHE X 29 -32.81 10.21 40.38
N ARG X 30 -31.88 11.07 40.71
CA ARG X 30 -30.69 11.15 39.90
C ARG X 30 -29.99 9.82 39.93
N ARG X 31 -29.95 9.17 41.07
CA ARG X 31 -29.26 7.89 41.09
C ARG X 31 -29.95 6.81 40.32
N ALA X 32 -31.25 6.72 40.45
CA ALA X 32 -31.95 5.69 39.72
C ALA X 32 -31.74 5.81 38.25
N ASN X 33 -31.64 7.01 37.74
CA ASN X 33 -31.46 7.21 36.32
C ASN X 33 -30.11 7.64 35.84
N HIS X 34 -29.11 7.50 36.67
CA HIS X 34 -27.76 7.91 36.37
C HIS X 34 -27.43 9.30 35.85
N LEU X 35 -28.01 10.38 36.37
CA LEU X 35 -27.66 11.67 35.78
C LEU X 35 -27.27 12.83 36.69
N SER X 36 -26.56 13.82 36.14
CA SER X 36 -26.22 15.06 36.80
C SER X 36 -27.42 15.94 37.03
N ALA X 37 -27.33 16.83 38.00
CA ALA X 37 -28.32 17.85 38.15
C ALA X 37 -28.46 18.73 36.95
N SER X 38 -27.38 18.99 36.24
CA SER X 38 -27.52 19.78 35.05
C SER X 38 -28.31 19.09 34.02
N GLY X 39 -28.21 17.78 34.08
CA GLY X 39 -28.90 16.87 33.25
C GLY X 39 -30.36 16.88 33.51
N LEU X 40 -30.74 16.97 34.76
CA LEU X 40 -32.15 17.03 35.11
C LEU X 40 -32.68 18.34 34.62
N GLY X 41 -31.92 19.38 34.89
CA GLY X 41 -32.28 20.68 34.50
C GLY X 41 -32.39 20.76 33.01
N THR X 42 -31.55 20.09 32.28
CA THR X 42 -31.71 19.98 30.87
C THR X 42 -32.79 19.23 30.31
N LEU X 43 -33.13 18.08 30.84
CA LEU X 43 -34.24 17.42 30.23
C LEU X 43 -35.42 18.36 30.42
N ALA X 44 -35.54 18.88 31.65
CA ALA X 44 -36.53 19.82 32.14
C ALA X 44 -36.61 21.19 31.50
N GLY X 45 -35.47 21.73 31.08
CA GLY X 45 -35.49 23.03 30.42
C GLY X 45 -35.66 24.19 31.37
N ILE X 46 -35.20 23.97 32.60
CA ILE X 46 -35.33 24.95 33.63
C ILE X 46 -34.02 25.53 34.11
N GLY X 47 -32.94 25.32 33.39
CA GLY X 47 -31.69 25.95 33.78
C GLY X 47 -30.90 25.18 34.79
N ALA X 48 -29.81 25.77 35.24
CA ALA X 48 -28.92 25.18 36.23
C ALA X 48 -29.37 25.27 37.68
N ILE X 49 -30.44 26.02 37.90
CA ILE X 49 -30.97 26.36 39.21
C ILE X 49 -31.22 25.24 40.17
N VAL X 50 -31.69 24.12 39.68
CA VAL X 50 -31.85 22.96 40.51
C VAL X 50 -30.66 22.41 41.30
N ALA X 51 -29.41 22.61 40.91
CA ALA X 51 -28.33 22.10 41.75
C ALA X 51 -28.20 22.64 43.21
N ARG X 52 -28.74 23.80 43.55
CA ARG X 52 -28.54 24.23 44.93
C ARG X 52 -29.66 23.78 45.81
N TRP X 53 -30.63 23.15 45.17
CA TRP X 53 -31.80 22.60 45.82
C TRP X 53 -31.30 21.44 46.54
N GLU X 54 -30.31 20.80 45.94
CA GLU X 54 -29.80 19.64 46.64
C GLU X 54 -29.12 20.02 47.96
N ARG X 55 -28.65 21.26 48.14
CA ARG X 55 -28.12 21.62 49.47
C ARG X 55 -28.95 22.62 50.25
N PHE X 56 -30.26 22.56 50.00
CA PHE X 56 -31.38 23.36 50.59
C PHE X 56 -31.63 24.86 50.51
N HIS X 57 -31.14 25.47 49.44
CA HIS X 57 -31.21 26.88 49.21
C HIS X 57 -32.41 27.17 48.37
N PHE X 58 -33.44 27.74 48.97
CA PHE X 58 -34.66 28.06 48.22
C PHE X 58 -35.23 29.46 48.21
N ASN X 59 -34.65 30.38 47.44
CA ASN X 59 -35.01 31.80 47.53
C ASN X 59 -36.48 32.05 47.21
N PRO X 60 -36.97 31.33 46.19
CA PRO X 60 -38.27 31.12 45.55
C PRO X 60 -39.06 29.85 45.88
N ARG X 61 -40.33 29.85 45.44
CA ARG X 61 -41.23 28.69 45.27
C ARG X 61 -41.82 28.88 43.85
N PRO X 62 -41.13 28.37 42.84
CA PRO X 62 -41.50 28.64 41.46
C PRO X 62 -42.57 27.65 41.23
N SER X 63 -43.69 27.87 41.89
CA SER X 63 -44.72 26.86 41.94
C SER X 63 -45.30 26.60 40.58
N GLN X 64 -45.30 27.59 39.71
CA GLN X 64 -45.90 27.36 38.42
C GLN X 64 -44.86 27.34 37.33
N GLN X 65 -43.61 27.30 37.74
CA GLN X 65 -42.52 27.42 36.83
C GLN X 65 -41.75 26.13 37.05
N GLU X 66 -40.56 26.17 37.62
CA GLU X 66 -39.80 24.93 37.74
C GLU X 66 -40.57 23.80 38.44
N LEU X 67 -41.27 24.12 39.50
CA LEU X 67 -42.05 23.09 40.15
C LEU X 67 -43.31 22.50 39.50
N GLU X 68 -44.15 23.25 38.79
CA GLU X 68 -45.25 22.62 38.00
C GLU X 68 -44.77 21.77 36.83
N ALA X 69 -43.72 22.26 36.21
CA ALA X 69 -42.99 21.73 35.06
C ALA X 69 -42.25 20.38 35.31
N ILE X 70 -41.48 20.33 36.38
CA ILE X 70 -40.79 19.12 36.75
C ILE X 70 -41.62 17.93 37.06
N ALA X 71 -42.89 18.11 37.37
CA ALA X 71 -43.71 16.94 37.64
C ALA X 71 -43.69 15.98 36.46
N SER X 72 -43.60 16.54 35.27
CA SER X 72 -43.62 15.82 34.02
C SER X 72 -42.37 15.02 33.85
N VAL X 73 -41.33 15.28 34.61
CA VAL X 73 -40.18 14.41 34.51
C VAL X 73 -40.16 13.36 35.60
N VAL X 74 -40.59 13.67 36.81
CA VAL X 74 -40.42 12.73 37.89
C VAL X 74 -41.70 11.97 38.18
N GLU X 75 -42.76 12.37 37.50
CA GLU X 75 -44.08 11.76 37.61
C GLU X 75 -44.68 11.84 38.99
N VAL X 76 -44.51 13.01 39.56
CA VAL X 76 -45.07 13.34 40.83
C VAL X 76 -45.64 14.72 40.59
N ASP X 77 -46.90 14.92 40.99
CA ASP X 77 -47.65 16.18 40.86
C ASP X 77 -47.20 17.36 41.65
N ALA X 78 -47.60 18.55 41.23
CA ALA X 78 -47.09 19.74 41.88
C ALA X 78 -47.37 19.81 43.36
N GLN X 79 -48.47 19.24 43.80
CA GLN X 79 -48.80 19.40 45.20
C GLN X 79 -48.02 18.46 46.08
N ARG X 80 -47.88 17.21 45.66
CA ARG X 80 -47.07 16.29 46.44
C ARG X 80 -45.67 16.80 46.51
N LEU X 81 -45.21 17.39 45.42
CA LEU X 81 -43.90 17.99 45.40
C LEU X 81 -43.83 19.19 46.30
N ALA X 82 -44.89 20.01 46.32
CA ALA X 82 -44.87 21.19 47.15
C ALA X 82 -44.65 20.83 48.60
N GLN X 83 -45.19 19.69 48.97
CA GLN X 83 -45.15 19.20 50.34
C GLN X 83 -43.76 18.80 50.78
N MET X 84 -42.84 18.80 49.83
CA MET X 84 -41.48 18.39 50.16
C MET X 84 -40.68 19.56 50.62
N LEU X 85 -41.30 20.73 50.72
CA LEU X 85 -40.65 21.89 51.31
C LEU X 85 -41.48 22.52 52.38
N PRO X 86 -40.81 23.14 53.34
CA PRO X 86 -41.42 23.91 54.41
C PRO X 86 -42.36 24.93 53.83
N PRO X 87 -43.54 25.09 54.44
CA PRO X 87 -44.56 26.09 54.15
C PRO X 87 -43.92 27.44 54.25
N ALA X 88 -44.38 28.37 53.42
CA ALA X 88 -43.84 29.72 53.40
C ALA X 88 -43.86 30.31 54.79
N GLY X 89 -42.73 30.84 55.19
CA GLY X 89 -42.62 31.45 56.50
C GLY X 89 -42.19 30.61 57.68
N VAL X 90 -42.12 29.29 57.58
CA VAL X 90 -41.73 28.53 58.78
C VAL X 90 -40.59 27.54 58.53
N GLY X 91 -39.98 27.04 59.60
CA GLY X 91 -38.93 26.05 59.43
C GLY X 91 -37.55 26.66 59.24
N MET X 92 -36.96 26.43 58.06
CA MET X 92 -35.77 27.12 57.47
C MET X 92 -34.42 26.98 58.19
N GLN X 93 -34.10 25.77 58.65
CA GLN X 93 -32.75 25.49 59.14
C GLN X 93 -31.80 25.20 58.02
N HIS X 94 -30.52 25.47 58.26
CA HIS X 94 -29.49 25.26 57.24
C HIS X 94 -28.27 24.30 57.38
N GLU X 95 -27.31 24.64 58.25
CA GLU X 95 -26.03 23.95 58.38
C GLU X 95 -25.88 22.58 59.01
N PRO X 96 -26.26 22.40 60.27
CA PRO X 96 -26.25 21.00 60.71
C PRO X 96 -27.37 20.24 60.04
N ILE X 97 -27.11 18.98 59.69
CA ILE X 97 -28.08 18.07 59.14
C ILE X 97 -28.41 17.10 60.23
N ARG X 98 -29.65 17.16 60.68
CA ARG X 98 -30.08 16.34 61.79
C ARG X 98 -30.66 15.02 61.33
N LEU X 99 -30.51 13.99 62.15
CA LEU X 99 -31.04 12.69 61.80
C LEU X 99 -31.46 11.89 63.01
N CYS X 100 -32.53 11.10 62.86
CA CYS X 100 -32.97 10.11 63.85
C CYS X 100 -32.81 8.73 63.28
N GLY X 101 -31.75 8.05 63.65
CA GLY X 101 -31.47 6.80 62.98
C GLY X 101 -32.46 5.75 63.41
N ALA X 102 -33.18 6.01 64.47
CA ALA X 102 -34.14 5.02 64.97
C ALA X 102 -35.23 4.77 63.92
N CYS X 103 -35.42 5.70 63.01
CA CYS X 103 -36.48 5.44 62.06
C CYS X 103 -35.94 4.66 60.91
N TYR X 104 -34.63 4.50 60.78
CA TYR X 104 -34.06 3.84 59.61
C TYR X 104 -34.33 2.35 59.55
N ALA X 105 -34.69 1.82 60.67
CA ALA X 105 -35.17 0.45 60.75
C ALA X 105 -36.46 0.27 59.95
N GLU X 106 -37.19 1.36 59.77
CA GLU X 106 -38.44 1.31 59.02
C GLU X 106 -38.21 1.63 57.53
N SER X 107 -37.39 2.61 57.28
CA SER X 107 -37.12 2.92 55.90
C SER X 107 -35.90 3.79 55.90
N PRO X 108 -34.93 3.48 55.03
CA PRO X 108 -33.91 4.49 54.92
C PRO X 108 -34.71 5.61 54.37
N CYS X 109 -34.35 6.83 54.73
CA CYS X 109 -34.97 8.10 54.35
C CYS X 109 -34.23 9.20 55.08
N HIS X 110 -34.72 10.43 54.92
CA HIS X 110 -34.55 11.51 55.88
C HIS X 110 -35.91 12.17 56.02
N ARG X 111 -36.31 12.60 57.21
CA ARG X 111 -37.64 13.21 57.34
C ARG X 111 -37.48 14.70 57.37
N ILE X 112 -38.14 15.45 56.49
CA ILE X 112 -37.75 16.87 56.41
C ILE X 112 -38.02 17.64 57.70
N GLU X 113 -38.92 17.15 58.55
CA GLU X 113 -39.29 17.91 59.73
C GLU X 113 -38.07 18.25 60.59
N TRP X 114 -37.02 17.44 60.45
CA TRP X 114 -35.83 17.61 61.26
C TRP X 114 -35.07 18.85 60.95
N GLN X 115 -35.39 19.47 59.84
CA GLN X 115 -34.71 20.71 59.57
C GLN X 115 -35.48 22.01 59.69
N TYR X 116 -36.42 22.03 60.61
CA TYR X 116 -37.15 23.25 60.96
C TYR X 116 -36.31 23.81 62.13
N LYS X 117 -36.13 25.14 62.24
CA LYS X 117 -35.23 25.67 63.29
C LYS X 117 -35.41 25.21 64.73
N SER X 118 -36.64 25.07 65.16
CA SER X 118 -36.90 24.66 66.52
C SER X 118 -36.58 23.26 67.02
N VAL X 119 -36.28 22.32 66.13
CA VAL X 119 -36.10 20.92 66.55
C VAL X 119 -34.78 20.51 67.23
N TRP X 120 -34.90 19.72 68.31
CA TRP X 120 -33.79 19.03 68.97
C TRP X 120 -34.19 17.62 69.38
N LYS X 121 -35.44 17.21 69.26
CA LYS X 121 -35.79 15.85 69.72
C LYS X 121 -36.72 15.16 68.80
N CYS X 122 -36.65 13.84 68.85
CA CYS X 122 -37.63 13.08 68.14
C CYS X 122 -38.65 12.67 69.12
N ASP X 123 -39.90 12.95 68.79
CA ASP X 123 -40.99 12.58 69.63
C ASP X 123 -41.47 11.17 69.28
N ARG X 124 -41.39 10.78 68.03
CA ARG X 124 -41.89 9.47 67.69
C ARG X 124 -41.08 8.35 68.27
N HIS X 125 -39.77 8.55 68.44
CA HIS X 125 -38.89 7.51 68.95
C HIS X 125 -38.46 7.87 70.38
N GLN X 126 -39.02 9.00 70.86
CA GLN X 126 -38.69 9.78 72.09
C GLN X 126 -37.29 10.23 72.52
N LEU X 127 -36.50 10.93 71.71
CA LEU X 127 -35.06 11.08 72.04
C LEU X 127 -34.28 12.25 71.40
N LYS X 128 -33.05 12.45 71.88
CA LYS X 128 -32.14 13.46 71.34
C LYS X 128 -31.74 13.14 69.90
N ILE X 129 -31.90 14.13 69.06
CA ILE X 129 -31.65 14.00 67.66
C ILE X 129 -30.19 14.24 67.49
N LEU X 130 -29.62 13.56 66.53
CA LEU X 130 -28.23 13.74 66.27
C LEU X 130 -28.14 14.96 65.36
N ALA X 131 -27.08 15.75 65.52
CA ALA X 131 -26.78 16.93 64.74
C ALA X 131 -25.34 16.81 64.24
N LYS X 132 -24.75 15.73 64.74
CA LYS X 132 -23.39 15.29 64.45
C LYS X 132 -23.22 13.78 64.68
N CYS X 133 -22.31 13.19 63.93
CA CYS X 133 -21.99 11.80 64.14
C CYS X 133 -21.43 11.55 65.50
N PRO X 134 -21.97 10.54 66.18
CA PRO X 134 -21.50 10.15 67.50
C PRO X 134 -20.13 9.47 67.56
N ASN X 135 -19.60 8.92 66.49
CA ASN X 135 -18.33 8.20 66.64
C ASN X 135 -17.10 9.01 66.22
N CYS X 136 -17.08 9.32 64.95
CA CYS X 136 -16.02 10.11 64.33
C CYS X 136 -16.19 11.62 64.53
N GLN X 137 -17.32 11.98 65.07
CA GLN X 137 -17.68 13.36 65.33
C GLN X 137 -17.59 14.33 64.17
N ALA X 138 -18.02 13.85 63.02
CA ALA X 138 -18.11 14.65 61.82
C ALA X 138 -19.56 15.03 61.70
N PRO X 139 -19.81 16.18 61.05
CA PRO X 139 -21.13 16.65 60.62
C PRO X 139 -21.49 15.78 59.39
N PHE X 140 -22.77 15.66 59.07
CA PHE X 140 -23.17 14.98 57.84
C PHE X 140 -23.39 15.71 56.52
N LYS X 141 -23.17 14.94 55.45
CA LYS X 141 -23.35 15.41 54.07
C LYS X 141 -24.80 15.47 53.66
N MET X 142 -25.12 16.34 52.72
CA MET X 142 -26.50 16.45 52.28
C MET X 142 -27.13 15.10 51.99
N PRO X 143 -28.39 14.95 52.43
CA PRO X 143 -29.25 13.79 52.22
C PRO X 143 -29.15 13.40 50.75
N ALA X 144 -29.06 14.45 49.93
CA ALA X 144 -28.99 14.44 48.53
C ALA X 144 -27.81 13.62 48.04
N LEU X 145 -26.75 13.58 48.81
CA LEU X 145 -25.61 12.85 48.31
C LEU X 145 -25.43 11.52 49.01
N TRP X 146 -26.42 11.05 49.77
CA TRP X 146 -26.21 9.76 50.43
C TRP X 146 -26.17 8.57 49.54
N GLU X 147 -25.33 7.62 49.90
CA GLU X 147 -25.20 6.39 49.15
C GLU X 147 -26.09 5.29 49.71
N ASP X 148 -25.46 4.27 50.27
CA ASP X 148 -26.12 3.05 50.69
C ASP X 148 -26.43 2.86 52.15
N GLY X 149 -26.55 3.94 52.90
CA GLY X 149 -26.87 3.88 54.33
C GLY X 149 -25.63 3.43 55.05
N CYS X 150 -24.50 3.91 54.54
CA CYS X 150 -23.19 3.61 55.08
C CYS X 150 -22.46 4.92 55.36
N CYS X 151 -21.74 4.96 56.47
CA CYS X 151 -20.96 6.15 56.81
C CYS X 151 -19.51 6.08 56.32
N HIS X 152 -19.08 7.04 55.51
CA HIS X 152 -17.73 6.97 54.99
C HIS X 152 -16.71 7.17 56.10
N ARG X 153 -17.06 8.03 57.04
CA ARG X 153 -16.19 8.41 58.11
C ARG X 153 -15.94 7.24 58.97
N CYS X 154 -17.03 6.55 59.27
CA CYS X 154 -16.99 5.39 60.12
C CYS X 154 -18.03 4.39 59.66
N ARG X 155 -17.66 3.44 58.80
CA ARG X 155 -18.67 2.48 58.35
C ARG X 155 -19.26 1.66 59.49
N MET X 156 -20.57 1.56 59.38
CA MET X 156 -21.48 0.86 60.25
C MET X 156 -22.74 0.61 59.44
N PRO X 157 -23.78 0.06 60.07
CA PRO X 157 -25.01 -0.16 59.30
C PRO X 157 -25.94 1.08 59.24
N PHE X 158 -25.52 2.13 59.96
CA PHE X 158 -26.18 3.41 60.17
C PHE X 158 -27.32 2.98 61.04
N ALA X 159 -28.12 2.05 60.54
CA ALA X 159 -29.27 1.60 61.32
C ALA X 159 -28.71 0.95 62.62
N GLU X 160 -27.52 0.37 62.52
CA GLU X 160 -26.86 -0.36 63.60
C GLU X 160 -26.48 0.54 64.80
N MET X 161 -26.41 1.82 64.48
CA MET X 161 -26.09 2.88 65.39
C MET X 161 -27.27 3.19 66.30
N ALA X 162 -28.48 2.82 65.90
CA ALA X 162 -29.63 3.22 66.72
C ALA X 162 -29.73 2.74 68.17
N LYS X 163 -28.99 1.71 68.55
CA LYS X 163 -29.00 1.30 69.94
C LYS X 163 -28.37 2.35 70.81
N LEU X 164 -27.53 3.15 70.21
CA LEU X 164 -26.81 4.13 70.98
C LEU X 164 -27.31 5.51 70.65
N GLN X 165 -27.17 6.41 71.63
CA GLN X 165 -27.56 7.83 71.58
C GLN X 165 -29.02 8.23 71.63
N LYS X 166 -29.45 8.79 72.75
CA LYS X 166 -30.87 9.08 72.93
C LYS X 166 -31.27 9.95 74.11
MG MG Y . 26.06 6.81 -45.99
PG ATP Z . 27.63 3.76 -47.23
O1G ATP Z . 26.76 4.54 -46.29
O2G ATP Z . 26.89 2.72 -48.05
O3G ATP Z . 28.93 3.27 -46.62
PB ATP Z . 27.07 5.43 -49.39
O1B ATP Z . 26.91 4.42 -50.49
O2B ATP Z . 25.84 5.94 -48.65
O3B ATP Z . 28.11 4.84 -48.31
PA ATP Z . 28.12 7.99 -49.06
O1A ATP Z . 28.15 7.54 -47.62
O2A ATP Z . 27.18 9.09 -49.49
O3A ATP Z . 27.86 6.71 -49.98
O5' ATP Z . 29.63 8.42 -49.48
C5' ATP Z . 29.99 9.79 -49.58
C4' ATP Z . 31.43 9.91 -50.05
O4' ATP Z . 31.48 9.83 -51.48
C3' ATP Z . 32.04 11.24 -49.62
O3' ATP Z . 33.21 11.01 -48.84
C2' ATP Z . 32.32 11.99 -50.92
O2' ATP Z . 33.70 12.36 -51.06
C1' ATP Z . 31.92 11.06 -52.05
N9 ATP Z . 30.80 11.66 -52.82
C8 ATP Z . 29.70 11.02 -53.25
N7 ATP Z . 28.87 11.85 -53.94
C5 ATP Z . 29.44 13.07 -53.93
C6 ATP Z . 29.09 14.41 -54.45
N6 ATP Z . 27.94 14.62 -55.13
N1 ATP Z . 29.96 15.42 -54.23
C2 ATP Z . 31.10 15.23 -53.55
N3 ATP Z . 31.48 14.05 -53.04
C4 ATP Z . 30.70 12.94 -53.19
MG MG AA . -4.04 -5.82 -44.90
PG ATP BA . -1.25 -7.70 -46.31
O1G ATP BA . -2.05 -7.11 -45.17
O2G ATP BA . -1.18 -9.21 -46.32
O3G ATP BA . 0.08 -7.01 -46.55
PB ATP BA . -3.50 -8.09 -47.90
O1B ATP BA . -3.19 -9.44 -48.49
O2B ATP BA . -4.37 -7.97 -46.67
O3B ATP BA . -2.11 -7.34 -47.62
PA ATP BA . -4.64 -5.68 -48.74
O1A ATP BA . -3.84 -5.16 -47.57
O2A ATP BA . -6.16 -5.68 -48.68
O3A ATP BA . -4.16 -7.18 -49.06
O5' ATP BA . -4.20 -4.86 -50.06
C5' ATP BA . -5.02 -3.83 -50.58
C4' ATP BA . -4.39 -3.27 -51.85
O4' ATP BA . -4.76 -4.09 -52.96
C3' ATP BA . -4.88 -1.86 -52.13
O3' ATP BA . -3.77 -0.97 -52.20
C2' ATP BA . -5.67 -1.93 -53.43
O2' ATP BA . -5.15 -1.07 -54.44
C1' ATP BA . -5.58 -3.38 -53.89
N9 ATP BA . -6.94 -3.98 -53.90
C8 ATP BA . -7.26 -5.22 -53.45
N7 ATP BA . -8.59 -5.47 -53.59
C5 ATP BA . -9.14 -4.38 -54.15
C6 ATP BA . -10.51 -3.97 -54.57
N6 ATP BA . -11.56 -4.80 -54.42
N1 ATP BA . -10.66 -2.73 -55.10
C2 ATP BA . -9.62 -1.90 -55.25
N3 ATP BA . -8.36 -2.19 -54.89
C4 ATP BA . -8.07 -3.40 -54.34
MG MG CA . -12.28 -28.95 -23.40
PG ATP DA . -9.67 -29.53 -25.89
O1G ATP DA . -10.24 -28.93 -24.62
O2G ATP DA . -8.53 -30.49 -25.67
O3G ATP DA . -9.47 -28.55 -27.01
PB ATP DA . -11.24 -31.83 -25.65
O1B ATP DA . -10.24 -32.90 -26.05
O2B ATP DA . -11.46 -31.51 -24.19
O3B ATP DA . -10.87 -30.48 -26.43
PA ATP DA . -13.96 -31.32 -26.00
O1A ATP DA . -13.49 -29.91 -25.69
O2A ATP DA . -14.85 -32.05 -25.02
O3A ATP DA . -12.67 -32.22 -26.28
O5' ATP DA . -14.70 -31.29 -27.42
C5' ATP DA . -16.13 -31.33 -27.50
C4' ATP DA . -16.57 -31.35 -28.95
O4' ATP DA . -16.54 -32.69 -29.44
C3' ATP DA . -17.99 -30.84 -29.10
O3' ATP DA . -18.00 -29.72 -30.01
C2' ATP DA . -18.81 -32.01 -29.60
O2' ATP DA . -19.47 -31.74 -30.85
C1' ATP DA . -17.85 -33.17 -29.76
N9 ATP DA . -18.22 -34.26 -28.82
C8 ATP DA . -17.35 -34.97 -28.08
N7 ATP DA . -18.01 -35.90 -27.32
C5 ATP DA . -19.32 -35.77 -27.58
C6 ATP DA . -20.57 -36.44 -27.13
N6 ATP DA . -20.53 -37.44 -26.22
N1 ATP DA . -21.74 -36.01 -27.66
C2 ATP DA . -21.78 -35.01 -28.56
N3 ATP DA . -20.69 -34.37 -29.01
C4 ATP DA . -19.46 -34.70 -28.58
MG MG EA . 6.56 -36.33 2.24
PG ATP FA . 7.74 -36.75 -1.18
O1G ATP FA . 7.37 -35.94 0.03
O2G ATP FA . 9.20 -36.68 -1.57
O3G ATP FA . 6.79 -36.62 -2.34
PB ATP FA . 8.57 -38.94 0.36
O1B ATP FA . 9.82 -39.35 -0.39
O2B ATP FA . 8.68 -38.02 1.55
O3B ATP FA . 7.55 -38.28 -0.69
PA ATP FA . 6.46 -40.18 1.68
O1A ATP FA . 5.80 -38.84 1.40
O2A ATP FA . 6.78 -40.56 3.10
O3A ATP FA . 7.80 -40.27 0.81
O5' ATP FA . 5.53 -41.33 1.04
C5' ATP FA . 4.69 -42.12 1.87
C4' ATP FA . 3.97 -43.16 1.03
O4' ATP FA . 4.82 -44.30 0.86
C3' ATP FA . 2.70 -43.63 1.70
O3' ATP FA . 1.58 -43.42 0.82
C2' ATP FA . 2.90 -45.10 2.04
O2' ATP FA . 1.92 -45.95 1.43
C1' ATP FA . 4.28 -45.46 1.51
N9 ATP FA . 5.17 -45.85 2.64
C8 ATP FA . 6.45 -45.46 2.80
N7 ATP FA . 6.98 -45.98 3.94
C5 ATP FA . 6.01 -46.72 4.53
C6 ATP FA . 5.90 -47.54 5.75
N6 ATP FA . 6.95 -47.68 6.60
N1 ATP FA . 4.72 -48.15 6.00
C2 ATP FA . 3.67 -48.02 5.17
N3 ATP FA . 3.70 -47.29 4.03
C4 ATP FA . 4.83 -46.62 3.67
MG MG GA . 31.46 -17.28 11.35
PG ATP HA . 31.53 -18.78 8.03
O1G ATP HA . 31.04 -17.79 9.07
O2G ATP HA . 32.23 -18.14 6.85
O3G ATP HA . 30.51 -19.84 7.65
PB ATP HA . 34.09 -18.89 9.12
O1B ATP HA . 34.94 -18.89 7.87
O2B ATP HA . 33.81 -17.59 9.84
O3B ATP HA . 32.69 -19.60 8.79
PA ATP HA . 34.11 -20.10 11.63
O1A ATP HA . 32.65 -19.75 11.56
O2A ATP HA . 35.00 -19.40 12.64
O3A ATP HA . 34.76 -19.92 10.17
O5' ATP HA . 34.24 -21.69 11.88
C5' ATP HA . 34.57 -22.20 13.17
C4' ATP HA . 34.68 -23.72 13.10
O4' ATP HA . 35.99 -24.09 12.66
C3' ATP HA . 34.45 -24.34 14.48
O3' ATP HA . 33.36 -25.28 14.39
C2' ATP HA . 35.77 -24.99 14.87
O2' ATP HA . 35.64 -26.40 15.12
C1' ATP HA . 36.72 -24.76 13.70
N9 ATP HA . 37.86 -23.92 14.14
C8 ATP HA . 38.38 -22.89 13.45
N7 ATP HA . 39.41 -22.32 14.12
C5 ATP HA . 39.55 -22.99 15.28
C6 ATP HA . 40.45 -22.91 16.45
N6 ATP HA . 41.42 -21.97 16.53
N1 ATP HA . 40.26 -23.81 17.45
C2 ATP HA . 39.30 -24.75 17.39
N3 ATP HA . 38.45 -24.87 16.35
C4 ATP HA . 38.52 -24.04 15.28
MG MG IA . 34.88 13.41 0.70
PG ATP JA . 35.08 10.57 -1.59
O1G ATP JA . 34.34 11.54 -0.70
O2G ATP JA . 34.71 10.66 -3.05
O3G ATP JA . 35.13 9.16 -1.05
PB ATP JA . 37.05 12.43 -2.27
O1B ATP JA . 37.20 12.14 -3.74
O2B ATP JA . 36.12 13.53 -1.81
O3B ATP JA . 36.60 11.07 -1.54
PA ATP JA . 38.67 13.10 -0.10
O1A ATP JA . 37.49 12.54 0.66
O2A ATP JA . 38.98 14.58 -0.03
O3A ATP JA . 38.50 12.71 -1.66
O5' ATP JA . 39.99 12.29 0.33
C5' ATP JA . 40.93 12.86 1.23
C4' ATP JA . 42.10 11.91 1.43
O4' ATP JA . 43.04 12.08 0.38
C3' ATP JA . 42.80 12.17 2.75
O3' ATP JA . 42.82 10.98 3.55
C2' ATP JA . 44.20 12.65 2.39
O2' ATP JA . 45.23 11.82 2.95
C1' ATP JA . 44.28 12.61 0.87
N9 ATP JA . 44.48 13.99 0.34
C8 ATP JA . 43.85 14.51 -0.73
N7 ATP JA . 44.25 15.79 -0.95
C5 ATP JA . 45.16 16.10 -0.01
C6 ATP JA . 45.99 17.28 0.34
N6 ATP JA . 45.92 18.42 -0.39
N1 ATP JA . 46.82 17.17 1.40
C2 ATP JA . 46.89 16.05 2.13
N3 ATP JA . 46.18 14.94 1.88
C4 ATP JA . 45.31 14.90 0.84
MG MG KA . 10.36 28.46 -16.78
PG ATP LA . 11.91 26.38 -16.88
O1G ATP LA . 10.80 26.44 -17.90
O2G ATP LA . 11.56 27.00 -15.54
O3G ATP LA . 12.61 25.05 -16.79
PB ATP LA . 12.62 28.74 -18.20
O1B ATP LA . 11.70 28.40 -19.34
O2B ATP LA . 12.20 29.72 -17.15
O3B ATP LA . 13.04 27.37 -17.48
PA ATP LA . 14.21 30.77 -19.29
O1A ATP LA . 12.85 31.39 -19.43
O2A ATP LA . 15.17 30.79 -20.45
O3A ATP LA . 14.02 29.24 -18.83
O5' ATP LA . 14.94 31.44 -18.02
C5' ATP LA . 15.26 32.83 -18.03
C4' ATP LA . 16.61 33.06 -18.68
O4' ATP LA . 16.45 33.11 -20.10
C3' ATP LA . 17.23 34.36 -18.23
O3' ATP LA . 18.50 34.09 -17.59
C2' ATP LA . 17.38 35.22 -19.48
O2' ATP LA . 18.73 35.64 -19.72
C1' ATP LA . 16.89 34.36 -20.64
N9 ATP LA . 15.77 35.03 -21.33
C8 ATP LA . 14.65 34.43 -21.80
N7 ATP LA . 13.82 35.33 -22.38
C5 ATP LA . 14.40 36.54 -22.28
C6 ATP LA . 14.06 37.93 -22.69
N6 ATP LA . 12.90 38.20 -23.33
N1 ATP LA . 14.95 38.91 -22.40
C2 ATP LA . 16.11 38.64 -21.76
N3 ATP LA . 16.48 37.41 -21.36
C4 ATP LA . 15.69 36.34 -21.59
MG MG MA . -19.88 17.34 -15.61
PG ATP NA . -17.66 16.18 -17.42
O1G ATP NA . -17.79 16.71 -16.01
O2G ATP NA . -18.28 14.83 -17.64
O3G ATP NA . -16.28 16.34 -18.02
PB ATP NA . -20.11 16.83 -18.60
O1B ATP NA . -20.17 16.08 -19.91
O2B ATP NA . -20.71 16.21 -17.36
O3B ATP NA . -18.56 17.19 -18.29
PA ATP NA . -20.75 18.98 -20.26
O1A ATP NA . -19.73 18.29 -21.12
O2A ATP NA . -22.18 19.11 -20.74
O3A ATP NA . -20.77 18.28 -18.81
O5' ATP NA . -20.21 20.46 -19.92
C5' ATP NA . -20.83 21.61 -20.48
C4' ATP NA . -20.34 21.82 -21.91
O4' ATP NA . -21.00 20.90 -22.78
C3' ATP NA . -20.63 23.23 -22.39
O3' ATP NA . -19.40 23.89 -22.70
C2' ATP NA . -21.53 23.07 -23.62
O2' ATP NA . -21.01 23.71 -24.78
C1' ATP NA . -21.66 21.58 -23.85
N9 ATP NA . -23.09 21.20 -23.89
C8 ATP NA . -23.62 20.07 -23.38
N7 ATP NA . -24.97 20.03 -23.58
C5 ATP NA . -25.32 21.15 -24.24
C6 ATP NA . -26.57 21.74 -24.77
N6 ATP NA . -27.76 21.10 -24.62
N1 ATP NA . -26.49 22.93 -25.40
C2 ATP NA . -25.31 23.58 -25.55
N3 ATP NA . -24.14 23.10 -25.10
C4 ATP NA . -24.07 21.91 -24.45
MG MG OA . -29.40 -6.65 4.71
PG ATP PA . -27.73 -6.22 2.76
O1G ATP PA . -27.58 -7.52 3.51
O2G ATP PA . -28.21 -5.07 3.61
O3G ATP PA . -26.58 -5.88 1.84
PB ATP PA . -30.23 -7.36 2.24
O1B ATP PA . -29.74 -8.71 2.69
O2B ATP PA . -31.06 -6.51 3.16
O3B ATP PA . -28.97 -6.50 1.75
PA ATP PA . -32.60 -8.01 0.90
O1A ATP PA . -32.91 -8.57 2.26
O2A ATP PA . -32.88 -8.83 -0.33
O3A ATP PA . -31.05 -7.56 0.86
O5' ATP PA . -33.38 -6.61 0.75
C5' ATP PA . -34.80 -6.57 0.76
C4' ATP PA . -35.34 -6.81 -0.64
O4' ATP PA . -35.40 -8.21 -0.91
C3' ATP PA . -36.75 -6.23 -0.80
O3' ATP PA . -36.76 -5.25 -1.84
C2' ATP PA . -37.65 -7.42 -1.10
O2' ATP PA . -38.37 -7.27 -2.33
C1' ATP PA . -36.75 -8.64 -1.18
N9 ATP PA . -37.17 -9.65 -0.19
C8 ATP PA . -36.34 -10.40 0.57
N7 ATP PA . -37.05 -11.24 1.38
C5 ATP PA . -38.36 -11.02 1.13
C6 ATP PA . -39.65 -11.56 1.63
N6 ATP PA . -39.68 -12.52 2.59
N1 ATP PA . -40.78 -11.06 1.12
C2 ATP PA . -40.77 -10.10 0.17
N3 ATP PA . -39.65 -9.57 -0.33
C4 ATP PA . -38.43 -9.98 0.10
MG MG QA . -11.75 -14.01 30.66
PG ATP RA . -11.32 -15.21 27.41
O1G ATP RA . -12.28 -16.21 26.98
O2G ATP RA . -11.83 -14.24 28.41
O3G ATP RA . -10.61 -14.66 26.24
PB ATP RA . -11.06 -16.78 29.45
O1B ATP RA . -10.13 -17.85 29.86
O2B ATP RA . -11.51 -15.74 30.42
O3B ATP RA . -10.37 -16.13 28.20
PA ATP RA . -12.85 -18.33 30.36
O1A ATP RA . -13.45 -17.23 31.12
O2A ATP RA . -11.90 -19.25 31.01
O3A ATP RA . -12.26 -17.65 29.07
O5' ATP RA . -14.07 -19.18 29.87
C5' ATP RA . -14.86 -19.82 30.85
C4' ATP RA . -15.84 -20.68 30.09
O4' ATP RA . -15.37 -21.99 30.11
C3' ATP RA . -17.21 -20.81 30.68
O3' ATP RA . -17.97 -21.06 29.55
C2' ATP RA . -17.22 -22.01 31.54
O2' ATP RA . -18.40 -22.80 31.48
C1' ATP RA . -16.17 -22.82 30.93
N9 ATP RA . -15.39 -23.21 32.05
C8 ATP RA . -14.13 -22.92 32.25
N7 ATP RA . -13.72 -23.45 33.40
C5 ATP RA . -14.72 -24.06 33.92
C6 ATP RA . -14.91 -24.78 35.11
N6 ATP RA . -13.93 -24.97 35.98
N1 ATP RA . -16.10 -25.30 35.30
C2 ATP RA . -17.09 -25.13 34.44
N3 ATP RA . -16.99 -24.43 33.33
C4 ATP RA . -15.83 -23.90 33.03
MG MG SA . 13.42 3.90 40.78
PG ATP TA . 13.01 1.64 38.83
O1G ATP TA . 13.01 0.29 39.50
O2G ATP TA . 12.11 2.66 39.48
O3G ATP TA . 12.82 1.55 37.32
PB ATP TA . 15.58 1.95 40.13
O1B ATP TA . 16.94 1.89 39.46
O2B ATP TA . 15.37 2.94 41.25
O3B ATP TA . 14.50 2.25 38.96
PA ATP TA . 14.62 0.30 42.16
O1A ATP TA . 15.37 1.20 43.11
O2A ATP TA . 13.12 0.39 42.05
O3A ATP TA . 15.26 0.48 40.69
O5' ATP TA . 15.01 -1.24 42.51
C5' ATP TA . 15.70 -1.53 43.72
C4' ATP TA . 15.62 -3.03 43.99
O4' ATP TA . 16.93 -3.60 43.92
C3' ATP TA . 15.06 -3.31 45.38
O3' ATP TA . 13.88 -4.10 45.28
C2' ATP TA . 16.18 -4.00 46.15
O2' ATP TA . 15.81 -5.31 46.60
C1' ATP TA . 17.35 -4.11 45.18
N9 ATP TA . 18.49 -3.30 45.69
C8 ATP TA . 19.13 -2.34 45.00
N7 ATP TA . 20.12 -1.79 45.74
C5 ATP TA . 20.13 -2.41 46.94
C6 ATP TA . 20.93 -2.32 48.19
N6 ATP TA . 21.93 -1.43 48.32
N1 ATP TA . 20.60 -3.16 49.19
C2 ATP TA . 19.60 -4.05 49.09
N3 ATP TA . 18.84 -4.19 47.99
C4 ATP TA . 19.05 -3.41 46.90
#